data_7TID
#
_entry.id   7TID
#
_cell.length_a   1.00
_cell.length_b   1.00
_cell.length_c   1.00
_cell.angle_alpha   90.00
_cell.angle_beta   90.00
_cell.angle_gamma   90.00
#
_symmetry.space_group_name_H-M   'P 1'
#
loop_
_entity.id
_entity.type
_entity.pdbx_description
1 polymer 'Replication factor C subunit 1'
2 polymer 'Replication factor C subunit 4'
3 polymer 'Replication factor C subunit 3'
4 polymer 'Replication factor C subunit 2'
5 polymer 'Replication factor C subunit 5'
6 polymer 'Proliferating cell nuclear antigen'
7 polymer "DNA (5'-D(P*TP*TP*TP*TP*TP*TP*TP*AP*TP*GP*TP*AP*CP*TP*CP*GP*TP*AP*GP*TP*GP*TP*CP*T)-3')"
8 polymer "DNA (5'-D(*AP*GP*AP*CP*AP*CP*TP*AP*CP*GP*AP*GP*TP*AP*CP*AP*TP*A)-3')"
9 non-polymer 'PHOSPHOTHIOPHOSPHORIC ACID-ADENYLATE ESTER'
10 non-polymer 'MAGNESIUM ION'
11 non-polymer "ADENOSINE-5'-DIPHOSPHATE"
#
loop_
_entity_poly.entity_id
_entity_poly.type
_entity_poly.pdbx_seq_one_letter_code
_entity_poly.pdbx_strand_id
1 'polypeptide(L)'
;MVNISDFFGKNKKSVRSSTSRPTRQVGSSKPEVIDLDTESDQESTNKTPKKMPVSNVIDVSETPEGEKKLPLPAKRKASS
PTVKPASSKKTKPSSKSSDSASNITAQDVLDKIPSLDLSNVHVKENAKFDFKSANSNADPDEIVSEIGSFPEGKPNCLLG
LTIVFTGVLPTLERGASEALAKRYGARVTKSISSKTSVVVLGDEAGPKKLEKIKQLKIKAIDEEGFKQLIAGMPAEGGDG
EAAEKARRKLEEQHNIATKEAELLVKKEEERSKKLAATRVSGGHLERDNVVREEDKLWTVKYAPTNLQQVCGNKGSVMKL
KNWLANWENSKKNSFKHAGKDGSGVFRAAMLYGPPGIGKTTAAHLVAQELGYDILEQNASDVRSKTLLNAGVKNALDNMS
VVGYFKHNEEAQNLNGKHFVIIMDEVDGMSGGDRGGVGQLAQFCRKTSTPLILICNERNLPKMRPFDRVCLDIQFRRPDA
NSIKSRLMTIAIREKFKLDPNVIDRLIQTTRGDIRQVINLLSTISTTTKTINHENINEISKAWEKNIALKPFDIAHKMLD
GQIYSDIGSRNFTLNDKIALYFDDFDFTPLMIQENYLSTRPSVLKPGQSHLEAVAEAANCISLGDIVEKKIRSSEQLWSL
LPLHAVLSSVYPASKVAGHMAGRINFTAWLGQNSKSAKYYRLLQEIHYHTRLGTSTDKIGLRLDYLPTFRKRLLDPFLKQ
GADAISSVIEVMDDYYLTKEDWDSIMEFFVGPDVTTAIIKKIPATVKSGFTRKYNSMTHPVAIYRTGSTIGGGGVGTSTS
TPDFEDVVDADDNPVPADDEETQDSSTDLKKDKLIKQKAKPTKRKTATSKPGGSKKRKTKA
;
A
2 'polypeptide(L)'
;MSKTLSLQLPWVEKYRPQVLSDIVGNKETIDRLQQIAKDGNMPHMIISGMPGIGKTTSVHCLAHELLGRSYADGVLELNA
SDDRGIDVVRNQIKHFAQKKLHLPPGKHKIVILDEADSMTAGAQQALRRTMELYSNSTRFAFACNQSNKIIEPLQSRCAI
LRYSKLSDEDVLKRLLQIIKLEDVKYTNDGLEAIIFTAEGDMRQAINNLQSTVAGHGLVNADNVFKIVDSPHPLIVKKML
LASNLEDSIQILRTDLWKKGYSSIDIVTTSFRVTKNLAQVKESVRLEMIKEIGLTHMRILEGVGTYLQLASMLAKIHKLN
NKA
;
B
3 'polypeptide(L)'
;MSTSTEKRSKENLPWVEKYRPETLDEVYGQNEVITTVRKFVDEGKLPHLLFYGPPGTGKTSTIVALAREIYGKNYSNMVL
ELNASDDRGIDVVRNQIKDFASTRQIFSKGFKLIILDEADAMTNAAQNALRRVIERYTKNTRFCVLANYAHKLTPALLSR
CTRFRFQPLPQEAIERRIANVLVHEKLKLSPNAEKALIELSNGDMRRVLNVLQSCKATLDNPDEDEISDDVIYECCGAPR
PSDLKAVLKSILEDDWGTAHYTLNKVRSAKGLALIDLIEGIVKILEDYELQNEETRVHLLTKLADIEYSISKGGNDQIQG
SAVIGAIKASFENETVKANV
;
C
4 'polypeptide(L)'
;MFEGFGPNKKRKISKLAAEQSLAQQPWVEKYRPKNLDEVTAQDHAVTVLKKTLKSANLPHMLFYGPPGTGKTSTILALTK
ELYGPDLMKSRILELNASDERGISIVREKVKNFARLTVSKPSKHDLENYPCPPYKIIILDEADSMTADAQSALRRTMETY
SGVTRFCLICNYVTRIIDPLASRCSKFRFKALDASNAIDRLRFISEQENVKCDDGVLERILDISAGDLRRGITLLQSASK
GAQYLGDGKNITSTQVEELAGVVPHDILIEIVEKVKSGDFDEIKKYVNTFMKSGWSAASVVNQLHEYYITNDNFDTNFKN
QISWLLFTTDSRLNNGTNEHIQLLNLLVKISQL
;
D
5 'polypeptide(L)'
;MSLWVDKYRPKSLNALSHNEELTNFLKSLSDQPRDLPHLLLYGPNGTGKKTRCMALLESIFGPGVYRLKIDVRQFVTASN
RKLELNVVSSPYHLEITPSDMGNNDRIVIQELLKEVAQMEQVDFQDSKDGLAHRYKCVIINEANSLTKDAQAALRRTMEK
YSKNIRLIMVCDSMSPIIAPIKSRCLLIRCPAPSDSEISTILSDVVTNERIQLETKDILKRIAQASNGNLRVSLLMLESM
ALNNELALKSSSPIIKPDWIIVIHKLTRKIVKERSVNSLIECRAVLYDLLAHCIPANIILKELTFSLLDVETLNTTNKSS
IIEYSSVFDERLSLGNKAIFHLEGFIAKVMCCLD
;
E
6 'polypeptide(L)'
;GPHMASMLEAKFEEASLFKRIIDGFKDCVQLVNFQCKEDGIIAQAVDDSRVLLVSLEIGVEAFQEYRCDHPVTLGMDLTS
LSKILRCGNNTDTLTLIADNTPDSIILLFEDTKKDRIAEYSLKLMDIDADFLKIEELQYDSTLSLPSSEFSKIVRDLSQL
SDSINIMITKETIKFVADGDIGSGSVIIKPFVDMEHPETSIKLEMDQPVDLTFGAKYLLDIIKGSSLSDRVGIRLSSEAP
ALFQFDLKSGFLQFFLAPKFNDEE
;
F,G,H
7 'polydeoxyribonucleotide'
;(DT)(DT)(DT)(DT)(DT)(DT)(DT)(DT)(DT)(DT)(DT)(DA)(DT)(DG)(DT)(DA)(DC)(DT)(DC)(DG)
(DT)(DA)(DG)(DT)(DG)(DT)(DC)(DT)(DG)(DC)
;
I
8 'polydeoxyribonucleotide' (DG)(DC)(DA)(DG)(DA)(DC)(DA)(DC)(DT)(DA)(DC)(DG)(DA)(DG)(DT)(DA)(DC)(DA)(DT)(DA) J
#
loop_
_chem_comp.id
_chem_comp.type
_chem_comp.name
_chem_comp.formula
ADP non-polymer ADENOSINE-5'-DIPHOSPHATE 'C10 H15 N5 O10 P2'
AGS non-polymer 'PHOSPHOTHIOPHOSPHORIC ACID-ADENYLATE ESTER' 'C10 H16 N5 O12 P3 S'
DA DNA linking 2'-DEOXYADENOSINE-5'-MONOPHOSPHATE 'C10 H14 N5 O6 P'
DC DNA linking 2'-DEOXYCYTIDINE-5'-MONOPHOSPHATE 'C9 H14 N3 O7 P'
DG DNA linking 2'-DEOXYGUANOSINE-5'-MONOPHOSPHATE 'C10 H14 N5 O7 P'
DT DNA linking THYMIDINE-5'-MONOPHOSPHATE 'C10 H15 N2 O8 P'
MG non-polymer 'MAGNESIUM ION' 'Mg 2'
#
# COMPACT_ATOMS: atom_id res chain seq x y z
N VAL A 291 23.95 14.69 -42.86
CA VAL A 291 24.51 15.10 -41.58
C VAL A 291 25.61 16.14 -41.79
N ARG A 292 25.56 17.21 -41.00
CA ARG A 292 26.56 18.27 -41.05
C ARG A 292 27.32 18.30 -39.73
N GLU A 293 28.21 19.27 -39.59
CA GLU A 293 29.07 19.37 -38.42
C GLU A 293 28.42 20.08 -37.25
N GLU A 294 27.67 21.16 -37.49
CA GLU A 294 27.07 21.91 -36.40
C GLU A 294 25.82 21.25 -35.84
N ASP A 295 25.44 20.07 -36.33
CA ASP A 295 24.25 19.39 -35.83
C ASP A 295 24.55 18.43 -34.68
N LYS A 296 25.79 18.02 -34.49
CA LYS A 296 26.16 17.16 -33.39
C LYS A 296 26.68 18.00 -32.22
N LEU A 297 26.48 17.50 -31.01
CA LEU A 297 26.99 18.18 -29.82
C LEU A 297 28.51 18.11 -29.78
N TRP A 298 29.12 18.98 -28.97
CA TRP A 298 30.57 18.97 -28.84
C TRP A 298 31.08 17.67 -28.25
N THR A 299 30.25 16.98 -27.48
CA THR A 299 30.66 15.70 -26.90
C THR A 299 30.74 14.58 -27.92
N VAL A 300 29.98 14.68 -29.01
CA VAL A 300 29.96 13.65 -30.04
C VAL A 300 31.05 13.88 -31.08
N LYS A 301 31.24 15.13 -31.51
CA LYS A 301 32.28 15.45 -32.48
C LYS A 301 33.67 15.38 -31.88
N TYR A 302 33.79 15.41 -30.56
CA TYR A 302 35.07 15.24 -29.87
C TYR A 302 35.16 13.91 -29.14
N ALA A 303 34.30 12.95 -29.49
CA ALA A 303 34.36 11.65 -28.85
C ALA A 303 35.65 10.93 -29.25
N PRO A 304 36.23 10.13 -28.35
CA PRO A 304 37.48 9.44 -28.68
C PRO A 304 37.28 8.43 -29.79
N THR A 305 38.10 8.54 -30.84
CA THR A 305 38.07 7.61 -31.95
C THR A 305 39.06 6.46 -31.78
N ASN A 306 39.98 6.56 -30.80
CA ASN A 306 40.94 5.51 -30.52
C ASN A 306 41.33 5.59 -29.06
N LEU A 307 42.04 4.56 -28.59
CA LEU A 307 42.40 4.47 -27.19
C LEU A 307 43.43 5.52 -26.77
N GLN A 308 44.15 6.11 -27.73
CA GLN A 308 45.18 7.08 -27.41
C GLN A 308 44.62 8.46 -27.08
N GLN A 309 43.32 8.67 -27.20
CA GLN A 309 42.71 9.95 -26.88
C GLN A 309 41.88 9.93 -25.60
N VAL A 310 41.82 8.80 -24.91
CA VAL A 310 41.10 8.74 -23.65
C VAL A 310 41.88 9.51 -22.58
N CYS A 311 41.14 10.16 -21.68
CA CYS A 311 41.73 11.00 -20.63
C CYS A 311 41.66 10.27 -19.30
N GLY A 312 42.82 9.99 -18.73
CA GLY A 312 42.89 9.32 -17.43
C GLY A 312 42.49 7.86 -17.50
N ASN A 313 42.68 7.18 -16.37
CA ASN A 313 42.31 5.78 -16.20
C ASN A 313 43.01 4.88 -17.22
N LYS A 314 44.28 5.16 -17.50
CA LYS A 314 45.04 4.34 -18.43
C LYS A 314 45.24 2.92 -17.90
N GLY A 315 45.44 2.79 -16.59
CA GLY A 315 45.63 1.47 -16.01
C GLY A 315 44.42 0.58 -16.20
N SER A 316 43.22 1.13 -16.01
CA SER A 316 42.01 0.34 -16.15
C SER A 316 41.81 -0.12 -17.60
N VAL A 317 42.04 0.79 -18.56
CA VAL A 317 41.82 0.42 -19.95
C VAL A 317 42.87 -0.58 -20.41
N MET A 318 44.11 -0.45 -19.93
CA MET A 318 45.12 -1.45 -20.26
C MET A 318 44.79 -2.80 -19.63
N LYS A 319 44.29 -2.80 -18.40
CA LYS A 319 43.93 -4.06 -17.74
C LYS A 319 42.80 -4.75 -18.50
N LEU A 320 41.78 -3.99 -18.89
CA LEU A 320 40.66 -4.57 -19.63
C LEU A 320 41.09 -5.01 -21.03
N LYS A 321 42.02 -4.28 -21.66
CA LYS A 321 42.54 -4.70 -22.96
C LYS A 321 43.28 -6.02 -22.85
N ASN A 322 44.12 -6.18 -21.82
CA ASN A 322 44.83 -7.44 -21.63
C ASN A 322 43.85 -8.56 -21.29
N TRP A 323 42.79 -8.25 -20.53
CA TRP A 323 41.81 -9.26 -20.21
C TRP A 323 41.05 -9.74 -21.44
N LEU A 324 40.74 -8.82 -22.36
CA LEU A 324 40.02 -9.21 -23.57
C LEU A 324 40.95 -9.87 -24.58
N ALA A 325 42.24 -9.54 -24.52
CA ALA A 325 43.20 -10.14 -25.46
C ALA A 325 43.43 -11.60 -25.16
N ASN A 326 43.61 -11.94 -23.88
CA ASN A 326 43.84 -13.32 -23.47
C ASN A 326 42.54 -14.10 -23.22
N TRP A 327 41.42 -13.65 -23.79
CA TRP A 327 40.16 -14.33 -23.53
C TRP A 327 40.13 -15.70 -24.19
N GLU A 328 40.61 -15.80 -25.43
CA GLU A 328 40.66 -17.10 -26.09
C GLU A 328 41.74 -17.98 -25.47
N ASN A 329 42.84 -17.38 -25.03
CA ASN A 329 43.85 -18.13 -24.29
C ASN A 329 43.27 -18.63 -22.96
N SER A 330 42.24 -17.96 -22.45
CA SER A 330 41.60 -18.41 -21.21
C SER A 330 40.55 -19.48 -21.49
N LYS A 331 39.88 -19.41 -22.64
CA LYS A 331 38.84 -20.38 -22.92
C LYS A 331 39.43 -21.69 -23.42
N LYS A 332 40.63 -21.65 -24.01
CA LYS A 332 41.22 -22.89 -24.49
C LYS A 332 41.66 -23.82 -23.35
N ASN A 333 41.96 -23.26 -22.17
CA ASN A 333 42.26 -24.06 -20.98
C ASN A 333 41.18 -23.96 -19.92
N SER A 334 40.00 -23.44 -20.29
CA SER A 334 38.84 -23.37 -19.41
C SER A 334 39.08 -22.49 -18.19
N PHE A 335 39.74 -21.35 -18.40
CA PHE A 335 39.90 -20.28 -17.42
C PHE A 335 40.60 -20.73 -16.14
N LYS A 336 41.35 -21.82 -16.19
CA LYS A 336 42.06 -22.28 -14.99
C LYS A 336 43.32 -21.48 -14.74
N HIS A 337 44.02 -21.07 -15.79
CA HIS A 337 45.26 -20.29 -15.67
C HIS A 337 44.89 -18.82 -15.65
N ALA A 338 45.15 -18.15 -14.52
CA ALA A 338 44.83 -16.73 -14.41
C ALA A 338 45.90 -15.86 -15.05
N GLY A 339 47.18 -16.21 -14.82
CA GLY A 339 48.26 -15.44 -15.38
C GLY A 339 48.83 -14.43 -14.41
N LYS A 340 49.80 -13.66 -14.90
CA LYS A 340 50.45 -12.65 -14.06
C LYS A 340 49.53 -11.46 -13.82
N ASP A 341 48.69 -11.12 -14.81
CA ASP A 341 47.76 -10.01 -14.65
C ASP A 341 46.58 -10.37 -13.74
N GLY A 342 46.36 -11.65 -13.48
CA GLY A 342 45.20 -12.07 -12.74
C GLY A 342 43.91 -12.07 -13.54
N SER A 343 43.97 -11.81 -14.83
CA SER A 343 42.81 -11.77 -15.71
C SER A 343 42.83 -13.00 -16.60
N GLY A 344 41.73 -13.75 -16.62
CA GLY A 344 41.65 -14.97 -17.39
C GLY A 344 40.85 -16.04 -16.68
N VAL A 345 40.71 -15.90 -15.36
CA VAL A 345 39.87 -16.82 -14.60
C VAL A 345 38.40 -16.42 -14.68
N PHE A 346 38.10 -15.13 -14.80
CA PHE A 346 36.73 -14.64 -14.95
C PHE A 346 36.42 -14.45 -16.42
N ARG A 347 35.29 -14.99 -16.86
CA ARG A 347 34.86 -14.85 -18.24
C ARG A 347 34.07 -13.57 -18.50
N ALA A 348 33.82 -12.78 -17.46
CA ALA A 348 33.08 -11.53 -17.59
C ALA A 348 33.84 -10.41 -16.89
N ALA A 349 33.66 -9.20 -17.40
CA ALA A 349 34.30 -8.00 -16.86
C ALA A 349 33.24 -6.97 -16.53
N MET A 350 33.29 -6.44 -15.31
CA MET A 350 32.35 -5.43 -14.84
C MET A 350 33.09 -4.12 -14.62
N LEU A 351 32.75 -3.11 -15.43
CA LEU A 351 33.32 -1.78 -15.32
C LEU A 351 32.38 -0.92 -14.47
N TYR A 352 32.91 -0.34 -13.40
CA TYR A 352 32.11 0.47 -12.51
C TYR A 352 32.85 1.76 -12.15
N GLY A 353 32.10 2.87 -12.17
CA GLY A 353 32.65 4.17 -11.88
C GLY A 353 31.62 5.26 -12.09
N PRO A 354 31.96 6.50 -11.74
CA PRO A 354 31.03 7.62 -11.94
C PRO A 354 30.69 7.79 -13.40
N PRO A 355 29.52 8.35 -13.71
CA PRO A 355 29.14 8.49 -15.12
C PRO A 355 29.89 9.63 -15.80
N GLY A 356 30.27 9.37 -17.04
CA GLY A 356 30.92 10.39 -17.87
C GLY A 356 32.43 10.36 -17.86
N ILE A 357 33.06 9.22 -17.55
CA ILE A 357 34.51 9.13 -17.54
C ILE A 357 35.06 8.25 -18.65
N GLY A 358 34.20 7.61 -19.44
CA GLY A 358 34.63 6.88 -20.61
C GLY A 358 34.62 5.37 -20.50
N LYS A 359 33.80 4.80 -19.60
CA LYS A 359 33.71 3.35 -19.49
C LYS A 359 33.18 2.73 -20.78
N THR A 360 31.99 3.16 -21.20
CA THR A 360 31.41 2.63 -22.42
C THR A 360 32.26 2.95 -23.64
N THR A 361 32.85 4.15 -23.67
CA THR A 361 33.70 4.54 -24.80
C THR A 361 34.91 3.63 -24.91
N ALA A 362 35.63 3.41 -23.80
CA ALA A 362 36.80 2.55 -23.82
C ALA A 362 36.43 1.11 -24.16
N ALA A 363 35.30 0.64 -23.61
CA ALA A 363 34.84 -0.71 -23.92
C ALA A 363 34.58 -0.89 -25.41
N HIS A 364 33.84 0.04 -26.01
CA HIS A 364 33.56 -0.03 -27.44
C HIS A 364 34.84 0.08 -28.25
N LEU A 365 35.78 0.93 -27.81
CA LEU A 365 37.02 1.11 -28.55
C LEU A 365 37.85 -0.17 -28.57
N VAL A 366 38.02 -0.82 -27.41
CA VAL A 366 38.77 -2.07 -27.38
C VAL A 366 38.01 -3.16 -28.13
N ALA A 367 36.68 -3.10 -28.12
CA ALA A 367 35.89 -4.08 -28.85
C ALA A 367 36.13 -3.97 -30.35
N GLN A 368 36.17 -2.75 -30.87
CA GLN A 368 36.43 -2.57 -32.30
C GLN A 368 37.90 -2.79 -32.64
N GLU A 369 38.80 -2.55 -31.69
CA GLU A 369 40.23 -2.68 -31.96
C GLU A 369 40.69 -4.13 -31.91
N LEU A 370 40.11 -4.97 -31.06
CA LEU A 370 40.51 -6.37 -30.92
C LEU A 370 39.76 -7.29 -31.87
N GLY A 371 39.00 -6.75 -32.82
CA GLY A 371 38.32 -7.55 -33.81
C GLY A 371 37.06 -8.25 -33.35
N TYR A 372 36.63 -8.03 -32.10
CA TYR A 372 35.41 -8.67 -31.61
C TYR A 372 34.18 -8.00 -32.19
N ASP A 373 33.23 -8.83 -32.65
CA ASP A 373 31.98 -8.29 -33.17
C ASP A 373 31.14 -7.73 -32.04
N ILE A 374 30.92 -6.43 -32.05
CA ILE A 374 30.31 -5.72 -30.93
C ILE A 374 28.80 -5.93 -30.95
N LEU A 375 28.20 -6.02 -29.78
CA LEU A 375 26.75 -6.05 -29.61
C LEU A 375 26.41 -5.37 -28.29
N GLU A 376 25.43 -4.47 -28.32
CA GLU A 376 25.07 -3.67 -27.16
C GLU A 376 23.59 -3.87 -26.85
N GLN A 377 23.27 -4.03 -25.58
CA GLN A 377 21.90 -4.09 -25.08
C GLN A 377 21.87 -3.58 -23.65
N ASN A 378 20.86 -2.78 -23.32
CA ASN A 378 20.83 -2.08 -22.05
C ASN A 378 19.38 -1.85 -21.63
N ALA A 379 19.22 -1.09 -20.54
CA ALA A 379 17.91 -0.91 -19.94
C ALA A 379 16.94 -0.12 -20.81
N SER A 380 17.45 0.68 -21.75
CA SER A 380 16.57 1.38 -22.67
C SER A 380 15.75 0.41 -23.50
N ASP A 381 16.29 -0.77 -23.76
CA ASP A 381 15.55 -1.87 -24.36
C ASP A 381 14.92 -2.72 -23.26
N VAL A 382 13.92 -3.49 -23.63
CA VAL A 382 13.21 -4.33 -22.67
C VAL A 382 14.17 -5.37 -22.09
N ARG A 383 14.25 -5.42 -20.77
CA ARG A 383 15.19 -6.29 -20.05
C ARG A 383 14.42 -6.95 -18.91
N SER A 384 13.99 -8.19 -19.12
CA SER A 384 13.24 -8.94 -18.12
C SER A 384 13.78 -10.36 -18.04
N LYS A 385 13.14 -11.18 -17.20
CA LYS A 385 13.58 -12.56 -17.02
C LYS A 385 13.12 -13.45 -18.16
N THR A 386 12.07 -13.06 -18.88
CA THR A 386 11.50 -13.93 -19.91
C THR A 386 12.21 -13.84 -21.24
N LEU A 387 12.21 -12.66 -21.87
CA LEU A 387 12.69 -12.58 -23.24
C LEU A 387 14.19 -12.24 -23.30
N LEU A 388 14.66 -11.40 -22.38
CA LEU A 388 16.08 -11.11 -22.32
C LEU A 388 16.90 -12.37 -22.04
N ASN A 389 16.45 -13.19 -21.10
CA ASN A 389 17.16 -14.42 -20.80
C ASN A 389 17.19 -15.34 -22.02
N ALA A 390 16.06 -15.48 -22.71
CA ALA A 390 16.02 -16.32 -23.90
C ALA A 390 16.98 -15.82 -24.96
N GLY A 391 16.95 -14.52 -25.24
CA GLY A 391 17.82 -13.98 -26.27
C GLY A 391 19.29 -14.11 -25.91
N VAL A 392 19.65 -13.78 -24.67
CA VAL A 392 21.06 -13.85 -24.28
C VAL A 392 21.54 -15.30 -24.25
N LYS A 393 20.67 -16.23 -23.84
CA LYS A 393 21.05 -17.64 -23.88
C LYS A 393 21.26 -18.12 -25.31
N ASN A 394 20.39 -17.70 -26.23
CA ASN A 394 20.58 -18.06 -27.62
C ASN A 394 21.80 -17.39 -28.23
N ALA A 395 22.26 -16.26 -27.66
CA ALA A 395 23.39 -15.53 -28.20
C ALA A 395 24.71 -15.82 -27.50
N LEU A 396 24.71 -16.56 -26.39
CA LEU A 396 25.97 -16.83 -25.68
C LEU A 396 26.90 -17.74 -26.48
N ASP A 397 26.36 -18.74 -27.18
CA ASP A 397 27.18 -19.68 -27.93
C ASP A 397 26.73 -19.79 -29.39
N ASN A 398 26.15 -18.73 -29.94
CA ASN A 398 25.84 -18.63 -31.35
C ASN A 398 26.82 -17.66 -32.00
N MET A 399 27.16 -17.94 -33.26
CA MET A 399 28.07 -17.07 -33.98
C MET A 399 27.33 -15.91 -34.64
N SER A 400 28.09 -14.92 -35.10
CA SER A 400 27.50 -13.75 -35.71
C SER A 400 27.42 -13.91 -37.22
N VAL A 401 26.31 -13.48 -37.81
CA VAL A 401 26.19 -13.47 -39.26
C VAL A 401 26.79 -12.20 -39.85
N VAL A 402 26.81 -11.11 -39.06
CA VAL A 402 27.41 -9.88 -39.53
C VAL A 402 28.92 -10.03 -39.67
N GLY A 403 29.57 -10.71 -38.72
CA GLY A 403 30.99 -10.96 -38.84
C GLY A 403 31.33 -11.93 -39.96
N TYR A 404 30.38 -12.79 -40.32
CA TYR A 404 30.61 -13.75 -41.40
C TYR A 404 30.46 -13.08 -42.76
N PHE A 405 29.40 -12.31 -42.95
CA PHE A 405 29.09 -11.78 -44.27
C PHE A 405 29.91 -10.53 -44.59
N LYS A 406 30.29 -9.76 -43.57
CA LYS A 406 31.05 -8.54 -43.80
C LYS A 406 32.44 -8.86 -44.37
N HIS A 407 33.24 -9.62 -43.64
CA HIS A 407 34.56 -10.03 -44.11
C HIS A 407 35.02 -11.23 -43.30
N ASN A 408 35.27 -12.34 -44.00
CA ASN A 408 35.72 -13.57 -43.33
C ASN A 408 36.79 -14.29 -44.14
N GLU A 409 37.30 -13.71 -45.22
CA GLU A 409 38.27 -14.37 -46.07
C GLU A 409 39.71 -13.90 -45.85
N GLU A 410 39.91 -12.66 -45.41
CA GLU A 410 41.27 -12.19 -45.16
C GLU A 410 41.78 -12.73 -43.83
N ALA A 411 43.08 -12.57 -43.62
CA ALA A 411 43.74 -13.05 -42.41
C ALA A 411 43.77 -11.93 -41.36
N GLN A 412 42.57 -11.53 -40.96
CA GLN A 412 42.42 -10.50 -39.92
C GLN A 412 42.46 -11.11 -38.52
N ASN A 413 41.55 -12.06 -38.24
CA ASN A 413 41.52 -12.76 -36.97
C ASN A 413 40.52 -13.91 -37.01
N LEU A 414 40.76 -14.95 -36.22
CA LEU A 414 39.78 -16.01 -36.06
C LEU A 414 38.67 -15.65 -35.08
N ASN A 415 38.74 -14.46 -34.49
CA ASN A 415 37.82 -14.03 -33.45
C ASN A 415 36.63 -13.23 -33.99
N GLY A 416 36.65 -12.86 -35.28
CA GLY A 416 35.54 -12.11 -35.84
C GLY A 416 34.22 -12.85 -35.75
N LYS A 417 34.28 -14.19 -35.66
CA LYS A 417 33.06 -14.97 -35.54
C LYS A 417 32.46 -14.88 -34.14
N HIS A 418 33.21 -14.34 -33.18
CA HIS A 418 32.78 -14.31 -31.79
C HIS A 418 31.94 -13.07 -31.49
N PHE A 419 31.28 -13.09 -30.34
CA PHE A 419 30.46 -11.99 -29.86
C PHE A 419 31.07 -11.38 -28.59
N VAL A 420 30.72 -10.12 -28.33
CA VAL A 420 30.98 -9.46 -27.06
C VAL A 420 29.70 -8.77 -26.61
N ILE A 421 29.04 -9.35 -25.61
CA ILE A 421 27.78 -8.83 -25.12
C ILE A 421 28.09 -7.73 -24.11
N ILE A 422 27.99 -6.47 -24.55
CA ILE A 422 28.28 -5.32 -23.71
C ILE A 422 26.97 -4.85 -23.09
N MET A 423 26.88 -4.94 -21.77
CA MET A 423 25.70 -4.55 -21.02
C MET A 423 25.94 -3.20 -20.36
N ASP A 424 25.08 -2.24 -20.67
CA ASP A 424 25.16 -0.90 -20.11
C ASP A 424 23.98 -0.68 -19.16
N GLU A 425 24.16 0.25 -18.22
CA GLU A 425 23.17 0.51 -17.17
C GLU A 425 22.74 -0.77 -16.47
N VAL A 426 23.71 -1.57 -16.05
CA VAL A 426 23.41 -2.82 -15.35
C VAL A 426 22.69 -2.53 -14.03
N ASP A 427 23.04 -1.42 -13.39
CA ASP A 427 22.39 -1.02 -12.14
C ASP A 427 21.00 -0.44 -12.36
N GLY A 428 20.51 -0.41 -13.59
CA GLY A 428 19.20 0.14 -13.87
C GLY A 428 18.10 -0.91 -13.95
N MET A 429 18.49 -2.17 -13.86
CA MET A 429 17.52 -3.26 -13.92
C MET A 429 16.65 -3.27 -12.66
N SER A 430 15.59 -4.07 -12.71
CA SER A 430 14.70 -4.21 -11.57
C SER A 430 15.37 -4.99 -10.45
N GLY A 431 14.95 -4.71 -9.22
CA GLY A 431 15.52 -5.34 -8.05
C GLY A 431 15.37 -6.84 -8.00
N GLY A 432 14.15 -7.34 -8.19
CA GLY A 432 13.88 -8.75 -8.07
C GLY A 432 14.52 -9.56 -9.18
N ASP A 433 14.27 -10.88 -9.10
CA ASP A 433 14.82 -11.80 -10.09
C ASP A 433 14.18 -11.61 -11.46
N ARG A 434 12.95 -11.11 -11.49
CA ARG A 434 12.26 -10.86 -12.75
C ARG A 434 12.95 -9.78 -13.57
N GLY A 435 13.75 -8.92 -12.95
CA GLY A 435 14.45 -7.89 -13.70
C GLY A 435 15.56 -8.47 -14.56
N GLY A 436 16.28 -9.45 -14.04
CA GLY A 436 17.35 -10.10 -14.77
C GLY A 436 18.74 -9.89 -14.22
N VAL A 437 18.88 -9.33 -13.01
CA VAL A 437 20.21 -9.13 -12.45
C VAL A 437 20.83 -10.46 -12.03
N GLY A 438 20.06 -11.31 -11.35
CA GLY A 438 20.54 -12.64 -11.05
C GLY A 438 20.69 -13.53 -12.27
N GLN A 439 19.82 -13.36 -13.26
CA GLN A 439 19.97 -14.09 -14.51
C GLN A 439 21.28 -13.73 -15.20
N LEU A 440 21.64 -12.44 -15.21
CA LEU A 440 22.91 -12.04 -15.78
C LEU A 440 24.08 -12.52 -14.93
N ALA A 441 23.92 -12.53 -13.61
CA ALA A 441 24.97 -13.05 -12.73
C ALA A 441 25.24 -14.52 -13.04
N GLN A 442 24.19 -15.30 -13.28
CA GLN A 442 24.36 -16.68 -13.68
C GLN A 442 24.92 -16.79 -15.11
N PHE A 443 24.56 -15.84 -15.98
CA PHE A 443 25.11 -15.81 -17.33
C PHE A 443 26.62 -15.65 -17.29
N CYS A 444 27.14 -14.82 -16.37
CA CYS A 444 28.57 -14.64 -16.25
C CYS A 444 29.30 -15.89 -15.76
N ARG A 445 28.61 -17.01 -15.55
CA ARG A 445 29.23 -18.25 -15.14
C ARG A 445 29.41 -19.27 -16.27
N LYS A 446 28.47 -19.33 -17.21
CA LYS A 446 28.52 -20.28 -18.31
C LYS A 446 28.30 -19.51 -19.62
N THR A 447 29.40 -19.22 -20.32
CA THR A 447 29.33 -18.54 -21.60
C THR A 447 30.60 -18.81 -22.39
N SER A 448 30.46 -18.80 -23.72
CA SER A 448 31.60 -18.98 -24.61
C SER A 448 32.00 -17.69 -25.32
N THR A 449 31.30 -16.59 -25.06
CA THR A 449 31.62 -15.29 -25.62
C THR A 449 31.97 -14.32 -24.50
N PRO A 450 32.92 -13.42 -24.72
CA PRO A 450 33.25 -12.43 -23.67
C PRO A 450 32.05 -11.60 -23.26
N LEU A 451 31.92 -11.38 -21.95
CA LEU A 451 30.81 -10.63 -21.37
C LEU A 451 31.34 -9.36 -20.75
N ILE A 452 30.80 -8.22 -21.16
CA ILE A 452 31.22 -6.91 -20.66
C ILE A 452 30.03 -6.26 -19.98
N LEU A 453 30.22 -5.86 -18.73
CA LEU A 453 29.19 -5.23 -17.92
C LEU A 453 29.66 -3.83 -17.53
N ILE A 454 28.79 -2.83 -17.72
CA ILE A 454 29.12 -1.44 -17.45
C ILE A 454 27.99 -0.85 -16.61
N CYS A 455 28.31 -0.42 -15.39
CA CYS A 455 27.36 0.21 -14.50
C CYS A 455 28.00 1.44 -13.86
N ASN A 456 27.15 2.31 -13.33
CA ASN A 456 27.62 3.52 -12.66
C ASN A 456 27.73 3.37 -11.14
N GLU A 457 26.91 2.52 -10.54
CA GLU A 457 26.92 2.28 -9.10
C GLU A 457 27.14 0.79 -8.88
N ARG A 458 28.23 0.44 -8.18
CA ARG A 458 28.63 -0.96 -8.07
C ARG A 458 28.11 -1.61 -6.79
N ASN A 459 28.50 -1.08 -5.63
CA ASN A 459 28.24 -1.75 -4.35
C ASN A 459 26.80 -1.44 -3.93
N LEU A 460 25.85 -2.17 -4.51
CA LEU A 460 24.44 -2.04 -4.20
C LEU A 460 23.89 -3.42 -3.86
N PRO A 461 22.78 -3.48 -3.10
CA PRO A 461 22.17 -4.79 -2.83
C PRO A 461 21.76 -5.54 -4.08
N LYS A 462 21.11 -4.86 -5.04
CA LYS A 462 20.74 -5.51 -6.29
C LYS A 462 21.97 -6.11 -6.99
N MET A 463 23.11 -5.44 -6.87
CA MET A 463 24.34 -5.92 -7.50
C MET A 463 25.15 -6.86 -6.61
N ARG A 464 24.56 -7.38 -5.53
CA ARG A 464 25.29 -8.32 -4.68
C ARG A 464 25.70 -9.61 -5.41
N PRO A 465 24.88 -10.23 -6.26
CA PRO A 465 25.32 -11.48 -6.91
C PRO A 465 26.57 -11.32 -7.78
N PHE A 466 26.87 -10.11 -8.23
CA PHE A 466 28.06 -9.89 -9.06
C PHE A 466 29.33 -9.70 -8.25
N ASP A 467 29.36 -10.15 -6.99
CA ASP A 467 30.53 -9.92 -6.14
C ASP A 467 31.71 -10.81 -6.52
N ARG A 468 31.47 -12.10 -6.75
CA ARG A 468 32.58 -13.03 -6.98
C ARG A 468 32.48 -13.75 -8.32
N VAL A 469 31.78 -13.18 -9.30
CA VAL A 469 31.54 -13.85 -10.57
C VAL A 469 32.25 -13.19 -11.73
N CYS A 470 32.44 -11.86 -11.70
CA CYS A 470 33.04 -11.13 -12.79
C CYS A 470 34.24 -10.32 -12.28
N LEU A 471 35.24 -10.18 -13.14
CA LEU A 471 36.40 -9.38 -12.80
C LEU A 471 36.03 -7.90 -12.74
N ASP A 472 36.30 -7.27 -11.60
CA ASP A 472 35.89 -5.90 -11.34
C ASP A 472 36.98 -4.94 -11.81
N ILE A 473 36.60 -3.94 -12.59
CA ILE A 473 37.50 -2.86 -13.01
C ILE A 473 36.83 -1.54 -12.67
N GLN A 474 37.55 -0.68 -11.96
CA GLN A 474 37.04 0.59 -11.47
C GLN A 474 37.72 1.74 -12.17
N PHE A 475 36.94 2.49 -12.95
CA PHE A 475 37.41 3.72 -13.58
C PHE A 475 37.26 4.86 -12.58
N ARG A 476 38.32 5.67 -12.43
CA ARG A 476 38.36 6.67 -11.37
C ARG A 476 38.34 8.09 -11.93
N ARG A 477 38.48 9.07 -11.04
CA ARG A 477 38.52 10.46 -11.47
C ARG A 477 39.73 10.70 -12.37
N PRO A 478 39.53 11.27 -13.55
CA PRO A 478 40.67 11.55 -14.44
C PRO A 478 41.55 12.65 -13.90
N ASP A 479 42.82 12.61 -14.31
CA ASP A 479 43.79 13.63 -13.92
C ASP A 479 43.51 14.93 -14.66
N ALA A 480 44.01 16.04 -14.12
CA ALA A 480 43.71 17.35 -14.67
C ALA A 480 44.47 17.64 -15.96
N ASN A 481 45.62 16.99 -16.17
CA ASN A 481 46.47 17.35 -17.31
C ASN A 481 45.85 16.91 -18.63
N SER A 482 45.34 15.67 -18.69
CA SER A 482 44.77 15.17 -19.94
C SER A 482 43.53 15.94 -20.34
N ILE A 483 42.62 16.18 -19.38
CA ILE A 483 41.41 16.93 -19.69
C ILE A 483 41.76 18.38 -19.99
N LYS A 484 42.80 18.91 -19.36
CA LYS A 484 43.25 20.26 -19.68
C LYS A 484 43.73 20.36 -21.13
N SER A 485 44.51 19.38 -21.58
CA SER A 485 44.97 19.37 -22.97
C SER A 485 43.79 19.20 -23.92
N ARG A 486 42.84 18.33 -23.57
CA ARG A 486 41.66 18.13 -24.41
C ARG A 486 40.86 19.42 -24.53
N LEU A 487 40.67 20.12 -23.42
CA LEU A 487 39.95 21.40 -23.45
C LEU A 487 40.72 22.45 -24.25
N MET A 488 42.05 22.48 -24.12
CA MET A 488 42.85 23.39 -24.95
C MET A 488 42.60 23.12 -26.43
N THR A 489 42.62 21.85 -26.82
CA THR A 489 42.42 21.50 -28.23
C THR A 489 41.02 21.88 -28.70
N ILE A 490 40.00 21.51 -27.92
CA ILE A 490 38.62 21.76 -28.35
C ILE A 490 38.29 23.25 -28.30
N ALA A 491 39.08 24.03 -27.55
CA ALA A 491 38.87 25.47 -27.52
C ALA A 491 39.58 26.15 -28.69
N ILE A 492 40.80 25.71 -29.01
CA ILE A 492 41.52 26.30 -30.13
C ILE A 492 40.87 25.89 -31.45
N ARG A 493 40.15 24.77 -31.44
CA ARG A 493 39.46 24.33 -32.65
C ARG A 493 38.21 25.18 -32.91
N GLU A 494 37.45 25.47 -31.87
CA GLU A 494 36.20 26.22 -32.00
C GLU A 494 36.41 27.72 -31.83
N LYS A 495 37.66 28.19 -31.83
CA LYS A 495 37.98 29.60 -31.64
C LYS A 495 37.44 30.11 -30.31
N PHE A 496 37.60 29.31 -29.26
CA PHE A 496 37.09 29.62 -27.94
C PHE A 496 38.25 30.08 -27.05
N LYS A 497 38.18 31.33 -26.59
CA LYS A 497 39.22 31.88 -25.73
C LYS A 497 39.07 31.32 -24.32
N LEU A 498 40.13 30.69 -23.83
CA LEU A 498 40.12 30.04 -22.53
C LEU A 498 41.56 29.89 -22.05
N ASP A 499 41.75 30.07 -20.73
CA ASP A 499 43.07 30.08 -20.09
C ASP A 499 43.28 28.84 -19.24
N PRO A 500 44.53 28.40 -19.04
CA PRO A 500 44.75 27.16 -18.29
C PRO A 500 44.45 27.25 -16.81
N ASN A 501 44.18 28.46 -16.27
CA ASN A 501 44.02 28.61 -14.84
C ASN A 501 42.62 28.22 -14.35
N VAL A 502 41.66 28.02 -15.25
CA VAL A 502 40.27 27.82 -14.84
C VAL A 502 39.82 26.36 -14.88
N ILE A 503 40.49 25.50 -15.66
CA ILE A 503 40.04 24.11 -15.80
C ILE A 503 40.12 23.39 -14.47
N ASP A 504 41.06 23.79 -13.61
CA ASP A 504 41.15 23.16 -12.29
C ASP A 504 39.87 23.35 -11.49
N ARG A 505 39.43 24.58 -11.29
CA ARG A 505 38.18 24.83 -10.58
C ARG A 505 36.99 24.24 -11.34
N LEU A 506 37.05 24.27 -12.67
CA LEU A 506 35.97 23.72 -13.48
C LEU A 506 35.75 22.23 -13.19
N ILE A 507 36.82 21.44 -13.26
CA ILE A 507 36.71 20.01 -13.02
C ILE A 507 36.51 19.72 -11.54
N GLN A 508 36.92 20.65 -10.66
CA GLN A 508 36.63 20.48 -9.25
C GLN A 508 35.15 20.59 -8.95
N THR A 509 34.48 21.61 -9.49
CA THR A 509 33.04 21.74 -9.29
C THR A 509 32.27 20.72 -10.11
N THR A 510 32.86 20.26 -11.22
CA THR A 510 32.21 19.24 -12.04
C THR A 510 32.38 17.86 -11.44
N ARG A 511 33.43 17.64 -10.64
CA ARG A 511 33.67 16.38 -9.93
C ARG A 511 33.87 15.23 -10.92
N GLY A 512 34.90 15.38 -11.75
CA GLY A 512 35.32 14.32 -12.65
C GLY A 512 34.27 13.87 -13.64
N ASP A 513 33.82 14.78 -14.50
CA ASP A 513 32.84 14.45 -15.53
C ASP A 513 33.18 15.24 -16.78
N ILE A 514 33.82 14.59 -17.74
CA ILE A 514 34.26 15.28 -18.95
C ILE A 514 33.05 15.63 -19.83
N ARG A 515 32.02 14.79 -19.82
CA ARG A 515 30.82 15.07 -20.61
C ARG A 515 30.15 16.36 -20.13
N GLN A 516 30.00 16.52 -18.82
CA GLN A 516 29.40 17.74 -18.27
C GLN A 516 30.27 18.96 -18.55
N VAL A 517 31.59 18.80 -18.51
CA VAL A 517 32.48 19.92 -18.82
C VAL A 517 32.31 20.35 -20.26
N ILE A 518 32.27 19.38 -21.18
CA ILE A 518 32.10 19.69 -22.60
C ILE A 518 30.76 20.37 -22.84
N ASN A 519 29.70 19.87 -22.18
CA ASN A 519 28.39 20.50 -22.32
C ASN A 519 28.38 21.90 -21.75
N LEU A 520 29.10 22.13 -20.66
CA LEU A 520 29.20 23.46 -20.07
C LEU A 520 29.87 24.44 -21.03
N LEU A 521 30.99 24.03 -21.61
CA LEU A 521 31.67 24.89 -22.58
C LEU A 521 30.80 25.14 -23.81
N SER A 522 30.09 24.10 -24.27
CA SER A 522 29.23 24.28 -25.44
C SER A 522 28.05 25.20 -25.13
N THR A 523 27.59 25.21 -23.88
CA THR A 523 26.45 26.06 -23.52
C THR A 523 26.86 27.52 -23.31
N ILE A 524 28.01 27.75 -22.67
CA ILE A 524 28.40 29.12 -22.35
C ILE A 524 29.23 29.78 -23.45
N SER A 525 29.85 28.99 -24.33
CA SER A 525 30.70 29.59 -25.36
C SER A 525 29.88 30.35 -26.40
N THR A 526 28.56 30.13 -26.44
CA THR A 526 27.74 30.80 -27.45
C THR A 526 27.52 32.27 -27.14
N THR A 527 27.54 32.65 -25.86
CA THR A 527 27.31 34.04 -25.46
C THR A 527 28.57 34.73 -24.97
N THR A 528 29.31 34.12 -24.05
CA THR A 528 30.54 34.69 -23.52
C THR A 528 31.71 34.07 -24.29
N LYS A 529 32.25 34.84 -25.24
CA LYS A 529 33.29 34.31 -26.11
C LYS A 529 34.57 34.05 -25.35
N THR A 530 34.91 34.91 -24.40
CA THR A 530 36.13 34.79 -23.62
C THR A 530 35.78 34.50 -22.17
N ILE A 531 36.37 33.45 -21.61
CA ILE A 531 36.15 33.05 -20.23
C ILE A 531 37.44 33.25 -19.44
N ASN A 532 37.33 33.82 -18.25
CA ASN A 532 38.49 34.08 -17.41
C ASN A 532 38.10 34.10 -15.93
N HIS A 533 38.97 34.65 -15.09
CA HIS A 533 38.79 34.64 -13.65
C HIS A 533 37.76 35.64 -13.15
N GLU A 534 37.04 36.32 -14.04
CA GLU A 534 36.05 37.31 -13.61
C GLU A 534 34.66 36.71 -13.47
N ASN A 535 34.18 36.00 -14.48
CA ASN A 535 32.85 35.42 -14.47
C ASN A 535 32.83 33.95 -14.09
N ILE A 536 33.97 33.41 -13.67
CA ILE A 536 34.04 31.99 -13.31
C ILE A 536 33.22 31.70 -12.06
N ASN A 537 33.07 32.68 -11.17
CA ASN A 537 32.31 32.46 -9.94
C ASN A 537 30.85 32.16 -10.25
N GLU A 538 30.22 32.97 -11.10
CA GLU A 538 28.83 32.74 -11.45
C GLU A 538 28.65 31.42 -12.19
N ILE A 539 29.62 31.08 -13.05
CA ILE A 539 29.55 29.82 -13.79
C ILE A 539 29.62 28.63 -12.85
N SER A 540 30.51 28.70 -11.86
CA SER A 540 30.62 27.61 -10.90
C SER A 540 29.39 27.53 -9.99
N LYS A 541 28.82 28.69 -9.65
CA LYS A 541 27.64 28.70 -8.78
C LYS A 541 26.40 28.22 -9.52
N ALA A 542 26.35 28.41 -10.84
CA ALA A 542 25.19 28.00 -11.63
C ALA A 542 25.28 26.56 -12.13
N TRP A 543 26.49 25.98 -12.18
CA TRP A 543 26.67 24.62 -12.66
C TRP A 543 27.14 23.68 -11.56
N GLU A 544 26.77 23.95 -10.31
CA GLU A 544 27.17 23.10 -9.20
C GLU A 544 26.48 21.74 -9.31
N LYS A 545 27.28 20.68 -9.29
CA LYS A 545 26.76 19.32 -9.38
C LYS A 545 26.12 18.95 -8.05
N ASN A 546 24.79 18.90 -8.04
CA ASN A 546 24.04 18.58 -6.82
C ASN A 546 23.75 17.09 -6.80
N ILE A 547 24.68 16.32 -6.23
CA ILE A 547 24.56 14.87 -6.13
C ILE A 547 24.42 14.50 -4.66
N ALA A 548 23.61 13.47 -4.40
CA ALA A 548 23.41 13.00 -3.03
C ALA A 548 24.64 12.23 -2.56
N LEU A 549 25.04 12.48 -1.32
CA LEU A 549 26.21 11.82 -0.77
C LEU A 549 25.87 10.45 -0.20
N LYS A 550 26.87 9.57 -0.19
CA LYS A 550 26.71 8.25 0.38
C LYS A 550 26.56 8.38 1.90
N PRO A 551 26.05 7.34 2.58
CA PRO A 551 25.86 7.45 4.04
C PRO A 551 27.16 7.52 4.83
N PHE A 552 28.30 7.54 4.14
CA PHE A 552 29.60 7.70 4.79
C PHE A 552 30.11 9.13 4.69
N ASP A 553 29.95 9.77 3.54
CA ASP A 553 30.28 11.19 3.44
C ASP A 553 29.29 12.05 4.21
N ILE A 554 28.03 11.58 4.31
CA ILE A 554 27.04 12.30 5.11
C ILE A 554 27.45 12.32 6.57
N ALA A 555 27.99 11.20 7.06
CA ALA A 555 28.46 11.15 8.44
C ALA A 555 29.65 12.07 8.66
N HIS A 556 30.51 12.22 7.64
CA HIS A 556 31.65 13.11 7.76
C HIS A 556 31.20 14.57 7.77
N LYS A 557 30.24 14.92 6.91
CA LYS A 557 29.76 16.30 6.87
C LYS A 557 28.96 16.65 8.13
N MET A 558 28.22 15.68 8.67
CA MET A 558 27.41 15.92 9.85
C MET A 558 28.30 16.16 11.07
N LEU A 559 29.33 15.33 11.24
CA LEU A 559 30.23 15.43 12.38
C LEU A 559 31.37 16.41 12.17
N ASP A 560 31.25 17.34 11.23
CA ASP A 560 32.29 18.32 10.95
C ASP A 560 32.02 19.55 11.81
N GLY A 561 32.95 19.84 12.73
CA GLY A 561 32.78 20.95 13.66
C GLY A 561 32.81 22.32 13.02
N GLN A 562 33.45 22.46 11.85
CA GLN A 562 33.52 23.77 11.20
C GLN A 562 32.16 24.19 10.65
N ILE A 563 31.29 23.24 10.34
CA ILE A 563 29.97 23.56 9.80
C ILE A 563 29.12 24.27 10.85
N TYR A 564 29.25 23.89 12.12
CA TYR A 564 28.42 24.45 13.17
C TYR A 564 29.06 25.65 13.86
N SER A 565 30.21 26.13 13.38
CA SER A 565 30.79 27.33 13.93
C SER A 565 29.96 28.55 13.54
N ASP A 566 30.23 29.68 14.21
CA ASP A 566 29.49 30.90 13.94
C ASP A 566 29.69 31.36 12.51
N ILE A 567 30.86 31.08 11.92
CA ILE A 567 31.10 31.45 10.54
C ILE A 567 30.50 30.43 9.59
N GLY A 568 30.74 29.15 9.85
CA GLY A 568 30.24 28.11 8.96
C GLY A 568 28.73 27.95 8.98
N SER A 569 28.08 28.46 10.02
CA SER A 569 26.63 28.32 10.13
C SER A 569 25.92 29.10 9.03
N ARG A 570 26.39 30.32 8.73
CA ARG A 570 25.76 31.16 7.71
C ARG A 570 26.25 30.84 6.31
N ASN A 571 27.08 29.81 6.15
CA ASN A 571 27.46 29.31 4.83
C ASN A 571 26.77 28.00 4.49
N PHE A 572 26.84 27.02 5.38
CA PHE A 572 26.10 25.77 5.26
C PHE A 572 24.93 25.86 6.23
N THR A 573 23.82 26.43 5.76
CA THR A 573 22.69 26.73 6.62
C THR A 573 22.02 25.45 7.11
N LEU A 574 21.09 25.62 8.05
CA LEU A 574 20.39 24.48 8.63
C LEU A 574 19.57 23.75 7.58
N ASN A 575 19.07 24.47 6.57
CA ASN A 575 18.35 23.82 5.48
C ASN A 575 19.24 22.85 4.74
N ASP A 576 20.50 23.24 4.50
CA ASP A 576 21.44 22.33 3.86
C ASP A 576 21.77 21.14 4.76
N LYS A 577 21.82 21.37 6.08
CA LYS A 577 22.07 20.27 7.00
C LYS A 577 20.93 19.27 6.99
N ILE A 578 19.69 19.75 6.85
CA ILE A 578 18.54 18.86 6.77
C ILE A 578 18.50 18.15 5.42
N ALA A 579 18.89 18.84 4.36
CA ALA A 579 18.97 18.21 3.05
C ALA A 579 20.03 17.12 3.02
N LEU A 580 21.09 17.29 3.81
CA LEU A 580 22.11 16.25 3.96
C LEU A 580 21.50 14.95 4.49
N TYR A 581 20.67 15.05 5.52
CA TYR A 581 19.98 13.86 6.03
C TYR A 581 18.98 13.34 5.02
N PHE A 582 18.25 14.23 4.35
CA PHE A 582 17.25 13.83 3.37
C PHE A 582 17.86 13.19 2.13
N ASP A 583 19.17 13.33 1.93
CA ASP A 583 19.83 12.62 0.83
C ASP A 583 19.72 11.11 1.02
N ASP A 584 19.86 10.64 2.26
CA ASP A 584 19.66 9.23 2.57
C ASP A 584 19.16 9.17 4.01
N PHE A 585 17.84 9.12 4.17
CA PHE A 585 17.21 9.16 5.48
C PHE A 585 17.06 7.78 6.12
N ASP A 586 17.63 6.74 5.51
CA ASP A 586 17.55 5.40 6.06
C ASP A 586 18.81 4.99 6.81
N PHE A 587 19.98 5.45 6.38
CA PHE A 587 21.24 5.08 7.02
C PHE A 587 21.87 6.22 7.81
N THR A 588 21.45 7.47 7.58
CA THR A 588 22.03 8.59 8.31
C THR A 588 21.80 8.50 9.81
N PRO A 589 20.59 8.26 10.33
CA PRO A 589 20.45 8.17 11.79
C PRO A 589 21.23 7.03 12.41
N LEU A 590 21.28 5.87 11.74
CA LEU A 590 22.05 4.75 12.26
C LEU A 590 23.54 5.07 12.33
N MET A 591 24.07 5.66 11.25
CA MET A 591 25.48 6.05 11.24
C MET A 591 25.76 7.08 12.33
N ILE A 592 24.87 8.06 12.49
CA ILE A 592 25.06 9.09 13.51
C ILE A 592 25.09 8.46 14.90
N GLN A 593 24.12 7.57 15.19
CA GLN A 593 24.10 6.92 16.49
C GLN A 593 25.31 6.01 16.68
N GLU A 594 25.88 5.51 15.59
CA GLU A 594 27.04 4.64 15.70
C GLU A 594 28.31 5.42 16.02
N ASN A 595 28.55 6.52 15.31
CA ASN A 595 29.84 7.21 15.43
C ASN A 595 29.72 8.64 15.96
N TYR A 596 28.70 8.95 16.76
CA TYR A 596 28.66 10.28 17.38
C TYR A 596 29.59 10.36 18.58
N LEU A 597 29.79 9.25 19.29
CA LEU A 597 30.69 9.22 20.44
C LEU A 597 32.09 8.74 20.08
N SER A 598 32.52 8.92 18.84
CA SER A 598 33.86 8.53 18.40
C SER A 598 34.61 9.70 17.79
N THR A 599 34.27 10.92 18.21
CA THR A 599 34.88 12.14 17.69
C THR A 599 35.49 12.94 18.83
N ARG A 600 36.22 13.99 18.46
CA ARG A 600 36.78 14.95 19.41
C ARG A 600 36.04 16.26 19.23
N PRO A 601 35.18 16.66 20.18
CA PRO A 601 34.33 17.83 19.96
C PRO A 601 35.12 19.12 20.04
N SER A 602 34.76 20.06 19.16
CA SER A 602 35.35 21.39 19.14
C SER A 602 34.31 22.49 19.32
N VAL A 603 33.08 22.13 19.72
CA VAL A 603 32.02 23.10 19.93
C VAL A 603 31.50 22.98 21.35
N LEU A 604 32.35 22.51 22.26
CA LEU A 604 31.97 22.36 23.65
C LEU A 604 31.74 23.72 24.29
N LYS A 605 30.58 23.88 24.92
CA LYS A 605 30.26 25.12 25.59
C LYS A 605 31.16 25.29 26.82
N PRO A 606 31.44 26.53 27.23
CA PRO A 606 32.28 26.74 28.41
C PRO A 606 31.63 26.17 29.67
N GLY A 607 32.29 25.17 30.26
CA GLY A 607 31.75 24.50 31.42
C GLY A 607 31.04 23.20 31.11
N GLN A 608 31.27 22.62 29.94
CA GLN A 608 30.63 21.37 29.53
C GLN A 608 31.70 20.41 29.04
N SER A 609 31.69 19.19 29.57
CA SER A 609 32.65 18.17 29.17
C SER A 609 32.13 17.36 27.99
N HIS A 610 32.97 16.44 27.51
CA HIS A 610 32.57 15.60 26.39
C HIS A 610 31.44 14.66 26.79
N LEU A 611 31.47 14.16 28.03
CA LEU A 611 30.45 13.21 28.48
C LEU A 611 29.08 13.86 28.52
N GLU A 612 29.01 15.13 28.93
CA GLU A 612 27.72 15.82 28.97
C GLU A 612 27.15 15.99 27.57
N ALA A 613 27.99 16.40 26.62
CA ALA A 613 27.53 16.55 25.24
C ALA A 613 27.09 15.23 24.65
N VAL A 614 27.83 14.15 24.96
CA VAL A 614 27.44 12.84 24.47
C VAL A 614 26.11 12.40 25.09
N ALA A 615 25.89 12.72 26.36
CA ALA A 615 24.63 12.35 27.01
C ALA A 615 23.46 13.11 26.40
N GLU A 616 23.62 14.41 26.13
CA GLU A 616 22.56 15.17 25.49
C GLU A 616 22.31 14.66 24.07
N ALA A 617 23.39 14.32 23.35
CA ALA A 617 23.22 13.76 22.01
C ALA A 617 22.48 12.44 22.04
N ALA A 618 22.75 11.61 23.05
CA ALA A 618 22.05 10.33 23.16
C ALA A 618 20.59 10.52 23.55
N ASN A 619 20.31 11.52 24.39
CA ASN A 619 18.92 11.84 24.72
C ASN A 619 18.15 12.27 23.47
N CYS A 620 18.77 13.15 22.67
CA CYS A 620 18.12 13.54 21.42
C CYS A 620 18.02 12.38 20.44
N ILE A 621 18.98 11.46 20.48
CA ILE A 621 18.89 10.25 19.65
C ILE A 621 17.70 9.41 20.06
N SER A 622 17.46 9.27 21.36
CA SER A 622 16.30 8.53 21.83
C SER A 622 15.00 9.21 21.43
N LEU A 623 14.96 10.54 21.52
CA LEU A 623 13.77 11.27 21.09
C LEU A 623 13.53 11.10 19.60
N GLY A 624 14.60 11.17 18.79
CA GLY A 624 14.45 10.92 17.37
C GLY A 624 14.03 9.49 17.05
N ASP A 625 14.47 8.55 17.89
CA ASP A 625 14.01 7.17 17.73
C ASP A 625 12.51 7.05 18.00
N ILE A 626 12.02 7.75 19.03
CA ILE A 626 10.60 7.76 19.29
C ILE A 626 9.84 8.39 18.11
N VAL A 627 10.37 9.48 17.56
CA VAL A 627 9.74 10.12 16.41
C VAL A 627 9.72 9.16 15.22
N GLU A 628 10.81 8.44 14.99
CA GLU A 628 10.87 7.51 13.88
C GLU A 628 9.90 6.35 14.06
N LYS A 629 9.78 5.85 15.29
CA LYS A 629 8.76 4.83 15.57
C LYS A 629 7.36 5.37 15.29
N LYS A 630 7.08 6.61 15.67
CA LYS A 630 5.80 7.22 15.35
C LYS A 630 5.62 7.41 13.85
N ILE A 631 6.72 7.51 13.10
CA ILE A 631 6.63 7.73 11.65
C ILE A 631 6.34 6.42 10.93
N ARG A 632 7.17 5.40 11.19
CA ARG A 632 7.10 4.13 10.47
C ARG A 632 6.10 3.15 11.10
N SER A 633 5.14 3.65 11.86
CA SER A 633 4.07 2.85 12.42
C SER A 633 2.75 3.23 11.76
N SER A 634 1.65 2.72 12.32
CA SER A 634 0.31 3.06 11.85
C SER A 634 0.11 4.57 11.87
N GLU A 635 -0.89 5.05 11.11
CA GLU A 635 -1.22 6.44 10.83
C GLU A 635 -0.25 7.06 9.84
N GLN A 636 0.88 6.41 9.54
CA GLN A 636 1.85 6.85 8.53
C GLN A 636 2.13 8.35 8.63
N LEU A 637 2.64 8.76 9.80
CA LEU A 637 2.95 10.16 10.06
C LEU A 637 4.29 10.53 9.41
N TRP A 638 4.32 10.43 8.08
CA TRP A 638 5.52 10.76 7.33
C TRP A 638 5.80 12.25 7.28
N SER A 639 4.80 13.10 7.50
CA SER A 639 4.99 14.54 7.55
C SER A 639 5.86 14.98 8.72
N LEU A 640 6.23 14.05 9.59
CA LEU A 640 7.16 14.30 10.67
C LEU A 640 8.59 13.96 10.29
N LEU A 641 8.85 13.69 9.01
CA LEU A 641 10.18 13.34 8.52
C LEU A 641 11.18 14.48 8.73
N PRO A 642 10.84 15.75 8.46
CA PRO A 642 11.80 16.82 8.76
C PRO A 642 12.15 16.92 10.23
N LEU A 643 11.18 16.72 11.13
CA LEU A 643 11.49 16.73 12.56
C LEU A 643 12.47 15.62 12.91
N HIS A 644 12.24 14.41 12.39
CA HIS A 644 13.20 13.33 12.59
C HIS A 644 14.57 13.68 12.02
N ALA A 645 14.62 14.61 11.08
CA ALA A 645 15.90 15.09 10.57
C ALA A 645 16.69 15.79 11.66
N VAL A 646 16.02 16.60 12.47
CA VAL A 646 16.73 17.43 13.46
C VAL A 646 17.05 16.61 14.71
N LEU A 647 16.06 15.88 15.23
CA LEU A 647 16.24 15.20 16.51
C LEU A 647 17.22 14.04 16.40
N SER A 648 17.20 13.33 15.28
CA SER A 648 18.03 12.13 15.15
C SER A 648 19.44 12.46 14.68
N SER A 649 19.57 13.31 13.66
CA SER A 649 20.86 13.53 13.04
C SER A 649 21.45 14.90 13.35
N VAL A 650 20.69 15.97 13.15
CA VAL A 650 21.25 17.31 13.20
C VAL A 650 21.65 17.69 14.62
N TYR A 651 20.73 17.53 15.58
CA TYR A 651 21.02 17.95 16.95
C TYR A 651 22.10 17.12 17.62
N PRO A 652 22.10 15.78 17.57
CA PRO A 652 23.20 15.04 18.19
C PRO A 652 24.54 15.30 17.54
N ALA A 653 24.59 15.49 16.21
CA ALA A 653 25.84 15.82 15.56
C ALA A 653 26.33 17.21 15.97
N SER A 654 25.41 18.17 16.08
CA SER A 654 25.78 19.52 16.52
C SER A 654 26.29 19.50 17.96
N LYS A 655 25.75 18.58 18.77
CA LYS A 655 26.18 18.53 20.17
C LYS A 655 27.62 18.06 20.31
N VAL A 656 28.06 17.15 19.44
CA VAL A 656 29.40 16.59 19.52
C VAL A 656 30.19 16.82 18.23
N ALA A 657 29.93 17.92 17.54
CA ALA A 657 30.66 18.21 16.30
C ALA A 657 32.12 18.52 16.59
N GLY A 658 32.99 18.13 15.66
CA GLY A 658 34.41 18.37 15.81
C GLY A 658 35.27 17.57 14.84
N HIS A 659 36.42 17.11 15.33
CA HIS A 659 37.33 16.33 14.50
C HIS A 659 37.00 14.85 14.61
N MET A 660 37.35 14.09 13.56
CA MET A 660 37.16 12.65 13.56
C MET A 660 38.41 11.98 14.15
N ALA A 661 38.24 11.33 15.30
CA ALA A 661 39.37 10.70 15.97
C ALA A 661 39.89 9.51 15.18
N GLY A 662 39.06 8.50 15.00
CA GLY A 662 39.47 7.31 14.25
C GLY A 662 38.89 7.27 12.85
N ARG A 663 38.22 6.18 12.52
CA ARG A 663 37.59 6.00 11.22
C ARG A 663 36.07 6.02 11.37
N ILE A 664 35.39 6.42 10.30
CA ILE A 664 33.94 6.43 10.27
C ILE A 664 33.45 4.99 10.13
N ASN A 665 32.99 4.40 11.24
CA ASN A 665 32.58 3.01 11.26
C ASN A 665 31.14 2.88 10.78
N PHE A 666 30.88 1.86 9.96
CA PHE A 666 29.52 1.59 9.51
C PHE A 666 28.65 1.16 10.68
N THR A 667 27.37 1.49 10.59
CA THR A 667 26.43 1.14 11.66
C THR A 667 26.31 -0.37 11.79
N ALA A 668 26.54 -0.86 13.00
CA ALA A 668 26.42 -2.29 13.29
C ALA A 668 25.02 -2.68 13.73
N TRP A 669 24.10 -1.73 13.81
CA TRP A 669 22.75 -2.03 14.27
C TRP A 669 22.04 -2.98 13.31
N LEU A 670 22.38 -2.93 12.02
CA LEU A 670 21.76 -3.81 11.04
C LEU A 670 22.17 -5.26 11.29
N GLY A 671 23.47 -5.52 11.39
CA GLY A 671 23.93 -6.87 11.63
C GLY A 671 23.50 -7.40 13.00
N GLN A 672 23.53 -6.53 14.01
CA GLN A 672 23.08 -6.93 15.33
C GLN A 672 21.59 -7.26 15.33
N ASN A 673 20.80 -6.49 14.58
CA ASN A 673 19.37 -6.78 14.49
C ASN A 673 19.13 -8.09 13.76
N SER A 674 19.87 -8.36 12.68
CA SER A 674 19.73 -9.63 11.97
C SER A 674 20.10 -10.80 12.87
N LYS A 675 21.19 -10.67 13.61
CA LYS A 675 21.62 -11.74 14.52
C LYS A 675 20.59 -11.95 15.63
N SER A 676 20.05 -10.86 16.17
CA SER A 676 19.03 -10.98 17.21
C SER A 676 17.77 -11.63 16.67
N ALA A 677 17.40 -11.31 15.42
CA ALA A 677 16.23 -11.94 14.82
C ALA A 677 16.45 -13.44 14.62
N LYS A 678 17.64 -13.82 14.15
CA LYS A 678 17.95 -15.24 13.99
C LYS A 678 17.92 -15.96 15.34
N TYR A 679 18.51 -15.35 16.37
CA TYR A 679 18.48 -15.96 17.70
C TYR A 679 17.06 -16.06 18.24
N TYR A 680 16.22 -15.07 17.95
CA TYR A 680 14.83 -15.12 18.40
C TYR A 680 14.06 -16.22 17.67
N ARG A 681 14.32 -16.41 16.38
CA ARG A 681 13.69 -17.51 15.66
C ARG A 681 14.12 -18.85 16.23
N LEU A 682 15.42 -19.01 16.51
CA LEU A 682 15.90 -20.26 17.09
C LEU A 682 15.28 -20.50 18.46
N LEU A 683 15.23 -19.46 19.30
CA LEU A 683 14.60 -19.59 20.62
C LEU A 683 13.12 -19.91 20.48
N GLN A 684 12.46 -19.39 19.45
CA GLN A 684 11.05 -19.71 19.23
C GLN A 684 10.87 -21.17 18.87
N GLU A 685 11.73 -21.70 18.00
CA GLU A 685 11.67 -23.14 17.70
C GLU A 685 11.92 -23.97 18.95
N ILE A 686 12.91 -23.60 19.76
CA ILE A 686 13.21 -24.36 20.97
C ILE A 686 12.03 -24.30 21.95
N HIS A 687 11.42 -23.12 22.09
CA HIS A 687 10.30 -22.97 23.01
C HIS A 687 9.07 -23.74 22.54
N TYR A 688 8.78 -23.72 21.24
CA TYR A 688 7.66 -24.50 20.74
C TYR A 688 7.94 -26.00 20.72
N HIS A 689 9.21 -26.40 20.77
CA HIS A 689 9.53 -27.81 20.94
C HIS A 689 9.36 -28.25 22.39
N THR A 690 9.71 -27.37 23.34
CA THR A 690 9.66 -27.73 24.75
C THR A 690 8.37 -27.30 25.44
N ARG A 691 7.43 -26.68 24.71
CA ARG A 691 6.19 -26.20 25.32
C ARG A 691 5.43 -27.32 26.02
N LEU A 692 5.50 -28.54 25.48
CA LEU A 692 4.76 -29.66 26.06
C LEU A 692 5.16 -29.97 27.49
N GLY A 693 6.35 -29.53 27.93
CA GLY A 693 6.76 -29.78 29.31
C GLY A 693 7.04 -28.52 30.11
N THR A 694 7.47 -27.45 29.45
CA THR A 694 7.90 -26.26 30.17
C THR A 694 6.72 -25.44 30.68
N SER A 695 5.74 -25.18 29.81
CA SER A 695 4.58 -24.36 30.13
C SER A 695 5.00 -22.97 30.60
N THR A 696 5.86 -22.32 29.82
CA THR A 696 6.34 -20.97 30.13
C THR A 696 6.39 -20.19 28.82
N ASP A 697 6.84 -18.94 28.90
CA ASP A 697 6.95 -18.08 27.73
C ASP A 697 8.35 -18.16 27.15
N LYS A 698 8.55 -17.45 26.03
CA LYS A 698 9.84 -17.46 25.35
C LYS A 698 10.92 -16.83 26.22
N ILE A 699 10.66 -15.62 26.73
CA ILE A 699 11.64 -14.95 27.57
C ILE A 699 11.81 -15.70 28.89
N GLY A 700 10.72 -16.21 29.45
CA GLY A 700 10.80 -17.01 30.66
C GLY A 700 11.56 -18.30 30.50
N LEU A 701 11.66 -18.84 29.28
CA LEU A 701 12.47 -20.01 29.01
C LEU A 701 13.92 -19.64 28.72
N ARG A 702 14.15 -18.49 28.09
CA ARG A 702 15.52 -18.06 27.81
C ARG A 702 16.24 -17.64 29.08
N LEU A 703 15.55 -16.93 29.97
CA LEU A 703 16.21 -16.34 31.13
C LEU A 703 16.55 -17.40 32.19
N ASP A 704 15.57 -18.24 32.54
CA ASP A 704 15.71 -19.14 33.67
C ASP A 704 15.94 -20.60 33.29
N TYR A 705 15.31 -21.09 32.22
CA TYR A 705 15.39 -22.51 31.88
C TYR A 705 16.73 -22.88 31.27
N LEU A 706 17.27 -22.04 30.38
CA LEU A 706 18.54 -22.34 29.74
C LEU A 706 19.72 -22.44 30.69
N PRO A 707 19.88 -21.59 31.72
CA PRO A 707 20.97 -21.80 32.68
C PRO A 707 20.93 -23.14 33.38
N THR A 708 19.78 -23.83 33.39
CA THR A 708 19.69 -25.18 33.91
C THR A 708 19.78 -26.24 32.83
N PHE A 709 19.26 -25.96 31.63
CA PHE A 709 19.43 -26.89 30.51
C PHE A 709 20.90 -27.06 30.16
N ARG A 710 21.71 -26.01 30.37
CA ARG A 710 23.14 -26.11 30.13
C ARG A 710 23.79 -27.11 31.09
N LYS A 711 23.45 -27.01 32.38
CA LYS A 711 24.01 -27.93 33.36
C LYS A 711 23.49 -29.34 33.16
N ARG A 712 22.26 -29.48 32.64
CA ARG A 712 21.68 -30.80 32.45
C ARG A 712 22.25 -31.50 31.22
N LEU A 713 22.41 -30.77 30.11
CA LEU A 713 22.81 -31.41 28.86
C LEU A 713 24.33 -31.51 28.73
N LEU A 714 25.02 -30.37 28.78
CA LEU A 714 26.43 -30.32 28.43
C LEU A 714 27.35 -30.67 29.59
N ASP A 715 27.01 -30.27 30.81
CA ASP A 715 27.89 -30.53 31.95
C ASP A 715 28.16 -32.01 32.20
N PRO A 716 27.21 -32.94 32.07
CA PRO A 716 27.55 -34.36 32.26
C PRO A 716 28.58 -34.87 31.25
N PHE A 717 28.81 -34.16 30.15
CA PHE A 717 29.82 -34.56 29.19
C PHE A 717 31.24 -34.25 29.68
N LEU A 718 31.39 -33.17 30.45
CA LEU A 718 32.70 -32.76 30.91
C LEU A 718 33.14 -33.48 32.18
N LYS A 719 32.19 -33.95 33.00
CA LYS A 719 32.51 -34.53 34.30
C LYS A 719 32.29 -36.04 34.34
N GLN A 720 31.84 -36.66 33.25
CA GLN A 720 31.57 -38.09 33.27
C GLN A 720 32.12 -38.84 32.08
N GLY A 721 32.48 -38.16 30.99
CA GLY A 721 33.03 -38.86 29.84
C GLY A 721 31.97 -39.18 28.82
N ALA A 722 32.04 -40.41 28.28
CA ALA A 722 31.19 -40.82 27.16
C ALA A 722 30.08 -41.79 27.56
N ASP A 723 29.95 -42.08 28.85
CA ASP A 723 28.90 -42.97 29.33
C ASP A 723 27.66 -42.21 29.82
N ALA A 724 27.68 -40.88 29.74
CA ALA A 724 26.53 -40.07 30.10
C ALA A 724 25.69 -39.67 28.90
N ILE A 725 25.85 -40.34 27.76
CA ILE A 725 25.11 -39.99 26.56
C ILE A 725 23.64 -40.34 26.72
N SER A 726 23.34 -41.48 27.33
CA SER A 726 21.95 -41.93 27.47
C SER A 726 21.15 -40.97 28.34
N SER A 727 21.78 -40.43 29.40
CA SER A 727 21.09 -39.47 30.24
C SER A 727 20.70 -38.22 29.47
N VAL A 728 21.62 -37.70 28.65
CA VAL A 728 21.32 -36.52 27.86
C VAL A 728 20.25 -36.81 26.82
N ILE A 729 20.29 -38.01 26.22
CA ILE A 729 19.26 -38.39 25.27
C ILE A 729 17.89 -38.43 25.93
N GLU A 730 17.82 -39.03 27.13
CA GLU A 730 16.55 -39.09 27.83
C GLU A 730 16.04 -37.71 28.22
N VAL A 731 16.95 -36.84 28.68
CA VAL A 731 16.55 -35.49 29.05
C VAL A 731 16.04 -34.72 27.84
N MET A 732 16.67 -34.93 26.68
CA MET A 732 16.25 -34.22 25.47
C MET A 732 14.91 -34.75 24.95
N ASP A 733 14.70 -36.07 25.04
CA ASP A 733 13.43 -36.63 24.59
C ASP A 733 12.30 -36.31 25.57
N ASP A 734 12.65 -36.00 26.82
CA ASP A 734 11.65 -35.59 27.81
C ASP A 734 11.04 -34.24 27.43
N TYR A 735 11.70 -33.50 26.54
CA TYR A 735 11.22 -32.19 26.10
C TYR A 735 11.26 -32.08 24.58
N TYR A 736 11.40 -33.22 23.89
CA TYR A 736 11.33 -33.28 22.43
C TYR A 736 12.38 -32.39 21.79
N LEU A 737 13.59 -32.41 22.34
CA LEU A 737 14.68 -31.63 21.78
C LEU A 737 15.36 -32.41 20.65
N THR A 738 16.03 -31.66 19.78
CA THR A 738 16.72 -32.23 18.63
C THR A 738 18.21 -31.92 18.72
N LYS A 739 18.98 -32.54 17.83
CA LYS A 739 20.41 -32.27 17.77
C LYS A 739 20.67 -30.82 17.39
N GLU A 740 19.90 -30.31 16.41
CA GLU A 740 20.02 -28.90 16.06
C GLU A 740 19.58 -28.01 17.23
N ASP A 741 18.58 -28.45 17.99
CA ASP A 741 18.17 -27.71 19.18
C ASP A 741 19.29 -27.72 20.23
N TRP A 742 19.95 -28.85 20.40
CA TRP A 742 21.07 -28.94 21.34
C TRP A 742 22.21 -28.02 20.91
N ASP A 743 22.44 -27.92 19.59
CA ASP A 743 23.49 -27.04 19.09
C ASP A 743 23.10 -25.57 19.28
N SER A 744 21.82 -25.24 19.10
CA SER A 744 21.39 -23.86 19.20
C SER A 744 21.30 -23.40 20.65
N ILE A 745 21.06 -24.32 21.58
CA ILE A 745 20.93 -23.94 22.99
C ILE A 745 22.23 -23.35 23.52
N MET A 746 23.36 -23.97 23.17
CA MET A 746 24.65 -23.56 23.71
C MET A 746 25.14 -22.22 23.16
N GLU A 747 24.41 -21.60 22.23
CA GLU A 747 24.83 -20.32 21.67
C GLU A 747 24.16 -19.12 22.32
N PHE A 748 23.24 -19.33 23.26
CA PHE A 748 22.54 -18.22 23.87
C PHE A 748 23.29 -17.63 25.06
N PHE A 749 24.13 -18.41 25.71
CA PHE A 749 24.83 -17.95 26.90
C PHE A 749 25.96 -16.99 26.55
N VAL A 750 26.20 -16.03 27.43
CA VAL A 750 27.22 -15.01 27.23
C VAL A 750 27.99 -14.82 28.54
N GLY A 751 28.92 -13.87 28.52
CA GLY A 751 29.69 -13.50 29.68
C GLY A 751 30.67 -14.59 30.10
N PRO A 752 30.61 -14.98 31.38
CA PRO A 752 31.50 -16.03 31.87
C PRO A 752 31.15 -17.43 31.38
N ASP A 753 30.09 -17.58 30.57
CA ASP A 753 29.66 -18.88 30.05
C ASP A 753 29.61 -18.78 28.53
N VAL A 754 30.75 -19.04 27.90
CA VAL A 754 30.86 -19.08 26.45
C VAL A 754 31.24 -20.51 26.09
N THR A 755 30.28 -21.27 25.58
CA THR A 755 30.45 -22.70 25.32
C THR A 755 31.16 -22.96 23.99
N THR A 756 31.49 -21.92 23.23
CA THR A 756 32.14 -22.10 21.93
C THR A 756 33.47 -22.83 22.05
N ALA A 757 34.19 -22.60 23.15
CA ALA A 757 35.42 -23.33 23.42
C ALA A 757 35.20 -24.56 24.30
N ILE A 758 34.11 -24.58 25.08
CA ILE A 758 33.82 -25.75 25.90
C ILE A 758 33.47 -26.94 25.01
N ILE A 759 32.74 -26.72 23.92
CA ILE A 759 32.40 -27.82 23.02
C ILE A 759 33.65 -28.35 22.33
N LYS A 760 34.65 -27.49 22.12
CA LYS A 760 35.91 -27.95 21.54
C LYS A 760 36.76 -28.68 22.57
N LYS A 761 36.65 -28.29 23.83
CA LYS A 761 37.37 -29.00 24.90
C LYS A 761 36.78 -30.39 25.15
N ILE A 762 35.54 -30.63 24.71
CA ILE A 762 34.96 -31.97 24.85
C ILE A 762 35.73 -32.93 23.94
N PRO A 763 36.08 -34.12 24.42
CA PRO A 763 36.76 -35.10 23.55
C PRO A 763 35.92 -35.43 22.32
N ALA A 764 36.58 -35.49 21.17
CA ALA A 764 35.88 -35.76 19.92
C ALA A 764 35.20 -37.13 19.91
N THR A 765 35.71 -38.08 20.68
CA THR A 765 35.08 -39.40 20.75
C THR A 765 33.68 -39.30 21.34
N VAL A 766 33.52 -38.53 22.42
CA VAL A 766 32.21 -38.37 23.05
C VAL A 766 31.24 -37.69 22.10
N LYS A 767 31.72 -36.67 21.38
CA LYS A 767 30.86 -35.95 20.44
C LYS A 767 30.42 -36.86 19.30
N SER A 768 31.35 -37.64 18.75
CA SER A 768 31.00 -38.56 17.68
C SER A 768 30.04 -39.63 18.16
N GLY A 769 30.24 -40.14 19.37
CA GLY A 769 29.32 -41.12 19.91
C GLY A 769 27.93 -40.57 20.14
N PHE A 770 27.84 -39.33 20.62
CA PHE A 770 26.55 -38.68 20.81
C PHE A 770 25.85 -38.47 19.46
N THR A 771 26.60 -38.00 18.47
CA THR A 771 26.01 -37.77 17.15
C THR A 771 25.53 -39.08 16.52
N ARG A 772 26.28 -40.17 16.74
CA ARG A 772 25.88 -41.47 16.19
C ARG A 772 24.69 -42.04 16.95
N LYS A 773 24.62 -41.80 18.26
CA LYS A 773 23.51 -42.32 19.06
C LYS A 773 22.21 -41.61 18.73
N TYR A 774 22.27 -40.28 18.56
CA TYR A 774 21.05 -39.55 18.22
C TYR A 774 20.61 -39.81 16.79
N ASN A 775 21.53 -40.27 15.93
CA ASN A 775 21.22 -40.59 14.54
C ASN A 775 20.77 -42.03 14.35
N SER A 776 20.31 -42.69 15.42
CA SER A 776 19.85 -44.07 15.33
C SER A 776 18.41 -44.20 15.82
N THR B 4 -24.99 33.85 -17.84
CA THR B 4 -23.63 33.64 -18.31
C THR B 4 -23.55 32.47 -19.28
N LEU B 5 -22.76 32.63 -20.34
CA LEU B 5 -22.59 31.61 -21.37
C LEU B 5 -21.16 31.15 -21.54
N SER B 6 -20.18 32.05 -21.49
CA SER B 6 -18.78 31.70 -21.68
C SER B 6 -17.90 32.67 -20.89
N LEU B 7 -16.67 32.25 -20.63
CA LEU B 7 -15.70 33.04 -19.89
C LEU B 7 -14.60 33.53 -20.82
N GLN B 8 -13.80 34.45 -20.30
CA GLN B 8 -12.65 34.99 -21.01
C GLN B 8 -11.36 34.34 -20.53
N LEU B 9 -10.34 34.40 -21.37
CA LEU B 9 -9.07 33.79 -21.02
C LEU B 9 -8.39 34.57 -19.91
N PRO B 10 -7.81 33.89 -18.92
CA PRO B 10 -7.10 34.60 -17.85
C PRO B 10 -5.86 35.32 -18.39
N TRP B 11 -5.42 36.32 -17.64
CA TRP B 11 -4.29 37.13 -18.06
C TRP B 11 -2.97 36.36 -18.03
N VAL B 12 -2.89 35.27 -17.27
CA VAL B 12 -1.69 34.45 -17.26
C VAL B 12 -1.58 33.68 -18.57
N GLU B 13 -2.73 33.25 -19.12
CA GLU B 13 -2.72 32.49 -20.36
C GLU B 13 -2.80 33.42 -21.57
N LYS B 14 -3.62 34.47 -21.48
CA LYS B 14 -3.74 35.41 -22.59
C LYS B 14 -2.42 36.12 -22.86
N TYR B 15 -1.81 36.68 -21.81
CA TYR B 15 -0.54 37.38 -21.93
C TYR B 15 0.65 36.46 -21.67
N ARG B 16 0.50 35.16 -21.87
CA ARG B 16 1.62 34.24 -21.79
C ARG B 16 2.63 34.57 -22.87
N PRO B 17 3.91 34.78 -22.51
CA PRO B 17 4.89 35.19 -23.52
C PRO B 17 5.05 34.16 -24.62
N GLN B 18 5.11 34.64 -25.87
CA GLN B 18 5.34 33.79 -27.01
C GLN B 18 6.68 34.03 -27.68
N VAL B 19 7.43 35.04 -27.23
CA VAL B 19 8.77 35.33 -27.73
C VAL B 19 9.70 35.48 -26.53
N LEU B 20 10.94 35.02 -26.69
CA LEU B 20 11.90 35.02 -25.59
C LEU B 20 12.23 36.43 -25.10
N SER B 21 11.91 37.48 -25.87
CA SER B 21 12.17 38.84 -25.41
C SER B 21 11.15 39.28 -24.37
N ASP B 22 9.92 38.77 -24.47
CA ASP B 22 8.87 39.14 -23.53
C ASP B 22 9.07 38.56 -22.13
N ILE B 23 10.03 37.65 -21.97
CA ILE B 23 10.29 37.04 -20.66
C ILE B 23 11.14 37.98 -19.84
N VAL B 24 10.67 38.32 -18.63
CA VAL B 24 11.38 39.23 -17.75
C VAL B 24 12.08 38.44 -16.65
N GLY B 25 12.37 37.17 -16.93
CA GLY B 25 13.04 36.30 -15.98
C GLY B 25 14.52 36.59 -15.86
N ASN B 26 15.29 35.56 -15.53
CA ASN B 26 16.74 35.69 -15.42
C ASN B 26 17.34 36.09 -16.76
N LYS B 27 18.01 37.26 -16.79
CA LYS B 27 18.47 37.81 -18.05
C LYS B 27 19.54 36.93 -18.70
N GLU B 28 20.43 36.35 -17.90
CA GLU B 28 21.53 35.57 -18.46
C GLU B 28 21.03 34.37 -19.25
N THR B 29 20.22 33.53 -18.60
CA THR B 29 19.71 32.34 -19.27
C THR B 29 18.78 32.71 -20.43
N ILE B 30 18.06 33.83 -20.30
CA ILE B 30 17.17 34.25 -21.38
C ILE B 30 17.95 34.62 -22.62
N ASP B 31 19.02 35.42 -22.46
CA ASP B 31 19.86 35.75 -23.60
C ASP B 31 20.58 34.52 -24.13
N ARG B 32 20.95 33.59 -23.25
CA ARG B 32 21.56 32.33 -23.68
C ARG B 32 20.63 31.56 -24.61
N LEU B 33 19.38 31.39 -24.19
CA LEU B 33 18.41 30.66 -25.00
C LEU B 33 18.06 31.42 -26.28
N GLN B 34 18.06 32.76 -26.21
CA GLN B 34 17.82 33.56 -27.41
C GLN B 34 18.93 33.36 -28.44
N GLN B 35 20.18 33.42 -28.00
CA GLN B 35 21.30 33.17 -28.91
C GLN B 35 21.29 31.72 -29.41
N ILE B 36 20.85 30.78 -28.58
CA ILE B 36 20.76 29.38 -29.03
C ILE B 36 19.72 29.26 -30.14
N ALA B 37 18.55 29.88 -29.95
CA ALA B 37 17.51 29.82 -30.98
C ALA B 37 17.93 30.58 -32.23
N LYS B 38 18.76 31.62 -32.09
CA LYS B 38 19.26 32.35 -33.25
C LYS B 38 20.27 31.52 -34.04
N ASP B 39 21.20 30.87 -33.35
CA ASP B 39 22.24 30.09 -34.03
C ASP B 39 21.83 28.65 -34.26
N GLY B 40 21.04 28.07 -33.38
CA GLY B 40 20.67 26.67 -33.50
C GLY B 40 21.53 25.79 -32.61
N ASN B 41 21.54 24.50 -32.95
CA ASN B 41 22.32 23.49 -32.22
C ASN B 41 21.93 23.49 -30.74
N MET B 42 20.64 23.35 -30.49
CA MET B 42 20.15 23.33 -29.11
C MET B 42 20.59 22.03 -28.43
N PRO B 43 21.28 22.11 -27.29
CA PRO B 43 21.69 20.90 -26.58
C PRO B 43 20.61 20.44 -25.60
N HIS B 44 20.82 19.23 -25.07
CA HIS B 44 19.97 18.74 -23.99
C HIS B 44 20.07 19.67 -22.80
N MET B 45 18.92 19.97 -22.18
CA MET B 45 18.90 20.94 -21.10
C MET B 45 17.93 20.49 -20.01
N ILE B 46 18.20 20.95 -18.79
CA ILE B 46 17.34 20.73 -17.64
C ILE B 46 17.17 22.08 -16.95
N ILE B 47 15.95 22.60 -16.94
CA ILE B 47 15.63 23.88 -16.33
C ILE B 47 14.94 23.62 -15.00
N SER B 48 15.57 24.08 -13.92
CA SER B 48 15.05 23.89 -12.58
C SER B 48 14.81 25.24 -11.91
N GLY B 49 13.94 25.23 -10.89
CA GLY B 49 13.63 26.45 -10.18
C GLY B 49 12.42 26.27 -9.29
N MET B 50 11.68 27.36 -9.12
CA MET B 50 10.48 27.41 -8.31
C MET B 50 9.25 27.64 -9.18
N PRO B 51 8.06 27.28 -8.70
CA PRO B 51 6.86 27.44 -9.51
C PRO B 51 6.58 28.91 -9.84
N GLY B 52 6.18 29.14 -11.09
CA GLY B 52 5.75 30.47 -11.51
C GLY B 52 6.88 31.46 -11.68
N ILE B 53 7.93 31.10 -12.42
CA ILE B 53 9.01 32.02 -12.74
C ILE B 53 9.35 32.03 -14.22
N GLY B 54 8.66 31.26 -15.05
CA GLY B 54 8.93 31.27 -16.47
C GLY B 54 9.85 30.15 -16.94
N LYS B 55 9.55 28.92 -16.53
CA LYS B 55 10.33 27.76 -16.97
C LYS B 55 9.66 27.07 -18.17
N THR B 56 8.37 26.74 -18.04
CA THR B 56 7.65 26.11 -19.14
C THR B 56 7.48 27.06 -20.30
N THR B 57 7.17 28.33 -20.02
CA THR B 57 7.05 29.32 -21.08
C THR B 57 8.38 29.53 -21.80
N SER B 58 9.49 29.47 -21.05
CA SER B 58 10.80 29.66 -21.66
C SER B 58 11.12 28.57 -22.67
N VAL B 59 10.92 27.30 -22.27
CA VAL B 59 11.22 26.21 -23.18
C VAL B 59 10.22 26.16 -24.33
N HIS B 60 8.96 26.53 -24.08
CA HIS B 60 7.99 26.61 -25.16
C HIS B 60 8.38 27.65 -26.19
N CYS B 61 8.79 28.84 -25.73
CA CYS B 61 9.23 29.89 -26.64
C CYS B 61 10.48 29.46 -27.40
N LEU B 62 11.42 28.81 -26.72
CA LEU B 62 12.63 28.34 -27.39
C LEU B 62 12.30 27.35 -28.49
N ALA B 63 11.45 26.36 -28.18
CA ALA B 63 11.08 25.36 -29.18
C ALA B 63 10.33 25.99 -30.35
N HIS B 64 9.40 26.90 -30.06
CA HIS B 64 8.66 27.56 -31.12
C HIS B 64 9.58 28.36 -32.04
N GLU B 65 10.45 29.18 -31.46
CA GLU B 65 11.35 30.00 -32.27
C GLU B 65 12.35 29.15 -33.03
N LEU B 66 12.74 28.00 -32.46
CA LEU B 66 13.72 27.16 -33.11
C LEU B 66 13.13 26.31 -34.22
N LEU B 67 11.85 25.95 -34.13
CA LEU B 67 11.24 25.06 -35.12
C LEU B 67 10.37 25.78 -36.14
N GLY B 68 9.98 27.03 -35.88
CA GLY B 68 9.17 27.74 -36.87
C GLY B 68 7.82 27.07 -37.07
N ARG B 69 7.52 26.73 -38.32
CA ARG B 69 6.27 26.05 -38.64
C ARG B 69 6.32 24.54 -38.38
N SER B 70 7.52 23.97 -38.25
CA SER B 70 7.66 22.54 -38.00
C SER B 70 7.47 22.18 -36.53
N TYR B 71 6.93 23.09 -35.72
CA TYR B 71 6.73 22.81 -34.30
C TYR B 71 5.74 21.66 -34.10
N ALA B 72 4.74 21.57 -34.97
CA ALA B 72 3.70 20.55 -34.80
C ALA B 72 4.25 19.14 -34.95
N ASP B 73 5.14 18.94 -35.92
CA ASP B 73 5.66 17.62 -36.24
C ASP B 73 7.09 17.40 -35.77
N GLY B 74 7.69 18.37 -35.08
CA GLY B 74 9.05 18.21 -34.62
C GLY B 74 9.22 18.28 -33.11
N VAL B 75 8.16 18.66 -32.40
CA VAL B 75 8.18 18.81 -30.96
C VAL B 75 7.26 17.76 -30.35
N LEU B 76 7.77 17.01 -29.38
CA LEU B 76 7.01 16.00 -28.65
C LEU B 76 6.86 16.47 -27.21
N GLU B 77 5.64 16.88 -26.83
CA GLU B 77 5.35 17.38 -25.49
C GLU B 77 4.81 16.24 -24.65
N LEU B 78 5.40 16.03 -23.47
CA LEU B 78 4.91 15.06 -22.51
C LEU B 78 4.90 15.71 -21.13
N ASN B 79 3.71 15.83 -20.55
CA ASN B 79 3.55 16.45 -19.24
C ASN B 79 3.39 15.35 -18.19
N ALA B 80 3.26 15.75 -16.92
CA ALA B 80 2.97 14.80 -15.85
C ALA B 80 1.55 14.27 -15.92
N SER B 81 0.67 14.92 -16.69
CA SER B 81 -0.69 14.44 -16.88
C SER B 81 -0.77 13.22 -17.78
N ASP B 82 0.27 12.96 -18.57
CA ASP B 82 0.32 11.79 -19.43
C ASP B 82 1.20 10.71 -18.81
N ASP B 83 0.95 9.47 -19.21
CA ASP B 83 1.78 8.36 -18.75
C ASP B 83 3.20 8.53 -19.26
N ARG B 84 4.16 8.52 -18.33
CA ARG B 84 5.56 8.72 -18.66
C ARG B 84 6.41 7.64 -17.97
N GLY B 85 5.96 6.40 -18.07
CA GLY B 85 6.64 5.28 -17.46
C GLY B 85 7.70 4.69 -18.36
N ILE B 86 8.12 3.47 -18.00
CA ILE B 86 9.16 2.78 -18.78
C ILE B 86 8.63 2.40 -20.16
N ASP B 87 7.35 2.01 -20.22
CA ASP B 87 6.78 1.58 -21.50
C ASP B 87 6.69 2.73 -22.48
N VAL B 88 6.30 3.92 -22.01
CA VAL B 88 6.19 5.07 -22.88
C VAL B 88 7.57 5.47 -23.40
N VAL B 89 8.56 5.55 -22.52
CA VAL B 89 9.92 5.89 -22.94
C VAL B 89 10.45 4.84 -23.92
N ARG B 90 10.09 3.58 -23.71
CA ARG B 90 10.58 2.51 -24.58
C ARG B 90 9.97 2.60 -25.97
N ASN B 91 8.65 2.85 -26.05
CA ASN B 91 7.96 2.79 -27.33
C ASN B 91 7.86 4.16 -28.00
N GLN B 92 7.15 5.10 -27.37
CA GLN B 92 6.76 6.33 -28.05
C GLN B 92 7.93 7.30 -28.20
N ILE B 93 8.70 7.50 -27.13
CA ILE B 93 9.83 8.41 -27.20
C ILE B 93 10.88 7.88 -28.17
N LYS B 94 11.11 6.57 -28.18
CA LYS B 94 12.07 5.99 -29.10
C LYS B 94 11.58 6.06 -30.54
N HIS B 95 10.27 5.88 -30.76
CA HIS B 95 9.73 6.02 -32.11
C HIS B 95 9.81 7.46 -32.59
N PHE B 96 9.63 8.43 -31.70
CA PHE B 96 9.76 9.83 -32.09
C PHE B 96 11.21 10.19 -32.37
N ALA B 97 12.15 9.68 -31.57
CA ALA B 97 13.56 9.97 -31.81
C ALA B 97 14.07 9.29 -33.08
N GLN B 98 13.55 8.10 -33.40
CA GLN B 98 13.94 7.41 -34.62
C GLN B 98 13.18 7.89 -35.84
N LYS B 99 12.15 8.74 -35.65
CA LYS B 99 11.34 9.21 -36.77
C LYS B 99 12.17 10.07 -37.72
N LYS B 100 11.97 9.84 -39.02
CA LYS B 100 12.66 10.62 -40.04
C LYS B 100 11.91 11.94 -40.27
N LEU B 101 12.66 13.03 -40.34
CA LEU B 101 12.07 14.35 -40.53
C LEU B 101 13.12 15.27 -41.17
N HIS B 102 12.74 15.90 -42.28
CA HIS B 102 13.63 16.83 -42.98
C HIS B 102 13.53 18.19 -42.32
N LEU B 103 14.59 18.61 -41.65
CA LEU B 103 14.66 19.87 -40.93
C LEU B 103 15.79 20.72 -41.48
N PRO B 104 15.77 22.03 -41.24
CA PRO B 104 16.89 22.89 -41.65
C PRO B 104 18.20 22.40 -41.05
N PRO B 105 19.34 22.82 -41.62
CA PRO B 105 20.63 22.29 -41.17
C PRO B 105 21.10 22.88 -39.84
N GLY B 106 20.21 23.54 -39.13
CA GLY B 106 20.55 24.11 -37.84
C GLY B 106 19.56 23.78 -36.75
N LYS B 107 18.54 23.00 -37.07
CA LYS B 107 17.47 22.66 -36.14
C LYS B 107 17.50 21.17 -35.81
N HIS B 108 16.77 20.81 -34.76
CA HIS B 108 16.66 19.43 -34.32
C HIS B 108 15.29 19.19 -33.70
N LYS B 109 14.89 17.92 -33.66
CA LYS B 109 13.64 17.56 -33.01
C LYS B 109 13.78 17.71 -31.50
N ILE B 110 12.76 18.30 -30.88
CA ILE B 110 12.77 18.63 -29.46
C ILE B 110 11.76 17.77 -28.73
N VAL B 111 12.18 17.17 -27.62
CA VAL B 111 11.31 16.40 -26.74
C VAL B 111 11.20 17.17 -25.43
N ILE B 112 10.06 17.84 -25.23
CA ILE B 112 9.81 18.61 -24.03
C ILE B 112 9.14 17.69 -23.01
N LEU B 113 9.71 17.62 -21.81
CA LEU B 113 9.20 16.78 -20.74
C LEU B 113 8.93 17.66 -19.53
N ASP B 114 7.68 18.07 -19.37
CA ASP B 114 7.30 18.91 -18.24
C ASP B 114 7.18 18.08 -16.98
N GLU B 115 7.56 18.68 -15.85
CA GLU B 115 7.57 18.01 -14.56
C GLU B 115 8.45 16.75 -14.59
N ALA B 116 9.71 16.94 -14.97
CA ALA B 116 10.63 15.81 -15.07
C ALA B 116 10.96 15.20 -13.72
N ASP B 117 10.71 15.91 -12.63
CA ASP B 117 10.98 15.39 -11.29
C ASP B 117 9.97 14.33 -10.86
N SER B 118 8.96 14.04 -11.67
CA SER B 118 7.96 13.03 -11.35
C SER B 118 8.13 11.73 -12.10
N MET B 119 9.06 11.67 -13.06
CA MET B 119 9.27 10.45 -13.81
C MET B 119 9.91 9.38 -12.93
N THR B 120 9.52 8.13 -13.16
CA THR B 120 10.03 7.02 -12.37
C THR B 120 11.51 6.78 -12.66
N ALA B 121 12.15 6.00 -11.79
CA ALA B 121 13.56 5.70 -11.96
C ALA B 121 13.83 4.86 -13.20
N GLY B 122 12.93 3.93 -13.51
CA GLY B 122 13.13 3.09 -14.69
C GLY B 122 13.09 3.88 -15.98
N ALA B 123 12.11 4.77 -16.10
CA ALA B 123 12.00 5.61 -17.30
C ALA B 123 13.21 6.52 -17.44
N GLN B 124 13.64 7.12 -16.32
CA GLN B 124 14.81 8.00 -16.35
C GLN B 124 16.07 7.23 -16.73
N GLN B 125 16.18 5.98 -16.27
CA GLN B 125 17.34 5.17 -16.63
C GLN B 125 17.31 4.78 -18.10
N ALA B 126 16.11 4.45 -18.61
CA ALA B 126 15.99 4.06 -20.01
C ALA B 126 16.21 5.24 -20.94
N LEU B 127 15.91 6.45 -20.47
CA LEU B 127 16.07 7.64 -21.30
C LEU B 127 17.53 7.96 -21.62
N ARG B 128 18.48 7.39 -20.87
CA ARG B 128 19.89 7.72 -21.06
C ARG B 128 20.36 7.35 -22.46
N ARG B 129 20.33 6.06 -22.78
CA ARG B 129 20.77 5.64 -24.12
C ARG B 129 19.80 6.14 -25.19
N THR B 130 18.54 6.35 -24.83
CA THR B 130 17.57 6.88 -25.78
C THR B 130 17.98 8.27 -26.26
N MET B 131 18.45 9.11 -25.35
CA MET B 131 18.95 10.43 -25.70
C MET B 131 20.39 10.42 -26.18
N GLU B 132 21.14 9.35 -25.91
CA GLU B 132 22.52 9.26 -26.34
C GLU B 132 22.69 8.76 -27.77
N LEU B 133 21.91 7.77 -28.21
CA LEU B 133 22.03 7.24 -29.56
C LEU B 133 21.39 8.14 -30.62
N TYR B 134 20.47 9.01 -30.23
CA TYR B 134 19.80 9.90 -31.18
C TYR B 134 20.04 11.36 -30.81
N SER B 135 21.24 11.68 -30.35
CA SER B 135 21.61 13.05 -29.96
C SER B 135 21.98 13.92 -31.16
N ASN B 136 21.86 13.42 -32.39
CA ASN B 136 22.15 14.20 -33.58
C ASN B 136 20.89 14.58 -34.35
N SER B 137 19.74 14.03 -33.97
CA SER B 137 18.48 14.39 -34.61
C SER B 137 17.35 14.55 -33.60
N THR B 138 17.63 14.43 -32.30
CA THR B 138 16.62 14.58 -31.27
C THR B 138 17.27 15.17 -30.02
N ARG B 139 16.65 16.20 -29.47
CA ARG B 139 17.16 16.88 -28.29
C ARG B 139 16.12 16.87 -27.19
N PHE B 140 16.58 16.83 -25.94
CA PHE B 140 15.70 16.68 -24.78
C PHE B 140 15.79 17.93 -23.90
N ALA B 141 14.61 18.45 -23.53
CA ALA B 141 14.51 19.59 -22.63
C ALA B 141 13.60 19.22 -21.47
N PHE B 142 14.16 19.14 -20.28
CA PHE B 142 13.44 18.81 -19.06
C PHE B 142 13.12 20.11 -18.32
N ALA B 143 11.94 20.17 -17.73
CA ALA B 143 11.53 21.30 -16.90
C ALA B 143 11.00 20.77 -15.57
N CYS B 144 11.74 21.05 -14.50
CA CYS B 144 11.41 20.50 -13.19
C CYS B 144 11.57 21.59 -12.14
N ASN B 145 11.18 21.26 -10.91
CA ASN B 145 11.33 22.15 -9.77
C ASN B 145 12.46 21.73 -8.84
N GLN B 146 12.79 20.43 -8.79
CA GLN B 146 13.87 19.92 -7.97
C GLN B 146 14.82 19.13 -8.87
N SER B 147 16.01 19.68 -9.12
CA SER B 147 16.98 18.99 -9.97
C SER B 147 17.52 17.74 -9.30
N ASN B 148 17.42 17.64 -7.98
CA ASN B 148 17.90 16.47 -7.26
C ASN B 148 17.07 15.22 -7.53
N LYS B 149 15.82 15.38 -7.97
CA LYS B 149 14.98 14.23 -8.27
C LYS B 149 15.38 13.52 -9.57
N ILE B 150 16.14 14.20 -10.43
CA ILE B 150 16.61 13.61 -11.68
C ILE B 150 17.97 12.97 -11.42
N ILE B 151 18.15 11.74 -11.93
CA ILE B 151 19.37 11.00 -11.66
C ILE B 151 20.58 11.73 -12.23
N GLU B 152 21.74 11.51 -11.61
CA GLU B 152 22.97 12.15 -12.08
C GLU B 152 23.40 11.73 -13.49
N PRO B 153 23.24 10.47 -13.92
CA PRO B 153 23.56 10.17 -15.33
C PRO B 153 22.79 11.01 -16.33
N LEU B 154 21.51 11.29 -16.07
CA LEU B 154 20.76 12.15 -16.98
C LEU B 154 21.26 13.59 -16.94
N GLN B 155 21.61 14.07 -15.75
CA GLN B 155 22.11 15.44 -15.62
C GLN B 155 23.49 15.59 -16.26
N SER B 156 24.24 14.49 -16.38
CA SER B 156 25.58 14.55 -16.95
C SER B 156 25.57 14.76 -18.46
N ARG B 157 24.48 14.43 -19.13
CA ARG B 157 24.38 14.53 -20.58
C ARG B 157 23.71 15.80 -21.05
N CYS B 158 23.46 16.76 -20.16
CA CYS B 158 22.69 17.94 -20.51
C CYS B 158 23.22 19.16 -19.77
N ALA B 159 22.84 20.34 -20.26
CA ALA B 159 23.12 21.57 -19.57
C ALA B 159 22.15 21.75 -18.40
N ILE B 160 22.57 22.53 -17.40
CA ILE B 160 21.79 22.77 -16.20
C ILE B 160 21.52 24.26 -16.10
N LEU B 161 20.23 24.64 -16.17
CA LEU B 161 19.82 26.03 -16.06
C LEU B 161 18.96 26.18 -14.81
N ARG B 162 19.51 26.85 -13.80
CA ARG B 162 18.83 27.08 -12.53
C ARG B 162 18.21 28.47 -12.56
N TYR B 163 16.88 28.52 -12.63
CA TYR B 163 16.16 29.78 -12.61
C TYR B 163 15.97 30.26 -11.17
N SER B 164 16.10 31.57 -10.97
CA SER B 164 16.03 32.18 -9.66
C SER B 164 14.74 32.98 -9.52
N LYS B 165 14.50 33.47 -8.31
CA LYS B 165 13.32 34.29 -8.04
C LYS B 165 13.40 35.59 -8.83
N LEU B 166 12.22 36.14 -9.12
CA LEU B 166 12.11 37.38 -9.87
C LEU B 166 12.16 38.56 -8.91
N SER B 167 13.09 39.47 -9.14
CA SER B 167 13.23 40.64 -8.29
C SER B 167 12.01 41.54 -8.41
N ASP B 168 11.94 42.54 -7.51
CA ASP B 168 10.80 43.44 -7.48
C ASP B 168 10.65 44.20 -8.79
N GLU B 169 11.79 44.60 -9.38
CA GLU B 169 11.76 45.45 -10.57
C GLU B 169 11.14 44.72 -11.75
N ASP B 170 11.50 43.44 -11.94
CA ASP B 170 11.01 42.70 -13.11
C ASP B 170 9.51 42.49 -13.04
N VAL B 171 9.00 42.07 -11.87
CA VAL B 171 7.57 41.84 -11.73
C VAL B 171 6.81 43.16 -11.83
N LEU B 172 7.39 44.24 -11.28
CA LEU B 172 6.76 45.55 -11.41
C LEU B 172 6.68 45.98 -12.86
N LYS B 173 7.75 45.75 -13.63
CA LYS B 173 7.75 46.12 -15.04
C LYS B 173 6.72 45.30 -15.83
N ARG B 174 6.65 43.99 -15.55
CA ARG B 174 5.68 43.16 -16.24
C ARG B 174 4.25 43.57 -15.90
N LEU B 175 3.99 43.89 -14.63
CA LEU B 175 2.65 44.33 -14.25
C LEU B 175 2.30 45.67 -14.87
N LEU B 176 3.28 46.57 -14.98
CA LEU B 176 3.03 47.85 -15.65
C LEU B 176 2.73 47.64 -17.12
N GLN B 177 3.44 46.72 -17.77
CA GLN B 177 3.15 46.40 -19.16
C GLN B 177 1.74 45.83 -19.31
N ILE B 178 1.34 44.94 -18.40
CA ILE B 178 0.00 44.36 -18.47
C ILE B 178 -1.06 45.44 -18.25
N ILE B 179 -0.82 46.36 -17.31
CA ILE B 179 -1.79 47.42 -17.05
C ILE B 179 -1.91 48.33 -18.26
N LYS B 180 -0.78 48.66 -18.88
CA LYS B 180 -0.81 49.49 -20.09
C LYS B 180 -1.56 48.79 -21.21
N LEU B 181 -1.39 47.47 -21.32
CA LEU B 181 -2.08 46.71 -22.35
C LEU B 181 -3.55 46.48 -22.03
N GLU B 182 -3.97 46.67 -20.77
CA GLU B 182 -5.35 46.41 -20.38
C GLU B 182 -6.12 47.65 -19.92
N ASP B 183 -5.44 48.79 -19.73
CA ASP B 183 -6.08 50.05 -19.35
C ASP B 183 -6.83 49.87 -18.01
N VAL B 184 -6.04 49.63 -16.97
CA VAL B 184 -6.55 49.40 -15.62
C VAL B 184 -6.16 50.58 -14.74
N LYS B 185 -7.07 50.97 -13.86
CA LYS B 185 -6.79 52.00 -12.87
C LYS B 185 -6.05 51.38 -11.68
N TYR B 186 -4.90 51.94 -11.34
CA TYR B 186 -4.05 51.38 -10.29
C TYR B 186 -3.44 52.52 -9.48
N THR B 187 -2.65 52.14 -8.48
CA THR B 187 -1.92 53.08 -7.66
C THR B 187 -0.63 52.42 -7.19
N ASN B 188 0.33 53.24 -6.75
CA ASN B 188 1.64 52.70 -6.37
C ASN B 188 1.55 51.76 -5.19
N ASP B 189 0.78 52.11 -4.15
CA ASP B 189 0.68 51.25 -2.98
C ASP B 189 -0.03 49.95 -3.31
N GLY B 190 -0.99 49.97 -4.24
CA GLY B 190 -1.65 48.74 -4.65
C GLY B 190 -0.71 47.78 -5.35
N LEU B 191 0.10 48.29 -6.29
CA LEU B 191 1.09 47.45 -6.94
C LEU B 191 2.14 46.95 -5.96
N GLU B 192 2.52 47.81 -4.99
CA GLU B 192 3.47 47.38 -3.97
C GLU B 192 2.91 46.23 -3.15
N ALA B 193 1.64 46.32 -2.75
CA ALA B 193 1.01 45.23 -2.00
C ALA B 193 0.89 43.97 -2.84
N ILE B 194 0.60 44.12 -4.13
CA ILE B 194 0.52 42.97 -5.02
C ILE B 194 1.88 42.25 -5.09
N ILE B 195 2.95 43.01 -5.31
CA ILE B 195 4.28 42.43 -5.40
C ILE B 195 4.69 41.82 -4.06
N PHE B 196 4.27 42.44 -2.96
CA PHE B 196 4.59 41.92 -1.65
C PHE B 196 3.91 40.58 -1.40
N THR B 197 2.64 40.47 -1.80
CA THR B 197 1.91 39.21 -1.66
C THR B 197 2.29 38.18 -2.72
N ALA B 198 3.03 38.58 -3.76
CA ALA B 198 3.42 37.64 -4.80
C ALA B 198 4.60 36.78 -4.36
N GLU B 199 5.60 37.38 -3.72
CA GLU B 199 6.81 36.68 -3.27
C GLU B 199 7.53 36.04 -4.46
N GLY B 200 7.91 36.88 -5.43
CA GLY B 200 8.66 36.42 -6.57
C GLY B 200 7.93 35.48 -7.50
N ASP B 201 6.61 35.34 -7.32
CA ASP B 201 5.79 34.46 -8.14
C ASP B 201 5.06 35.31 -9.17
N MET B 202 5.54 35.28 -10.42
CA MET B 202 4.94 36.09 -11.47
C MET B 202 3.53 35.62 -11.80
N ARG B 203 3.33 34.31 -11.90
CA ARG B 203 2.00 33.77 -12.18
C ARG B 203 1.01 34.15 -11.09
N GLN B 204 1.41 33.98 -9.83
CA GLN B 204 0.54 34.36 -8.72
C GLN B 204 0.29 35.87 -8.72
N ALA B 205 1.30 36.66 -9.09
CA ALA B 205 1.13 38.11 -9.14
C ALA B 205 0.09 38.50 -10.19
N ILE B 206 0.19 37.93 -11.39
CA ILE B 206 -0.77 38.25 -12.44
C ILE B 206 -2.15 37.74 -12.08
N ASN B 207 -2.24 36.58 -11.43
CA ASN B 207 -3.53 36.05 -11.02
C ASN B 207 -4.19 36.96 -9.98
N ASN B 208 -3.42 37.40 -8.98
CA ASN B 208 -3.96 38.30 -7.97
C ASN B 208 -4.36 39.64 -8.58
N LEU B 209 -3.57 40.14 -9.53
CA LEU B 209 -3.91 41.39 -10.20
C LEU B 209 -5.23 41.24 -10.95
N GLN B 210 -5.39 40.18 -11.73
CA GLN B 210 -6.62 39.98 -12.49
C GLN B 210 -7.82 39.79 -11.56
N SER B 211 -7.62 39.06 -10.46
CA SER B 211 -8.72 38.85 -9.52
C SER B 211 -9.14 40.16 -8.86
N THR B 212 -8.16 40.97 -8.46
CA THR B 212 -8.48 42.27 -7.86
C THR B 212 -9.20 43.17 -8.87
N VAL B 213 -8.76 43.15 -10.14
CA VAL B 213 -9.40 43.97 -11.16
C VAL B 213 -10.84 43.54 -11.36
N ALA B 214 -11.07 42.23 -11.50
CA ALA B 214 -12.42 41.73 -11.75
C ALA B 214 -13.30 41.79 -10.51
N GLY B 215 -12.73 41.96 -9.33
CA GLY B 215 -13.53 42.04 -8.12
C GLY B 215 -13.84 43.44 -7.64
N HIS B 216 -12.92 44.39 -7.88
CA HIS B 216 -13.12 45.76 -7.43
C HIS B 216 -12.88 46.81 -8.50
N GLY B 217 -12.12 46.54 -9.54
CA GLY B 217 -11.86 47.49 -10.60
C GLY B 217 -10.63 48.36 -10.40
N LEU B 218 -10.41 48.82 -9.19
CA LEU B 218 -9.27 49.67 -8.86
C LEU B 218 -8.26 48.85 -8.07
N VAL B 219 -7.01 48.85 -8.52
CA VAL B 219 -5.95 48.10 -7.88
C VAL B 219 -5.34 48.95 -6.76
N ASN B 220 -5.91 48.87 -5.57
CA ASN B 220 -5.44 49.63 -4.43
C ASN B 220 -5.05 48.67 -3.30
N ALA B 221 -4.15 49.13 -2.43
CA ALA B 221 -3.63 48.26 -1.37
C ALA B 221 -4.75 47.76 -0.46
N ASP B 222 -5.76 48.60 -0.20
CA ASP B 222 -6.89 48.18 0.61
C ASP B 222 -7.64 47.03 -0.05
N ASN B 223 -7.94 47.16 -1.34
CA ASN B 223 -8.63 46.09 -2.06
C ASN B 223 -7.80 44.83 -2.10
N VAL B 224 -6.51 44.96 -2.40
CA VAL B 224 -5.62 43.80 -2.49
C VAL B 224 -5.56 43.07 -1.16
N PHE B 225 -5.53 43.83 -0.06
CA PHE B 225 -5.43 43.21 1.26
C PHE B 225 -6.76 42.61 1.68
N LYS B 226 -7.89 43.18 1.24
CA LYS B 226 -9.18 42.64 1.63
C LYS B 226 -9.56 41.42 0.81
N ILE B 227 -9.03 41.28 -0.41
CA ILE B 227 -9.31 40.14 -1.25
C ILE B 227 -8.23 39.07 -1.11
N VAL B 228 -6.99 39.46 -0.82
CA VAL B 228 -5.89 38.54 -0.61
C VAL B 228 -5.26 38.84 0.74
N ASP B 229 -5.23 37.84 1.62
CA ASP B 229 -4.67 38.03 2.95
C ASP B 229 -3.15 38.16 2.87
N SER B 230 -2.57 38.66 3.95
CA SER B 230 -1.13 38.82 4.02
C SER B 230 -0.45 37.46 3.96
N PRO B 231 0.80 37.38 3.50
CA PRO B 231 1.49 36.09 3.40
C PRO B 231 1.52 35.36 4.73
N HIS B 232 1.23 34.05 4.68
CA HIS B 232 1.16 33.26 5.90
C HIS B 232 2.50 33.18 6.64
N PRO B 233 3.64 32.91 6.00
CA PRO B 233 4.88 32.77 6.76
C PRO B 233 5.33 34.04 7.46
N LEU B 234 4.96 35.23 6.96
CA LEU B 234 5.47 36.46 7.56
C LEU B 234 4.85 36.72 8.92
N ILE B 235 3.53 36.49 9.05
CA ILE B 235 2.89 36.65 10.35
C ILE B 235 3.43 35.63 11.34
N VAL B 236 3.70 34.41 10.88
CA VAL B 236 4.27 33.39 11.77
C VAL B 236 5.66 33.80 12.22
N LYS B 237 6.46 34.36 11.31
CA LYS B 237 7.80 34.83 11.67
C LYS B 237 7.72 35.95 12.70
N LYS B 238 6.81 36.91 12.47
CA LYS B 238 6.63 37.99 13.43
C LYS B 238 6.14 37.47 14.78
N MET B 239 5.36 36.39 14.79
CA MET B 239 4.90 35.80 16.04
C MET B 239 6.05 35.13 16.78
N LEU B 240 6.88 34.38 16.05
CA LEU B 240 8.01 33.70 16.70
C LEU B 240 9.09 34.66 17.12
N LEU B 241 9.31 35.73 16.35
CA LEU B 241 10.34 36.71 16.67
C LEU B 241 9.89 37.74 17.70
N ALA B 242 8.72 37.54 18.32
CA ALA B 242 8.26 38.48 19.34
C ALA B 242 9.16 38.44 20.55
N SER B 243 9.30 39.59 21.22
CA SER B 243 10.16 39.70 22.38
C SER B 243 9.44 39.37 23.69
N ASN B 244 8.15 39.68 23.78
CA ASN B 244 7.37 39.41 24.98
C ASN B 244 6.32 38.37 24.68
N LEU B 245 5.96 37.59 25.71
CA LEU B 245 5.04 36.48 25.51
C LEU B 245 3.64 36.96 25.15
N GLU B 246 3.17 38.04 25.78
CA GLU B 246 1.83 38.55 25.51
C GLU B 246 1.66 39.02 24.07
N ASP B 247 2.70 39.63 23.49
CA ASP B 247 2.61 40.06 22.10
C ASP B 247 2.46 38.87 21.16
N SER B 248 3.28 37.84 21.35
CA SER B 248 3.17 36.64 20.53
C SER B 248 1.82 35.96 20.72
N ILE B 249 1.31 35.93 21.95
CA ILE B 249 0.00 35.32 22.21
C ILE B 249 -1.09 36.09 21.51
N GLN B 250 -1.05 37.43 21.57
CA GLN B 250 -2.07 38.24 20.90
C GLN B 250 -1.99 38.08 19.39
N ILE B 251 -0.77 37.98 18.84
CA ILE B 251 -0.62 37.77 17.41
C ILE B 251 -1.22 36.43 17.00
N LEU B 252 -0.88 35.37 17.74
CA LEU B 252 -1.42 34.04 17.44
C LEU B 252 -2.94 34.02 17.54
N ARG B 253 -3.48 34.74 18.53
CA ARG B 253 -4.93 34.74 18.72
C ARG B 253 -5.64 35.50 17.60
N THR B 254 -5.21 36.73 17.33
CA THR B 254 -5.95 37.58 16.40
C THR B 254 -5.65 37.23 14.95
N ASP B 255 -4.37 37.16 14.58
CA ASP B 255 -4.01 37.03 13.18
C ASP B 255 -4.25 35.61 12.66
N LEU B 256 -3.90 34.60 13.45
CA LEU B 256 -3.95 33.22 12.99
C LEU B 256 -5.19 32.47 13.47
N TRP B 257 -5.47 32.47 14.76
CA TRP B 257 -6.55 31.64 15.30
C TRP B 257 -7.93 32.24 15.03
N LYS B 258 -8.07 33.56 15.12
CA LYS B 258 -9.38 34.19 14.89
C LYS B 258 -9.72 34.31 13.42
N LYS B 259 -8.80 33.97 12.52
CA LYS B 259 -9.05 34.07 11.08
C LYS B 259 -9.29 32.71 10.43
N GLY B 260 -9.22 31.63 11.19
CA GLY B 260 -9.55 30.31 10.68
C GLY B 260 -8.37 29.47 10.25
N TYR B 261 -7.15 29.82 10.63
CA TYR B 261 -5.99 29.02 10.28
C TYR B 261 -5.90 27.80 11.18
N SER B 262 -5.83 26.62 10.56
CA SER B 262 -5.76 25.37 11.32
C SER B 262 -4.44 25.27 12.09
N SER B 263 -4.48 24.51 13.18
CA SER B 263 -3.30 24.36 14.02
C SER B 263 -2.18 23.64 13.29
N ILE B 264 -2.53 22.70 12.42
CA ILE B 264 -1.50 21.98 11.66
C ILE B 264 -0.75 22.93 10.74
N ASP B 265 -1.48 23.79 10.04
CA ASP B 265 -0.84 24.78 9.19
C ASP B 265 0.04 25.72 10.00
N ILE B 266 -0.43 26.14 11.18
CA ILE B 266 0.34 27.05 12.01
C ILE B 266 1.64 26.40 12.46
N VAL B 267 1.58 25.15 12.92
CA VAL B 267 2.80 24.50 13.43
C VAL B 267 3.74 24.18 12.29
N THR B 268 3.21 23.84 11.11
CA THR B 268 4.07 23.58 9.97
C THR B 268 4.77 24.85 9.51
N THR B 269 4.05 25.97 9.48
CA THR B 269 4.66 27.23 9.10
C THR B 269 5.70 27.67 10.13
N SER B 270 5.42 27.44 11.42
CA SER B 270 6.40 27.76 12.45
C SER B 270 7.66 26.92 12.28
N PHE B 271 7.50 25.63 12.02
CA PHE B 271 8.66 24.77 11.78
C PHE B 271 9.46 25.25 10.58
N ARG B 272 8.78 25.56 9.48
CA ARG B 272 9.49 26.00 8.27
C ARG B 272 10.20 27.34 8.50
N VAL B 273 9.57 28.27 9.22
CA VAL B 273 10.19 29.57 9.48
C VAL B 273 11.41 29.41 10.38
N THR B 274 11.28 28.60 11.44
CA THR B 274 12.43 28.36 12.32
C THR B 274 13.55 27.64 11.59
N LYS B 275 13.21 26.77 10.63
CA LYS B 275 14.24 26.12 9.84
C LYS B 275 14.96 27.12 8.93
N ASN B 276 14.20 28.00 8.28
CA ASN B 276 14.77 28.99 7.37
C ASN B 276 15.10 30.31 8.07
N LEU B 277 15.15 30.32 9.40
CA LEU B 277 15.45 31.55 10.12
C LEU B 277 16.95 31.81 10.14
N ALA B 278 17.32 33.09 10.17
CA ALA B 278 18.71 33.50 10.22
C ALA B 278 19.00 34.59 11.23
N GLN B 279 18.00 35.07 11.96
CA GLN B 279 18.21 36.15 12.92
C GLN B 279 18.91 35.64 14.17
N VAL B 280 18.55 34.44 14.62
CA VAL B 280 19.07 33.88 15.86
C VAL B 280 20.09 32.79 15.53
N LYS B 281 20.77 32.33 16.58
CA LYS B 281 21.87 31.39 16.42
C LYS B 281 21.36 30.01 16.05
N GLU B 282 22.31 29.07 15.93
CA GLU B 282 21.99 27.72 15.49
C GLU B 282 21.40 26.89 16.63
N SER B 283 21.98 27.00 17.82
CA SER B 283 21.52 26.17 18.94
C SER B 283 20.11 26.55 19.37
N VAL B 284 19.83 27.85 19.46
CA VAL B 284 18.50 28.29 19.85
C VAL B 284 17.48 27.94 18.77
N ARG B 285 17.91 27.99 17.50
CA ARG B 285 17.03 27.55 16.42
C ARG B 285 16.72 26.06 16.53
N LEU B 286 17.72 25.25 16.87
CA LEU B 286 17.49 23.82 17.03
C LEU B 286 16.58 23.53 18.21
N GLU B 287 16.73 24.28 19.30
CA GLU B 287 15.84 24.10 20.45
C GLU B 287 14.41 24.51 20.11
N MET B 288 14.24 25.60 19.37
CA MET B 288 12.91 26.02 18.95
C MET B 288 12.29 24.99 18.02
N ILE B 289 13.09 24.42 17.11
CA ILE B 289 12.60 23.37 16.22
C ILE B 289 12.20 22.14 17.03
N LYS B 290 12.98 21.81 18.06
CA LYS B 290 12.64 20.69 18.94
C LYS B 290 11.29 20.92 19.62
N GLU B 291 11.08 22.11 20.16
CA GLU B 291 9.81 22.40 20.81
C GLU B 291 8.65 22.40 19.82
N ILE B 292 8.88 22.93 18.61
CA ILE B 292 7.83 22.96 17.60
C ILE B 292 7.48 21.54 17.17
N GLY B 293 8.47 20.66 17.10
CA GLY B 293 8.19 19.27 16.76
C GLY B 293 7.48 18.53 17.89
N LEU B 294 7.84 18.83 19.13
CA LEU B 294 7.12 18.27 20.26
C LEU B 294 5.66 18.69 20.24
N THR B 295 5.40 19.94 19.83
CA THR B 295 4.03 20.41 19.71
C THR B 295 3.32 19.73 18.53
N HIS B 296 4.03 19.57 17.41
CA HIS B 296 3.45 18.94 16.23
C HIS B 296 3.07 17.49 16.50
N MET B 297 3.85 16.80 17.34
CA MET B 297 3.52 15.43 17.70
C MET B 297 2.19 15.35 18.45
N ARG B 298 1.80 16.39 19.17
CA ARG B 298 0.49 16.43 19.79
C ARG B 298 -0.58 16.92 18.83
N ILE B 299 -0.23 17.84 17.94
CA ILE B 299 -1.20 18.32 16.95
C ILE B 299 -1.65 17.19 16.03
N LEU B 300 -0.72 16.31 15.64
CA LEU B 300 -1.07 15.22 14.74
C LEU B 300 -1.91 14.15 15.42
N GLU B 301 -1.81 14.02 16.74
CA GLU B 301 -2.58 13.04 17.48
C GLU B 301 -4.02 13.47 17.74
N GLY B 302 -4.43 14.62 17.24
CA GLY B 302 -5.78 15.11 17.43
C GLY B 302 -5.97 16.01 18.63
N VAL B 303 -4.90 16.48 19.26
CA VAL B 303 -4.98 17.33 20.44
C VAL B 303 -4.74 18.77 20.01
N GLY B 304 -4.99 19.06 18.73
CA GLY B 304 -4.70 20.38 18.20
C GLY B 304 -5.71 21.42 18.62
N THR B 305 -5.29 22.31 19.51
CA THR B 305 -6.13 23.39 20.03
C THR B 305 -5.27 24.65 20.17
N TYR B 306 -5.89 25.71 20.70
CA TYR B 306 -5.16 26.95 20.94
C TYR B 306 -4.23 26.84 22.13
N LEU B 307 -4.58 26.01 23.11
CA LEU B 307 -3.74 25.87 24.30
C LEU B 307 -2.38 25.27 23.96
N GLN B 308 -2.34 24.33 23.01
CA GLN B 308 -1.08 23.74 22.62
C GLN B 308 -0.16 24.75 21.95
N LEU B 309 -0.71 25.58 21.06
CA LEU B 309 0.09 26.62 20.43
C LEU B 309 0.55 27.67 21.44
N ALA B 310 -0.33 28.00 22.40
CA ALA B 310 0.08 28.93 23.45
C ALA B 310 1.21 28.38 24.29
N SER B 311 1.15 27.08 24.62
CA SER B 311 2.23 26.46 25.37
C SER B 311 3.52 26.39 24.55
N MET B 312 3.40 26.15 23.23
CA MET B 312 4.57 26.16 22.38
C MET B 312 5.23 27.53 22.36
N LEU B 313 4.42 28.59 22.24
CA LEU B 313 4.98 29.95 22.28
C LEU B 313 5.59 30.25 23.64
N ALA B 314 4.96 29.79 24.71
CA ALA B 314 5.52 30.00 26.05
C ALA B 314 6.86 29.30 26.21
N LYS B 315 6.98 28.08 25.69
CA LYS B 315 8.25 27.35 25.78
C LYS B 315 9.32 28.01 24.92
N ILE B 316 8.94 28.52 23.75
CA ILE B 316 9.90 29.23 22.90
C ILE B 316 10.39 30.49 23.60
N HIS B 317 9.48 31.21 24.27
CA HIS B 317 9.90 32.41 24.99
C HIS B 317 10.76 32.06 26.20
N LYS B 318 10.45 30.95 26.88
CA LYS B 318 11.28 30.51 27.99
C LYS B 318 12.68 30.13 27.52
N LEU B 319 12.79 29.53 26.34
CA LEU B 319 14.11 29.26 25.76
C LEU B 319 14.82 30.58 25.43
N ASN B 320 14.08 31.54 24.87
CA ASN B 320 14.66 32.86 24.61
C ASN B 320 14.83 33.67 25.89
N ASN B 321 14.33 33.17 27.02
CA ASN B 321 14.45 33.88 28.30
C ASN B 321 15.77 33.55 28.99
N LYS B 322 16.77 33.16 28.21
CA LYS B 322 18.10 32.82 28.71
C LYS B 322 18.03 31.63 29.67
N SER C 9 -38.88 13.25 1.62
CA SER C 9 -39.21 14.59 2.10
C SER C 9 -38.03 15.19 2.87
N LYS C 10 -37.96 16.53 2.87
CA LYS C 10 -36.88 17.21 3.57
C LYS C 10 -37.07 17.22 5.08
N GLU C 11 -38.24 16.85 5.58
CA GLU C 11 -38.49 16.80 7.01
C GLU C 11 -37.82 15.62 7.69
N ASN C 12 -37.20 14.72 6.93
CA ASN C 12 -36.48 13.59 7.49
C ASN C 12 -34.98 13.82 7.59
N LEU C 13 -34.45 14.80 6.85
CA LEU C 13 -33.03 15.09 6.94
C LEU C 13 -32.72 15.80 8.25
N PRO C 14 -31.50 15.65 8.77
CA PRO C 14 -31.11 16.41 9.96
C PRO C 14 -31.06 17.90 9.66
N TRP C 15 -31.01 18.70 10.73
CA TRP C 15 -31.04 20.15 10.57
C TRP C 15 -29.80 20.66 9.84
N VAL C 16 -28.68 19.92 9.93
CA VAL C 16 -27.47 20.31 9.21
C VAL C 16 -27.65 20.11 7.71
N GLU C 17 -28.41 19.08 7.33
CA GLU C 17 -28.62 18.79 5.92
C GLU C 17 -29.88 19.48 5.40
N LYS C 18 -30.91 19.59 6.25
CA LYS C 18 -32.16 20.21 5.83
C LYS C 18 -31.96 21.68 5.49
N TYR C 19 -31.16 22.40 6.28
CA TYR C 19 -30.94 23.82 6.09
C TYR C 19 -29.67 24.12 5.29
N ARG C 20 -29.30 23.24 4.38
CA ARG C 20 -28.15 23.50 3.52
C ARG C 20 -28.51 24.60 2.52
N PRO C 21 -27.68 25.63 2.37
CA PRO C 21 -28.01 26.71 1.44
C PRO C 21 -28.03 26.22 0.00
N GLU C 22 -29.08 26.62 -0.72
CA GLU C 22 -29.24 26.28 -2.12
C GLU C 22 -28.91 27.43 -3.06
N THR C 23 -28.97 28.66 -2.59
CA THR C 23 -28.60 29.83 -3.37
C THR C 23 -27.49 30.58 -2.65
N LEU C 24 -26.80 31.45 -3.40
CA LEU C 24 -25.70 32.22 -2.83
C LEU C 24 -26.18 33.26 -1.83
N ASP C 25 -27.47 33.56 -1.79
CA ASP C 25 -28.01 34.52 -0.82
C ASP C 25 -28.27 33.91 0.55
N GLU C 26 -28.17 32.58 0.68
CA GLU C 26 -28.38 31.90 1.95
C GLU C 26 -27.07 31.55 2.65
N VAL C 27 -25.95 31.95 2.08
CA VAL C 27 -24.63 31.68 2.67
C VAL C 27 -24.24 32.92 3.45
N TYR C 28 -24.41 32.87 4.77
CA TYR C 28 -24.08 34.00 5.62
C TYR C 28 -22.63 33.92 6.08
N GLY C 29 -22.16 34.99 6.71
CA GLY C 29 -20.80 35.05 7.21
C GLY C 29 -19.76 35.50 6.20
N GLN C 30 -19.74 34.86 5.04
CA GLN C 30 -18.79 35.21 3.97
C GLN C 30 -19.45 36.24 3.06
N ASN C 31 -18.97 37.48 3.12
CA ASN C 31 -19.49 38.56 2.30
C ASN C 31 -18.46 39.06 1.29
N GLU C 32 -17.20 39.20 1.70
CA GLU C 32 -16.18 39.70 0.79
C GLU C 32 -15.87 38.71 -0.32
N VAL C 33 -15.97 37.41 -0.03
CA VAL C 33 -15.70 36.40 -1.05
C VAL C 33 -16.95 36.11 -1.88
N ILE C 34 -18.13 36.14 -1.24
CA ILE C 34 -19.37 35.85 -1.95
C ILE C 34 -19.64 36.92 -3.01
N THR C 35 -19.47 38.20 -2.65
CA THR C 35 -19.69 39.28 -3.60
C THR C 35 -18.67 39.21 -4.74
N THR C 36 -17.41 38.91 -4.41
CA THR C 36 -16.38 38.80 -5.44
C THR C 36 -16.67 37.65 -6.39
N VAL C 37 -17.16 36.52 -5.88
CA VAL C 37 -17.49 35.38 -6.74
C VAL C 37 -18.70 35.70 -7.61
N ARG C 38 -19.70 36.38 -7.04
CA ARG C 38 -20.85 36.79 -7.83
C ARG C 38 -20.43 37.73 -8.97
N LYS C 39 -19.51 38.66 -8.67
CA LYS C 39 -19.01 39.55 -9.71
C LYS C 39 -18.21 38.78 -10.76
N PHE C 40 -17.39 37.82 -10.33
CA PHE C 40 -16.65 36.98 -11.25
C PHE C 40 -17.58 36.28 -12.22
N VAL C 41 -18.68 35.73 -11.71
CA VAL C 41 -19.60 34.97 -12.55
C VAL C 41 -20.45 35.87 -13.43
N ASP C 42 -20.88 37.03 -12.94
CA ASP C 42 -21.69 37.93 -13.75
C ASP C 42 -20.86 38.55 -14.87
N GLU C 43 -19.65 39.00 -14.56
CA GLU C 43 -18.80 39.60 -15.59
C GLU C 43 -18.17 38.56 -16.50
N GLY C 44 -18.09 37.30 -16.05
CA GLY C 44 -17.61 36.21 -16.87
C GLY C 44 -16.24 35.67 -16.49
N LYS C 45 -15.36 36.51 -15.97
CA LYS C 45 -14.02 36.05 -15.61
C LYS C 45 -14.01 35.30 -14.29
N LEU C 46 -14.24 34.00 -14.35
CA LEU C 46 -14.20 33.15 -13.16
C LEU C 46 -12.91 32.35 -13.17
N PRO C 47 -11.92 32.70 -12.34
CA PRO C 47 -10.66 31.95 -12.33
C PRO C 47 -10.75 30.67 -11.53
N HIS C 48 -9.66 29.92 -11.45
CA HIS C 48 -9.62 28.71 -10.65
C HIS C 48 -9.65 29.07 -9.17
N LEU C 49 -10.63 28.53 -8.46
CA LEU C 49 -10.89 28.92 -7.08
C LEU C 49 -10.28 27.91 -6.11
N LEU C 50 -9.82 28.42 -4.97
CA LEU C 50 -9.28 27.61 -3.89
C LEU C 50 -9.91 28.08 -2.59
N PHE C 51 -10.97 27.38 -2.17
CA PHE C 51 -11.69 27.73 -0.95
C PHE C 51 -11.00 27.05 0.23
N TYR C 52 -10.23 27.82 1.00
CA TYR C 52 -9.52 27.30 2.15
C TYR C 52 -10.18 27.80 3.43
N GLY C 53 -10.46 26.89 4.35
CA GLY C 53 -11.09 27.27 5.59
C GLY C 53 -11.40 26.12 6.53
N PRO C 54 -11.81 26.45 7.75
CA PRO C 54 -12.11 25.43 8.75
C PRO C 54 -13.40 24.68 8.41
N PRO C 55 -13.64 23.54 9.03
CA PRO C 55 -14.88 22.81 8.76
C PRO C 55 -16.10 23.58 9.26
N GLY C 56 -17.20 23.45 8.51
CA GLY C 56 -18.45 24.08 8.88
C GLY C 56 -18.54 25.56 8.57
N THR C 57 -17.68 26.08 7.70
CA THR C 57 -17.74 27.49 7.33
C THR C 57 -18.62 27.75 6.11
N GLY C 58 -18.90 26.73 5.30
CA GLY C 58 -19.79 26.89 4.17
C GLY C 58 -19.10 26.95 2.83
N LYS C 59 -18.01 26.19 2.67
CA LYS C 59 -17.31 26.15 1.39
C LYS C 59 -18.05 25.27 0.39
N THR C 60 -18.42 24.06 0.80
CA THR C 60 -19.16 23.16 -0.08
C THR C 60 -20.50 23.75 -0.45
N SER C 61 -21.21 24.33 0.51
CA SER C 61 -22.49 24.96 0.22
C SER C 61 -22.31 26.13 -0.74
N THR C 62 -21.24 26.92 -0.54
CA THR C 62 -20.97 28.04 -1.43
C THR C 62 -20.74 27.57 -2.87
N ILE C 63 -19.88 26.56 -3.05
CA ILE C 63 -19.59 26.12 -4.41
C ILE C 63 -20.79 25.42 -5.03
N VAL C 64 -21.60 24.72 -4.24
CA VAL C 64 -22.79 24.08 -4.79
C VAL C 64 -23.80 25.12 -5.25
N ALA C 65 -24.04 26.15 -4.42
CA ALA C 65 -24.94 27.22 -4.83
C ALA C 65 -24.39 27.98 -6.03
N LEU C 66 -23.06 28.11 -6.12
CA LEU C 66 -22.46 28.78 -7.26
C LEU C 66 -22.70 27.99 -8.54
N ALA C 67 -22.46 26.68 -8.50
CA ALA C 67 -22.69 25.85 -9.68
C ALA C 67 -24.17 25.84 -10.05
N ARG C 68 -25.05 25.89 -9.05
CA ARG C 68 -26.49 25.97 -9.32
C ARG C 68 -26.83 27.27 -10.03
N GLU C 69 -26.29 28.39 -9.55
CA GLU C 69 -26.54 29.67 -10.20
C GLU C 69 -25.94 29.74 -11.59
N ILE C 70 -24.84 29.02 -11.84
CA ILE C 70 -24.17 29.05 -13.14
C ILE C 70 -24.90 28.20 -14.16
N TYR C 71 -25.20 26.94 -13.82
CA TYR C 71 -25.76 26.00 -14.77
C TYR C 71 -27.26 25.76 -14.63
N GLY C 72 -27.87 26.23 -13.56
CA GLY C 72 -29.30 26.03 -13.36
C GLY C 72 -29.60 24.83 -12.48
N LYS C 73 -30.77 24.26 -12.71
CA LYS C 73 -31.22 23.12 -11.91
C LYS C 73 -30.55 21.82 -12.34
N ASN C 74 -29.94 21.79 -13.51
CA ASN C 74 -29.25 20.60 -14.01
C ASN C 74 -27.80 20.53 -13.57
N TYR C 75 -27.46 21.16 -12.45
CA TYR C 75 -26.10 21.20 -11.93
C TYR C 75 -25.48 19.81 -11.77
N SER C 76 -26.29 18.84 -11.34
CA SER C 76 -25.77 17.50 -11.05
C SER C 76 -25.25 16.78 -12.29
N ASN C 77 -25.41 17.34 -13.49
CA ASN C 77 -24.96 16.70 -14.71
C ASN C 77 -23.85 17.47 -15.43
N MET C 78 -23.83 18.79 -15.31
CA MET C 78 -22.85 19.61 -16.01
C MET C 78 -21.59 19.88 -15.19
N VAL C 79 -21.50 19.32 -13.98
CA VAL C 79 -20.37 19.56 -13.08
C VAL C 79 -19.80 18.22 -12.65
N LEU C 80 -18.46 18.13 -12.65
CA LEU C 80 -17.76 16.93 -12.21
C LEU C 80 -17.28 17.17 -10.78
N GLU C 81 -17.95 16.53 -9.82
CA GLU C 81 -17.65 16.71 -8.41
C GLU C 81 -16.94 15.48 -7.87
N LEU C 82 -15.68 15.64 -7.50
CA LEU C 82 -14.89 14.57 -6.91
C LEU C 82 -14.50 14.95 -5.49
N ASN C 83 -14.41 13.94 -4.62
CA ASN C 83 -14.15 14.16 -3.22
C ASN C 83 -13.29 13.01 -2.69
N ALA C 84 -13.00 13.05 -1.38
CA ALA C 84 -12.17 12.01 -0.78
C ALA C 84 -12.87 10.66 -0.75
N SER C 85 -14.21 10.66 -0.70
CA SER C 85 -14.96 9.41 -0.74
C SER C 85 -14.73 8.65 -2.05
N ASP C 86 -14.52 9.36 -3.14
CA ASP C 86 -14.23 8.73 -4.41
C ASP C 86 -12.72 8.51 -4.56
N ASP C 87 -12.36 7.49 -5.33
CA ASP C 87 -10.96 7.18 -5.58
C ASP C 87 -10.34 8.27 -6.44
N ARG C 88 -9.39 9.01 -5.87
CA ARG C 88 -8.71 10.11 -6.57
C ARG C 88 -7.21 9.80 -6.60
N GLY C 89 -6.78 9.07 -7.63
CA GLY C 89 -5.38 8.79 -7.86
C GLY C 89 -4.86 9.51 -9.09
N ILE C 90 -3.63 9.14 -9.48
CA ILE C 90 -3.06 9.76 -10.67
C ILE C 90 -3.70 9.20 -11.93
N ASP C 91 -3.98 7.90 -11.96
CA ASP C 91 -4.68 7.33 -13.11
C ASP C 91 -6.12 7.83 -13.19
N VAL C 92 -6.78 7.98 -12.04
CA VAL C 92 -8.12 8.56 -12.03
C VAL C 92 -8.10 9.96 -12.62
N VAL C 93 -7.11 10.78 -12.24
CA VAL C 93 -6.95 12.10 -12.86
C VAL C 93 -6.79 11.93 -14.37
N ARG C 94 -5.73 11.23 -14.77
CA ARG C 94 -5.37 11.07 -16.18
C ARG C 94 -6.57 10.70 -17.04
N ASN C 95 -7.39 9.75 -16.57
CA ASN C 95 -8.54 9.34 -17.39
C ASN C 95 -9.71 10.31 -17.21
N GLN C 96 -10.27 10.36 -16.01
CA GLN C 96 -11.55 11.03 -15.81
C GLN C 96 -11.42 12.55 -15.99
N ILE C 97 -10.47 13.17 -15.29
CA ILE C 97 -10.42 14.62 -15.29
C ILE C 97 -10.00 15.15 -16.66
N LYS C 98 -9.07 14.45 -17.31
CA LYS C 98 -8.63 14.90 -18.64
C LYS C 98 -9.72 14.67 -19.69
N ASP C 99 -10.46 13.57 -19.58
CA ASP C 99 -11.54 13.34 -20.53
C ASP C 99 -12.69 14.34 -20.30
N PHE C 100 -12.88 14.76 -19.06
CA PHE C 100 -13.91 15.75 -18.77
C PHE C 100 -13.49 17.13 -19.27
N ALA C 101 -12.22 17.48 -19.08
CA ALA C 101 -11.75 18.81 -19.47
C ALA C 101 -11.64 18.93 -20.98
N SER C 102 -11.16 17.88 -21.66
CA SER C 102 -10.96 17.94 -23.10
C SER C 102 -12.27 17.94 -23.87
N THR C 103 -13.31 17.28 -23.36
CA THR C 103 -14.58 17.20 -24.06
C THR C 103 -15.46 18.39 -23.66
N ARG C 104 -16.70 18.41 -24.17
CA ARG C 104 -17.64 19.49 -23.90
C ARG C 104 -18.88 18.93 -23.24
N GLN C 105 -19.84 19.82 -22.98
CA GLN C 105 -21.04 19.48 -22.23
C GLN C 105 -22.03 18.73 -23.11
N ILE C 106 -22.77 17.80 -22.50
CA ILE C 106 -23.75 17.03 -23.23
C ILE C 106 -25.16 17.60 -23.07
N PHE C 107 -25.35 18.59 -22.21
CA PHE C 107 -26.67 19.15 -21.94
C PHE C 107 -26.84 20.59 -22.42
N SER C 108 -25.78 21.37 -22.50
CA SER C 108 -25.87 22.77 -22.91
C SER C 108 -24.51 23.19 -23.46
N LYS C 109 -24.34 24.49 -23.67
CA LYS C 109 -23.10 25.06 -24.18
C LYS C 109 -22.54 26.02 -23.15
N GLY C 110 -21.27 25.85 -22.81
CA GLY C 110 -20.62 26.69 -21.83
C GLY C 110 -19.44 25.98 -21.20
N PHE C 111 -18.73 26.72 -20.35
CA PHE C 111 -17.56 26.17 -19.67
C PHE C 111 -17.99 25.11 -18.66
N LYS C 112 -17.04 24.24 -18.32
CA LYS C 112 -17.27 23.16 -17.38
C LYS C 112 -16.73 23.53 -16.00
N LEU C 113 -17.14 22.75 -15.00
CA LEU C 113 -16.75 22.99 -13.61
C LEU C 113 -16.35 21.67 -12.98
N ILE C 114 -15.13 21.61 -12.44
CA ILE C 114 -14.62 20.46 -11.72
C ILE C 114 -14.43 20.88 -10.26
N ILE C 115 -15.23 20.30 -9.38
CA ILE C 115 -15.21 20.63 -7.96
C ILE C 115 -14.44 19.51 -7.25
N LEU C 116 -13.19 19.79 -6.91
CA LEU C 116 -12.35 18.83 -6.18
C LEU C 116 -12.51 19.12 -4.69
N ASP C 117 -13.60 18.63 -4.11
CA ASP C 117 -13.87 18.86 -2.70
C ASP C 117 -12.95 17.99 -1.85
N GLU C 118 -12.48 18.56 -0.73
CA GLU C 118 -11.58 17.87 0.20
C GLU C 118 -10.34 17.35 -0.52
N ALA C 119 -9.76 18.19 -1.38
CA ALA C 119 -8.59 17.80 -2.17
C ALA C 119 -7.30 17.79 -1.36
N ASP C 120 -7.37 17.99 -0.05
CA ASP C 120 -6.20 17.92 0.81
C ASP C 120 -5.79 16.49 1.12
N ALA C 121 -6.58 15.50 0.70
CA ALA C 121 -6.25 14.10 0.87
C ALA C 121 -5.77 13.44 -0.42
N MET C 122 -5.49 14.24 -1.45
CA MET C 122 -5.01 13.70 -2.71
C MET C 122 -3.52 13.40 -2.64
N THR C 123 -3.08 12.46 -3.46
CA THR C 123 -1.67 12.09 -3.50
C THR C 123 -0.85 13.18 -4.17
N ASN C 124 0.44 13.23 -3.83
CA ASN C 124 1.32 14.22 -4.44
C ASN C 124 1.46 14.00 -5.94
N ALA C 125 1.49 12.74 -6.37
CA ALA C 125 1.55 12.45 -7.80
C ALA C 125 0.28 12.91 -8.51
N ALA C 126 -0.87 12.76 -7.86
CA ALA C 126 -2.12 13.23 -8.44
C ALA C 126 -2.11 14.74 -8.64
N GLN C 127 -1.62 15.48 -7.65
CA GLN C 127 -1.54 16.94 -7.78
C GLN C 127 -0.50 17.34 -8.83
N ASN C 128 0.60 16.59 -8.92
CA ASN C 128 1.62 16.89 -9.93
C ASN C 128 1.09 16.64 -11.33
N ALA C 129 0.19 15.66 -11.48
CA ALA C 129 -0.41 15.42 -12.79
C ALA C 129 -1.53 16.40 -13.08
N LEU C 130 -2.21 16.89 -12.04
CA LEU C 130 -3.34 17.80 -12.23
C LEU C 130 -2.88 19.24 -12.47
N ARG C 131 -1.72 19.63 -11.95
CA ARG C 131 -1.24 21.00 -12.12
C ARG C 131 -1.01 21.36 -13.58
N ARG C 132 -0.77 20.37 -14.43
CA ARG C 132 -0.65 20.62 -15.87
C ARG C 132 -1.96 20.42 -16.61
N VAL C 133 -2.94 19.77 -15.98
CA VAL C 133 -4.29 19.71 -16.53
C VAL C 133 -5.00 21.05 -16.35
N ILE C 134 -4.77 21.70 -15.20
CA ILE C 134 -5.37 23.00 -14.95
C ILE C 134 -4.79 24.06 -15.89
N GLU C 135 -3.50 23.95 -16.21
CA GLU C 135 -2.84 24.94 -17.06
C GLU C 135 -3.09 24.70 -18.55
N ARG C 136 -3.34 23.47 -18.97
CA ARG C 136 -3.57 23.16 -20.38
C ARG C 136 -5.02 23.40 -20.79
N TYR C 137 -5.98 22.79 -20.08
CA TYR C 137 -7.40 22.99 -20.36
C TYR C 137 -7.89 24.11 -19.45
N THR C 138 -7.80 25.34 -19.93
CA THR C 138 -8.21 26.50 -19.15
C THR C 138 -9.15 27.42 -19.92
N LYS C 139 -9.54 27.06 -21.14
CA LYS C 139 -10.46 27.87 -21.93
C LYS C 139 -11.86 27.28 -21.96
N ASN C 140 -12.02 26.00 -21.60
CA ASN C 140 -13.33 25.36 -21.61
C ASN C 140 -13.75 24.78 -20.26
N THR C 141 -12.89 24.81 -19.25
CA THR C 141 -13.23 24.25 -17.95
C THR C 141 -12.51 25.03 -16.86
N ARG C 142 -13.02 24.90 -15.63
CA ARG C 142 -12.44 25.56 -14.47
C ARG C 142 -12.26 24.55 -13.35
N PHE C 143 -11.49 24.93 -12.35
CA PHE C 143 -11.17 24.07 -11.22
C PHE C 143 -11.45 24.78 -9.91
N CYS C 144 -12.10 24.06 -8.98
CA CYS C 144 -12.37 24.56 -7.64
C CYS C 144 -11.86 23.54 -6.64
N VAL C 145 -10.91 23.95 -5.81
CA VAL C 145 -10.27 23.08 -4.83
C VAL C 145 -10.69 23.55 -3.45
N LEU C 146 -11.30 22.67 -2.67
CA LEU C 146 -11.72 22.96 -1.30
C LEU C 146 -10.75 22.31 -0.33
N ALA C 147 -10.33 23.07 0.68
CA ALA C 147 -9.29 22.59 1.59
C ALA C 147 -9.52 23.12 3.00
N ASN C 148 -9.13 22.32 3.98
CA ASN C 148 -9.10 22.73 5.37
C ASN C 148 -7.68 23.02 5.85
N TYR C 149 -6.70 22.35 5.26
CA TYR C 149 -5.28 22.55 5.56
C TYR C 149 -4.54 22.85 4.27
N ALA C 150 -3.89 24.01 4.21
CA ALA C 150 -3.18 24.44 3.02
C ALA C 150 -1.78 23.84 2.91
N HIS C 151 -1.36 23.05 3.90
CA HIS C 151 -0.05 22.43 3.88
C HIS C 151 -0.02 21.11 3.12
N LYS C 152 -1.17 20.50 2.88
CA LYS C 152 -1.26 19.24 2.15
C LYS C 152 -1.29 19.44 0.64
N LEU C 153 -1.30 20.69 0.17
CA LEU C 153 -1.33 21.00 -1.25
C LEU C 153 0.06 21.46 -1.69
N THR C 154 0.52 20.95 -2.83
CA THR C 154 1.81 21.36 -3.35
C THR C 154 1.79 22.85 -3.71
N PRO C 155 2.92 23.54 -3.57
CA PRO C 155 2.95 24.98 -3.90
C PRO C 155 2.66 25.25 -5.36
N ALA C 156 3.04 24.35 -6.26
CA ALA C 156 2.71 24.53 -7.68
C ALA C 156 1.21 24.54 -7.90
N LEU C 157 0.50 23.57 -7.32
CA LEU C 157 -0.96 23.57 -7.41
C LEU C 157 -1.56 24.73 -6.63
N LEU C 158 -0.92 25.13 -5.54
CA LEU C 158 -1.44 26.23 -4.72
C LEU C 158 -1.31 27.58 -5.41
N SER C 159 -0.37 27.72 -6.35
CA SER C 159 -0.14 28.98 -7.03
C SER C 159 -0.98 29.18 -8.27
N ARG C 160 -1.62 28.13 -8.79
CA ARG C 160 -2.41 28.25 -10.01
C ARG C 160 -3.85 28.68 -9.75
N CYS C 161 -4.29 28.74 -8.49
CA CYS C 161 -5.67 29.06 -8.16
C CYS C 161 -5.72 30.31 -7.29
N THR C 162 -6.83 31.04 -7.42
CA THR C 162 -7.08 32.21 -6.58
C THR C 162 -7.63 31.76 -5.24
N ARG C 163 -6.94 32.15 -4.17
CA ARG C 163 -7.23 31.65 -2.83
C ARG C 163 -8.27 32.53 -2.15
N PHE C 164 -9.30 31.91 -1.59
CA PHE C 164 -10.32 32.58 -0.81
C PHE C 164 -10.38 31.91 0.56
N ARG C 165 -10.13 32.69 1.61
CA ARG C 165 -10.12 32.18 2.98
C ARG C 165 -11.48 32.39 3.61
N PHE C 166 -12.14 31.29 3.97
CA PHE C 166 -13.46 31.34 4.60
C PHE C 166 -13.28 31.60 6.09
N GLN C 167 -13.54 32.83 6.52
CA GLN C 167 -13.40 33.18 7.92
C GLN C 167 -14.48 32.48 8.74
N PRO C 168 -14.24 32.28 10.05
CA PRO C 168 -15.29 31.71 10.91
C PRO C 168 -16.50 32.63 10.94
N LEU C 169 -17.67 32.04 11.15
CA LEU C 169 -18.91 32.78 11.11
C LEU C 169 -18.96 33.79 12.27
N PRO C 170 -19.20 35.07 11.98
CA PRO C 170 -19.28 36.07 13.06
C PRO C 170 -20.59 36.00 13.81
N GLN C 171 -20.78 36.91 14.77
CA GLN C 171 -21.98 36.88 15.61
C GLN C 171 -23.23 37.24 14.82
N GLU C 172 -23.13 38.26 13.97
CA GLU C 172 -24.31 38.74 13.25
C GLU C 172 -24.87 37.68 12.32
N ALA C 173 -24.01 37.03 11.54
CA ALA C 173 -24.48 36.05 10.56
C ALA C 173 -25.02 34.81 11.24
N ILE C 174 -24.36 34.35 12.30
CA ILE C 174 -24.83 33.16 13.00
C ILE C 174 -26.15 33.44 13.71
N GLU C 175 -26.33 34.66 14.24
CA GLU C 175 -27.60 35.03 14.83
C GLU C 175 -28.70 35.14 13.76
N ARG C 176 -28.34 35.62 12.58
CA ARG C 176 -29.30 35.68 11.48
C ARG C 176 -29.76 34.29 11.07
N ARG C 177 -28.82 33.34 10.98
CA ARG C 177 -29.19 31.97 10.65
C ARG C 177 -30.01 31.33 11.76
N ILE C 178 -29.68 31.64 13.02
CA ILE C 178 -30.47 31.13 14.14
C ILE C 178 -31.90 31.66 14.08
N ALA C 179 -32.04 32.95 13.73
CA ALA C 179 -33.38 33.53 13.59
C ALA C 179 -34.14 32.88 12.43
N ASN C 180 -33.44 32.60 11.33
CA ASN C 180 -34.07 31.92 10.21
C ASN C 180 -34.57 30.53 10.62
N VAL C 181 -33.76 29.80 11.39
CA VAL C 181 -34.17 28.48 11.85
C VAL C 181 -35.35 28.58 12.82
N LEU C 182 -35.33 29.59 13.69
CA LEU C 182 -36.41 29.76 14.65
C LEU C 182 -37.69 30.21 13.95
N VAL C 183 -37.56 30.80 12.75
CA VAL C 183 -38.73 31.12 11.95
C VAL C 183 -39.26 29.86 11.26
N HIS C 184 -38.34 29.05 10.73
CA HIS C 184 -38.75 27.84 10.02
C HIS C 184 -39.32 26.78 10.96
N GLU C 185 -38.92 26.77 12.23
CA GLU C 185 -39.40 25.81 13.20
C GLU C 185 -40.24 26.50 14.25
N LYS C 186 -41.21 25.78 14.82
CA LYS C 186 -42.03 26.30 15.92
C LYS C 186 -41.20 26.23 17.20
N LEU C 187 -40.31 27.20 17.35
CA LEU C 187 -39.35 27.19 18.44
C LEU C 187 -39.04 28.62 18.88
N LYS C 188 -38.82 28.80 20.18
CA LYS C 188 -38.42 30.08 20.74
C LYS C 188 -37.10 29.91 21.49
N LEU C 189 -36.30 30.97 21.51
CA LEU C 189 -34.97 30.93 22.12
C LEU C 189 -34.76 32.17 22.97
N SER C 190 -34.19 31.98 24.15
CA SER C 190 -33.89 33.09 25.05
C SER C 190 -32.66 33.84 24.56
N PRO C 191 -32.60 35.16 24.81
CA PRO C 191 -31.43 35.94 24.37
C PRO C 191 -30.13 35.48 24.99
N ASN C 192 -30.11 35.29 26.31
CA ASN C 192 -28.91 34.77 26.96
C ASN C 192 -28.61 33.35 26.51
N ALA C 193 -29.64 32.55 26.27
CA ALA C 193 -29.44 31.22 25.71
C ALA C 193 -28.81 31.30 24.33
N GLU C 194 -29.26 32.26 23.52
CA GLU C 194 -28.67 32.46 22.20
C GLU C 194 -27.20 32.86 22.30
N LYS C 195 -26.89 33.75 23.24
CA LYS C 195 -25.50 34.16 23.44
C LYS C 195 -24.63 32.98 23.86
N ALA C 196 -25.12 32.17 24.81
CA ALA C 196 -24.37 30.99 25.23
C ALA C 196 -24.19 30.01 24.07
N LEU C 197 -25.22 29.89 23.22
CA LEU C 197 -25.10 29.04 22.03
C LEU C 197 -24.03 29.54 21.09
N ILE C 198 -23.98 30.86 20.86
CA ILE C 198 -22.95 31.42 19.99
C ILE C 198 -21.57 31.24 20.61
N GLU C 199 -21.50 31.22 21.93
CA GLU C 199 -20.20 31.08 22.60
C GLU C 199 -19.59 29.71 22.39
N LEU C 200 -20.40 28.65 22.39
CA LEU C 200 -19.91 27.28 22.27
C LEU C 200 -19.89 26.80 20.81
N SER C 201 -19.77 27.70 19.85
CA SER C 201 -19.82 27.34 18.44
C SER C 201 -18.50 27.51 17.70
N ASN C 202 -17.72 28.54 18.04
CA ASN C 202 -16.44 28.82 17.36
C ASN C 202 -16.63 29.01 15.86
N GLY C 203 -17.78 29.54 15.46
CA GLY C 203 -18.05 29.76 14.05
C GLY C 203 -18.37 28.52 13.26
N ASP C 204 -18.96 27.51 13.89
CA ASP C 204 -19.31 26.25 13.25
C ASP C 204 -20.83 26.13 13.21
N MET C 205 -21.41 26.30 12.02
CA MET C 205 -22.86 26.23 11.89
C MET C 205 -23.37 24.81 12.12
N ARG C 206 -22.56 23.80 11.80
CA ARG C 206 -22.97 22.42 12.02
C ARG C 206 -23.27 22.16 13.49
N ARG C 207 -22.38 22.59 14.38
CA ARG C 207 -22.58 22.40 15.81
C ARG C 207 -23.84 23.13 16.28
N VAL C 208 -24.05 24.35 15.81
CA VAL C 208 -25.22 25.13 16.22
C VAL C 208 -26.50 24.41 15.80
N LEU C 209 -26.56 23.96 14.56
CA LEU C 209 -27.77 23.29 14.08
C LEU C 209 -28.00 21.98 14.84
N ASN C 210 -26.93 21.21 15.06
CA ASN C 210 -27.05 19.94 15.77
C ASN C 210 -27.57 20.15 17.19
N VAL C 211 -26.95 21.07 17.93
CA VAL C 211 -27.38 21.28 19.30
C VAL C 211 -28.75 21.96 19.36
N LEU C 212 -29.12 22.73 18.34
CA LEU C 212 -30.46 23.31 18.32
C LEU C 212 -31.52 22.23 18.16
N GLN C 213 -31.28 21.29 17.23
CA GLN C 213 -32.17 20.14 17.10
C GLN C 213 -32.22 19.34 18.40
N SER C 214 -31.06 19.16 19.03
CA SER C 214 -31.01 18.36 20.24
C SER C 214 -31.75 19.01 21.40
N CYS C 215 -31.62 20.33 21.55
CA CYS C 215 -32.34 21.02 22.62
C CYS C 215 -33.83 21.15 22.31
N LYS C 216 -34.21 21.21 21.03
CA LYS C 216 -35.62 21.10 20.69
C LYS C 216 -36.17 19.74 21.08
N ALA C 217 -35.36 18.69 20.89
CA ALA C 217 -35.77 17.36 21.34
C ALA C 217 -35.79 17.27 22.87
N THR C 218 -34.97 18.08 23.54
CA THR C 218 -34.88 18.02 25.00
C THR C 218 -36.10 18.68 25.65
N LEU C 219 -36.77 19.57 24.93
CA LEU C 219 -37.86 20.38 25.47
C LEU C 219 -38.96 19.55 26.13
N ASP C 220 -39.22 18.35 25.58
CA ASP C 220 -40.20 17.41 26.11
C ASP C 220 -41.63 17.95 26.03
N ASN C 221 -41.82 19.15 25.50
CA ASN C 221 -43.10 19.83 25.46
C ASN C 221 -43.55 20.00 24.01
N PRO C 222 -44.81 20.39 23.79
CA PRO C 222 -45.26 20.70 22.42
C PRO C 222 -44.71 22.03 21.89
N ASP C 223 -43.66 22.54 22.54
CA ASP C 223 -42.94 23.74 22.12
C ASP C 223 -43.77 25.01 22.35
N GLU C 224 -44.51 25.03 23.46
CA GLU C 224 -45.14 26.27 23.91
C GLU C 224 -44.27 27.06 24.87
N ASP C 225 -43.13 26.51 25.26
CA ASP C 225 -42.19 27.16 26.15
C ASP C 225 -40.95 27.60 25.38
N GLU C 226 -40.03 28.23 26.09
CA GLU C 226 -38.80 28.74 25.51
C GLU C 226 -37.62 27.83 25.85
N ILE C 227 -36.52 28.05 25.14
CA ILE C 227 -35.26 27.35 25.39
C ILE C 227 -34.33 28.31 26.11
N SER C 228 -33.99 27.99 27.36
CA SER C 228 -33.16 28.83 28.20
C SER C 228 -31.72 28.30 28.20
N ASP C 229 -30.88 28.95 29.01
CA ASP C 229 -29.49 28.53 29.12
C ASP C 229 -29.37 27.15 29.75
N ASP C 230 -30.26 26.84 30.69
CA ASP C 230 -30.20 25.55 31.37
C ASP C 230 -30.36 24.41 30.37
N VAL C 231 -31.30 24.54 29.43
CA VAL C 231 -31.52 23.50 28.43
C VAL C 231 -30.26 23.29 27.59
N ILE C 232 -29.67 24.37 27.11
CA ILE C 232 -28.48 24.27 26.26
C ILE C 232 -27.34 23.61 27.02
N TYR C 233 -27.11 24.06 28.26
CA TYR C 233 -25.97 23.57 29.04
C TYR C 233 -26.17 22.10 29.42
N GLU C 234 -27.39 21.71 29.77
CA GLU C 234 -27.67 20.33 30.11
C GLU C 234 -27.66 19.41 28.90
N CYS C 235 -27.96 19.94 27.70
CA CYS C 235 -27.99 19.11 26.51
C CYS C 235 -26.60 18.93 25.90
N CYS C 236 -25.81 20.00 25.87
CA CYS C 236 -24.45 19.93 25.33
C CYS C 236 -23.43 19.53 26.38
N GLY C 237 -23.84 19.41 27.64
CA GLY C 237 -22.95 19.01 28.71
C GLY C 237 -21.83 19.99 28.98
N ALA C 238 -21.99 21.22 28.50
CA ALA C 238 -20.98 22.25 28.67
C ALA C 238 -21.14 22.91 30.05
N PRO C 239 -20.03 23.28 30.68
CA PRO C 239 -20.12 23.95 31.97
C PRO C 239 -20.62 25.38 31.85
N ARG C 240 -21.26 25.84 32.92
CA ARG C 240 -21.78 27.20 32.92
C ARG C 240 -20.71 28.19 33.40
N PRO C 241 -20.77 29.44 32.94
CA PRO C 241 -19.79 30.44 33.41
C PRO C 241 -19.85 30.64 34.91
N SER C 242 -21.02 30.44 35.51
CA SER C 242 -21.15 30.57 36.95
C SER C 242 -20.31 29.52 37.68
N ASP C 243 -20.52 28.24 37.35
CA ASP C 243 -19.72 27.18 37.97
C ASP C 243 -18.26 27.30 37.60
N LEU C 244 -17.97 27.74 36.38
CA LEU C 244 -16.59 27.95 35.95
C LEU C 244 -15.89 28.95 36.86
N LYS C 245 -16.48 30.15 37.01
CA LYS C 245 -15.89 31.17 37.86
C LYS C 245 -15.88 30.76 39.33
N ALA C 246 -16.86 29.99 39.78
CA ALA C 246 -16.85 29.52 41.16
C ALA C 246 -15.68 28.58 41.41
N VAL C 247 -15.45 27.64 40.50
CA VAL C 247 -14.32 26.73 40.62
C VAL C 247 -13.01 27.51 40.57
N LEU C 248 -12.91 28.47 39.65
CA LEU C 248 -11.68 29.26 39.55
C LEU C 248 -11.42 30.06 40.83
N LYS C 249 -12.48 30.65 41.40
CA LYS C 249 -12.33 31.41 42.63
C LYS C 249 -11.92 30.51 43.79
N SER C 250 -12.55 29.34 43.90
CA SER C 250 -12.22 28.41 44.98
C SER C 250 -10.79 27.89 44.84
N ILE C 251 -10.30 27.78 43.60
CA ILE C 251 -8.93 27.35 43.38
C ILE C 251 -7.96 28.46 43.74
N LEU C 252 -8.27 29.70 43.35
CA LEU C 252 -7.34 30.80 43.52
C LEU C 252 -7.27 31.26 44.98
N GLU C 253 -8.38 31.26 45.70
CA GLU C 253 -8.43 31.85 47.04
C GLU C 253 -8.62 30.84 48.15
N ASP C 254 -9.51 29.87 47.98
CA ASP C 254 -9.90 28.99 49.08
C ASP C 254 -8.79 27.97 49.35
N ASP C 255 -9.04 27.07 50.30
CA ASP C 255 -8.04 26.11 50.76
C ASP C 255 -7.96 24.92 49.82
N TRP C 256 -6.88 24.16 49.94
CA TRP C 256 -6.64 23.01 49.06
C TRP C 256 -7.77 21.99 49.17
N GLY C 257 -8.08 21.53 50.38
CA GLY C 257 -9.18 20.59 50.55
C GLY C 257 -10.51 21.15 50.13
N THR C 258 -10.77 22.42 50.44
CA THR C 258 -12.00 23.06 50.02
C THR C 258 -12.06 23.19 48.50
N ALA C 259 -10.93 23.50 47.86
CA ALA C 259 -10.90 23.60 46.41
C ALA C 259 -11.17 22.24 45.77
N HIS C 260 -10.58 21.18 46.34
CA HIS C 260 -10.82 19.83 45.84
C HIS C 260 -12.28 19.45 45.98
N TYR C 261 -12.88 19.75 47.14
CA TYR C 261 -14.29 19.44 47.35
C TYR C 261 -15.17 20.23 46.39
N THR C 262 -14.84 21.50 46.15
CA THR C 262 -15.63 22.32 45.23
C THR C 262 -15.55 21.79 43.81
N LEU C 263 -14.33 21.47 43.35
CA LEU C 263 -14.18 20.91 42.02
C LEU C 263 -14.92 19.59 41.88
N ASN C 264 -14.84 18.73 42.90
CA ASN C 264 -15.53 17.45 42.85
C ASN C 264 -17.04 17.63 42.77
N LYS C 265 -17.59 18.48 43.65
CA LYS C 265 -19.04 18.66 43.65
C LYS C 265 -19.54 19.35 42.38
N VAL C 266 -18.73 20.24 41.80
CA VAL C 266 -19.14 20.89 40.56
C VAL C 266 -19.10 19.90 39.39
N ARG C 267 -18.05 19.09 39.30
CA ARG C 267 -17.93 18.15 38.19
C ARG C 267 -18.82 16.92 38.36
N SER C 268 -19.36 16.70 39.57
CA SER C 268 -20.23 15.55 39.81
C SER C 268 -21.70 15.93 39.91
N ALA C 269 -22.03 17.20 40.15
CA ALA C 269 -23.43 17.60 40.24
C ALA C 269 -24.09 17.66 38.87
N LYS C 270 -23.37 18.15 37.87
CA LYS C 270 -23.87 18.24 36.50
C LYS C 270 -23.19 17.26 35.57
N GLY C 271 -22.31 16.40 36.08
CA GLY C 271 -21.61 15.46 35.22
C GLY C 271 -20.66 16.09 34.24
N LEU C 272 -20.10 17.24 34.59
CA LEU C 272 -19.20 17.96 33.69
C LEU C 272 -17.91 17.17 33.49
N ALA C 273 -17.21 17.49 32.39
CA ALA C 273 -15.94 16.87 32.06
C ALA C 273 -14.78 17.77 32.49
N LEU C 274 -13.65 17.14 32.78
CA LEU C 274 -12.49 17.89 33.23
C LEU C 274 -11.87 18.69 32.09
N ILE C 275 -11.95 18.17 30.87
CA ILE C 275 -11.36 18.88 29.72
C ILE C 275 -12.14 20.16 29.42
N ASP C 276 -13.47 20.12 29.53
CA ASP C 276 -14.26 21.32 29.31
C ASP C 276 -13.95 22.38 30.36
N LEU C 277 -13.82 21.96 31.62
CA LEU C 277 -13.43 22.89 32.68
C LEU C 277 -12.05 23.47 32.42
N ILE C 278 -11.12 22.64 31.94
CA ILE C 278 -9.77 23.11 31.63
C ILE C 278 -9.82 24.19 30.56
N GLU C 279 -10.54 23.92 29.46
CA GLU C 279 -10.64 24.89 28.39
C GLU C 279 -11.33 26.18 28.85
N GLY C 280 -12.36 26.04 29.69
CA GLY C 280 -13.04 27.22 30.20
C GLY C 280 -12.15 28.07 31.09
N ILE C 281 -11.38 27.43 31.98
CA ILE C 281 -10.47 28.16 32.84
C ILE C 281 -9.37 28.81 32.01
N VAL C 282 -8.91 28.14 30.95
CA VAL C 282 -7.92 28.75 30.06
C VAL C 282 -8.49 29.98 29.38
N LYS C 283 -9.74 29.90 28.92
CA LYS C 283 -10.36 31.03 28.25
C LYS C 283 -10.57 32.20 29.22
N ILE C 284 -10.92 31.89 30.47
CA ILE C 284 -11.18 32.95 31.45
C ILE C 284 -9.87 33.62 31.86
N LEU C 285 -8.84 32.82 32.13
CA LEU C 285 -7.57 33.39 32.58
C LEU C 285 -6.83 34.13 31.48
N GLU C 286 -7.28 34.02 30.22
CA GLU C 286 -6.64 34.76 29.15
C GLU C 286 -6.85 36.27 29.27
N ASP C 287 -7.92 36.70 29.93
CA ASP C 287 -8.18 38.11 30.13
C ASP C 287 -7.52 38.67 31.39
N TYR C 288 -6.97 37.80 32.25
CA TYR C 288 -6.34 38.26 33.48
C TYR C 288 -5.07 39.03 33.18
N GLU C 289 -5.04 40.29 33.57
CA GLU C 289 -3.82 41.10 33.47
C GLU C 289 -2.87 40.67 34.59
N LEU C 290 -1.78 40.02 34.22
CA LEU C 290 -0.89 39.37 35.17
C LEU C 290 0.48 40.06 35.21
N GLN C 291 1.27 39.66 36.20
CA GLN C 291 2.64 40.12 36.38
C GLN C 291 3.58 39.36 35.44
N ASN C 292 4.88 39.40 35.74
CA ASN C 292 5.94 38.79 34.95
C ASN C 292 5.53 37.46 34.33
N GLU C 293 5.78 37.31 33.02
CA GLU C 293 5.21 36.25 32.21
C GLU C 293 5.59 34.84 32.64
N GLU C 294 6.42 34.68 33.68
CA GLU C 294 6.76 33.34 34.15
C GLU C 294 5.53 32.58 34.62
N THR C 295 4.60 33.26 35.30
CA THR C 295 3.37 32.62 35.73
C THR C 295 2.56 32.13 34.53
N ARG C 296 2.46 32.95 33.49
CA ARG C 296 1.75 32.54 32.29
C ARG C 296 2.44 31.37 31.60
N VAL C 297 3.77 31.37 31.56
CA VAL C 297 4.51 30.27 30.96
C VAL C 297 4.22 28.97 31.70
N HIS C 298 4.37 28.98 33.03
CA HIS C 298 4.10 27.79 33.82
C HIS C 298 2.67 27.33 33.66
N LEU C 299 1.71 28.26 33.71
CA LEU C 299 0.31 27.91 33.60
C LEU C 299 0.02 27.25 32.25
N LEU C 300 0.44 27.88 31.16
CA LEU C 300 0.17 27.32 29.83
C LEU C 300 0.83 25.96 29.66
N THR C 301 2.09 25.83 30.08
CA THR C 301 2.80 24.57 29.92
C THR C 301 2.12 23.46 30.70
N LYS C 302 1.82 23.69 31.97
CA LYS C 302 1.22 22.65 32.80
C LYS C 302 -0.19 22.31 32.31
N LEU C 303 -0.97 23.31 31.92
CA LEU C 303 -2.32 23.05 31.45
C LEU C 303 -2.31 22.27 30.14
N ALA C 304 -1.40 22.60 29.23
CA ALA C 304 -1.30 21.84 27.98
C ALA C 304 -0.84 20.41 28.24
N ASP C 305 0.10 20.22 29.18
CA ASP C 305 0.51 18.87 29.53
C ASP C 305 -0.64 18.06 30.10
N ILE C 306 -1.44 18.68 30.98
CA ILE C 306 -2.57 17.98 31.57
C ILE C 306 -3.62 17.67 30.52
N GLU C 307 -3.83 18.59 29.57
CA GLU C 307 -4.78 18.33 28.49
C GLU C 307 -4.32 17.18 27.60
N TYR C 308 -3.03 17.15 27.27
CA TYR C 308 -2.51 16.06 26.46
C TYR C 308 -2.58 14.73 27.20
N SER C 309 -2.42 14.75 28.53
CA SER C 309 -2.56 13.52 29.30
C SER C 309 -4.02 13.08 29.36
N ILE C 310 -4.95 14.03 29.48
CA ILE C 310 -6.37 13.70 29.49
C ILE C 310 -6.79 13.12 28.14
N SER C 311 -6.19 13.61 27.07
CA SER C 311 -6.52 13.13 25.73
C SER C 311 -6.18 11.67 25.53
N LYS C 312 -5.50 11.07 26.50
CA LYS C 312 -5.16 9.65 26.45
C LYS C 312 -5.75 8.84 27.60
N GLY C 313 -6.46 9.48 28.53
CA GLY C 313 -7.08 8.78 29.63
C GLY C 313 -6.33 8.99 30.94
N GLY C 314 -6.67 8.15 31.91
CA GLY C 314 -6.07 8.19 33.22
C GLY C 314 -7.08 8.40 34.32
N ASN C 315 -6.57 8.82 35.48
CA ASN C 315 -7.39 9.07 36.66
C ASN C 315 -7.89 10.51 36.62
N ASP C 316 -9.22 10.67 36.61
CA ASP C 316 -9.80 12.00 36.57
C ASP C 316 -9.52 12.79 37.83
N GLN C 317 -9.53 12.13 38.99
CA GLN C 317 -9.25 12.82 40.25
C GLN C 317 -7.80 13.30 40.30
N ILE C 318 -6.86 12.44 39.86
CA ILE C 318 -5.46 12.83 39.84
C ILE C 318 -5.24 14.01 38.91
N GLN C 319 -5.89 13.99 37.74
CA GLN C 319 -5.75 15.09 36.80
C GLN C 319 -6.40 16.37 37.31
N GLY C 320 -7.52 16.28 38.03
CA GLY C 320 -8.12 17.46 38.62
C GLY C 320 -7.25 18.08 39.69
N SER C 321 -6.69 17.23 40.56
CA SER C 321 -5.74 17.71 41.55
C SER C 321 -4.51 18.31 40.88
N ALA C 322 -4.09 17.74 39.74
CA ALA C 322 -2.96 18.30 39.01
C ALA C 322 -3.29 19.68 38.46
N VAL C 323 -4.50 19.85 37.93
CA VAL C 323 -4.93 21.17 37.44
C VAL C 323 -4.92 22.18 38.58
N ILE C 324 -5.49 21.79 39.73
CA ILE C 324 -5.53 22.69 40.88
C ILE C 324 -4.13 23.09 41.30
N GLY C 325 -3.24 22.10 41.45
CA GLY C 325 -1.88 22.38 41.89
C GLY C 325 -1.10 23.21 40.88
N ALA C 326 -1.33 22.95 39.58
CA ALA C 326 -0.65 23.72 38.55
C ALA C 326 -1.08 25.17 38.57
N ILE C 327 -2.39 25.43 38.63
CA ILE C 327 -2.87 26.80 38.70
C ILE C 327 -2.35 27.49 39.95
N LYS C 328 -2.37 26.78 41.08
CA LYS C 328 -1.91 27.38 42.34
C LYS C 328 -0.43 27.72 42.29
N ALA C 329 0.40 26.78 41.83
CA ALA C 329 1.84 27.03 41.77
C ALA C 329 2.18 28.10 40.74
N SER C 330 1.39 28.19 39.67
CA SER C 330 1.62 29.25 38.70
C SER C 330 1.28 30.61 39.28
N PHE C 331 0.20 30.70 40.05
CA PHE C 331 -0.16 31.99 40.65
C PHE C 331 0.67 32.33 41.88
N GLU C 332 1.35 31.37 42.49
CA GLU C 332 2.23 31.66 43.62
C GLU C 332 3.43 32.52 43.22
N ASN C 333 3.78 32.58 41.94
CA ASN C 333 4.85 33.45 41.47
C ASN C 333 4.40 34.89 41.30
N GLU C 334 3.10 35.16 41.41
CA GLU C 334 2.55 36.51 41.31
C GLU C 334 2.36 37.12 42.70
N THR C 335 3.46 37.60 43.29
CA THR C 335 3.42 38.20 44.61
C THR C 335 4.61 39.12 44.83
N SER D 14 -36.77 -20.67 20.52
CA SER D 14 -36.83 -19.31 19.99
C SER D 14 -36.53 -18.28 21.07
N LYS D 15 -37.58 -17.73 21.66
CA LYS D 15 -37.39 -16.72 22.70
C LYS D 15 -36.96 -17.37 24.02
N LEU D 16 -37.46 -18.57 24.30
CA LEU D 16 -37.05 -19.26 25.52
C LEU D 16 -35.58 -19.64 25.51
N ALA D 17 -35.05 -20.04 24.36
CA ALA D 17 -33.61 -20.31 24.26
C ALA D 17 -32.81 -19.06 24.55
N ALA D 18 -33.27 -17.90 24.05
CA ALA D 18 -32.60 -16.64 24.36
C ALA D 18 -32.67 -16.32 25.84
N GLU D 19 -33.82 -16.56 26.48
CA GLU D 19 -33.94 -16.31 27.92
C GLU D 19 -32.98 -17.19 28.70
N GLN D 20 -32.88 -18.48 28.35
CA GLN D 20 -31.97 -19.37 29.06
C GLN D 20 -30.51 -19.00 28.82
N SER D 21 -30.17 -18.59 27.59
CA SER D 21 -28.79 -18.20 27.32
C SER D 21 -28.43 -16.93 28.07
N LEU D 22 -29.40 -16.01 28.22
CA LEU D 22 -29.16 -14.83 29.03
C LEU D 22 -29.00 -15.19 30.50
N ALA D 23 -29.80 -16.13 30.98
CA ALA D 23 -29.71 -16.58 32.37
C ALA D 23 -28.42 -17.34 32.67
N GLN D 24 -27.81 -17.95 31.66
CA GLN D 24 -26.52 -18.62 31.83
C GLN D 24 -25.35 -17.75 31.38
N GLN D 25 -25.59 -16.46 31.25
CA GLN D 25 -24.59 -15.48 30.80
C GLN D 25 -24.10 -14.65 31.98
N PRO D 26 -22.83 -14.20 31.94
CA PRO D 26 -22.36 -13.30 32.99
C PRO D 26 -23.22 -12.05 33.10
N TRP D 27 -23.18 -11.43 34.29
CA TRP D 27 -24.09 -10.34 34.59
C TRP D 27 -23.86 -9.11 33.71
N VAL D 28 -22.67 -8.98 33.12
CA VAL D 28 -22.41 -7.85 32.23
C VAL D 28 -23.28 -7.94 30.99
N GLU D 29 -23.36 -9.12 30.38
CA GLU D 29 -24.19 -9.33 29.21
C GLU D 29 -25.63 -9.71 29.56
N LYS D 30 -25.83 -10.29 30.75
CA LYS D 30 -27.17 -10.68 31.16
C LYS D 30 -28.07 -9.46 31.38
N TYR D 31 -27.52 -8.39 31.94
CA TYR D 31 -28.28 -7.18 32.23
C TYR D 31 -27.93 -6.04 31.29
N ARG D 32 -27.61 -6.36 30.05
CA ARG D 32 -27.36 -5.33 29.05
C ARG D 32 -28.66 -4.59 28.74
N PRO D 33 -28.65 -3.26 28.71
CA PRO D 33 -29.89 -2.52 28.43
C PRO D 33 -30.45 -2.85 27.06
N LYS D 34 -31.69 -3.34 27.04
CA LYS D 34 -32.39 -3.68 25.81
C LYS D 34 -33.27 -2.54 25.30
N ASN D 35 -33.74 -1.67 26.19
CA ASN D 35 -34.55 -0.53 25.82
C ASN D 35 -33.87 0.75 26.27
N LEU D 36 -34.34 1.87 25.74
CA LEU D 36 -33.79 3.18 26.12
C LEU D 36 -34.13 3.58 27.54
N ASP D 37 -35.07 2.90 28.19
CA ASP D 37 -35.42 3.21 29.57
C ASP D 37 -34.48 2.55 30.57
N GLU D 38 -33.75 1.51 30.16
CA GLU D 38 -32.85 0.83 31.08
C GLU D 38 -31.61 1.68 31.37
N VAL D 39 -31.31 2.65 30.51
CA VAL D 39 -30.21 3.57 30.77
C VAL D 39 -30.52 4.38 32.00
N THR D 40 -29.67 4.26 33.03
CA THR D 40 -29.99 4.85 34.33
C THR D 40 -29.53 6.29 34.44
N ALA D 41 -28.30 6.59 34.01
CA ALA D 41 -27.70 7.89 34.25
C ALA D 41 -27.58 8.77 33.02
N GLN D 42 -27.36 8.20 31.84
CA GLN D 42 -27.20 8.99 30.62
C GLN D 42 -28.59 9.37 30.10
N ASP D 43 -29.20 10.31 30.79
CA ASP D 43 -30.57 10.73 30.48
C ASP D 43 -30.65 11.78 29.39
N HIS D 44 -29.66 12.68 29.30
CA HIS D 44 -29.72 13.76 28.32
C HIS D 44 -29.69 13.21 26.89
N ALA D 45 -28.90 12.15 26.67
CA ALA D 45 -28.83 11.58 25.33
C ALA D 45 -30.06 10.74 25.01
N VAL D 46 -30.49 9.90 25.94
CA VAL D 46 -31.64 9.04 25.68
C VAL D 46 -32.93 9.83 25.58
N THR D 47 -33.01 11.03 26.17
CA THR D 47 -34.18 11.87 25.99
C THR D 47 -34.31 12.29 24.53
N VAL D 48 -33.21 12.77 23.94
CA VAL D 48 -33.22 13.13 22.53
C VAL D 48 -33.48 11.91 21.66
N LEU D 49 -32.89 10.77 22.04
CA LEU D 49 -33.09 9.55 21.26
C LEU D 49 -34.54 9.08 21.30
N LYS D 50 -35.23 9.32 22.43
CA LYS D 50 -36.63 8.96 22.52
C LYS D 50 -37.51 9.95 21.76
N LYS D 51 -37.15 11.23 21.78
CA LYS D 51 -37.93 12.22 21.05
C LYS D 51 -37.82 11.99 19.54
N THR D 52 -36.61 11.73 19.04
CA THR D 52 -36.45 11.49 17.61
C THR D 52 -37.02 10.15 17.19
N LEU D 53 -37.36 9.27 18.14
CA LEU D 53 -38.01 8.01 17.79
C LEU D 53 -39.40 8.22 17.22
N LYS D 54 -40.12 9.24 17.69
CA LYS D 54 -41.41 9.60 17.13
C LYS D 54 -41.29 10.40 15.85
N SER D 55 -40.22 11.18 15.70
CA SER D 55 -39.96 11.91 14.46
C SER D 55 -39.13 11.04 13.54
N ALA D 56 -38.59 11.63 12.47
CA ALA D 56 -37.78 10.88 11.51
C ALA D 56 -36.54 11.68 11.09
N ASN D 57 -35.99 12.48 11.99
CA ASN D 57 -34.86 13.33 11.66
C ASN D 57 -33.63 12.98 12.50
N LEU D 58 -33.36 11.69 12.64
CA LEU D 58 -32.18 11.24 13.38
C LEU D 58 -30.91 11.76 12.71
N PRO D 59 -30.11 12.59 13.38
CA PRO D 59 -28.89 13.10 12.77
C PRO D 59 -27.73 12.13 12.99
N HIS D 60 -26.61 12.41 12.33
CA HIS D 60 -25.38 11.66 12.57
C HIS D 60 -24.89 11.92 13.98
N MET D 61 -24.57 10.85 14.70
CA MET D 61 -24.24 10.97 16.12
C MET D 61 -22.83 10.48 16.38
N LEU D 62 -22.22 11.01 17.44
CA LEU D 62 -20.87 10.68 17.85
C LEU D 62 -20.87 10.52 19.36
N PHE D 63 -20.90 9.29 19.84
CA PHE D 63 -20.87 8.99 21.27
C PHE D 63 -19.42 8.95 21.74
N TYR D 64 -19.13 9.67 22.82
CA TYR D 64 -17.79 9.68 23.38
C TYR D 64 -17.88 9.83 24.90
N GLY D 65 -16.93 9.19 25.58
CA GLY D 65 -16.87 9.22 27.03
C GLY D 65 -16.01 8.11 27.59
N PRO D 66 -15.99 7.99 28.91
CA PRO D 66 -15.20 6.93 29.56
C PRO D 66 -15.71 5.55 29.19
N PRO D 67 -14.89 4.52 29.31
CA PRO D 67 -15.34 3.16 28.98
C PRO D 67 -16.32 2.64 30.02
N GLY D 68 -17.31 1.88 29.54
CA GLY D 68 -18.31 1.31 30.43
C GLY D 68 -19.43 2.23 30.81
N THR D 69 -19.64 3.31 30.04
CA THR D 69 -20.72 4.25 30.32
C THR D 69 -22.02 3.88 29.63
N GLY D 70 -22.00 2.97 28.66
CA GLY D 70 -23.19 2.50 28.00
C GLY D 70 -23.44 3.02 26.60
N LYS D 71 -22.39 3.42 25.86
CA LYS D 71 -22.56 3.93 24.51
C LYS D 71 -23.08 2.84 23.57
N THR D 72 -22.39 1.71 23.53
CA THR D 72 -22.82 0.60 22.69
C THR D 72 -24.19 0.09 23.11
N SER D 73 -24.43 -0.02 24.41
CA SER D 73 -25.75 -0.44 24.88
C SER D 73 -26.82 0.56 24.49
N THR D 74 -26.53 1.86 24.59
CA THR D 74 -27.51 2.88 24.22
C THR D 74 -27.84 2.81 22.74
N ILE D 75 -26.82 2.69 21.88
CA ILE D 75 -27.10 2.65 20.45
C ILE D 75 -27.80 1.35 20.06
N LEU D 76 -27.49 0.23 20.74
CA LEU D 76 -28.17 -1.02 20.45
C LEU D 76 -29.65 -0.93 20.85
N ALA D 77 -29.93 -0.37 22.03
CA ALA D 77 -31.31 -0.20 22.47
C ALA D 77 -32.06 0.74 21.54
N LEU D 78 -31.41 1.81 21.08
CA LEU D 78 -32.06 2.73 20.15
C LEU D 78 -32.39 2.05 18.83
N THR D 79 -31.42 1.33 18.25
CA THR D 79 -31.66 0.62 17.00
C THR D 79 -32.76 -0.42 17.16
N LYS D 80 -32.80 -1.12 18.31
CA LYS D 80 -33.89 -2.07 18.56
C LYS D 80 -35.23 -1.36 18.59
N GLU D 81 -35.38 -0.37 19.48
CA GLU D 81 -36.65 0.34 19.59
C GLU D 81 -37.07 0.96 18.26
N LEU D 82 -36.11 1.24 17.38
CA LEU D 82 -36.44 1.83 16.09
C LEU D 82 -36.92 0.78 15.10
N TYR D 83 -36.17 -0.32 14.95
CA TYR D 83 -36.38 -1.21 13.81
C TYR D 83 -37.06 -2.53 14.15
N GLY D 84 -37.14 -2.93 15.42
CA GLY D 84 -37.69 -4.21 15.77
C GLY D 84 -36.70 -5.33 15.58
N PRO D 85 -36.96 -6.47 16.22
CA PRO D 85 -36.03 -7.62 16.11
C PRO D 85 -35.97 -8.23 14.72
N ASP D 86 -36.86 -7.87 13.81
CA ASP D 86 -36.83 -8.35 12.44
C ASP D 86 -35.95 -7.50 11.54
N LEU D 87 -36.16 -6.18 11.53
CA LEU D 87 -35.30 -5.29 10.77
C LEU D 87 -34.00 -4.96 11.49
N MET D 88 -33.80 -5.51 12.69
CA MET D 88 -32.54 -5.29 13.41
C MET D 88 -31.34 -5.84 12.64
N LYS D 89 -31.52 -6.89 11.85
CA LYS D 89 -30.42 -7.53 11.15
C LYS D 89 -30.33 -7.13 9.69
N SER D 90 -31.26 -6.32 9.19
CA SER D 90 -31.28 -5.95 7.77
C SER D 90 -31.00 -4.48 7.50
N ARG D 91 -31.21 -3.59 8.47
CA ARG D 91 -31.00 -2.16 8.27
C ARG D 91 -29.87 -1.62 9.14
N ILE D 92 -28.96 -2.47 9.57
CA ILE D 92 -27.86 -2.07 10.46
C ILE D 92 -26.54 -2.55 9.86
N LEU D 93 -25.56 -1.66 9.85
CA LEU D 93 -24.19 -2.00 9.45
C LEU D 93 -23.27 -1.67 10.60
N GLU D 94 -22.91 -2.69 11.39
CA GLU D 94 -22.07 -2.52 12.56
C GLU D 94 -20.64 -2.90 12.20
N LEU D 95 -19.72 -1.94 12.34
CA LEU D 95 -18.30 -2.17 12.09
C LEU D 95 -17.53 -1.91 13.37
N ASN D 96 -16.84 -2.94 13.86
CA ASN D 96 -16.10 -2.84 15.11
C ASN D 96 -14.62 -2.66 14.83
N ALA D 97 -13.80 -2.67 15.88
CA ALA D 97 -12.35 -2.58 15.71
C ALA D 97 -11.72 -3.92 15.36
N SER D 98 -12.47 -5.01 15.41
CA SER D 98 -11.99 -6.33 15.03
C SER D 98 -12.06 -6.57 13.52
N ASP D 99 -12.43 -5.56 12.75
CA ASP D 99 -12.52 -5.65 11.30
C ASP D 99 -11.56 -4.65 10.67
N GLU D 100 -11.31 -4.84 9.38
CA GLU D 100 -10.45 -3.94 8.61
C GLU D 100 -11.24 -2.69 8.25
N ARG D 101 -10.67 -1.52 8.57
CA ARG D 101 -11.34 -0.24 8.33
C ARG D 101 -10.37 0.74 7.68
N GLY D 102 -9.66 0.29 6.66
CA GLY D 102 -8.79 1.17 5.90
C GLY D 102 -9.56 2.02 4.92
N ILE D 103 -8.81 2.68 4.04
CA ILE D 103 -9.44 3.50 3.00
C ILE D 103 -10.22 2.61 2.03
N SER D 104 -9.66 1.44 1.70
CA SER D 104 -10.30 0.55 0.75
C SER D 104 -11.66 0.08 1.27
N ILE D 105 -11.71 -0.33 2.54
CA ILE D 105 -12.97 -0.81 3.11
C ILE D 105 -13.99 0.31 3.17
N VAL D 106 -13.58 1.47 3.69
CA VAL D 106 -14.47 2.61 3.80
C VAL D 106 -15.02 3.02 2.44
N ARG D 107 -14.19 2.95 1.40
CA ARG D 107 -14.62 3.39 0.08
C ARG D 107 -15.51 2.36 -0.59
N GLU D 108 -15.22 1.06 -0.43
CA GLU D 108 -16.02 0.05 -1.09
C GLU D 108 -17.27 -0.31 -0.28
N LYS D 109 -17.08 -0.91 0.89
CA LYS D 109 -18.17 -1.58 1.59
C LYS D 109 -19.13 -0.57 2.21
N VAL D 110 -18.60 0.39 2.97
CA VAL D 110 -19.44 1.38 3.63
C VAL D 110 -20.20 2.20 2.60
N LYS D 111 -19.52 2.60 1.52
CA LYS D 111 -20.17 3.43 0.52
C LYS D 111 -21.20 2.63 -0.29
N ASN D 112 -20.95 1.34 -0.52
CA ASN D 112 -21.92 0.53 -1.22
C ASN D 112 -23.16 0.28 -0.37
N PHE D 113 -22.96 0.12 0.95
CA PHE D 113 -24.11 -0.04 1.84
C PHE D 113 -24.89 1.26 1.97
N ALA D 114 -24.19 2.40 1.98
CA ALA D 114 -24.87 3.69 2.10
C ALA D 114 -25.64 4.02 0.83
N ARG D 115 -25.05 3.74 -0.34
CA ARG D 115 -25.70 4.03 -1.61
C ARG D 115 -26.92 3.12 -1.85
N LEU D 116 -26.93 1.93 -1.26
CA LEU D 116 -28.05 1.03 -1.39
C LEU D 116 -29.31 1.65 -0.77
N THR D 117 -30.47 1.16 -1.23
CA THR D 117 -31.75 1.63 -0.71
C THR D 117 -32.11 0.87 0.55
N VAL D 118 -33.03 1.45 1.33
CA VAL D 118 -33.46 0.81 2.56
C VAL D 118 -34.33 -0.40 2.24
N SER D 119 -34.19 -1.44 3.04
CA SER D 119 -34.96 -2.66 2.83
C SER D 119 -36.43 -2.43 3.17
N LYS D 120 -37.30 -3.11 2.44
CA LYS D 120 -38.73 -2.96 2.67
C LYS D 120 -39.13 -3.56 4.00
N PRO D 121 -39.82 -2.81 4.86
CA PRO D 121 -40.34 -3.40 6.11
C PRO D 121 -41.53 -4.30 5.82
N SER D 122 -41.74 -5.25 6.72
CA SER D 122 -42.83 -6.20 6.58
C SER D 122 -44.13 -5.56 7.11
N LYS D 123 -45.23 -6.31 7.05
CA LYS D 123 -46.50 -5.79 7.54
C LYS D 123 -46.54 -5.74 9.06
N HIS D 124 -45.84 -6.68 9.73
CA HIS D 124 -45.78 -6.68 11.18
C HIS D 124 -44.85 -5.61 11.73
N ASP D 125 -43.92 -5.12 10.90
CA ASP D 125 -42.95 -4.12 11.37
C ASP D 125 -43.61 -2.75 11.53
N LEU D 126 -44.34 -2.31 10.51
CA LEU D 126 -44.95 -0.99 10.54
C LEU D 126 -46.07 -0.87 11.57
N GLU D 127 -46.61 -1.99 12.06
CA GLU D 127 -47.72 -1.93 13.00
C GLU D 127 -47.25 -1.69 14.43
N ASN D 128 -46.02 -2.03 14.76
CA ASN D 128 -45.50 -1.89 16.11
C ASN D 128 -44.31 -0.95 16.24
N TYR D 129 -43.53 -0.76 15.18
CA TYR D 129 -42.33 0.05 15.23
C TYR D 129 -42.42 1.20 14.24
N PRO D 130 -41.76 2.32 14.53
CA PRO D 130 -41.85 3.47 13.60
C PRO D 130 -41.30 3.19 12.22
N CYS D 131 -40.25 2.38 12.12
CA CYS D 131 -39.63 2.01 10.84
C CYS D 131 -39.25 3.26 10.04
N PRO D 132 -38.22 3.98 10.45
CA PRO D 132 -37.83 5.20 9.73
C PRO D 132 -37.36 4.87 8.33
N PRO D 133 -37.39 5.83 7.41
CA PRO D 133 -36.98 5.57 6.02
C PRO D 133 -35.49 5.51 5.80
N TYR D 134 -34.68 5.42 6.86
CA TYR D 134 -33.24 5.37 6.73
C TYR D 134 -32.69 4.19 7.54
N LYS D 135 -31.47 3.79 7.19
CA LYS D 135 -30.74 2.75 7.89
C LYS D 135 -29.63 3.38 8.72
N ILE D 136 -28.98 2.55 9.54
CA ILE D 136 -27.98 3.02 10.50
C ILE D 136 -26.68 2.25 10.28
N ILE D 137 -25.59 2.99 10.10
CA ILE D 137 -24.25 2.44 10.03
C ILE D 137 -23.47 2.92 11.24
N ILE D 138 -23.14 2.01 12.14
CA ILE D 138 -22.42 2.33 13.37
C ILE D 138 -20.99 1.83 13.23
N LEU D 139 -20.05 2.61 13.75
CA LEU D 139 -18.63 2.27 13.74
C LEU D 139 -18.12 2.32 15.17
N ASP D 140 -18.06 1.17 15.82
CA ASP D 140 -17.63 1.07 17.21
C ASP D 140 -16.11 1.14 17.29
N GLU D 141 -15.61 1.78 18.36
CA GLU D 141 -14.18 1.96 18.58
C GLU D 141 -13.54 2.69 17.40
N ALA D 142 -13.98 3.92 17.17
CA ALA D 142 -13.47 4.74 16.08
C ALA D 142 -12.09 5.32 16.36
N ASP D 143 -11.51 5.05 17.53
CA ASP D 143 -10.18 5.56 17.83
C ASP D 143 -9.11 4.90 16.97
N SER D 144 -9.34 3.64 16.58
CA SER D 144 -8.39 2.90 15.75
C SER D 144 -8.50 3.24 14.28
N MET D 145 -9.49 4.03 13.87
CA MET D 145 -9.63 4.40 12.47
C MET D 145 -8.63 5.48 12.11
N THR D 146 -7.90 5.25 11.02
CA THR D 146 -6.92 6.23 10.55
C THR D 146 -7.62 7.47 10.02
N ALA D 147 -6.93 8.62 10.12
CA ALA D 147 -7.54 9.90 9.78
C ALA D 147 -7.92 10.00 8.30
N ASP D 148 -7.20 9.32 7.41
CA ASP D 148 -7.55 9.37 5.99
C ASP D 148 -8.81 8.55 5.71
N ALA D 149 -8.92 7.36 6.32
CA ALA D 149 -10.16 6.60 6.21
C ALA D 149 -11.32 7.33 6.88
N GLN D 150 -11.04 8.18 7.86
CA GLN D 150 -12.09 8.98 8.48
C GLN D 150 -12.52 10.12 7.57
N SER D 151 -11.57 10.81 6.94
CA SER D 151 -11.92 11.86 5.99
C SER D 151 -12.62 11.31 4.77
N ALA D 152 -12.37 10.04 4.44
CA ALA D 152 -13.09 9.41 3.32
C ALA D 152 -14.58 9.29 3.64
N LEU D 153 -14.93 9.19 4.93
CA LEU D 153 -16.32 9.05 5.32
C LEU D 153 -17.09 10.37 5.23
N ARG D 154 -16.40 11.49 5.03
CA ARG D 154 -17.01 12.81 5.12
C ARG D 154 -18.15 12.95 4.11
N ARG D 155 -17.82 12.92 2.81
CA ARG D 155 -18.86 13.09 1.80
C ARG D 155 -19.77 11.88 1.73
N THR D 156 -19.28 10.69 2.11
CA THR D 156 -20.12 9.51 2.16
C THR D 156 -21.30 9.71 3.10
N MET D 157 -21.04 10.27 4.29
CA MET D 157 -22.10 10.56 5.23
C MET D 157 -22.80 11.89 4.95
N GLU D 158 -22.19 12.77 4.16
CA GLU D 158 -22.79 14.07 3.87
C GLU D 158 -23.81 14.00 2.73
N THR D 159 -23.58 13.18 1.71
CA THR D 159 -24.46 13.13 0.55
C THR D 159 -25.55 12.07 0.67
N TYR D 160 -25.27 10.93 1.32
CA TYR D 160 -26.23 9.85 1.46
C TYR D 160 -26.98 9.92 2.78
N SER D 161 -27.07 11.11 3.39
CA SER D 161 -27.75 11.24 4.68
C SER D 161 -29.24 10.95 4.56
N GLY D 162 -29.80 11.01 3.35
CA GLY D 162 -31.22 10.77 3.18
C GLY D 162 -31.60 9.32 3.39
N VAL D 163 -30.66 8.41 3.17
CA VAL D 163 -30.95 6.98 3.23
C VAL D 163 -30.22 6.27 4.37
N THR D 164 -29.12 6.82 4.86
CA THR D 164 -28.40 6.20 5.96
C THR D 164 -27.97 7.26 6.98
N ARG D 165 -27.79 6.82 8.22
CA ARG D 165 -27.35 7.67 9.31
C ARG D 165 -26.13 7.03 9.96
N PHE D 166 -25.13 7.86 10.28
CA PHE D 166 -23.85 7.37 10.79
C PHE D 166 -23.77 7.61 12.30
N CYS D 167 -23.35 6.58 13.02
CA CYS D 167 -23.17 6.63 14.46
C CYS D 167 -21.75 6.20 14.80
N LEU D 168 -20.91 7.15 15.17
CA LEU D 168 -19.54 6.88 15.59
C LEU D 168 -19.53 6.69 17.10
N ILE D 169 -18.68 5.77 17.57
CA ILE D 169 -18.53 5.50 19.00
C ILE D 169 -17.05 5.47 19.32
N CYS D 170 -16.64 6.24 20.33
CA CYS D 170 -15.23 6.28 20.71
C CYS D 170 -15.11 6.60 22.19
N ASN D 171 -13.90 6.46 22.70
CA ASN D 171 -13.56 6.83 24.08
C ASN D 171 -12.85 8.17 24.15
N TYR D 172 -11.90 8.42 23.23
CA TYR D 172 -11.19 9.69 23.15
C TYR D 172 -11.72 10.43 21.93
N VAL D 173 -12.42 11.55 22.17
CA VAL D 173 -12.98 12.32 21.07
C VAL D 173 -11.88 13.02 20.26
N THR D 174 -10.68 13.12 20.82
CA THR D 174 -9.59 13.77 20.10
C THR D 174 -9.04 12.90 18.97
N ARG D 175 -9.23 11.59 19.03
CA ARG D 175 -8.72 10.71 17.98
C ARG D 175 -9.49 10.84 16.68
N ILE D 176 -10.68 11.45 16.72
CA ILE D 176 -11.49 11.65 15.53
C ILE D 176 -11.20 13.03 14.97
N ILE D 177 -11.07 13.13 13.64
CA ILE D 177 -10.73 14.41 13.03
C ILE D 177 -11.82 15.44 13.28
N ASP D 178 -11.44 16.72 13.17
CA ASP D 178 -12.36 17.82 13.42
C ASP D 178 -13.55 17.86 12.46
N PRO D 179 -13.40 17.65 11.15
CA PRO D 179 -14.58 17.65 10.27
C PRO D 179 -15.61 16.60 10.65
N LEU D 180 -15.18 15.38 10.99
CA LEU D 180 -16.13 14.35 11.39
C LEU D 180 -16.81 14.71 12.70
N ALA D 181 -16.05 15.26 13.66
CA ALA D 181 -16.66 15.69 14.91
C ALA D 181 -17.63 16.85 14.70
N SER D 182 -17.44 17.65 13.65
CA SER D 182 -18.37 18.72 13.35
C SER D 182 -19.62 18.21 12.65
N ARG D 183 -19.46 17.20 11.79
CA ARG D 183 -20.61 16.68 11.05
C ARG D 183 -21.58 15.92 11.95
N CYS D 184 -21.08 15.29 13.01
CA CYS D 184 -21.92 14.50 13.90
C CYS D 184 -22.27 15.28 15.15
N SER D 185 -23.44 14.99 15.71
CA SER D 185 -23.83 15.56 17.00
C SER D 185 -23.09 14.84 18.12
N LYS D 186 -22.38 15.62 18.93
CA LYS D 186 -21.52 15.09 19.98
C LYS D 186 -22.37 14.76 21.20
N PHE D 187 -22.35 13.49 21.61
CA PHE D 187 -23.02 13.04 22.82
C PHE D 187 -21.96 12.55 23.80
N ARG D 188 -21.78 13.29 24.89
CA ARG D 188 -20.81 12.94 25.91
C ARG D 188 -21.49 12.13 27.01
N PHE D 189 -21.02 10.90 27.19
CA PHE D 189 -21.51 10.02 28.24
C PHE D 189 -20.74 10.29 29.54
N LYS D 190 -21.49 10.53 30.61
CA LYS D 190 -20.90 10.92 31.88
C LYS D 190 -20.45 9.68 32.66
N ALA D 191 -19.46 9.88 33.52
CA ALA D 191 -19.00 8.80 34.38
C ALA D 191 -20.09 8.39 35.35
N LEU D 192 -20.19 7.07 35.59
CA LEU D 192 -21.25 6.51 36.41
C LEU D 192 -20.71 6.32 37.82
N ASP D 193 -20.83 7.36 38.64
CA ASP D 193 -20.39 7.31 40.02
C ASP D 193 -21.49 6.69 40.89
N ALA D 194 -21.35 6.79 42.21
CA ALA D 194 -22.33 6.19 43.10
C ALA D 194 -23.69 6.85 42.98
N SER D 195 -23.71 8.17 42.80
CA SER D 195 -24.97 8.92 42.84
C SER D 195 -25.92 8.47 41.75
N ASN D 196 -25.46 8.50 40.49
CA ASN D 196 -26.34 8.25 39.35
C ASN D 196 -26.39 6.79 38.93
N ALA D 197 -25.72 5.89 39.66
CA ALA D 197 -25.74 4.47 39.34
C ALA D 197 -26.11 3.60 40.53
N ILE D 198 -26.37 4.18 41.70
CA ILE D 198 -26.74 3.38 42.86
C ILE D 198 -28.07 2.68 42.63
N ASP D 199 -28.98 3.33 41.90
CA ASP D 199 -30.27 2.70 41.60
C ASP D 199 -30.09 1.46 40.73
N ARG D 200 -29.28 1.57 39.68
CA ARG D 200 -29.04 0.42 38.81
C ARG D 200 -28.31 -0.70 39.56
N LEU D 201 -27.33 -0.33 40.39
CA LEU D 201 -26.60 -1.34 41.14
C LEU D 201 -27.51 -2.06 42.14
N ARG D 202 -28.39 -1.31 42.81
CA ARG D 202 -29.34 -1.93 43.73
C ARG D 202 -30.33 -2.81 42.99
N PHE D 203 -30.77 -2.40 41.81
CA PHE D 203 -31.65 -3.24 41.01
C PHE D 203 -30.96 -4.54 40.63
N ILE D 204 -29.71 -4.47 40.18
CA ILE D 204 -28.97 -5.68 39.83
C ILE D 204 -28.78 -6.57 41.06
N SER D 205 -28.55 -5.96 42.23
CA SER D 205 -28.36 -6.75 43.44
C SER D 205 -29.66 -7.43 43.87
N GLU D 206 -30.79 -6.74 43.76
CA GLU D 206 -32.06 -7.34 44.17
C GLU D 206 -32.49 -8.43 43.19
N GLN D 207 -32.25 -8.22 41.90
CA GLN D 207 -32.62 -9.24 40.90
C GLN D 207 -31.82 -10.52 41.06
N GLU D 208 -30.64 -10.46 41.68
CA GLU D 208 -29.80 -11.62 41.90
C GLU D 208 -29.74 -12.05 43.36
N ASN D 209 -30.53 -11.43 44.24
CA ASN D 209 -30.55 -11.75 45.66
C ASN D 209 -29.16 -11.63 46.28
N VAL D 210 -28.49 -10.52 45.98
CA VAL D 210 -27.15 -10.24 46.49
C VAL D 210 -27.30 -9.60 47.86
N LYS D 211 -27.15 -10.40 48.92
CA LYS D 211 -27.29 -9.91 50.29
C LYS D 211 -25.97 -9.25 50.70
N CYS D 212 -25.97 -7.93 50.77
CA CYS D 212 -24.80 -7.15 51.15
C CYS D 212 -25.13 -6.23 52.32
N ASP D 213 -24.12 -5.51 52.78
CA ASP D 213 -24.27 -4.57 53.88
C ASP D 213 -24.79 -3.23 53.36
N ASP D 214 -24.78 -2.22 54.23
CA ASP D 214 -25.31 -0.90 53.91
C ASP D 214 -24.46 -0.17 52.89
N GLY D 215 -23.16 -0.05 53.14
CA GLY D 215 -22.30 0.74 52.29
C GLY D 215 -21.42 -0.06 51.35
N VAL D 216 -21.97 -1.13 50.78
CA VAL D 216 -21.19 -1.95 49.85
C VAL D 216 -21.34 -1.44 48.42
N LEU D 217 -22.58 -1.36 47.92
CA LEU D 217 -22.81 -0.96 46.54
C LEU D 217 -22.20 0.41 46.25
N GLU D 218 -22.50 1.40 47.10
CA GLU D 218 -21.91 2.72 46.93
C GLU D 218 -20.39 2.66 46.94
N ARG D 219 -19.83 1.74 47.74
CA ARG D 219 -18.39 1.55 47.74
C ARG D 219 -17.90 0.95 46.43
N ILE D 220 -18.65 -0.02 45.89
CA ILE D 220 -18.25 -0.70 44.66
C ILE D 220 -18.06 0.32 43.53
N LEU D 221 -19.07 1.15 43.30
CA LEU D 221 -18.94 2.21 42.30
C LEU D 221 -17.81 3.16 42.65
N ASP D 222 -17.57 3.39 43.94
CA ASP D 222 -16.43 4.22 44.34
C ASP D 222 -15.12 3.61 43.89
N ILE D 223 -15.04 2.27 43.87
CA ILE D 223 -13.86 1.61 43.32
C ILE D 223 -13.89 1.62 41.80
N SER D 224 -15.10 1.66 41.23
CA SER D 224 -15.24 1.63 39.78
C SER D 224 -14.77 2.92 39.11
N ALA D 225 -14.90 4.05 39.80
CA ALA D 225 -14.48 5.36 39.28
C ALA D 225 -15.17 5.67 37.95
N GLY D 226 -16.49 5.58 37.96
CA GLY D 226 -17.28 5.87 36.79
C GLY D 226 -17.26 4.77 35.76
N ASP D 227 -17.59 3.54 36.17
CA ASP D 227 -17.57 2.39 35.27
C ASP D 227 -18.55 1.36 35.81
N LEU D 228 -19.74 1.29 35.21
CA LEU D 228 -20.76 0.35 35.68
C LEU D 228 -20.43 -1.09 35.32
N ARG D 229 -19.68 -1.32 34.24
CA ARG D 229 -19.32 -2.69 33.87
C ARG D 229 -18.41 -3.30 34.92
N ARG D 230 -17.37 -2.57 35.34
CA ARG D 230 -16.47 -3.07 36.37
C ARG D 230 -17.20 -3.24 37.69
N GLY D 231 -18.13 -2.34 38.02
CA GLY D 231 -18.91 -2.49 39.23
C GLY D 231 -19.79 -3.73 39.21
N ILE D 232 -20.44 -4.00 38.08
CA ILE D 232 -21.26 -5.20 37.96
C ILE D 232 -20.40 -6.46 38.04
N THR D 233 -19.20 -6.42 37.45
CA THR D 233 -18.30 -7.55 37.54
C THR D 233 -17.87 -7.80 38.98
N LEU D 234 -17.53 -6.72 39.71
CA LEU D 234 -17.15 -6.86 41.11
C LEU D 234 -18.31 -7.38 41.96
N LEU D 235 -19.54 -6.92 41.66
CA LEU D 235 -20.70 -7.42 42.38
C LEU D 235 -20.92 -8.89 42.12
N GLN D 236 -20.75 -9.33 40.86
CA GLN D 236 -20.89 -10.74 40.53
C GLN D 236 -19.84 -11.58 41.24
N SER D 237 -18.60 -11.08 41.28
CA SER D 237 -17.54 -11.81 41.98
C SER D 237 -17.82 -11.90 43.47
N ALA D 238 -18.30 -10.82 44.08
CA ALA D 238 -18.62 -10.84 45.50
C ALA D 238 -19.78 -11.80 45.78
N SER D 239 -20.79 -11.81 44.91
CA SER D 239 -21.90 -12.73 45.07
C SER D 239 -21.45 -14.18 44.94
N LYS D 240 -20.56 -14.47 43.99
CA LYS D 240 -20.04 -15.83 43.86
C LYS D 240 -19.24 -16.24 45.08
N GLY D 241 -18.37 -15.35 45.58
CA GLY D 241 -17.60 -15.62 46.78
C GLY D 241 -18.42 -15.76 48.03
N ALA D 242 -19.58 -15.10 48.11
CA ALA D 242 -20.48 -15.25 49.24
C ALA D 242 -21.39 -16.46 49.13
N GLN D 243 -21.71 -16.89 47.91
CA GLN D 243 -22.50 -18.10 47.71
C GLN D 243 -21.67 -19.37 47.88
N TYR D 244 -20.37 -19.31 47.57
CA TYR D 244 -19.51 -20.47 47.78
C TYR D 244 -19.35 -20.77 49.27
N LEU D 245 -19.24 -19.71 50.09
CA LEU D 245 -19.11 -19.91 51.53
C LEU D 245 -20.38 -20.50 52.13
N GLY D 246 -21.54 -19.98 51.70
CA GLY D 246 -22.80 -20.50 52.19
C GLY D 246 -23.09 -20.16 53.64
N ASP D 247 -22.41 -19.17 54.21
CA ASP D 247 -22.63 -18.80 55.60
C ASP D 247 -23.94 -18.06 55.81
N GLY D 248 -24.56 -17.54 54.75
CA GLY D 248 -25.78 -16.80 54.87
C GLY D 248 -25.63 -15.38 55.36
N LYS D 249 -24.40 -14.89 55.51
CA LYS D 249 -24.16 -13.53 55.96
C LYS D 249 -24.20 -12.57 54.78
N ASN D 250 -23.93 -11.30 55.06
CA ASN D 250 -23.95 -10.26 54.05
C ASN D 250 -22.54 -9.91 53.60
N ILE D 251 -22.41 -9.50 52.34
CA ILE D 251 -21.12 -9.09 51.80
C ILE D 251 -20.66 -7.81 52.48
N THR D 252 -19.38 -7.76 52.83
CA THR D 252 -18.79 -6.61 53.51
C THR D 252 -17.96 -5.79 52.53
N SER D 253 -17.78 -4.51 52.86
CA SER D 253 -16.97 -3.64 52.03
C SER D 253 -15.52 -4.08 51.98
N THR D 254 -15.02 -4.67 53.07
CA THR D 254 -13.65 -5.17 53.09
C THR D 254 -13.47 -6.34 52.12
N GLN D 255 -14.43 -7.27 52.11
CA GLN D 255 -14.36 -8.38 51.18
C GLN D 255 -14.42 -7.90 49.73
N VAL D 256 -15.14 -6.80 49.48
CA VAL D 256 -15.24 -6.27 48.13
C VAL D 256 -13.92 -5.62 47.72
N GLU D 257 -13.38 -4.76 48.58
CA GLU D 257 -12.13 -4.08 48.25
C GLU D 257 -10.93 -5.02 48.28
N GLU D 258 -11.07 -6.21 48.86
CA GLU D 258 -10.00 -7.18 48.81
C GLU D 258 -9.83 -7.75 47.40
N LEU D 259 -10.93 -8.14 46.76
CA LEU D 259 -10.89 -8.72 45.42
C LEU D 259 -10.88 -7.66 44.33
N ALA D 260 -11.03 -6.38 44.68
CA ALA D 260 -11.01 -5.31 43.69
C ALA D 260 -9.62 -4.77 43.40
N GLY D 261 -8.59 -5.31 44.06
CA GLY D 261 -7.23 -4.85 43.85
C GLY D 261 -6.85 -3.64 44.66
N VAL D 262 -7.61 -3.30 45.70
CA VAL D 262 -7.33 -2.14 46.52
C VAL D 262 -6.36 -2.53 47.63
N VAL D 263 -5.30 -1.74 47.79
CA VAL D 263 -4.32 -1.99 48.85
C VAL D 263 -4.98 -1.71 50.20
N PRO D 264 -4.80 -2.57 51.20
CA PRO D 264 -5.36 -2.29 52.53
C PRO D 264 -4.84 -0.99 53.11
N HIS D 265 -5.61 -0.45 54.06
CA HIS D 265 -5.28 0.85 54.64
C HIS D 265 -3.96 0.78 55.42
N ASP D 266 -3.72 -0.33 56.11
CA ASP D 266 -2.51 -0.43 56.93
C ASP D 266 -1.26 -0.49 56.06
N ILE D 267 -1.32 -1.22 54.93
CA ILE D 267 -0.18 -1.27 54.03
C ILE D 267 0.11 0.10 53.42
N LEU D 268 -0.93 0.91 53.18
CA LEU D 268 -0.71 2.26 52.67
C LEU D 268 -0.12 3.16 53.75
N ILE D 269 -0.57 3.00 55.00
CA ILE D 269 -0.02 3.79 56.10
C ILE D 269 1.46 3.44 56.31
N GLU D 270 1.83 2.17 56.09
CA GLU D 270 3.24 1.80 56.13
C GLU D 270 4.04 2.54 55.05
N ILE D 271 3.47 2.67 53.85
CA ILE D 271 4.14 3.41 52.79
C ILE D 271 4.28 4.88 53.16
N VAL D 272 3.25 5.46 53.78
CA VAL D 272 3.33 6.86 54.22
C VAL D 272 4.41 7.02 55.27
N GLU D 273 4.53 6.07 56.19
CA GLU D 273 5.59 6.15 57.20
C GLU D 273 6.97 6.02 56.57
N LYS D 274 7.12 5.11 55.60
CA LYS D 274 8.40 4.96 54.94
C LYS D 274 8.78 6.18 54.11
N VAL D 275 7.79 6.87 53.55
CA VAL D 275 8.06 8.09 52.78
C VAL D 275 8.41 9.26 53.69
N LYS D 276 7.63 9.44 54.77
CA LYS D 276 7.88 10.52 55.73
C LYS D 276 9.23 10.34 56.41
N SER D 277 9.41 9.23 57.11
CA SER D 277 10.67 8.92 57.77
C SER D 277 11.35 7.75 57.08
N GLY D 278 12.58 7.98 56.63
CA GLY D 278 13.34 6.95 55.94
C GLY D 278 14.23 7.49 54.84
N ASP D 279 15.31 6.77 54.54
CA ASP D 279 16.26 7.17 53.52
C ASP D 279 15.99 6.39 52.23
N PHE D 280 16.90 6.53 51.26
CA PHE D 280 16.73 5.87 49.97
C PHE D 280 16.76 4.36 50.11
N ASP D 281 17.65 3.84 50.97
CA ASP D 281 17.82 2.39 51.07
C ASP D 281 16.59 1.71 51.67
N GLU D 282 16.07 2.27 52.78
CA GLU D 282 14.89 1.67 53.40
C GLU D 282 13.68 1.74 52.49
N ILE D 283 13.50 2.87 51.80
CA ILE D 283 12.38 3.01 50.88
C ILE D 283 12.51 2.02 49.73
N LYS D 284 13.72 1.87 49.19
CA LYS D 284 13.93 0.92 48.09
C LYS D 284 13.66 -0.51 48.54
N LYS D 285 14.11 -0.86 49.75
CA LYS D 285 13.86 -2.21 50.26
C LYS D 285 12.38 -2.47 50.48
N TYR D 286 11.67 -1.48 51.04
CA TYR D 286 10.24 -1.67 51.25
C TYR D 286 9.48 -1.73 49.94
N VAL D 287 9.94 -0.99 48.92
CA VAL D 287 9.29 -1.05 47.62
C VAL D 287 9.53 -2.41 46.97
N ASN D 288 10.75 -2.93 47.10
CA ASN D 288 11.04 -4.27 46.57
C ASN D 288 10.20 -5.33 47.27
N THR D 289 9.97 -5.16 48.57
CA THR D 289 9.13 -6.11 49.29
C THR D 289 7.67 -5.96 48.91
N PHE D 290 7.21 -4.73 48.69
CA PHE D 290 5.80 -4.49 48.36
C PHE D 290 5.48 -4.97 46.95
N MET D 291 6.42 -4.86 46.02
CA MET D 291 6.18 -5.34 44.66
C MET D 291 6.10 -6.85 44.58
N LYS D 292 6.51 -7.57 45.62
CA LYS D 292 6.34 -9.02 45.65
C LYS D 292 4.86 -9.38 45.72
N SER D 293 4.12 -8.72 46.62
CA SER D 293 2.67 -8.86 46.64
C SER D 293 2.08 -8.10 45.46
N GLY D 294 1.37 -8.81 44.59
CA GLY D 294 0.86 -8.21 43.37
C GLY D 294 -0.19 -7.14 43.59
N TRP D 295 0.19 -5.88 43.35
CA TRP D 295 -0.73 -4.76 43.36
C TRP D 295 -0.51 -3.91 42.10
N SER D 296 -1.61 -3.43 41.55
CA SER D 296 -1.53 -2.55 40.39
C SER D 296 -0.99 -1.19 40.81
N ALA D 297 0.04 -0.72 40.11
CA ALA D 297 0.64 0.56 40.46
C ALA D 297 -0.32 1.73 40.28
N ALA D 298 -1.26 1.63 39.33
CA ALA D 298 -2.25 2.70 39.16
C ALA D 298 -3.11 2.85 40.39
N SER D 299 -3.54 1.73 40.98
CA SER D 299 -4.35 1.80 42.20
C SER D 299 -3.57 2.36 43.37
N VAL D 300 -2.28 1.99 43.48
CA VAL D 300 -1.45 2.52 44.56
C VAL D 300 -1.27 4.02 44.39
N VAL D 301 -1.03 4.48 43.17
CA VAL D 301 -0.89 5.91 42.91
C VAL D 301 -2.19 6.65 43.22
N ASN D 302 -3.32 6.06 42.85
CA ASN D 302 -4.61 6.70 43.12
C ASN D 302 -4.87 6.80 44.61
N GLN D 303 -4.56 5.74 45.36
CA GLN D 303 -4.78 5.76 46.80
C GLN D 303 -3.84 6.76 47.48
N LEU D 304 -2.58 6.82 47.04
CA LEU D 304 -1.65 7.80 47.59
C LEU D 304 -2.12 9.23 47.29
N HIS D 305 -2.64 9.45 46.08
CA HIS D 305 -3.17 10.77 45.73
C HIS D 305 -4.34 11.13 46.63
N GLU D 306 -5.29 10.22 46.79
CA GLU D 306 -6.44 10.46 47.66
C GLU D 306 -5.99 10.80 49.08
N TYR D 307 -5.05 10.00 49.62
CA TYR D 307 -4.59 10.22 50.98
C TYR D 307 -3.90 11.58 51.13
N TYR D 308 -3.02 11.91 50.18
CA TYR D 308 -2.22 13.13 50.32
C TYR D 308 -3.07 14.38 50.11
N ILE D 309 -3.98 14.34 49.14
CA ILE D 309 -4.80 15.52 48.87
C ILE D 309 -5.90 15.69 49.92
N THR D 310 -6.43 14.58 50.44
CA THR D 310 -7.51 14.64 51.42
C THR D 310 -7.03 14.99 52.82
N ASN D 311 -5.83 14.55 53.20
CA ASN D 311 -5.31 14.79 54.55
C ASN D 311 -5.03 16.28 54.74
N ASP D 312 -5.63 16.86 55.76
CA ASP D 312 -5.43 18.28 56.09
C ASP D 312 -4.28 18.47 57.09
N ASN D 313 -3.12 17.91 56.76
CA ASN D 313 -1.95 18.03 57.61
C ASN D 313 -0.67 18.36 56.84
N PHE D 314 -0.77 18.71 55.56
CA PHE D 314 0.38 19.02 54.73
C PHE D 314 0.25 20.44 54.20
N ASP D 315 1.40 21.07 53.93
CA ASP D 315 1.42 22.43 53.42
C ASP D 315 0.93 22.48 51.97
N THR D 316 0.40 23.64 51.58
CA THR D 316 -0.07 23.81 50.21
C THR D 316 1.07 23.71 49.21
N ASN D 317 2.25 24.23 49.60
CA ASN D 317 3.43 24.08 48.74
C ASN D 317 3.79 22.62 48.56
N PHE D 318 3.63 21.80 49.61
CA PHE D 318 3.83 20.37 49.47
C PHE D 318 2.73 19.75 48.61
N LYS D 319 1.51 20.30 48.68
CA LYS D 319 0.40 19.71 47.96
C LYS D 319 0.51 19.94 46.45
N ASN D 320 0.94 21.12 46.04
CA ASN D 320 1.18 21.35 44.62
C ASN D 320 2.20 20.35 44.07
N GLN D 321 3.30 20.14 44.80
CA GLN D 321 4.34 19.25 44.34
C GLN D 321 3.88 17.81 44.33
N ILE D 322 3.14 17.38 45.35
CA ILE D 322 2.66 16.00 45.37
C ILE D 322 1.66 15.78 44.24
N SER D 323 0.82 16.77 43.95
CA SER D 323 -0.13 16.62 42.85
C SER D 323 0.58 16.53 41.50
N TRP D 324 1.57 17.40 41.28
CA TRP D 324 2.30 17.33 40.01
C TRP D 324 3.08 16.02 39.88
N LEU D 325 3.67 15.53 40.97
CA LEU D 325 4.43 14.28 40.91
C LEU D 325 3.51 13.10 40.64
N LEU D 326 2.34 13.07 41.28
CA LEU D 326 1.39 11.99 41.02
C LEU D 326 0.86 12.06 39.59
N PHE D 327 0.64 13.27 39.07
CA PHE D 327 0.22 13.41 37.68
C PHE D 327 1.29 12.87 36.73
N THR D 328 2.55 13.23 36.96
CA THR D 328 3.63 12.74 36.10
C THR D 328 3.75 11.22 36.19
N THR D 329 3.62 10.68 37.40
CA THR D 329 3.72 9.23 37.58
C THR D 329 2.58 8.50 36.85
N ASP D 330 1.37 9.04 36.94
CA ASP D 330 0.24 8.42 36.24
C ASP D 330 0.42 8.53 34.73
N SER D 331 0.90 9.68 34.24
CA SER D 331 1.11 9.84 32.81
C SER D 331 2.19 8.88 32.30
N ARG D 332 3.21 8.62 33.12
CA ARG D 332 4.24 7.67 32.72
C ARG D 332 3.74 6.24 32.79
N LEU D 333 2.92 5.91 33.79
CA LEU D 333 2.36 4.57 33.91
C LEU D 333 1.34 4.27 32.82
N ASN D 334 0.70 5.29 32.26
CA ASN D 334 -0.28 5.10 31.20
C ASN D 334 0.35 4.75 29.86
N ASN D 335 1.66 4.49 29.81
CA ASN D 335 2.35 4.19 28.55
C ASN D 335 2.95 2.80 28.53
N GLY D 336 2.60 1.94 29.48
CA GLY D 336 3.12 0.59 29.51
C GLY D 336 4.49 0.44 30.15
N THR D 337 4.87 1.35 31.03
CA THR D 337 6.18 1.29 31.66
C THR D 337 6.21 0.25 32.78
N ASN D 338 7.40 0.03 33.32
CA ASN D 338 7.58 -0.89 34.44
C ASN D 338 7.00 -0.28 35.71
N GLU D 339 6.11 -1.02 36.37
CA GLU D 339 5.44 -0.48 37.55
C GLU D 339 6.42 -0.28 38.70
N HIS D 340 7.38 -1.18 38.85
CA HIS D 340 8.32 -1.11 39.97
C HIS D 340 9.17 0.15 39.90
N ILE D 341 9.77 0.41 38.74
CA ILE D 341 10.64 1.57 38.58
C ILE D 341 9.87 2.86 38.78
N GLN D 342 8.67 2.96 38.20
CA GLN D 342 7.88 4.18 38.32
C GLN D 342 7.43 4.40 39.75
N LEU D 343 7.00 3.34 40.44
CA LEU D 343 6.57 3.49 41.83
C LEU D 343 7.74 3.89 42.72
N LEU D 344 8.90 3.27 42.52
CA LEU D 344 10.07 3.65 43.32
C LEU D 344 10.48 5.09 43.06
N ASN D 345 10.47 5.52 41.80
CA ASN D 345 10.83 6.90 41.47
C ASN D 345 9.84 7.87 42.09
N LEU D 346 8.54 7.55 42.04
CA LEU D 346 7.53 8.41 42.63
C LEU D 346 7.74 8.54 44.14
N LEU D 347 7.93 7.41 44.82
CA LEU D 347 8.09 7.45 46.27
C LEU D 347 9.36 8.19 46.66
N VAL D 348 10.44 8.03 45.89
CA VAL D 348 11.68 8.72 46.19
C VAL D 348 11.52 10.22 45.98
N LYS D 349 10.85 10.61 44.89
CA LYS D 349 10.66 12.04 44.62
C LYS D 349 9.78 12.69 45.66
N ILE D 350 8.74 11.99 46.13
CA ILE D 350 7.88 12.56 47.16
C ILE D 350 8.51 12.45 48.55
N SER D 351 9.55 11.63 48.71
CA SER D 351 10.24 11.56 50.00
C SER D 351 11.21 12.73 50.18
N GLN D 352 11.71 13.29 49.08
CA GLN D 352 12.65 14.40 49.15
C GLN D 352 11.95 15.69 49.53
N LEU D 353 10.62 15.71 49.43
CA LEU D 353 9.84 16.89 49.76
C LEU D 353 9.84 17.17 51.26
N TRP E 4 13.00 -31.00 39.32
CA TRP E 4 12.67 -30.16 38.18
C TRP E 4 11.34 -29.45 38.40
N VAL E 5 11.18 -28.29 37.76
CA VAL E 5 9.95 -27.51 37.91
C VAL E 5 8.75 -28.29 37.37
N ASP E 6 8.94 -28.99 36.24
CA ASP E 6 7.82 -29.63 35.58
C ASP E 6 7.45 -30.97 36.21
N LYS E 7 8.41 -31.66 36.81
CA LYS E 7 8.11 -32.97 37.39
C LYS E 7 7.21 -32.85 38.61
N TYR E 8 7.29 -31.75 39.35
CA TYR E 8 6.48 -31.53 40.54
C TYR E 8 5.71 -30.23 40.37
N ARG E 9 4.52 -30.34 39.78
CA ARG E 9 3.65 -29.20 39.53
C ARG E 9 2.21 -29.59 39.82
N PRO E 10 1.46 -28.74 40.55
CA PRO E 10 0.07 -29.08 40.86
C PRO E 10 -0.78 -29.12 39.60
N LYS E 11 -1.74 -30.05 39.60
CA LYS E 11 -2.64 -30.24 38.48
C LYS E 11 -4.10 -29.90 38.78
N SER E 12 -4.43 -29.60 40.03
CA SER E 12 -5.79 -29.25 40.43
C SER E 12 -5.74 -28.10 41.43
N LEU E 13 -6.92 -27.68 41.88
CA LEU E 13 -7.00 -26.62 42.88
C LEU E 13 -6.66 -27.14 44.27
N ASN E 14 -6.97 -28.40 44.55
CA ASN E 14 -6.64 -29.00 45.84
C ASN E 14 -5.16 -29.35 45.96
N ALA E 15 -4.38 -29.22 44.88
CA ALA E 15 -2.97 -29.53 44.89
C ALA E 15 -2.10 -28.28 45.07
N LEU E 16 -2.72 -27.11 45.17
CA LEU E 16 -1.97 -25.89 45.41
C LEU E 16 -1.49 -25.84 46.86
N SER E 17 -0.34 -25.19 47.06
CA SER E 17 0.35 -25.24 48.35
C SER E 17 0.75 -23.85 48.84
N HIS E 18 0.15 -22.81 48.29
CA HIS E 18 0.40 -21.45 48.75
C HIS E 18 -0.74 -20.56 48.28
N ASN E 19 -0.90 -19.43 48.97
CA ASN E 19 -2.00 -18.49 48.71
C ASN E 19 -3.35 -19.19 48.85
N GLU E 20 -3.62 -19.65 50.07
CA GLU E 20 -4.86 -20.38 50.34
C GLU E 20 -6.09 -19.53 50.03
N GLU E 21 -6.01 -18.22 50.28
CA GLU E 21 -7.13 -17.35 49.96
C GLU E 21 -7.36 -17.29 48.46
N LEU E 22 -6.29 -17.31 47.67
CA LEU E 22 -6.44 -17.33 46.22
C LEU E 22 -7.02 -18.66 45.74
N THR E 23 -6.62 -19.77 46.37
CA THR E 23 -7.20 -21.06 46.01
C THR E 23 -8.69 -21.10 46.34
N ASN E 24 -9.07 -20.55 47.49
CA ASN E 24 -10.49 -20.49 47.85
C ASN E 24 -11.27 -19.58 46.90
N PHE E 25 -10.67 -18.47 46.49
CA PHE E 25 -11.34 -17.60 45.52
C PHE E 25 -11.51 -18.30 44.18
N LEU E 26 -10.51 -19.07 43.76
CA LEU E 26 -10.62 -19.82 42.52
C LEU E 26 -11.69 -20.89 42.62
N LYS E 27 -11.78 -21.58 43.76
CA LYS E 27 -12.83 -22.57 43.95
C LYS E 27 -14.21 -21.91 43.93
N SER E 28 -14.33 -20.73 44.54
CA SER E 28 -15.59 -19.99 44.50
C SER E 28 -15.96 -19.62 43.08
N LEU E 29 -14.99 -19.12 42.31
CA LEU E 29 -15.22 -18.75 40.92
C LEU E 29 -15.51 -19.94 40.01
N SER E 30 -15.03 -21.14 40.38
CA SER E 30 -15.28 -22.33 39.58
C SER E 30 -16.46 -23.15 40.09
N ASP E 31 -17.10 -22.73 41.19
CA ASP E 31 -18.30 -23.41 41.67
C ASP E 31 -19.38 -23.41 40.60
N GLN E 32 -19.69 -22.23 40.05
CA GLN E 32 -20.62 -22.11 38.94
C GLN E 32 -19.85 -21.70 37.70
N PRO E 33 -19.53 -22.66 36.81
CA PRO E 33 -18.61 -22.37 35.70
C PRO E 33 -19.24 -21.76 34.46
N ARG E 34 -20.55 -21.88 34.26
CA ARG E 34 -21.15 -21.38 33.03
C ARG E 34 -21.36 -19.87 33.06
N ASP E 35 -21.72 -19.30 34.21
CA ASP E 35 -21.87 -17.85 34.35
C ASP E 35 -20.55 -17.22 34.82
N LEU E 36 -19.50 -17.52 34.07
CA LEU E 36 -18.15 -17.07 34.38
C LEU E 36 -17.72 -15.99 33.41
N PRO E 37 -17.34 -14.81 33.90
CA PRO E 37 -16.84 -13.75 33.01
C PRO E 37 -15.38 -13.99 32.65
N HIS E 38 -14.87 -13.13 31.79
CA HIS E 38 -13.47 -13.20 31.39
C HIS E 38 -12.57 -12.85 32.57
N LEU E 39 -11.39 -13.47 32.60
CA LEU E 39 -10.46 -13.33 33.72
C LEU E 39 -9.11 -12.83 33.23
N LEU E 40 -8.44 -12.06 34.07
CA LEU E 40 -7.10 -11.54 33.81
C LEU E 40 -6.24 -11.77 35.04
N LEU E 41 -5.30 -12.70 34.94
CA LEU E 41 -4.38 -13.02 36.03
C LEU E 41 -3.16 -12.11 35.92
N TYR E 42 -2.94 -11.28 36.94
CA TYR E 42 -1.80 -10.37 36.95
C TYR E 42 -1.03 -10.53 38.26
N GLY E 43 0.27 -10.29 38.18
CA GLY E 43 1.16 -10.44 39.31
C GLY E 43 2.59 -10.63 38.87
N PRO E 44 3.50 -10.85 39.83
CA PRO E 44 4.90 -11.02 39.48
C PRO E 44 5.13 -12.25 38.62
N ASN E 45 6.19 -12.20 37.82
CA ASN E 45 6.55 -13.28 36.92
C ASN E 45 7.22 -14.40 37.72
N GLY E 46 6.69 -15.61 37.58
CA GLY E 46 7.18 -16.76 38.31
C GLY E 46 6.40 -17.10 39.57
N THR E 47 5.21 -16.53 39.75
CA THR E 47 4.40 -16.78 40.94
C THR E 47 3.62 -18.08 40.84
N GLY E 48 3.16 -18.45 39.65
CA GLY E 48 2.37 -19.65 39.48
C GLY E 48 0.96 -19.40 39.01
N LYS E 49 0.77 -18.32 38.25
CA LYS E 49 -0.54 -17.99 37.70
C LYS E 49 -0.91 -18.86 36.52
N LYS E 50 0.07 -19.24 35.70
CA LYS E 50 -0.20 -20.14 34.58
C LYS E 50 -0.55 -21.55 35.04
N THR E 51 -0.04 -21.97 36.20
CA THR E 51 -0.45 -23.24 36.76
C THR E 51 -1.85 -23.15 37.37
N ARG E 52 -2.15 -22.03 38.03
CA ARG E 52 -3.47 -21.84 38.62
C ARG E 52 -4.57 -21.71 37.58
N CYS E 53 -4.29 -21.11 36.43
CA CYS E 53 -5.31 -21.04 35.38
C CYS E 53 -5.63 -22.44 34.86
N MET E 54 -4.61 -23.27 34.65
CA MET E 54 -4.84 -24.63 34.20
C MET E 54 -5.54 -25.45 35.28
N ALA E 55 -5.22 -25.20 36.55
CA ALA E 55 -5.92 -25.89 37.63
C ALA E 55 -7.39 -25.48 37.70
N LEU E 56 -7.69 -24.21 37.42
CA LEU E 56 -9.07 -23.75 37.37
C LEU E 56 -9.81 -24.37 36.20
N LEU E 57 -9.14 -24.49 35.05
CA LEU E 57 -9.74 -25.19 33.91
C LEU E 57 -9.99 -26.66 34.24
N GLU E 58 -9.10 -27.26 35.04
CA GLU E 58 -9.29 -28.64 35.48
C GLU E 58 -10.51 -28.77 36.39
N SER E 59 -10.93 -27.67 37.02
CA SER E 59 -12.15 -27.70 37.83
C SER E 59 -13.38 -27.39 36.98
N ILE E 60 -13.22 -26.55 35.95
CA ILE E 60 -14.33 -26.23 35.06
C ILE E 60 -14.63 -27.39 34.13
N PHE E 61 -13.60 -28.13 33.72
CA PHE E 61 -13.77 -29.25 32.81
C PHE E 61 -13.19 -30.52 33.41
N GLY E 62 -13.10 -31.59 32.62
CA GLY E 62 -12.53 -32.83 33.08
C GLY E 62 -11.03 -32.76 33.17
N PRO E 63 -10.42 -33.87 33.62
CA PRO E 63 -8.95 -33.90 33.74
C PRO E 63 -8.24 -33.92 32.40
N GLY E 64 -8.95 -34.08 31.29
CA GLY E 64 -8.34 -34.08 29.97
C GLY E 64 -7.85 -32.73 29.48
N VAL E 65 -7.97 -31.69 30.29
CA VAL E 65 -7.51 -30.36 29.89
C VAL E 65 -6.00 -30.29 29.71
N TYR E 66 -5.25 -31.11 30.45
CA TYR E 66 -3.80 -31.13 30.34
C TYR E 66 -3.30 -31.93 29.15
N ARG E 67 -4.08 -32.88 28.66
CA ARG E 67 -3.74 -33.61 27.44
C ARG E 67 -4.00 -32.68 26.25
N LEU E 68 -2.96 -31.95 25.84
CA LEU E 68 -3.07 -30.94 24.81
C LEU E 68 -2.12 -31.27 23.67
N LYS E 69 -2.29 -30.56 22.55
CA LYS E 69 -1.51 -30.79 21.35
C LYS E 69 -1.14 -29.47 20.71
N ILE E 70 -0.03 -29.47 19.97
CA ILE E 70 0.46 -28.28 19.28
C ILE E 70 0.17 -28.44 17.79
N ASP E 71 -0.58 -27.50 17.23
CA ASP E 71 -0.89 -27.44 15.81
C ASP E 71 -0.32 -26.16 15.22
N VAL E 72 -0.49 -25.98 13.91
CA VAL E 72 0.00 -24.81 13.21
C VAL E 72 -1.14 -24.21 12.39
N ARG E 73 -1.15 -22.88 12.30
CA ARG E 73 -2.13 -22.17 11.48
C ARG E 73 -1.43 -21.04 10.74
N GLN E 74 -1.78 -20.89 9.46
CA GLN E 74 -1.17 -19.91 8.59
C GLN E 74 -2.13 -18.74 8.36
N PHE E 75 -1.56 -17.55 8.22
CA PHE E 75 -2.35 -16.35 7.98
C PHE E 75 -1.70 -15.54 6.87
N VAL E 76 -2.52 -14.77 6.16
CA VAL E 76 -2.07 -13.91 5.07
C VAL E 76 -2.38 -12.47 5.45
N THR E 77 -1.35 -11.63 5.52
CA THR E 77 -1.51 -10.22 5.84
C THR E 77 -1.90 -9.46 4.57
N ALA E 78 -1.82 -8.13 4.62
CA ALA E 78 -2.14 -7.30 3.46
C ALA E 78 -1.23 -7.59 2.28
N SER E 79 -0.03 -8.14 2.52
CA SER E 79 0.88 -8.56 1.47
C SER E 79 1.00 -10.08 1.48
N ASN E 80 1.87 -10.62 0.64
CA ASN E 80 2.04 -12.06 0.53
C ASN E 80 2.98 -12.63 1.59
N ARG E 81 3.33 -11.85 2.62
CA ARG E 81 4.09 -12.39 3.73
C ARG E 81 3.20 -13.31 4.55
N LYS E 82 3.62 -14.57 4.69
CA LYS E 82 2.85 -15.59 5.39
C LYS E 82 3.21 -15.59 6.87
N LEU E 83 2.20 -15.38 7.71
CA LEU E 83 2.38 -15.42 9.16
C LEU E 83 2.16 -16.85 9.65
N GLU E 84 3.18 -17.42 10.27
CA GLU E 84 3.14 -18.78 10.80
C GLU E 84 3.02 -18.71 12.32
N LEU E 85 1.94 -19.29 12.86
CA LEU E 85 1.68 -19.26 14.29
C LEU E 85 1.26 -20.64 14.76
N ASN E 86 1.94 -21.14 15.80
CA ASN E 86 1.59 -22.41 16.41
C ASN E 86 0.58 -22.18 17.54
N VAL E 87 -0.35 -23.12 17.66
CA VAL E 87 -1.46 -23.02 18.60
C VAL E 87 -1.43 -24.23 19.53
N VAL E 88 -1.60 -23.96 20.83
CA VAL E 88 -1.76 -24.99 21.84
C VAL E 88 -3.25 -25.22 22.03
N SER E 89 -3.72 -26.42 21.69
CA SER E 89 -5.15 -26.71 21.69
C SER E 89 -5.43 -27.90 22.59
N SER E 90 -6.64 -27.93 23.12
CA SER E 90 -7.12 -28.98 24.01
C SER E 90 -8.58 -29.24 23.70
N PRO E 91 -9.11 -30.43 23.97
CA PRO E 91 -10.54 -30.70 23.71
C PRO E 91 -11.48 -29.84 24.53
N TYR E 92 -10.98 -28.96 25.41
CA TYR E 92 -11.82 -28.06 26.18
C TYR E 92 -11.38 -26.60 26.14
N HIS E 93 -10.16 -26.31 25.67
CA HIS E 93 -9.67 -24.94 25.65
C HIS E 93 -8.54 -24.84 24.63
N LEU E 94 -8.11 -23.61 24.38
CA LEU E 94 -7.01 -23.36 23.46
C LEU E 94 -6.19 -22.17 23.98
N GLU E 95 -4.90 -22.17 23.65
CA GLU E 95 -3.96 -21.17 24.14
C GLU E 95 -3.27 -20.49 22.95
N ILE E 96 -3.30 -19.17 22.95
CA ILE E 96 -2.61 -18.38 21.93
C ILE E 96 -1.62 -17.44 22.62
N THR E 97 -0.47 -17.25 21.97
CA THR E 97 0.57 -16.35 22.48
C THR E 97 0.92 -15.36 21.39
N PRO E 98 0.29 -14.18 21.40
CA PRO E 98 0.55 -13.19 20.35
C PRO E 98 1.92 -12.53 20.46
N SER E 99 2.72 -12.96 21.43
CA SER E 99 4.06 -12.44 21.63
C SER E 99 5.09 -13.11 20.74
N ASP E 100 4.66 -13.92 19.76
CA ASP E 100 5.57 -14.64 18.89
C ASP E 100 5.76 -13.97 17.53
N MET E 101 5.28 -12.74 17.36
CA MET E 101 5.38 -12.04 16.09
C MET E 101 5.51 -10.54 16.34
N GLY E 102 5.52 -9.77 15.27
CA GLY E 102 5.65 -8.34 15.35
C GLY E 102 4.34 -7.61 15.51
N ASN E 103 4.08 -6.65 14.61
CA ASN E 103 2.87 -5.85 14.65
C ASN E 103 1.66 -6.56 14.04
N ASN E 104 1.75 -7.86 13.77
CA ASN E 104 0.66 -8.62 13.19
C ASN E 104 -0.16 -9.37 14.23
N ASP E 105 -0.22 -8.84 15.45
CA ASP E 105 -1.03 -9.48 16.49
C ASP E 105 -2.52 -9.31 16.22
N ARG E 106 -2.92 -8.17 15.67
CA ARG E 106 -4.34 -7.89 15.46
C ARG E 106 -4.97 -8.89 14.49
N ILE E 107 -4.26 -9.20 13.40
CA ILE E 107 -4.80 -10.12 12.40
C ILE E 107 -5.06 -11.49 13.01
N VAL E 108 -4.02 -12.07 13.63
CA VAL E 108 -4.16 -13.39 14.25
C VAL E 108 -5.28 -13.37 15.29
N ILE E 109 -5.26 -12.37 16.17
CA ILE E 109 -6.27 -12.28 17.22
C ILE E 109 -7.68 -12.30 16.61
N GLN E 110 -7.97 -11.34 15.74
CA GLN E 110 -9.32 -11.21 15.22
C GLN E 110 -9.75 -12.44 14.43
N GLU E 111 -8.92 -12.90 13.49
CA GLU E 111 -9.31 -14.02 12.64
C GLU E 111 -9.48 -15.30 13.45
N LEU E 112 -8.47 -15.66 14.26
CA LEU E 112 -8.56 -16.90 15.01
C LEU E 112 -9.72 -16.88 16.00
N LEU E 113 -9.91 -15.76 16.72
CA LEU E 113 -10.98 -15.72 17.70
C LEU E 113 -12.35 -15.75 17.02
N LYS E 114 -12.47 -15.12 15.85
CA LYS E 114 -13.75 -15.18 15.14
C LYS E 114 -14.03 -16.59 14.62
N GLU E 115 -12.99 -17.30 14.16
CA GLU E 115 -13.19 -18.68 13.73
C GLU E 115 -13.60 -19.58 14.89
N VAL E 116 -12.97 -19.39 16.05
CA VAL E 116 -13.31 -20.24 17.20
C VAL E 116 -14.69 -19.89 17.74
N ALA E 117 -15.08 -18.62 17.65
CA ALA E 117 -16.39 -18.21 18.15
C ALA E 117 -17.53 -18.56 17.20
N GLN E 118 -17.25 -18.66 15.90
CA GLN E 118 -18.31 -19.01 14.94
C GLN E 118 -18.57 -20.51 14.93
N MET E 119 -17.55 -21.30 15.27
CA MET E 119 -17.70 -22.75 15.29
C MET E 119 -18.56 -23.18 16.47
N GLU E 120 -18.58 -22.36 17.52
CA GLU E 120 -19.33 -22.71 18.73
C GLU E 120 -20.64 -21.93 18.81
N HIS E 133 -17.83 -27.62 29.15
CA HIS E 133 -19.28 -27.48 29.25
C HIS E 133 -19.89 -27.08 27.91
N ARG E 134 -20.24 -25.80 27.77
CA ARG E 134 -20.83 -25.28 26.55
C ARG E 134 -19.94 -24.32 25.79
N TYR E 135 -18.95 -23.73 26.44
CA TYR E 135 -18.04 -22.78 25.80
C TYR E 135 -16.63 -23.36 25.78
N LYS E 136 -15.78 -22.74 24.97
CA LYS E 136 -14.38 -23.14 24.82
C LYS E 136 -13.50 -22.02 25.37
N CYS E 137 -12.66 -22.35 26.34
CA CYS E 137 -11.83 -21.33 26.98
C CYS E 137 -10.65 -20.94 26.10
N VAL E 138 -10.22 -19.69 26.25
CA VAL E 138 -9.10 -19.14 25.49
C VAL E 138 -8.11 -18.54 26.47
N ILE E 139 -6.85 -18.95 26.35
CA ILE E 139 -5.78 -18.47 27.22
C ILE E 139 -4.83 -17.62 26.39
N ILE E 140 -4.84 -16.31 26.63
CA ILE E 140 -3.95 -15.38 25.96
C ILE E 140 -2.71 -15.22 26.82
N ASN E 141 -1.59 -15.78 26.38
CA ASN E 141 -0.35 -15.73 27.14
C ASN E 141 0.42 -14.46 26.83
N GLU E 142 0.96 -13.84 27.88
CA GLU E 142 1.74 -12.60 27.76
C GLU E 142 0.93 -11.51 27.06
N ALA E 143 -0.16 -11.09 27.69
CA ALA E 143 -1.02 -10.06 27.12
C ALA E 143 -0.35 -8.69 27.08
N ASN E 144 0.80 -8.52 27.74
CA ASN E 144 1.51 -7.24 27.69
C ASN E 144 2.09 -6.94 26.33
N SER E 145 2.47 -7.97 25.57
CA SER E 145 3.02 -7.78 24.23
C SER E 145 1.94 -7.46 23.19
N LEU E 146 0.67 -7.60 23.55
CA LEU E 146 -0.42 -7.27 22.64
C LEU E 146 -0.41 -5.78 22.32
N THR E 147 -0.27 -5.46 21.03
CA THR E 147 -0.29 -4.08 20.60
C THR E 147 -1.65 -3.45 20.89
N LYS E 148 -1.66 -2.12 20.93
CA LYS E 148 -2.89 -1.39 21.25
C LYS E 148 -3.97 -1.65 20.21
N ASP E 149 -3.58 -1.83 18.94
CA ASP E 149 -4.57 -2.12 17.91
C ASP E 149 -5.17 -3.52 18.09
N ALA E 150 -4.35 -4.50 18.45
CA ALA E 150 -4.87 -5.84 18.72
C ALA E 150 -5.79 -5.82 19.94
N GLN E 151 -5.45 -5.06 20.97
CA GLN E 151 -6.33 -4.95 22.13
C GLN E 151 -7.64 -4.27 21.77
N ALA E 152 -7.58 -3.25 20.92
CA ALA E 152 -8.81 -2.59 20.46
C ALA E 152 -9.67 -3.55 19.65
N ALA E 153 -9.04 -4.39 18.82
CA ALA E 153 -9.79 -5.38 18.06
C ALA E 153 -10.43 -6.42 18.99
N LEU E 154 -9.71 -6.83 20.02
CA LEU E 154 -10.26 -7.79 20.98
C LEU E 154 -11.32 -7.18 21.89
N ARG E 155 -11.33 -5.84 22.01
CA ARG E 155 -12.30 -5.18 22.88
C ARG E 155 -13.73 -5.58 22.54
N ARG E 156 -14.12 -5.47 21.28
CA ARG E 156 -15.49 -5.83 20.89
C ARG E 156 -15.69 -7.32 20.70
N THR E 157 -14.63 -8.07 20.39
CA THR E 157 -14.76 -9.52 20.29
C THR E 157 -15.03 -10.14 21.65
N MET E 158 -14.54 -9.52 22.73
CA MET E 158 -14.81 -10.02 24.06
C MET E 158 -16.29 -9.91 24.42
N GLU E 159 -16.97 -8.90 23.89
CA GLU E 159 -18.37 -8.65 24.26
C GLU E 159 -19.36 -9.26 23.29
N LYS E 160 -19.03 -9.30 21.99
CA LYS E 160 -19.98 -9.82 21.00
C LYS E 160 -20.21 -11.32 21.18
N TYR E 161 -19.14 -12.07 21.46
CA TYR E 161 -19.22 -13.51 21.67
C TYR E 161 -18.84 -13.80 23.12
N SER E 162 -19.84 -13.75 23.99
CA SER E 162 -19.65 -14.00 25.42
C SER E 162 -20.27 -15.33 25.87
N LYS E 163 -21.01 -16.00 25.00
CA LYS E 163 -21.62 -17.28 25.32
C LYS E 163 -20.86 -18.47 24.74
N ASN E 164 -19.82 -18.22 23.96
CA ASN E 164 -19.03 -19.28 23.36
C ASN E 164 -17.54 -19.17 23.62
N ILE E 165 -17.03 -17.98 23.91
CA ILE E 165 -15.60 -17.75 24.10
C ILE E 165 -15.40 -16.97 25.39
N ARG E 166 -14.63 -17.54 26.31
CA ARG E 166 -14.23 -16.86 27.54
C ARG E 166 -12.71 -16.76 27.58
N LEU E 167 -12.22 -15.55 27.84
CA LEU E 167 -10.78 -15.27 27.79
C LEU E 167 -10.19 -15.37 29.18
N ILE E 168 -9.03 -16.01 29.28
CA ILE E 168 -8.23 -16.05 30.50
C ILE E 168 -6.85 -15.52 30.14
N MET E 169 -6.64 -14.22 30.34
CA MET E 169 -5.42 -13.55 29.92
C MET E 169 -4.41 -13.54 31.06
N VAL E 170 -3.24 -14.12 30.80
CA VAL E 170 -2.15 -14.18 31.79
C VAL E 170 -1.14 -13.10 31.45
N CYS E 171 -0.86 -12.23 32.43
CA CYS E 171 0.10 -11.15 32.23
C CYS E 171 0.85 -10.92 33.54
N ASP E 172 1.92 -10.15 33.44
CA ASP E 172 2.75 -9.82 34.60
C ASP E 172 2.53 -8.41 35.13
N SER E 173 1.88 -7.54 34.36
CA SER E 173 1.62 -6.16 34.80
C SER E 173 0.53 -5.58 33.92
N MET E 174 -0.52 -5.04 34.56
CA MET E 174 -1.63 -4.45 33.82
C MET E 174 -1.33 -3.05 33.30
N SER E 175 -0.08 -2.58 33.37
CA SER E 175 0.27 -1.24 32.94
C SER E 175 0.05 -1.04 31.43
N PRO E 176 0.52 -1.93 30.55
CA PRO E 176 0.26 -1.74 29.12
C PRO E 176 -1.13 -2.17 28.67
N ILE E 177 -1.92 -2.80 29.52
CA ILE E 177 -3.27 -3.22 29.15
C ILE E 177 -4.18 -2.00 29.18
N ILE E 178 -4.97 -1.82 28.11
CA ILE E 178 -5.85 -0.68 28.03
C ILE E 178 -6.99 -0.81 29.05
N ALA E 179 -7.61 0.32 29.37
CA ALA E 179 -8.70 0.40 30.34
C ALA E 179 -9.95 -0.36 29.90
N PRO E 180 -10.37 -0.29 28.63
CA PRO E 180 -11.53 -1.10 28.21
C PRO E 180 -11.35 -2.59 28.44
N ILE E 181 -10.18 -3.13 28.11
CA ILE E 181 -9.94 -4.55 28.34
C ILE E 181 -9.93 -4.84 29.84
N LYS E 182 -9.32 -3.96 30.64
CA LYS E 182 -9.34 -4.13 32.08
C LYS E 182 -10.77 -4.20 32.62
N SER E 183 -11.65 -3.34 32.11
CA SER E 183 -13.03 -3.34 32.56
C SER E 183 -13.80 -4.56 32.06
N ARG E 184 -13.44 -5.07 30.88
CA ARG E 184 -14.19 -6.15 30.26
C ARG E 184 -13.92 -7.51 30.88
N CYS E 185 -13.01 -7.61 31.86
CA CYS E 185 -12.71 -8.88 32.50
C CYS E 185 -12.44 -8.66 33.98
N LEU E 186 -12.73 -9.69 34.77
CA LEU E 186 -12.36 -9.68 36.18
C LEU E 186 -10.85 -9.66 36.30
N LEU E 187 -10.35 -9.03 37.36
CA LEU E 187 -8.92 -8.91 37.62
C LEU E 187 -8.57 -9.73 38.86
N ILE E 188 -7.62 -10.65 38.70
CA ILE E 188 -7.20 -11.53 39.80
C ILE E 188 -5.71 -11.33 40.01
N ARG E 189 -5.34 -10.88 41.21
CA ARG E 189 -3.94 -10.67 41.55
C ARG E 189 -3.35 -11.93 42.17
N CYS E 190 -2.13 -12.25 41.77
CA CYS E 190 -1.41 -13.41 42.29
C CYS E 190 -0.16 -12.95 43.02
N PRO E 191 -0.21 -12.70 44.33
CA PRO E 191 0.98 -12.26 45.04
C PRO E 191 2.02 -13.36 45.13
N ALA E 192 3.29 -12.96 45.05
CA ALA E 192 4.38 -13.92 45.12
C ALA E 192 4.36 -14.64 46.47
N PRO E 193 4.64 -15.94 46.47
CA PRO E 193 4.60 -16.70 47.73
C PRO E 193 5.70 -16.25 48.68
N SER E 194 5.39 -16.36 49.97
CA SER E 194 6.34 -15.98 51.01
C SER E 194 7.55 -16.91 50.98
N ASP E 195 8.64 -16.44 51.59
CA ASP E 195 9.86 -17.25 51.64
C ASP E 195 9.63 -18.55 52.40
N SER E 196 8.73 -18.55 53.38
CA SER E 196 8.44 -19.77 54.13
C SER E 196 7.77 -20.82 53.25
N GLU E 197 6.80 -20.42 52.43
CA GLU E 197 6.14 -21.37 51.55
C GLU E 197 7.10 -21.90 50.49
N ILE E 198 7.96 -21.03 49.97
CA ILE E 198 8.99 -21.48 49.02
C ILE E 198 9.92 -22.48 49.68
N SER E 199 10.29 -22.23 50.94
CA SER E 199 11.16 -23.16 51.66
C SER E 199 10.47 -24.50 51.87
N THR E 200 9.18 -24.48 52.23
CA THR E 200 8.45 -25.72 52.42
C THR E 200 8.33 -26.50 51.11
N ILE E 201 8.14 -25.81 49.99
CA ILE E 201 8.07 -26.49 48.70
C ILE E 201 9.42 -27.09 48.35
N LEU E 202 10.50 -26.33 48.54
CA LEU E 202 11.84 -26.86 48.27
C LEU E 202 12.15 -28.04 49.17
N SER E 203 11.63 -28.05 50.40
CA SER E 203 11.84 -29.19 51.28
C SER E 203 11.22 -30.46 50.71
N ASP E 204 9.95 -30.38 50.30
CA ASP E 204 9.30 -31.54 49.68
C ASP E 204 10.03 -31.96 48.41
N VAL E 205 10.54 -30.99 47.64
CA VAL E 205 11.24 -31.33 46.41
C VAL E 205 12.54 -32.07 46.71
N VAL E 206 13.30 -31.61 47.70
CA VAL E 206 14.58 -32.24 47.99
C VAL E 206 14.40 -33.59 48.69
N THR E 207 13.29 -33.77 49.43
CA THR E 207 13.02 -35.09 49.99
C THR E 207 12.50 -36.05 48.92
N ASN E 208 11.84 -35.53 47.88
CA ASN E 208 11.40 -36.39 46.80
C ASN E 208 12.51 -36.65 45.79
N GLU E 209 13.34 -35.65 45.49
CA GLU E 209 14.47 -35.83 44.60
C GLU E 209 15.69 -36.40 45.30
N ARG E 210 15.60 -36.67 46.61
CA ARG E 210 16.68 -37.30 47.38
C ARG E 210 17.95 -36.45 47.36
N ILE E 211 17.80 -35.20 47.81
CA ILE E 211 18.94 -34.31 47.99
C ILE E 211 19.38 -34.37 49.44
N GLN E 212 20.66 -34.10 49.70
CA GLN E 212 21.22 -34.14 51.05
C GLN E 212 21.48 -32.72 51.53
N LEU E 213 20.76 -32.33 52.58
CA LEU E 213 20.88 -30.99 53.17
C LEU E 213 21.55 -31.13 54.53
N GLU E 214 22.71 -30.50 54.68
CA GLU E 214 23.37 -30.47 55.99
C GLU E 214 22.59 -29.59 56.96
N THR E 215 22.08 -28.46 56.49
CA THR E 215 21.26 -27.56 57.29
C THR E 215 20.13 -27.02 56.42
N LYS E 216 18.93 -26.95 57.00
CA LYS E 216 17.75 -26.58 56.24
C LYS E 216 17.75 -25.11 55.81
N ASP E 217 18.41 -24.24 56.56
CA ASP E 217 18.35 -22.80 56.32
C ASP E 217 18.78 -22.41 54.90
N ILE E 218 19.62 -23.23 54.25
CA ILE E 218 20.03 -22.94 52.88
C ILE E 218 18.81 -22.75 51.98
N LEU E 219 17.78 -23.58 52.18
CA LEU E 219 16.55 -23.42 51.40
C LEU E 219 15.99 -22.01 51.55
N LYS E 220 15.91 -21.52 52.78
CA LYS E 220 15.49 -20.15 53.01
C LYS E 220 16.32 -19.17 52.18
N ARG E 221 17.65 -19.34 52.18
CA ARG E 221 18.49 -18.45 51.40
C ARG E 221 18.13 -18.50 49.92
N ILE E 222 17.76 -19.68 49.41
CA ILE E 222 17.32 -19.79 48.03
C ILE E 222 16.15 -18.84 47.78
N ALA E 223 15.17 -18.86 48.69
CA ALA E 223 14.06 -17.92 48.59
C ALA E 223 14.57 -16.49 48.61
N GLN E 224 15.50 -16.18 49.52
CA GLN E 224 16.06 -14.85 49.60
C GLN E 224 16.86 -14.48 48.37
N ALA E 225 17.20 -15.45 47.51
CA ALA E 225 17.87 -15.17 46.26
C ALA E 225 16.93 -15.18 45.07
N SER E 226 15.65 -15.52 45.28
CA SER E 226 14.71 -15.63 44.18
C SER E 226 13.71 -14.49 44.12
N ASN E 227 13.52 -13.75 45.21
CA ASN E 227 12.60 -12.61 45.26
C ASN E 227 11.17 -13.05 44.93
N GLY E 228 10.73 -14.13 45.57
CA GLY E 228 9.38 -14.65 45.40
C GLY E 228 9.20 -15.54 44.20
N ASN E 229 10.16 -15.60 43.29
CA ASN E 229 10.03 -16.44 42.11
C ASN E 229 10.21 -17.91 42.47
N LEU E 230 9.16 -18.71 42.22
CA LEU E 230 9.26 -20.15 42.44
C LEU E 230 9.92 -20.84 41.25
N ARG E 231 9.60 -20.40 40.04
CA ARG E 231 10.22 -20.96 38.84
C ARG E 231 11.73 -20.79 38.88
N VAL E 232 12.19 -19.61 39.31
CA VAL E 232 13.63 -19.39 39.43
C VAL E 232 14.19 -20.15 40.62
N SER E 233 13.42 -20.25 41.70
CA SER E 233 13.91 -20.90 42.92
C SER E 233 14.21 -22.37 42.67
N LEU E 234 13.24 -23.10 42.09
CA LEU E 234 13.43 -24.52 41.86
C LEU E 234 14.54 -24.77 40.84
N LEU E 235 14.61 -23.94 39.79
CA LEU E 235 15.65 -24.10 38.78
C LEU E 235 17.03 -23.86 39.37
N MET E 236 17.17 -22.84 40.23
CA MET E 236 18.45 -22.57 40.86
C MET E 236 18.82 -23.66 41.85
N LEU E 237 17.83 -24.18 42.59
CA LEU E 237 18.10 -25.28 43.50
C LEU E 237 18.61 -26.51 42.75
N GLU E 238 17.99 -26.82 41.61
CA GLU E 238 18.42 -27.96 40.82
C GLU E 238 19.78 -27.72 40.17
N SER E 239 20.05 -26.47 39.77
CA SER E 239 21.34 -26.15 39.15
C SER E 239 22.47 -26.26 40.16
N MET E 240 22.24 -25.80 41.39
CA MET E 240 23.27 -25.93 42.43
C MET E 240 23.32 -27.32 43.03
N ALA E 241 22.28 -28.14 42.85
CA ALA E 241 22.35 -29.53 43.26
C ALA E 241 23.22 -30.37 42.33
N LEU E 242 23.37 -29.94 41.07
CA LEU E 242 24.26 -30.64 40.15
C LEU E 242 25.72 -30.26 40.35
N ASN E 243 26.00 -29.06 40.87
CA ASN E 243 27.36 -28.66 41.17
C ASN E 243 27.88 -29.27 42.47
N ASN E 244 27.01 -29.46 43.45
CA ASN E 244 27.37 -30.09 44.71
C ASN E 244 27.19 -31.61 44.68
N GLU E 245 26.87 -32.17 43.51
CA GLU E 245 26.71 -33.61 43.32
C GLU E 245 25.63 -34.18 44.26
N LEU E 246 24.43 -33.61 44.14
CA LEU E 246 23.24 -34.09 44.83
C LEU E 246 23.37 -34.04 46.36
N ALA E 247 24.27 -33.20 46.87
CA ALA E 247 24.49 -33.07 48.32
C ALA E 247 24.84 -31.62 48.62
N LEU E 248 23.84 -30.84 49.02
CA LEU E 248 24.05 -29.44 49.33
C LEU E 248 24.66 -29.29 50.72
N LYS E 249 25.74 -28.53 50.82
CA LYS E 249 26.42 -28.30 52.09
C LYS E 249 25.90 -27.02 52.74
N SER E 250 26.57 -26.60 53.81
CA SER E 250 26.17 -25.41 54.56
C SER E 250 26.55 -24.11 53.85
N SER E 251 27.53 -24.13 52.95
CA SER E 251 27.98 -22.93 52.26
C SER E 251 28.03 -23.17 50.77
N SER E 252 26.98 -23.77 50.21
CA SER E 252 26.93 -23.99 48.78
C SER E 252 26.74 -22.65 48.05
N PRO E 253 27.55 -22.39 47.03
CA PRO E 253 27.43 -21.11 46.31
C PRO E 253 26.10 -21.00 45.58
N ILE E 254 25.66 -19.75 45.41
CA ILE E 254 24.42 -19.44 44.74
C ILE E 254 24.67 -19.33 43.24
N ILE E 255 23.94 -20.10 42.45
CA ILE E 255 24.10 -20.13 41.01
C ILE E 255 23.29 -18.98 40.41
N LYS E 256 23.99 -17.99 39.85
CA LYS E 256 23.36 -16.86 39.20
C LYS E 256 23.43 -16.99 37.69
N PRO E 257 22.39 -16.56 36.98
CA PRO E 257 22.42 -16.61 35.51
C PRO E 257 23.56 -15.77 34.94
N ASP E 258 23.90 -16.06 33.69
CA ASP E 258 25.03 -15.39 33.06
C ASP E 258 24.73 -13.92 32.80
N TRP E 259 23.52 -13.60 32.35
CA TRP E 259 23.18 -12.21 32.05
C TRP E 259 23.19 -11.35 33.30
N ILE E 260 22.83 -11.91 34.46
CA ILE E 260 22.90 -11.15 35.70
C ILE E 260 24.34 -10.82 36.05
N ILE E 261 25.26 -11.76 35.82
CA ILE E 261 26.67 -11.50 36.06
C ILE E 261 27.20 -10.45 35.08
N VAL E 262 26.76 -10.50 33.82
CA VAL E 262 27.17 -9.49 32.85
C VAL E 262 26.67 -8.12 33.28
N ILE E 263 25.43 -8.04 33.76
CA ILE E 263 24.89 -6.75 34.20
C ILE E 263 25.64 -6.24 35.42
N HIS E 264 25.99 -7.14 36.35
CA HIS E 264 26.74 -6.73 37.52
C HIS E 264 28.12 -6.20 37.13
N LYS E 265 28.80 -6.88 36.21
CA LYS E 265 30.08 -6.38 35.72
C LYS E 265 29.92 -5.04 35.00
N LEU E 266 28.80 -4.87 34.30
CA LEU E 266 28.53 -3.59 33.64
C LEU E 266 28.37 -2.47 34.66
N THR E 267 27.68 -2.74 35.77
CA THR E 267 27.54 -1.71 36.81
C THR E 267 28.87 -1.42 37.48
N ARG E 268 29.68 -2.46 37.69
CA ARG E 268 31.02 -2.23 38.23
C ARG E 268 31.83 -1.33 37.30
N LYS E 269 31.78 -1.60 36.00
CA LYS E 269 32.45 -0.75 35.03
C LYS E 269 31.90 0.68 35.04
N ILE E 270 30.58 0.82 35.24
CA ILE E 270 29.96 2.14 35.27
C ILE E 270 30.48 2.94 36.47
N VAL E 271 30.41 2.35 37.66
CA VAL E 271 30.82 3.07 38.86
C VAL E 271 32.33 3.24 38.92
N LYS E 272 33.10 2.43 38.18
CA LYS E 272 34.55 2.55 38.21
C LYS E 272 35.04 3.64 37.25
N GLU E 273 34.56 3.60 36.00
CA GLU E 273 34.99 4.56 34.99
C GLU E 273 33.77 5.22 34.36
N ARG E 274 33.85 6.54 34.21
CA ARG E 274 32.78 7.33 33.59
C ARG E 274 33.41 8.15 32.47
N SER E 275 33.39 7.61 31.26
CA SER E 275 33.99 8.27 30.11
C SER E 275 33.36 7.73 28.84
N VAL E 276 33.74 8.34 27.71
CA VAL E 276 33.20 7.91 26.42
C VAL E 276 33.87 6.62 25.97
N ASN E 277 35.16 6.46 26.29
CA ASN E 277 35.85 5.21 25.96
C ASN E 277 35.21 4.03 26.67
N SER E 278 34.77 4.23 27.91
CA SER E 278 34.02 3.19 28.61
C SER E 278 32.59 3.10 28.09
N LEU E 279 32.05 4.20 27.55
CA LEU E 279 30.72 4.16 26.97
C LEU E 279 30.70 3.28 25.73
N ILE E 280 31.80 3.23 24.98
CA ILE E 280 31.87 2.37 23.81
C ILE E 280 31.77 0.90 24.20
N GLU E 281 32.54 0.48 25.21
CA GLU E 281 32.47 -0.91 25.64
C GLU E 281 31.15 -1.21 26.35
N CYS E 282 30.54 -0.20 26.97
CA CYS E 282 29.19 -0.38 27.51
C CYS E 282 28.18 -0.63 26.40
N ARG E 283 28.28 0.11 25.29
CA ARG E 283 27.41 -0.14 24.15
C ARG E 283 27.66 -1.52 23.57
N ALA E 284 28.94 -1.95 23.55
CA ALA E 284 29.25 -3.29 23.06
C ALA E 284 28.62 -4.36 23.94
N VAL E 285 28.69 -4.18 25.27
CA VAL E 285 28.08 -5.13 26.18
C VAL E 285 26.57 -5.15 26.01
N LEU E 286 25.97 -3.97 25.82
CA LEU E 286 24.53 -3.91 25.59
C LEU E 286 24.14 -4.63 24.30
N TYR E 287 24.95 -4.47 23.24
CA TYR E 287 24.69 -5.18 21.99
C TYR E 287 24.79 -6.68 22.19
N ASP E 288 25.84 -7.14 22.89
CA ASP E 288 25.99 -8.58 23.12
C ASP E 288 24.86 -9.13 23.98
N LEU E 289 24.32 -8.33 24.89
CA LEU E 289 23.19 -8.78 25.70
C LEU E 289 21.91 -8.83 24.90
N LEU E 290 21.68 -7.82 24.04
CA LEU E 290 20.44 -7.77 23.28
C LEU E 290 20.42 -8.83 22.17
N ALA E 291 21.60 -9.16 21.64
CA ALA E 291 21.66 -10.13 20.54
C ALA E 291 21.36 -11.56 20.99
N HIS E 292 21.33 -11.83 22.30
CA HIS E 292 21.13 -13.17 22.83
C HIS E 292 19.76 -13.32 23.50
N CYS E 293 18.73 -12.71 22.91
CA CYS E 293 17.34 -12.92 23.31
C CYS E 293 17.10 -12.47 24.76
N ILE E 294 17.56 -11.27 25.07
CA ILE E 294 17.35 -10.67 26.39
C ILE E 294 16.61 -9.35 26.19
N PRO E 295 15.40 -9.21 26.74
CA PRO E 295 14.66 -7.96 26.55
C PRO E 295 15.37 -6.77 27.18
N ALA E 296 15.12 -5.60 26.62
CA ALA E 296 15.80 -4.39 27.06
C ALA E 296 15.18 -3.81 28.32
N ASN E 297 13.88 -4.02 28.51
CA ASN E 297 13.23 -3.53 29.72
C ASN E 297 13.76 -4.26 30.96
N ILE E 298 13.92 -5.58 30.88
CA ILE E 298 14.50 -6.33 31.99
C ILE E 298 15.96 -5.93 32.20
N ILE E 299 16.69 -5.68 31.11
CA ILE E 299 18.07 -5.24 31.22
C ILE E 299 18.14 -3.92 31.99
N LEU E 300 17.29 -2.97 31.60
CA LEU E 300 17.27 -1.67 32.27
C LEU E 300 16.87 -1.81 33.74
N LYS E 301 15.86 -2.63 34.02
CA LYS E 301 15.42 -2.82 35.40
C LYS E 301 16.55 -3.38 36.26
N GLU E 302 17.17 -4.47 35.80
CA GLU E 302 18.25 -5.08 36.57
C GLU E 302 19.45 -4.14 36.71
N LEU E 303 19.82 -3.45 35.63
CA LEU E 303 20.92 -2.49 35.68
C LEU E 303 20.67 -1.38 36.69
N THR E 304 19.48 -0.79 36.68
CA THR E 304 19.16 0.26 37.63
C THR E 304 19.13 -0.26 39.06
N PHE E 305 18.50 -1.42 39.28
CA PHE E 305 18.37 -1.96 40.63
C PHE E 305 19.73 -2.34 41.21
N SER E 306 20.63 -2.85 40.38
CA SER E 306 21.96 -3.22 40.86
C SER E 306 22.89 -2.02 40.92
N LEU E 307 22.58 -0.94 40.19
CA LEU E 307 23.32 0.30 40.35
C LEU E 307 22.93 1.02 41.63
N LEU E 308 21.67 0.94 42.04
CA LEU E 308 21.25 1.52 43.30
C LEU E 308 21.89 0.80 44.48
N ASP E 309 22.27 -0.47 44.29
CA ASP E 309 22.89 -1.24 45.36
C ASP E 309 24.34 -0.85 45.58
N VAL E 310 24.92 -0.05 44.70
CA VAL E 310 26.31 0.38 44.84
C VAL E 310 26.41 1.29 46.05
N GLU E 311 27.16 0.85 47.07
CA GLU E 311 27.31 1.63 48.29
C GLU E 311 28.21 2.85 48.13
N THR E 312 28.93 2.96 47.02
CA THR E 312 29.81 4.12 46.83
C THR E 312 29.01 5.38 46.55
N LEU E 313 27.81 5.25 45.97
CA LEU E 313 26.99 6.39 45.64
C LEU E 313 26.17 6.85 46.86
N ASN E 314 25.65 8.07 46.77
CA ASN E 314 24.84 8.66 47.82
C ASN E 314 23.39 8.81 47.35
N THR E 315 22.57 9.37 48.23
CA THR E 315 21.14 9.53 47.91
C THR E 315 20.94 10.46 46.71
N THR E 316 21.77 11.50 46.60
CA THR E 316 21.66 12.42 45.48
C THR E 316 21.92 11.72 44.15
N ASN E 317 22.85 10.76 44.13
CA ASN E 317 23.11 10.01 42.90
C ASN E 317 22.00 9.00 42.62
N LYS E 318 21.52 8.33 43.66
CA LYS E 318 20.50 7.29 43.47
C LYS E 318 19.17 7.89 43.02
N SER E 319 18.83 9.07 43.52
CA SER E 319 17.58 9.72 43.10
C SER E 319 17.64 10.09 41.62
N SER E 320 18.75 10.68 41.19
CA SER E 320 18.92 11.00 39.78
C SER E 320 18.93 9.74 38.92
N ILE E 321 19.54 8.66 39.44
CA ILE E 321 19.59 7.40 38.70
C ILE E 321 18.18 6.85 38.49
N ILE E 322 17.36 6.86 39.56
CA ILE E 322 16.02 6.30 39.42
C ILE E 322 15.16 7.20 38.54
N GLU E 323 15.37 8.52 38.59
CA GLU E 323 14.62 9.42 37.72
C GLU E 323 14.97 9.17 36.25
N TYR E 324 16.27 9.08 35.95
CA TYR E 324 16.69 8.80 34.58
C TYR E 324 16.21 7.44 34.12
N SER E 325 16.18 6.44 35.01
CA SER E 325 15.71 5.12 34.61
C SER E 325 14.23 5.14 34.30
N SER E 326 13.43 5.88 35.07
CA SER E 326 12.01 6.01 34.75
C SER E 326 11.82 6.73 33.42
N VAL E 327 12.56 7.81 33.20
CA VAL E 327 12.44 8.57 31.95
C VAL E 327 12.78 7.68 30.76
N PHE E 328 13.92 6.98 30.82
CA PHE E 328 14.33 6.14 29.70
C PHE E 328 13.49 4.87 29.59
N ASP E 329 12.84 4.43 30.67
CA ASP E 329 11.87 3.34 30.55
C ASP E 329 10.65 3.81 29.76
N GLU E 330 10.18 5.02 30.03
CA GLU E 330 9.12 5.59 29.19
C GLU E 330 9.58 5.71 27.74
N ARG E 331 10.82 6.16 27.53
CA ARG E 331 11.35 6.27 26.18
C ARG E 331 11.36 4.92 25.47
N LEU E 332 11.83 3.88 26.17
CA LEU E 332 11.90 2.54 25.58
C LEU E 332 10.50 1.98 25.31
N SER E 333 9.55 2.25 26.19
CA SER E 333 8.16 1.84 25.95
C SER E 333 7.52 2.61 24.81
N LEU E 334 8.05 3.79 24.48
CA LEU E 334 7.56 4.56 23.35
C LEU E 334 8.40 4.39 22.09
N GLY E 335 9.56 3.73 22.19
CA GLY E 335 10.43 3.52 21.05
C GLY E 335 10.53 2.06 20.65
N ASN E 336 11.32 1.82 19.61
CA ASN E 336 11.53 0.47 19.09
C ASN E 336 13.00 0.10 19.07
N LYS E 337 13.87 1.07 18.82
CA LYS E 337 15.32 0.86 18.87
C LYS E 337 15.74 0.95 20.33
N ALA E 338 15.81 -0.22 20.97
CA ALA E 338 16.00 -0.28 22.41
C ALA E 338 17.37 0.20 22.83
N ILE E 339 18.40 -0.12 22.05
CA ILE E 339 19.75 0.31 22.40
C ILE E 339 19.86 1.83 22.34
N PHE E 340 19.08 2.48 21.48
CA PHE E 340 19.09 3.94 21.40
C PHE E 340 18.68 4.59 22.72
N HIS E 341 17.87 3.89 23.52
CA HIS E 341 17.47 4.40 24.83
C HIS E 341 18.39 3.87 25.93
N LEU E 342 18.87 2.62 25.79
CA LEU E 342 19.75 2.06 26.80
C LEU E 342 21.07 2.83 26.87
N GLU E 343 21.67 3.13 25.71
CA GLU E 343 22.91 3.90 25.71
C GLU E 343 22.70 5.31 26.23
N GLY E 344 21.55 5.90 25.94
CA GLY E 344 21.25 7.21 26.49
C GLY E 344 21.13 7.20 28.01
N PHE E 345 20.46 6.18 28.55
CA PHE E 345 20.36 6.06 30.00
C PHE E 345 21.72 5.85 30.62
N ILE E 346 22.56 5.02 29.99
CA ILE E 346 23.90 4.77 30.52
C ILE E 346 24.73 6.06 30.50
N ALA E 347 24.62 6.84 29.43
CA ALA E 347 25.34 8.10 29.35
C ALA E 347 24.85 9.10 30.39
N LYS E 348 23.54 9.14 30.62
CA LYS E 348 23.01 10.03 31.64
C LYS E 348 23.46 9.62 33.04
N VAL E 349 23.54 8.31 33.30
CA VAL E 349 24.04 7.84 34.58
C VAL E 349 25.52 8.18 34.75
N MET E 350 26.30 8.02 33.67
CA MET E 350 27.71 8.40 33.71
C MET E 350 27.86 9.90 34.00
N CYS E 351 27.01 10.72 33.38
CA CYS E 351 27.06 12.16 33.64
C CYS E 351 26.64 12.49 35.06
N CYS E 352 25.72 11.69 35.64
CA CYS E 352 25.28 11.95 37.01
C CYS E 352 26.40 11.67 38.00
N LEU E 353 27.04 10.51 37.88
CA LEU E 353 28.12 10.13 38.80
C LEU E 353 29.37 10.95 38.54
N MET F 7 -46.74 -3.06 -8.62
CA MET F 7 -45.96 -4.28 -8.82
C MET F 7 -45.56 -4.46 -10.28
N LEU F 8 -44.26 -4.38 -10.55
CA LEU F 8 -43.74 -4.55 -11.89
C LEU F 8 -43.57 -6.03 -12.21
N GLU F 9 -44.13 -6.47 -13.33
CA GLU F 9 -44.06 -7.87 -13.73
C GLU F 9 -43.85 -7.90 -15.24
N ALA F 10 -42.62 -8.20 -15.67
CA ALA F 10 -42.27 -8.24 -17.09
C ALA F 10 -41.78 -9.63 -17.44
N LYS F 11 -42.11 -10.09 -18.65
CA LYS F 11 -41.70 -11.39 -19.16
C LYS F 11 -41.25 -11.23 -20.60
N PHE F 12 -39.97 -11.50 -20.84
CA PHE F 12 -39.35 -11.31 -22.14
C PHE F 12 -39.65 -12.49 -23.07
N GLU F 13 -39.61 -12.23 -24.38
CA GLU F 13 -39.80 -13.30 -25.35
C GLU F 13 -38.53 -14.13 -25.48
N GLU F 14 -37.38 -13.47 -25.67
CA GLU F 14 -36.07 -14.12 -25.62
C GLU F 14 -35.29 -13.52 -24.45
N ALA F 15 -34.65 -14.37 -23.66
CA ALA F 15 -33.89 -13.90 -22.51
C ALA F 15 -32.54 -13.32 -22.89
N SER F 16 -32.05 -13.58 -24.11
CA SER F 16 -30.75 -13.08 -24.53
C SER F 16 -30.79 -11.64 -25.02
N LEU F 17 -31.97 -11.13 -25.36
CA LEU F 17 -32.07 -9.74 -25.79
C LEU F 17 -31.68 -8.78 -24.67
N PHE F 18 -32.13 -9.07 -23.45
CA PHE F 18 -31.74 -8.22 -22.32
C PHE F 18 -30.24 -8.31 -22.05
N LYS F 19 -29.66 -9.50 -22.25
CA LYS F 19 -28.21 -9.65 -22.11
C LYS F 19 -27.47 -8.78 -23.11
N ARG F 20 -27.87 -8.87 -24.38
CA ARG F 20 -27.22 -8.06 -25.42
C ARG F 20 -27.43 -6.57 -25.19
N ILE F 21 -28.57 -6.20 -24.59
CA ILE F 21 -28.84 -4.79 -24.32
C ILE F 21 -27.96 -4.28 -23.18
N ILE F 22 -27.86 -5.07 -22.11
CA ILE F 22 -27.07 -4.64 -20.96
C ILE F 22 -25.58 -4.65 -21.27
N ASP F 23 -25.13 -5.56 -22.14
CA ASP F 23 -23.73 -5.60 -22.53
C ASP F 23 -23.31 -4.31 -23.23
N GLY F 24 -24.27 -3.61 -23.85
CA GLY F 24 -24.00 -2.34 -24.47
C GLY F 24 -23.58 -1.27 -23.49
N PHE F 25 -24.14 -1.32 -22.28
CA PHE F 25 -23.81 -0.32 -21.27
C PHE F 25 -22.80 -0.82 -20.25
N LYS F 26 -22.50 -2.12 -20.28
CA LYS F 26 -21.63 -2.76 -19.30
C LYS F 26 -20.31 -2.01 -19.06
N ASP F 27 -19.69 -1.54 -20.14
CA ASP F 27 -18.37 -0.90 -20.04
C ASP F 27 -18.45 0.62 -19.95
N CYS F 28 -19.37 1.24 -20.68
CA CYS F 28 -19.44 2.70 -20.74
C CYS F 28 -20.31 3.31 -19.65
N VAL F 29 -21.03 2.49 -18.87
CA VAL F 29 -21.92 3.00 -17.83
C VAL F 29 -21.81 2.09 -16.61
N GLN F 30 -21.71 2.70 -15.43
CA GLN F 30 -21.59 1.98 -14.17
C GLN F 30 -22.92 1.68 -13.50
N LEU F 31 -23.70 2.71 -13.17
CA LEU F 31 -24.98 2.54 -12.49
C LEU F 31 -26.10 3.00 -13.41
N VAL F 32 -27.28 2.38 -13.25
CA VAL F 32 -28.44 2.71 -14.07
C VAL F 32 -29.66 2.88 -13.18
N ASN F 33 -30.66 3.57 -13.71
CA ASN F 33 -31.94 3.81 -13.02
C ASN F 33 -33.07 3.57 -14.01
N PHE F 34 -33.59 2.35 -14.03
CA PHE F 34 -34.67 1.97 -14.94
C PHE F 34 -35.99 2.57 -14.45
N GLN F 35 -36.63 3.35 -15.31
CA GLN F 35 -37.99 3.83 -15.06
C GLN F 35 -38.96 2.93 -15.82
N CYS F 36 -39.84 2.26 -15.09
CA CYS F 36 -40.82 1.36 -15.68
C CYS F 36 -42.21 1.97 -15.55
N LYS F 37 -42.84 2.21 -16.69
CA LYS F 37 -44.19 2.74 -16.73
C LYS F 37 -45.11 1.84 -17.55
N GLU F 38 -46.33 2.29 -17.82
CA GLU F 38 -47.28 1.49 -18.58
C GLU F 38 -46.94 1.39 -20.05
N ASP F 39 -46.05 2.25 -20.55
CA ASP F 39 -45.70 2.26 -21.96
C ASP F 39 -44.40 1.53 -22.27
N GLY F 40 -43.58 1.25 -21.26
CA GLY F 40 -42.31 0.56 -21.48
C GLY F 40 -41.23 0.95 -20.51
N ILE F 41 -40.04 0.38 -20.69
CA ILE F 41 -38.91 0.63 -19.79
C ILE F 41 -37.97 1.64 -20.44
N ILE F 42 -37.65 2.70 -19.71
CA ILE F 42 -36.72 3.73 -20.16
C ILE F 42 -35.55 3.75 -19.19
N ALA F 43 -34.37 4.09 -19.72
CA ALA F 43 -33.18 4.18 -18.88
C ALA F 43 -32.28 5.26 -19.44
N GLN F 44 -31.78 6.13 -18.56
CA GLN F 44 -30.83 7.16 -18.94
C GLN F 44 -29.69 7.15 -17.94
N ALA F 45 -28.46 7.17 -18.45
CA ALA F 45 -27.29 7.06 -17.60
C ALA F 45 -26.18 7.95 -18.14
N VAL F 46 -25.30 8.40 -17.24
CA VAL F 46 -24.18 9.27 -17.57
C VAL F 46 -22.89 8.55 -17.20
N ASP F 47 -21.89 8.69 -18.07
CA ASP F 47 -20.58 8.07 -17.82
C ASP F 47 -19.93 8.69 -16.59
N ASP F 48 -18.98 7.94 -16.01
CA ASP F 48 -18.24 8.44 -14.85
C ASP F 48 -17.53 9.75 -15.18
N SER F 49 -16.90 9.82 -16.35
CA SER F 49 -16.28 11.06 -16.81
C SER F 49 -17.28 12.04 -17.40
N ARG F 50 -18.55 11.64 -17.54
CA ARG F 50 -19.61 12.49 -18.07
C ARG F 50 -19.26 13.02 -19.46
N VAL F 51 -19.00 12.07 -20.37
CA VAL F 51 -18.65 12.41 -21.74
C VAL F 51 -19.74 11.89 -22.67
N LEU F 52 -20.39 10.80 -22.29
CA LEU F 52 -21.47 10.22 -23.07
C LEU F 52 -22.70 10.02 -22.20
N LEU F 53 -23.86 10.00 -22.83
CA LEU F 53 -25.13 9.72 -22.17
C LEU F 53 -25.83 8.58 -22.89
N VAL F 54 -26.17 7.53 -22.15
CA VAL F 54 -26.85 6.36 -22.70
C VAL F 54 -28.34 6.51 -22.45
N SER F 55 -29.14 6.32 -23.49
CA SER F 55 -30.60 6.37 -23.39
C SER F 55 -31.17 5.14 -24.07
N LEU F 56 -31.70 4.22 -23.28
CA LEU F 56 -32.33 3.00 -23.79
C LEU F 56 -33.84 3.11 -23.59
N GLU F 57 -34.58 2.72 -24.63
CA GLU F 57 -36.04 2.69 -24.55
C GLU F 57 -36.53 1.39 -25.17
N ILE F 58 -37.28 0.61 -24.41
CA ILE F 58 -37.85 -0.65 -24.88
C ILE F 58 -39.33 -0.65 -24.55
N GLY F 59 -40.16 -0.65 -25.59
CA GLY F 59 -41.60 -0.64 -25.41
C GLY F 59 -42.14 -1.98 -24.96
N VAL F 60 -43.46 -2.03 -24.80
CA VAL F 60 -44.12 -3.26 -24.35
C VAL F 60 -44.21 -4.28 -25.46
N GLU F 61 -43.80 -3.93 -26.68
CA GLU F 61 -43.80 -4.89 -27.77
C GLU F 61 -42.76 -5.99 -27.53
N ALA F 62 -41.62 -5.64 -26.93
CA ALA F 62 -40.60 -6.64 -26.64
C ALA F 62 -41.04 -7.58 -25.53
N PHE F 63 -41.66 -7.06 -24.48
CA PHE F 63 -42.08 -7.89 -23.36
C PHE F 63 -43.21 -8.82 -23.81
N GLN F 64 -42.97 -10.14 -23.73
CA GLN F 64 -44.03 -11.09 -24.02
C GLN F 64 -45.23 -10.88 -23.10
N GLU F 65 -44.97 -10.56 -21.83
CA GLU F 65 -46.02 -10.14 -20.91
C GLU F 65 -45.54 -8.92 -20.15
N TYR F 66 -46.48 -8.03 -19.83
CA TYR F 66 -46.13 -6.78 -19.15
C TYR F 66 -47.27 -6.37 -18.23
N ARG F 67 -46.91 -5.96 -17.01
CA ARG F 67 -47.89 -5.48 -16.04
C ARG F 67 -47.19 -4.48 -15.13
N CYS F 68 -47.57 -3.21 -15.26
CA CYS F 68 -47.01 -2.12 -14.46
C CYS F 68 -48.17 -1.38 -13.81
N ASP F 69 -48.37 -1.62 -12.51
CA ASP F 69 -49.47 -0.98 -11.80
C ASP F 69 -49.23 0.51 -11.62
N HIS F 70 -47.99 0.89 -11.33
CA HIS F 70 -47.64 2.29 -11.11
C HIS F 70 -46.20 2.49 -11.53
N PRO F 71 -45.79 3.74 -11.82
CA PRO F 71 -44.39 3.99 -12.19
C PRO F 71 -43.40 3.50 -11.15
N VAL F 72 -42.42 2.71 -11.58
CA VAL F 72 -41.43 2.12 -10.69
C VAL F 72 -40.05 2.62 -11.07
N THR F 73 -39.23 2.87 -10.06
CA THR F 73 -37.85 3.32 -10.26
C THR F 73 -36.92 2.28 -9.65
N LEU F 74 -36.07 1.68 -10.49
CA LEU F 74 -35.14 0.63 -10.07
C LEU F 74 -33.72 1.11 -10.30
N GLY F 75 -33.04 1.53 -9.24
CA GLY F 75 -31.63 1.88 -9.34
C GLY F 75 -30.77 0.67 -9.05
N MET F 76 -29.83 0.39 -9.96
CA MET F 76 -29.04 -0.82 -9.83
C MET F 76 -27.67 -0.62 -10.46
N ASP F 77 -26.81 -1.61 -10.25
CA ASP F 77 -25.44 -1.63 -10.77
C ASP F 77 -25.39 -2.59 -11.96
N LEU F 78 -24.53 -2.27 -12.93
CA LEU F 78 -24.47 -3.07 -14.15
C LEU F 78 -23.48 -4.23 -14.07
N THR F 79 -22.40 -4.08 -13.31
CA THR F 79 -21.45 -5.18 -13.18
C THR F 79 -22.04 -6.36 -12.42
N SER F 80 -23.14 -6.16 -11.71
CA SER F 80 -23.89 -7.24 -11.07
C SER F 80 -25.05 -7.73 -11.92
N LEU F 81 -25.73 -6.81 -12.62
CA LEU F 81 -26.82 -7.23 -13.51
C LEU F 81 -26.28 -8.08 -14.66
N SER F 82 -25.09 -7.77 -15.15
CA SER F 82 -24.49 -8.59 -16.20
C SER F 82 -24.14 -9.98 -15.69
N LYS F 83 -23.66 -10.07 -14.46
CA LYS F 83 -23.36 -11.37 -13.87
C LYS F 83 -24.64 -12.17 -13.67
N ILE F 84 -25.72 -11.50 -13.27
CA ILE F 84 -27.00 -12.18 -13.09
C ILE F 84 -27.55 -12.66 -14.44
N LEU F 85 -27.35 -11.86 -15.49
CA LEU F 85 -27.84 -12.23 -16.81
C LEU F 85 -27.03 -13.36 -17.43
N ARG F 86 -25.70 -13.38 -17.20
CA ARG F 86 -24.89 -14.47 -17.71
C ARG F 86 -25.23 -15.79 -17.03
N CYS F 87 -25.94 -15.73 -15.89
CA CYS F 87 -26.39 -16.92 -15.19
C CYS F 87 -27.56 -17.62 -15.89
N GLY F 88 -28.05 -17.07 -17.00
CA GLY F 88 -29.19 -17.65 -17.68
C GLY F 88 -28.82 -18.73 -18.67
N ASN F 89 -29.54 -18.78 -19.79
CA ASN F 89 -29.32 -19.80 -20.81
C ASN F 89 -29.85 -19.26 -22.14
N ASN F 90 -29.42 -19.90 -23.23
CA ASN F 90 -29.71 -19.38 -24.56
C ASN F 90 -31.14 -19.62 -25.01
N THR F 91 -31.79 -20.68 -24.53
CA THR F 91 -33.15 -21.01 -24.92
C THR F 91 -34.09 -20.90 -23.72
N ASP F 92 -33.79 -19.95 -22.85
CA ASP F 92 -34.58 -19.68 -21.65
C ASP F 92 -35.38 -18.39 -21.83
N THR F 93 -36.30 -18.16 -20.92
CA THR F 93 -37.09 -16.94 -20.87
C THR F 93 -36.84 -16.22 -19.56
N LEU F 94 -36.86 -14.89 -19.62
CA LEU F 94 -36.52 -14.03 -18.50
C LEU F 94 -37.76 -13.36 -17.93
N THR F 95 -37.80 -13.25 -16.60
CA THR F 95 -38.92 -12.64 -15.90
C THR F 95 -38.40 -11.67 -14.86
N LEU F 96 -38.78 -10.40 -14.99
CA LEU F 96 -38.42 -9.37 -14.03
C LEU F 96 -39.60 -9.11 -13.09
N ILE F 97 -39.35 -9.17 -11.79
CA ILE F 97 -40.39 -8.96 -10.79
C ILE F 97 -39.91 -7.90 -9.80
N ALA F 98 -40.81 -6.98 -9.45
CA ALA F 98 -40.54 -5.95 -8.46
C ALA F 98 -41.81 -5.69 -7.68
N ASP F 99 -41.69 -5.62 -6.36
CA ASP F 99 -42.85 -5.43 -5.50
C ASP F 99 -43.39 -4.01 -5.63
N ASN F 100 -44.42 -3.70 -4.84
CA ASN F 100 -45.01 -2.37 -4.87
C ASN F 100 -43.99 -1.31 -4.50
N THR F 101 -43.18 -1.56 -3.48
CA THR F 101 -42.07 -0.67 -3.17
C THR F 101 -40.80 -1.20 -3.81
N PRO F 102 -40.13 -0.43 -4.67
CA PRO F 102 -38.98 -0.97 -5.41
C PRO F 102 -37.80 -1.34 -4.50
N ASP F 103 -37.52 -2.64 -4.41
CA ASP F 103 -36.38 -3.12 -3.63
C ASP F 103 -36.17 -4.60 -3.96
N SER F 104 -34.90 -4.96 -4.17
CA SER F 104 -34.49 -6.35 -4.38
C SER F 104 -35.23 -6.97 -5.57
N ILE F 105 -34.94 -6.41 -6.75
CA ILE F 105 -35.57 -6.91 -7.97
C ILE F 105 -35.23 -8.39 -8.17
N ILE F 106 -36.18 -9.15 -8.70
CA ILE F 106 -36.06 -10.60 -8.82
C ILE F 106 -36.02 -10.95 -10.30
N LEU F 107 -35.03 -11.75 -10.68
CA LEU F 107 -34.93 -12.30 -12.03
C LEU F 107 -35.25 -13.79 -11.99
N LEU F 108 -36.05 -14.25 -12.95
CA LEU F 108 -36.45 -15.64 -13.05
C LEU F 108 -36.12 -16.14 -14.45
N PHE F 109 -35.22 -17.11 -14.54
CA PHE F 109 -34.92 -17.78 -15.79
C PHE F 109 -35.65 -19.11 -15.85
N GLU F 110 -36.46 -19.30 -16.89
CA GLU F 110 -37.26 -20.51 -17.03
C GLU F 110 -36.98 -21.13 -18.38
N ASP F 111 -36.59 -22.41 -18.38
CA ASP F 111 -36.31 -23.09 -19.63
C ASP F 111 -37.60 -23.51 -20.32
N THR F 112 -37.59 -23.42 -21.65
CA THR F 112 -38.76 -23.77 -22.45
C THR F 112 -38.72 -25.20 -22.97
N LYS F 113 -37.54 -25.82 -23.00
CA LYS F 113 -37.41 -27.21 -23.41
C LYS F 113 -37.55 -28.19 -22.26
N LYS F 114 -36.96 -27.88 -21.10
CA LYS F 114 -37.04 -28.72 -19.91
C LYS F 114 -37.68 -27.91 -18.80
N ASP F 115 -37.79 -28.51 -17.62
CA ASP F 115 -38.33 -27.84 -16.45
C ASP F 115 -37.18 -27.36 -15.58
N ARG F 116 -36.97 -26.04 -15.53
CA ARG F 116 -35.88 -25.46 -14.76
C ARG F 116 -36.29 -24.06 -14.31
N ILE F 117 -35.96 -23.73 -13.07
CA ILE F 117 -36.28 -22.42 -12.48
C ILE F 117 -35.01 -21.89 -11.84
N ALA F 118 -34.53 -20.74 -12.32
CA ALA F 118 -33.35 -20.08 -11.76
C ALA F 118 -33.81 -18.74 -11.19
N GLU F 119 -33.82 -18.64 -9.86
CA GLU F 119 -34.27 -17.44 -9.17
C GLU F 119 -33.07 -16.67 -8.65
N TYR F 120 -32.88 -15.44 -9.11
CA TYR F 120 -31.80 -14.58 -8.68
C TYR F 120 -32.36 -13.27 -8.14
N SER F 121 -31.63 -12.67 -7.22
CA SER F 121 -32.01 -11.41 -6.62
C SER F 121 -30.96 -10.34 -6.88
N LEU F 122 -31.39 -9.08 -6.87
CA LEU F 122 -30.48 -7.97 -7.04
C LEU F 122 -30.93 -6.83 -6.13
N LYS F 123 -30.03 -6.39 -5.25
CA LYS F 123 -30.35 -5.31 -4.32
C LYS F 123 -30.34 -3.97 -5.05
N LEU F 124 -31.40 -3.20 -4.87
CA LEU F 124 -31.48 -1.89 -5.51
C LEU F 124 -30.59 -0.89 -4.77
N MET F 125 -30.34 0.25 -5.42
CA MET F 125 -29.56 1.33 -4.84
C MET F 125 -30.30 2.63 -5.05
N ASP F 126 -30.17 3.53 -4.06
CA ASP F 126 -30.89 4.80 -4.05
C ASP F 126 -30.03 5.84 -4.76
N ILE F 127 -30.31 6.04 -6.06
CA ILE F 127 -29.61 7.02 -6.86
C ILE F 127 -30.44 8.31 -6.84
N ASP F 128 -29.90 9.34 -6.19
CA ASP F 128 -30.63 10.60 -6.06
C ASP F 128 -30.77 11.34 -7.38
N ALA F 129 -29.80 11.20 -8.29
CA ALA F 129 -29.85 11.91 -9.56
C ALA F 129 -30.93 11.35 -10.48
N ASP F 130 -31.88 12.20 -10.85
CA ASP F 130 -32.95 11.78 -11.75
C ASP F 130 -32.45 11.77 -13.20
N PHE F 131 -33.04 10.89 -14.02
CA PHE F 131 -32.65 10.78 -15.43
C PHE F 131 -33.92 10.69 -16.27
N LEU F 132 -34.46 11.86 -16.63
CA LEU F 132 -35.65 11.96 -17.45
C LEU F 132 -35.47 12.90 -18.64
N LYS F 133 -34.26 13.40 -18.87
CA LYS F 133 -34.03 14.39 -19.92
C LYS F 133 -34.19 13.77 -21.30
N ILE F 134 -34.85 14.51 -22.20
CA ILE F 134 -35.03 14.10 -23.58
C ILE F 134 -34.45 15.19 -24.47
N GLU F 135 -33.73 14.78 -25.52
CA GLU F 135 -33.10 15.70 -26.46
C GLU F 135 -33.75 15.51 -27.83
N GLU F 136 -34.55 16.50 -28.24
CA GLU F 136 -35.25 16.47 -29.52
C GLU F 136 -34.98 17.77 -30.27
N LEU F 137 -33.88 17.81 -31.00
CA LEU F 137 -33.48 18.98 -31.78
C LEU F 137 -32.99 18.52 -33.14
N GLN F 138 -33.21 19.35 -34.16
CA GLN F 138 -32.77 19.00 -35.51
C GLN F 138 -31.26 18.98 -35.58
N TYR F 139 -30.72 18.02 -36.34
CA TYR F 139 -29.30 17.86 -36.52
C TYR F 139 -28.89 18.34 -37.91
N ASP F 140 -27.61 18.65 -38.06
CA ASP F 140 -27.10 19.17 -39.33
C ASP F 140 -26.93 18.08 -40.37
N SER F 141 -26.75 16.82 -39.94
CA SER F 141 -26.59 15.71 -40.86
C SER F 141 -27.10 14.45 -40.19
N THR F 142 -27.76 13.60 -40.98
CA THR F 142 -28.30 12.33 -40.49
C THR F 142 -27.89 11.24 -41.48
N LEU F 143 -27.05 10.31 -41.03
CA LEU F 143 -26.58 9.23 -41.88
C LEU F 143 -26.95 7.89 -41.25
N SER F 144 -26.90 6.85 -42.08
CA SER F 144 -27.24 5.50 -41.66
C SER F 144 -26.35 4.52 -42.41
N LEU F 145 -25.67 3.66 -41.67
CA LEU F 145 -24.71 2.74 -42.27
C LEU F 145 -24.72 1.44 -41.50
N PRO F 146 -24.29 0.35 -42.11
CA PRO F 146 -24.23 -0.93 -41.37
C PRO F 146 -23.38 -0.83 -40.13
N SER F 147 -23.84 -1.48 -39.05
CA SER F 147 -23.14 -1.39 -37.78
C SER F 147 -21.77 -2.04 -37.85
N SER F 148 -21.66 -3.16 -38.57
CA SER F 148 -20.36 -3.82 -38.70
C SER F 148 -19.37 -2.97 -39.47
N GLU F 149 -19.82 -2.31 -40.54
CA GLU F 149 -18.95 -1.46 -41.32
C GLU F 149 -18.46 -0.25 -40.53
N PHE F 150 -19.29 0.29 -39.62
CA PHE F 150 -18.86 1.40 -38.80
C PHE F 150 -17.93 0.95 -37.69
N SER F 151 -18.25 -0.18 -37.06
CA SER F 151 -17.39 -0.71 -36.00
C SER F 151 -16.01 -1.09 -36.54
N LYS F 152 -15.95 -1.61 -37.76
CA LYS F 152 -14.66 -1.94 -38.36
C LYS F 152 -13.79 -0.69 -38.52
N ILE F 153 -14.37 0.37 -39.07
CA ILE F 153 -13.62 1.61 -39.25
C ILE F 153 -13.19 2.18 -37.91
N VAL F 154 -14.07 2.13 -36.91
CA VAL F 154 -13.74 2.66 -35.59
C VAL F 154 -12.59 1.90 -34.98
N ARG F 155 -12.67 0.56 -34.98
CA ARG F 155 -11.61 -0.25 -34.39
C ARG F 155 -10.31 -0.16 -35.18
N ASP F 156 -10.40 0.14 -36.48
CA ASP F 156 -9.19 0.25 -37.29
C ASP F 156 -8.51 1.61 -37.10
N LEU F 157 -9.29 2.67 -36.89
CA LEU F 157 -8.71 3.99 -36.69
C LEU F 157 -8.35 4.27 -35.24
N SER F 158 -8.88 3.47 -34.30
CA SER F 158 -8.52 3.67 -32.89
C SER F 158 -7.09 3.28 -32.60
N GLN F 159 -6.47 2.44 -33.44
CA GLN F 159 -5.09 2.03 -33.21
C GLN F 159 -4.09 3.11 -33.61
N LEU F 160 -4.50 4.08 -34.42
CA LEU F 160 -3.58 5.12 -34.89
C LEU F 160 -3.40 6.24 -33.90
N SER F 161 -4.49 6.69 -33.26
CA SER F 161 -4.43 7.79 -32.30
C SER F 161 -5.55 7.62 -31.29
N ASP F 162 -5.74 8.64 -30.46
CA ASP F 162 -6.80 8.65 -29.46
C ASP F 162 -7.94 9.58 -29.82
N SER F 163 -7.87 10.26 -30.97
CA SER F 163 -8.91 11.18 -31.40
C SER F 163 -9.28 10.87 -32.85
N ILE F 164 -10.56 10.69 -33.11
CA ILE F 164 -11.08 10.39 -34.45
C ILE F 164 -12.00 11.52 -34.87
N ASN F 165 -11.70 12.13 -36.02
CA ASN F 165 -12.44 13.28 -36.51
C ASN F 165 -13.43 12.83 -37.59
N ILE F 166 -14.69 13.23 -37.43
CA ILE F 166 -15.74 12.93 -38.39
C ILE F 166 -16.02 14.22 -39.16
N MET F 167 -16.03 14.11 -40.50
CA MET F 167 -16.32 15.21 -41.40
C MET F 167 -17.43 14.79 -42.36
N ILE F 168 -18.51 15.56 -42.38
CA ILE F 168 -19.64 15.34 -43.26
C ILE F 168 -19.66 16.47 -44.28
N THR F 169 -19.54 16.12 -45.57
CA THR F 169 -19.58 17.10 -46.65
C THR F 169 -20.64 16.64 -47.66
N LYS F 170 -20.66 17.26 -48.84
CA LYS F 170 -21.70 16.99 -49.83
C LYS F 170 -21.54 15.57 -50.36
N GLU F 171 -22.35 14.65 -49.83
CA GLU F 171 -22.28 13.22 -50.16
C GLU F 171 -20.88 12.65 -49.96
N THR F 172 -20.30 12.95 -48.80
CA THR F 172 -18.99 12.43 -48.43
C THR F 172 -18.90 12.32 -46.92
N ILE F 173 -18.52 11.16 -46.41
CA ILE F 173 -18.32 10.91 -44.99
C ILE F 173 -16.87 10.52 -44.80
N LYS F 174 -16.13 11.29 -44.02
CA LYS F 174 -14.71 11.08 -43.81
C LYS F 174 -14.41 10.86 -42.34
N PHE F 175 -13.66 9.79 -42.04
CA PHE F 175 -13.19 9.50 -40.69
C PHE F 175 -11.66 9.59 -40.72
N VAL F 176 -11.11 10.58 -40.02
CA VAL F 176 -9.69 10.86 -40.02
C VAL F 176 -9.11 10.52 -38.65
N ALA F 177 -7.87 10.05 -38.63
CA ALA F 177 -7.16 9.75 -37.40
C ALA F 177 -5.69 10.03 -37.61
N ASP F 178 -5.17 11.03 -36.90
CA ASP F 178 -3.77 11.42 -37.00
C ASP F 178 -3.07 11.17 -35.67
N GLY F 179 -2.03 10.35 -35.68
CA GLY F 179 -1.31 10.02 -34.47
C GLY F 179 0.19 10.20 -34.59
N ASP F 180 0.94 9.44 -33.79
CA ASP F 180 2.40 9.53 -33.78
C ASP F 180 3.07 8.56 -34.75
N ILE F 181 2.44 7.41 -35.03
CA ILE F 181 3.01 6.45 -35.95
C ILE F 181 2.59 6.70 -37.40
N GLY F 182 1.73 7.70 -37.64
CA GLY F 182 1.28 8.02 -38.96
C GLY F 182 -0.09 8.66 -38.91
N SER F 183 -0.79 8.58 -40.05
CA SER F 183 -2.12 9.15 -40.18
C SER F 183 -2.96 8.24 -41.07
N GLY F 184 -4.27 8.50 -41.08
CA GLY F 184 -5.17 7.74 -41.92
C GLY F 184 -6.52 8.41 -42.08
N SER F 185 -7.22 8.11 -43.17
CA SER F 185 -8.54 8.70 -43.41
C SER F 185 -9.34 7.78 -44.31
N VAL F 186 -10.52 7.38 -43.86
CA VAL F 186 -11.44 6.55 -44.63
C VAL F 186 -12.57 7.44 -45.14
N ILE F 187 -12.74 7.46 -46.47
CA ILE F 187 -13.74 8.29 -47.13
C ILE F 187 -14.75 7.37 -47.79
N ILE F 188 -16.04 7.60 -47.50
CA ILE F 188 -17.12 6.82 -48.09
C ILE F 188 -18.15 7.77 -48.69
N LYS F 189 -18.89 7.24 -49.67
CA LYS F 189 -19.94 7.97 -50.36
C LYS F 189 -21.28 7.28 -50.16
N PRO F 190 -22.36 8.05 -49.98
CA PRO F 190 -23.68 7.45 -49.77
C PRO F 190 -24.23 6.85 -51.05
N PHE F 191 -24.44 5.54 -51.04
CA PHE F 191 -24.98 4.81 -52.18
C PHE F 191 -26.26 4.10 -51.77
N VAL F 192 -27.01 3.65 -52.77
CA VAL F 192 -28.26 2.92 -52.58
C VAL F 192 -28.08 1.53 -53.15
N ASP F 193 -28.20 0.51 -52.30
CA ASP F 193 -27.99 -0.88 -52.69
C ASP F 193 -29.36 -1.55 -52.78
N MET F 194 -29.76 -1.89 -54.00
CA MET F 194 -31.07 -2.51 -54.22
C MET F 194 -31.08 -4.00 -53.89
N GLU F 195 -29.97 -4.70 -54.10
CA GLU F 195 -29.95 -6.14 -53.87
C GLU F 195 -30.01 -6.48 -52.38
N HIS F 196 -29.44 -5.63 -51.52
CA HIS F 196 -29.54 -5.81 -50.07
C HIS F 196 -29.73 -4.44 -49.43
N PRO F 197 -30.84 -4.22 -48.72
CA PRO F 197 -31.07 -2.91 -48.09
C PRO F 197 -30.26 -2.67 -46.83
N GLU F 198 -29.80 -3.73 -46.15
CA GLU F 198 -29.08 -3.54 -44.90
C GLU F 198 -27.61 -3.20 -45.09
N THR F 199 -27.14 -3.11 -46.33
CA THR F 199 -25.76 -2.72 -46.60
C THR F 199 -25.64 -1.35 -47.26
N SER F 200 -26.75 -0.66 -47.48
CA SER F 200 -26.70 0.67 -48.08
C SER F 200 -26.24 1.71 -47.06
N ILE F 201 -25.85 2.87 -47.56
CA ILE F 201 -25.38 3.98 -46.75
C ILE F 201 -26.19 5.21 -47.15
N LYS F 202 -27.01 5.72 -46.25
CA LYS F 202 -27.81 6.92 -46.50
C LYS F 202 -27.20 8.11 -45.77
N LEU F 203 -27.40 9.30 -46.35
CA LEU F 203 -26.85 10.52 -45.77
C LEU F 203 -27.68 11.70 -46.24
N GLU F 204 -28.31 12.40 -45.30
CA GLU F 204 -29.06 13.63 -45.56
C GLU F 204 -28.37 14.76 -44.80
N MET F 205 -27.79 15.70 -45.54
CA MET F 205 -27.00 16.78 -44.95
C MET F 205 -27.61 18.13 -45.26
N ASP F 206 -27.53 19.04 -44.29
CA ASP F 206 -27.95 20.42 -44.45
C ASP F 206 -26.80 21.40 -44.51
N GLN F 207 -25.71 21.14 -43.79
CA GLN F 207 -24.53 21.99 -43.77
C GLN F 207 -23.35 21.14 -43.36
N PRO F 208 -22.16 21.38 -43.96
CA PRO F 208 -20.98 20.55 -43.62
C PRO F 208 -20.65 20.56 -42.14
N VAL F 209 -20.17 19.42 -41.64
CA VAL F 209 -19.88 19.22 -40.22
C VAL F 209 -18.47 18.71 -40.09
N ASP F 210 -17.78 19.09 -39.00
CA ASP F 210 -16.39 18.69 -38.79
C ASP F 210 -16.13 18.75 -37.28
N LEU F 211 -16.05 17.57 -36.65
CA LEU F 211 -15.80 17.54 -35.21
C LEU F 211 -15.18 16.20 -34.80
N THR F 212 -14.45 16.22 -33.69
CA THR F 212 -13.63 15.09 -33.25
C THR F 212 -14.20 14.46 -31.98
N PHE F 213 -14.00 13.16 -31.84
CA PHE F 213 -14.32 12.41 -30.63
C PHE F 213 -13.07 11.71 -30.10
N GLY F 214 -13.17 11.20 -28.88
CA GLY F 214 -12.14 10.37 -28.32
C GLY F 214 -12.26 8.92 -28.77
N ALA F 215 -11.13 8.22 -28.76
CA ALA F 215 -11.11 6.84 -29.25
C ALA F 215 -11.79 5.87 -28.29
N LYS F 216 -11.63 6.07 -26.99
CA LYS F 216 -12.17 5.11 -26.02
C LYS F 216 -13.68 5.09 -26.05
N TYR F 217 -14.32 6.26 -26.04
CA TYR F 217 -15.77 6.32 -26.06
C TYR F 217 -16.33 5.81 -27.39
N LEU F 218 -15.65 6.11 -28.49
CA LEU F 218 -16.07 5.60 -29.78
C LEU F 218 -15.93 4.08 -29.87
N LEU F 219 -14.93 3.51 -29.19
CA LEU F 219 -14.80 2.05 -29.14
C LEU F 219 -15.85 1.42 -28.24
N ASP F 220 -16.24 2.13 -27.17
CA ASP F 220 -17.27 1.60 -26.27
C ASP F 220 -18.65 1.68 -26.91
N ILE F 221 -18.88 2.68 -27.77
CA ILE F 221 -20.17 2.86 -28.42
C ILE F 221 -20.45 1.72 -29.39
N ILE F 222 -19.44 1.34 -30.18
CA ILE F 222 -19.62 0.34 -31.23
C ILE F 222 -19.83 -1.05 -30.63
N LYS F 223 -19.72 -1.16 -29.31
CA LYS F 223 -19.99 -2.44 -28.66
C LYS F 223 -21.47 -2.83 -28.78
N GLY F 224 -22.34 -1.85 -28.98
CA GLY F 224 -23.75 -2.09 -29.21
C GLY F 224 -24.11 -2.51 -30.62
N SER F 225 -23.11 -2.79 -31.47
CA SER F 225 -23.38 -3.19 -32.84
C SER F 225 -24.01 -4.57 -32.93
N SER F 226 -23.93 -5.37 -31.87
CA SER F 226 -24.53 -6.70 -31.86
C SER F 226 -26.04 -6.67 -31.67
N LEU F 227 -26.63 -5.48 -31.51
CA LEU F 227 -28.08 -5.36 -31.33
C LEU F 227 -28.80 -5.28 -32.68
N SER F 228 -28.45 -4.29 -33.49
CA SER F 228 -29.07 -4.10 -34.80
C SER F 228 -28.02 -4.23 -35.89
N ASP F 229 -28.51 -4.47 -37.11
CA ASP F 229 -27.64 -4.61 -38.27
C ASP F 229 -27.29 -3.29 -38.93
N ARG F 230 -27.89 -2.18 -38.49
CA ARG F 230 -27.64 -0.86 -39.05
C ARG F 230 -27.71 0.18 -37.95
N VAL F 231 -26.78 1.12 -37.98
CA VAL F 231 -26.67 2.18 -36.97
C VAL F 231 -26.83 3.53 -37.66
N GLY F 232 -27.54 4.43 -37.00
CA GLY F 232 -27.72 5.79 -37.47
C GLY F 232 -26.86 6.75 -36.68
N ILE F 233 -26.35 7.77 -37.36
CA ILE F 233 -25.49 8.78 -36.76
C ILE F 233 -26.04 10.15 -37.10
N ARG F 234 -26.41 10.91 -36.08
CA ARG F 234 -26.90 12.28 -36.22
C ARG F 234 -25.86 13.23 -35.68
N LEU F 235 -25.37 14.12 -36.54
CA LEU F 235 -24.34 15.09 -36.19
C LEU F 235 -24.88 16.50 -36.37
N SER F 236 -24.40 17.43 -35.55
CA SER F 236 -24.81 18.82 -35.65
C SER F 236 -23.68 19.71 -35.17
N SER F 237 -23.81 21.01 -35.41
CA SER F 237 -22.80 21.97 -34.99
C SER F 237 -22.79 22.11 -33.47
N GLU F 238 -21.81 21.48 -32.82
CA GLU F 238 -21.63 21.53 -31.38
C GLU F 238 -22.90 21.06 -30.66
N ALA F 239 -23.26 19.81 -30.92
CA ALA F 239 -24.40 19.18 -30.30
C ALA F 239 -24.06 17.72 -30.02
N PRO F 240 -24.64 17.11 -28.99
CA PRO F 240 -24.32 15.70 -28.69
C PRO F 240 -24.68 14.80 -29.86
N ALA F 241 -23.66 14.19 -30.46
CA ALA F 241 -23.89 13.29 -31.58
C ALA F 241 -24.70 12.09 -31.15
N LEU F 242 -25.67 11.73 -31.98
CA LEU F 242 -26.63 10.66 -31.67
C LEU F 242 -26.24 9.41 -32.44
N PHE F 243 -25.70 8.42 -31.72
CA PHE F 243 -25.41 7.10 -32.28
C PHE F 243 -26.55 6.18 -31.85
N GLN F 244 -27.42 5.83 -32.80
CA GLN F 244 -28.66 5.13 -32.50
C GLN F 244 -28.66 3.74 -33.11
N PHE F 245 -29.00 2.74 -32.30
CA PHE F 245 -29.25 1.37 -32.75
C PHE F 245 -30.73 1.10 -32.50
N ASP F 246 -31.48 0.89 -33.58
CA ASP F 246 -32.93 0.73 -33.49
C ASP F 246 -33.29 -0.75 -33.37
N LEU F 247 -33.93 -1.11 -32.26
CA LEU F 247 -34.42 -2.46 -32.04
C LEU F 247 -35.91 -2.53 -32.38
N LYS F 248 -36.37 -3.75 -32.66
CA LYS F 248 -37.75 -4.00 -33.10
C LYS F 248 -38.80 -3.56 -32.09
N SER F 249 -38.40 -3.06 -30.91
CA SER F 249 -39.34 -2.55 -29.93
C SER F 249 -38.92 -1.21 -29.36
N GLY F 250 -37.85 -0.61 -29.85
CA GLY F 250 -37.37 0.65 -29.32
C GLY F 250 -36.02 1.02 -29.86
N PHE F 251 -35.14 1.56 -29.02
CA PHE F 251 -33.81 1.93 -29.50
C PHE F 251 -32.85 2.10 -28.32
N LEU F 252 -31.57 2.18 -28.67
CA LEU F 252 -30.50 2.55 -27.75
C LEU F 252 -29.71 3.66 -28.42
N GLN F 253 -29.64 4.82 -27.76
CA GLN F 253 -29.00 6.00 -28.34
C GLN F 253 -27.92 6.52 -27.40
N PHE F 254 -26.72 6.69 -27.96
CA PHE F 254 -25.60 7.29 -27.27
C PHE F 254 -25.48 8.75 -27.71
N PHE F 255 -25.61 9.67 -26.75
CA PHE F 255 -25.34 11.08 -26.96
C PHE F 255 -23.89 11.32 -26.57
N LEU F 256 -23.03 11.45 -27.57
CA LEU F 256 -21.60 11.63 -27.35
C LEU F 256 -21.21 13.09 -27.48
N ALA F 257 -20.33 13.54 -26.59
CA ALA F 257 -19.88 14.92 -26.57
C ALA F 257 -18.53 15.05 -27.25
N PRO F 258 -18.40 15.92 -28.25
CA PRO F 258 -17.12 16.08 -28.93
C PRO F 258 -16.10 16.81 -28.06
N LYS F 259 -14.88 16.87 -28.56
CA LYS F 259 -13.79 17.56 -27.89
C LYS F 259 -13.60 18.94 -28.50
N PHE F 260 -13.47 19.95 -27.65
CA PHE F 260 -13.32 21.33 -28.09
C PHE F 260 -11.94 21.51 -28.71
N ASN F 261 -11.87 22.32 -29.76
CA ASN F 261 -10.61 22.56 -30.47
C ASN F 261 -10.10 23.98 -30.20
N MET G 7 9.79 9.77 -57.07
CA MET G 7 8.49 9.23 -56.69
C MET G 7 8.45 7.72 -56.86
N LEU G 8 7.36 7.11 -56.41
CA LEU G 8 7.18 5.66 -56.50
C LEU G 8 5.71 5.33 -56.26
N GLU G 9 5.17 4.45 -57.10
CA GLU G 9 3.77 4.02 -56.99
C GLU G 9 3.71 2.54 -57.36
N ALA G 10 3.64 1.68 -56.34
CA ALA G 10 3.63 0.24 -56.52
C ALA G 10 2.26 -0.30 -56.13
N LYS G 11 1.57 -0.92 -57.09
CA LYS G 11 0.22 -1.42 -56.89
C LYS G 11 0.26 -2.94 -56.75
N PHE G 12 -0.30 -3.46 -55.66
CA PHE G 12 -0.34 -4.89 -55.40
C PHE G 12 -1.59 -5.51 -56.02
N GLU G 13 -1.61 -6.85 -56.07
CA GLU G 13 -2.81 -7.56 -56.50
C GLU G 13 -3.80 -7.72 -55.35
N GLU G 14 -3.39 -8.39 -54.27
CA GLU G 14 -4.21 -8.52 -53.07
C GLU G 14 -3.38 -8.01 -51.90
N ALA G 15 -3.99 -7.18 -51.04
CA ALA G 15 -3.28 -6.68 -49.88
C ALA G 15 -2.90 -7.81 -48.92
N SER G 16 -3.60 -8.94 -49.01
CA SER G 16 -3.28 -10.09 -48.14
C SER G 16 -1.88 -10.61 -48.43
N LEU G 17 -1.40 -10.50 -49.66
CA LEU G 17 -0.05 -10.93 -49.98
C LEU G 17 0.98 -10.16 -49.17
N PHE G 18 0.93 -8.82 -49.24
CA PHE G 18 1.86 -8.00 -48.47
C PHE G 18 1.63 -8.17 -46.97
N LYS G 19 0.37 -8.37 -46.56
CA LYS G 19 0.09 -8.59 -45.14
C LYS G 19 0.81 -9.84 -44.63
N ARG G 20 0.69 -10.95 -45.35
CA ARG G 20 1.38 -12.18 -44.95
C ARG G 20 2.89 -12.01 -45.07
N ILE G 21 3.35 -11.24 -46.06
CA ILE G 21 4.78 -11.00 -46.22
C ILE G 21 5.35 -10.32 -44.97
N ILE G 22 4.68 -9.27 -44.51
CA ILE G 22 5.15 -8.58 -43.31
C ILE G 22 4.95 -9.46 -42.07
N ASP G 23 3.86 -10.23 -42.02
CA ASP G 23 3.61 -11.08 -40.86
C ASP G 23 4.62 -12.21 -40.77
N GLY G 24 5.30 -12.53 -41.86
CA GLY G 24 6.24 -13.64 -41.83
C GLY G 24 7.44 -13.37 -40.95
N PHE G 25 8.06 -12.20 -41.10
CA PHE G 25 9.32 -11.88 -40.44
C PHE G 25 9.21 -10.63 -39.57
N LYS G 26 8.08 -10.47 -38.88
CA LYS G 26 7.86 -9.32 -38.01
C LYS G 26 8.12 -9.60 -36.54
N ASP G 27 8.35 -10.86 -36.17
CA ASP G 27 8.64 -11.22 -34.78
C ASP G 27 10.13 -11.46 -34.53
N CYS G 28 10.98 -11.24 -35.53
CA CYS G 28 12.42 -11.37 -35.36
C CYS G 28 13.13 -10.03 -35.47
N VAL G 29 12.79 -9.21 -36.46
CA VAL G 29 13.35 -7.89 -36.62
C VAL G 29 12.25 -6.85 -36.42
N GLN G 30 12.66 -5.62 -36.15
CA GLN G 30 11.71 -4.53 -35.92
C GLN G 30 11.84 -3.41 -36.93
N LEU G 31 13.06 -3.01 -37.27
CA LEU G 31 13.30 -1.94 -38.24
C LEU G 31 13.94 -2.52 -39.49
N VAL G 32 13.32 -2.28 -40.64
CA VAL G 32 13.74 -2.88 -41.90
C VAL G 32 13.92 -1.77 -42.93
N ASN G 33 14.97 -1.89 -43.74
CA ASN G 33 15.21 -0.99 -44.86
C ASN G 33 14.72 -1.64 -46.16
N PHE G 34 13.71 -1.04 -46.77
CA PHE G 34 13.19 -1.50 -48.05
C PHE G 34 13.80 -0.63 -49.15
N GLN G 35 14.68 -1.22 -49.96
CA GLN G 35 15.28 -0.54 -51.10
C GLN G 35 14.46 -0.87 -52.34
N CYS G 36 13.89 0.15 -52.96
CA CYS G 36 13.08 0.00 -54.16
C CYS G 36 13.88 0.50 -55.36
N LYS G 37 14.19 -0.41 -56.27
CA LYS G 37 14.90 -0.09 -57.51
C LYS G 37 14.06 -0.53 -58.70
N GLU G 38 14.58 -0.23 -59.90
CA GLU G 38 13.87 -0.55 -61.13
C GLU G 38 13.54 -2.03 -61.23
N ASP G 39 14.28 -2.89 -60.54
CA ASP G 39 14.00 -4.32 -60.57
C ASP G 39 12.91 -4.70 -59.59
N GLY G 40 12.86 -4.06 -58.43
CA GLY G 40 11.85 -4.42 -57.45
C GLY G 40 12.27 -3.98 -56.06
N ILE G 41 11.76 -4.71 -55.06
CA ILE G 41 11.97 -4.39 -53.65
C ILE G 41 12.92 -5.41 -53.04
N ILE G 42 13.94 -4.92 -52.35
CA ILE G 42 14.89 -5.76 -51.63
C ILE G 42 14.99 -5.25 -50.20
N ALA G 43 14.92 -6.17 -49.24
CA ALA G 43 14.91 -5.79 -47.83
C ALA G 43 15.77 -6.77 -47.04
N GLN G 44 16.83 -6.25 -46.42
CA GLN G 44 17.67 -7.03 -45.51
C GLN G 44 17.59 -6.43 -44.12
N ALA G 45 17.48 -7.30 -43.12
CA ALA G 45 17.30 -6.86 -41.74
C ALA G 45 18.05 -7.79 -40.81
N VAL G 46 18.91 -7.24 -39.97
CA VAL G 46 19.67 -7.99 -38.99
C VAL G 46 18.88 -8.03 -37.68
N ASP G 47 18.93 -9.17 -37.00
CA ASP G 47 18.25 -9.32 -35.73
C ASP G 47 18.89 -8.41 -34.68
N ASP G 48 18.10 -8.09 -33.65
CA ASP G 48 18.62 -7.29 -32.55
C ASP G 48 19.76 -8.00 -31.84
N SER G 49 19.75 -9.33 -31.86
CA SER G 49 20.83 -10.13 -31.31
C SER G 49 21.90 -10.47 -32.33
N ARG G 50 21.76 -9.99 -33.58
CA ARG G 50 22.72 -10.21 -34.65
C ARG G 50 23.00 -11.69 -34.87
N VAL G 51 21.96 -12.53 -34.78
CA VAL G 51 22.11 -13.96 -34.94
C VAL G 51 21.40 -14.41 -36.21
N LEU G 52 20.28 -13.78 -36.53
CA LEU G 52 19.43 -14.20 -37.65
C LEU G 52 19.27 -13.03 -38.60
N LEU G 53 19.71 -13.21 -39.84
CA LEU G 53 19.55 -12.21 -40.89
C LEU G 53 18.39 -12.60 -41.80
N VAL G 54 17.56 -11.62 -42.15
CA VAL G 54 16.38 -11.86 -42.96
C VAL G 54 16.51 -11.06 -44.26
N SER G 55 16.38 -11.76 -45.38
CA SER G 55 16.38 -11.13 -46.70
C SER G 55 15.04 -11.39 -47.38
N LEU G 56 14.63 -10.43 -48.22
CA LEU G 56 13.35 -10.50 -48.90
C LEU G 56 13.46 -9.82 -50.25
N GLU G 57 13.07 -10.53 -51.31
CA GLU G 57 13.08 -9.98 -52.66
C GLU G 57 11.70 -10.13 -53.28
N ILE G 58 11.18 -9.01 -53.78
CA ILE G 58 9.92 -8.99 -54.53
C ILE G 58 10.21 -8.38 -55.89
N GLY G 59 9.94 -9.15 -56.95
CA GLY G 59 10.22 -8.69 -58.30
C GLY G 59 9.18 -7.74 -58.84
N VAL G 60 9.47 -7.21 -60.02
CA VAL G 60 8.59 -6.23 -60.67
C VAL G 60 7.34 -6.93 -61.19
N GLU G 61 7.44 -8.24 -61.43
CA GLU G 61 6.31 -9.02 -61.93
C GLU G 61 5.37 -9.49 -60.82
N ALA G 62 5.52 -8.96 -59.60
CA ALA G 62 4.60 -9.26 -58.51
C ALA G 62 3.64 -8.11 -58.21
N PHE G 63 3.78 -6.98 -58.89
CA PHE G 63 2.93 -5.83 -58.70
C PHE G 63 2.01 -5.65 -59.89
N GLN G 64 0.79 -5.18 -59.64
CA GLN G 64 -0.11 -4.82 -60.73
C GLN G 64 0.39 -3.64 -61.54
N GLU G 65 1.15 -2.75 -60.91
CA GLU G 65 1.77 -1.61 -61.57
C GLU G 65 2.93 -1.14 -60.72
N TYR G 66 4.09 -1.00 -61.34
CA TYR G 66 5.30 -0.60 -60.65
C TYR G 66 5.83 0.69 -61.25
N ARG G 67 6.34 1.57 -60.39
CA ARG G 67 6.85 2.85 -60.82
C ARG G 67 8.03 3.23 -59.93
N CYS G 68 9.10 3.70 -60.57
CA CYS G 68 10.31 4.09 -59.86
C CYS G 68 11.19 4.99 -60.72
N ASP G 69 11.55 6.16 -60.19
CA ASP G 69 12.46 7.08 -60.87
C ASP G 69 13.86 7.04 -60.29
N HIS G 70 14.04 6.45 -59.11
CA HIS G 70 15.34 6.35 -58.45
C HIS G 70 15.28 5.30 -57.35
N PRO G 71 16.31 4.47 -57.20
CA PRO G 71 16.32 3.50 -56.09
C PRO G 71 16.31 4.22 -54.76
N VAL G 72 15.22 4.04 -54.01
CA VAL G 72 14.99 4.78 -52.78
C VAL G 72 14.89 3.81 -51.60
N THR G 73 15.46 4.21 -50.48
CA THR G 73 15.41 3.43 -49.25
C THR G 73 14.32 3.96 -48.33
N LEU G 74 13.57 3.03 -47.72
CA LEU G 74 12.50 3.37 -46.79
C LEU G 74 12.73 2.59 -45.50
N GLY G 75 12.95 3.32 -44.40
CA GLY G 75 13.09 2.70 -43.11
C GLY G 75 11.74 2.54 -42.43
N MET G 76 11.32 1.29 -42.19
CA MET G 76 9.99 1.02 -41.69
C MET G 76 10.05 0.20 -40.41
N ASP G 77 9.18 0.54 -39.47
CA ASP G 77 8.98 -0.26 -38.27
C ASP G 77 7.87 -1.28 -38.55
N LEU G 78 8.19 -2.56 -38.32
CA LEU G 78 7.26 -3.61 -38.72
C LEU G 78 6.01 -3.63 -37.85
N THR G 79 6.10 -3.13 -36.62
CA THR G 79 4.91 -3.09 -35.76
C THR G 79 3.88 -2.10 -36.30
N SER G 80 4.31 -0.87 -36.61
CA SER G 80 3.39 0.11 -37.17
C SER G 80 2.91 -0.31 -38.56
N LEU G 81 3.78 -0.96 -39.33
CA LEU G 81 3.38 -1.46 -40.64
C LEU G 81 2.30 -2.53 -40.52
N SER G 82 2.43 -3.43 -39.53
CA SER G 82 1.40 -4.44 -39.30
C SER G 82 0.11 -3.78 -38.81
N LYS G 83 0.22 -2.76 -37.96
CA LYS G 83 -0.95 -2.02 -37.53
C LYS G 83 -1.68 -1.39 -38.71
N ILE G 84 -0.93 -0.85 -39.67
CA ILE G 84 -1.54 -0.21 -40.83
C ILE G 84 -2.17 -1.26 -41.75
N LEU G 85 -1.46 -2.36 -42.00
CA LEU G 85 -1.96 -3.36 -42.93
C LEU G 85 -3.09 -4.20 -42.35
N ARG G 86 -3.24 -4.23 -41.03
CA ARG G 86 -4.30 -5.01 -40.42
C ARG G 86 -5.68 -4.43 -40.73
N CYS G 87 -5.75 -3.13 -41.02
CA CYS G 87 -7.02 -2.49 -41.28
C CYS G 87 -7.63 -2.86 -42.62
N GLY G 88 -6.83 -3.35 -43.57
CA GLY G 88 -7.35 -3.71 -44.87
C GLY G 88 -8.04 -5.06 -44.85
N ASN G 89 -8.71 -5.35 -45.97
CA ASN G 89 -9.43 -6.60 -46.17
C ASN G 89 -8.69 -7.44 -47.20
N ASN G 90 -9.26 -8.62 -47.49
CA ASN G 90 -8.62 -9.56 -48.41
C ASN G 90 -8.86 -9.24 -49.88
N THR G 91 -9.85 -8.42 -50.20
CA THR G 91 -10.24 -8.15 -51.57
C THR G 91 -10.06 -6.68 -51.95
N ASP G 92 -8.99 -6.06 -51.46
CA ASP G 92 -8.64 -4.69 -51.83
C ASP G 92 -7.34 -4.66 -52.60
N THR G 93 -7.14 -3.58 -53.36
CA THR G 93 -5.89 -3.31 -54.06
C THR G 93 -5.07 -2.38 -53.17
N LEU G 94 -3.85 -2.80 -52.87
CA LEU G 94 -2.95 -2.01 -52.05
C LEU G 94 -1.94 -1.27 -52.93
N THR G 95 -1.74 0.02 -52.64
CA THR G 95 -0.85 0.87 -53.42
C THR G 95 0.06 1.63 -52.49
N LEU G 96 1.36 1.39 -52.60
CA LEU G 96 2.38 2.14 -51.86
C LEU G 96 2.83 3.34 -52.70
N ILE G 97 2.74 4.53 -52.12
CA ILE G 97 3.06 5.77 -52.81
C ILE G 97 4.09 6.54 -52.00
N ALA G 98 5.11 7.05 -52.69
CA ALA G 98 6.16 7.85 -52.06
C ALA G 98 6.50 9.01 -52.96
N ASP G 99 6.53 10.21 -52.40
CA ASP G 99 6.84 11.43 -53.15
C ASP G 99 8.33 11.74 -53.02
N ASN G 100 8.74 12.89 -53.55
CA ASN G 100 10.12 13.32 -53.42
C ASN G 100 10.44 13.71 -51.98
N THR G 101 11.72 13.60 -51.62
CA THR G 101 12.19 13.79 -50.25
C THR G 101 11.36 12.93 -49.30
N PRO G 102 11.53 11.59 -49.33
CA PRO G 102 10.62 10.70 -48.60
C PRO G 102 10.65 10.90 -47.09
N ASP G 103 9.54 11.41 -46.54
CA ASP G 103 9.36 11.50 -45.11
C ASP G 103 8.26 10.58 -44.60
N SER G 104 7.35 10.15 -45.47
CA SER G 104 6.29 9.22 -45.10
C SER G 104 5.89 8.44 -46.35
N ILE G 105 5.23 7.31 -46.12
CA ILE G 105 4.75 6.43 -47.18
C ILE G 105 3.23 6.36 -47.08
N ILE G 106 2.55 6.48 -48.23
CA ILE G 106 1.10 6.44 -48.28
C ILE G 106 0.65 5.06 -48.73
N LEU G 107 -0.35 4.52 -48.04
CA LEU G 107 -0.91 3.21 -48.35
C LEU G 107 -2.36 3.38 -48.74
N LEU G 108 -2.66 3.13 -50.02
CA LEU G 108 -4.01 3.20 -50.55
C LEU G 108 -4.63 1.81 -50.56
N PHE G 109 -5.74 1.65 -49.87
CA PHE G 109 -6.55 0.43 -49.92
C PHE G 109 -7.80 0.80 -50.72
N GLU G 110 -7.89 0.27 -51.94
CA GLU G 110 -9.01 0.56 -52.83
C GLU G 110 -9.86 -0.69 -52.99
N ASP G 111 -11.15 -0.58 -52.68
CA ASP G 111 -12.05 -1.72 -52.80
C ASP G 111 -12.44 -1.93 -54.27
N THR G 112 -12.66 -3.19 -54.64
CA THR G 112 -12.96 -3.53 -56.02
C THR G 112 -14.45 -3.48 -56.34
N LYS G 113 -15.31 -3.77 -55.35
CA LYS G 113 -16.75 -3.73 -55.58
C LYS G 113 -17.39 -2.40 -55.18
N LYS G 114 -16.59 -1.43 -54.74
CA LYS G 114 -17.10 -0.13 -54.33
C LYS G 114 -16.00 0.90 -54.60
N ASP G 115 -16.26 2.16 -54.23
CA ASP G 115 -15.27 3.21 -54.38
C ASP G 115 -14.71 3.68 -53.05
N ARG G 116 -14.96 2.95 -51.96
CA ARG G 116 -14.44 3.31 -50.65
C ARG G 116 -12.92 3.18 -50.63
N ILE G 117 -12.23 4.31 -50.51
CA ILE G 117 -10.77 4.36 -50.49
C ILE G 117 -10.32 4.62 -49.07
N ALA G 118 -9.27 3.92 -48.64
CA ALA G 118 -8.68 4.11 -47.31
C ALA G 118 -7.22 4.47 -47.51
N GLU G 119 -6.87 5.74 -47.31
CA GLU G 119 -5.50 6.21 -47.43
C GLU G 119 -4.89 6.37 -46.04
N TYR G 120 -3.82 5.64 -45.79
CA TYR G 120 -3.10 5.70 -44.52
C TYR G 120 -1.70 6.27 -44.76
N SER G 121 -1.14 6.85 -43.69
CA SER G 121 0.22 7.39 -43.72
C SER G 121 1.08 6.65 -42.71
N LEU G 122 2.32 6.39 -43.09
CA LEU G 122 3.28 5.74 -42.20
C LEU G 122 4.58 6.51 -42.23
N LYS G 123 5.01 6.98 -41.06
CA LYS G 123 6.22 7.78 -40.95
C LYS G 123 7.45 6.88 -41.01
N LEU G 124 8.43 7.28 -41.81
CA LEU G 124 9.65 6.49 -41.98
C LEU G 124 10.60 6.73 -40.81
N MET G 125 11.55 5.81 -40.65
CA MET G 125 12.52 5.86 -39.57
C MET G 125 13.93 6.05 -40.13
N ASP G 126 14.84 6.42 -39.24
CA ASP G 126 16.25 6.61 -39.58
C ASP G 126 17.00 5.38 -39.12
N ILE G 127 17.30 4.48 -40.07
CA ILE G 127 17.99 3.23 -39.77
C ILE G 127 19.42 3.40 -40.27
N ASP G 128 20.33 3.73 -39.36
CA ASP G 128 21.74 3.90 -39.69
C ASP G 128 22.43 2.53 -39.68
N ALA G 129 22.10 1.74 -40.69
CA ALA G 129 22.66 0.40 -40.85
C ALA G 129 23.32 0.28 -42.22
N ASP G 130 24.42 -0.46 -42.26
CA ASP G 130 25.19 -0.62 -43.48
C ASP G 130 24.62 -1.72 -44.36
N PHE G 131 24.64 -1.50 -45.67
CA PHE G 131 24.18 -2.51 -46.62
C PHE G 131 25.30 -3.51 -46.89
N LEU G 132 25.03 -4.77 -46.59
CA LEU G 132 26.00 -5.85 -46.76
C LEU G 132 25.66 -6.66 -48.00
N LYS G 133 26.55 -7.60 -48.33
CA LYS G 133 26.44 -8.41 -49.54
C LYS G 133 26.23 -9.86 -49.16
N ILE G 134 25.33 -10.53 -49.89
CA ILE G 134 24.99 -11.92 -49.66
C ILE G 134 25.63 -12.76 -50.76
N GLU G 135 26.38 -13.78 -50.37
CA GLU G 135 27.10 -14.64 -51.30
C GLU G 135 26.52 -16.05 -51.23
N GLU G 136 26.23 -16.63 -52.39
CA GLU G 136 25.76 -18.00 -52.49
C GLU G 136 26.96 -18.94 -52.63
N LEU G 137 26.89 -20.08 -51.94
CA LEU G 137 27.97 -21.04 -51.93
C LEU G 137 27.38 -22.44 -51.97
N GLN G 138 28.27 -23.43 -52.11
CA GLN G 138 27.83 -24.82 -52.14
C GLN G 138 27.32 -25.24 -50.76
N TYR G 139 26.23 -26.00 -50.77
CA TYR G 139 25.62 -26.52 -49.55
C TYR G 139 25.73 -28.04 -49.54
N ASP G 140 26.18 -28.58 -48.40
CA ASP G 140 26.38 -30.02 -48.29
C ASP G 140 25.06 -30.79 -48.31
N SER G 141 23.96 -30.14 -47.95
CA SER G 141 22.65 -30.80 -47.96
C SER G 141 21.59 -29.77 -48.32
N THR G 142 20.66 -30.18 -49.18
CA THR G 142 19.58 -29.28 -49.60
C THR G 142 18.29 -30.11 -49.70
N LEU G 143 17.30 -29.74 -48.90
CA LEU G 143 16.07 -30.52 -48.80
C LEU G 143 14.85 -29.61 -48.85
N SER G 144 13.69 -30.22 -49.06
CA SER G 144 12.42 -29.53 -49.09
C SER G 144 11.35 -30.42 -48.45
N LEU G 145 10.50 -29.80 -47.64
CA LEU G 145 9.46 -30.51 -46.90
C LEU G 145 8.38 -29.51 -46.53
N PRO G 146 7.15 -29.96 -46.31
CA PRO G 146 6.04 -29.03 -46.05
C PRO G 146 6.31 -28.10 -44.87
N SER G 147 5.96 -26.83 -45.06
CA SER G 147 6.25 -25.82 -44.03
C SER G 147 5.47 -26.09 -42.75
N SER G 148 4.22 -26.57 -42.86
CA SER G 148 3.42 -26.82 -41.68
C SER G 148 4.01 -27.94 -40.83
N GLU G 149 4.56 -28.96 -41.49
CA GLU G 149 5.14 -30.08 -40.74
C GLU G 149 6.38 -29.64 -39.97
N PHE G 150 7.26 -28.87 -40.62
CA PHE G 150 8.43 -28.33 -39.93
C PHE G 150 8.00 -27.42 -38.79
N SER G 151 6.96 -26.61 -39.01
CA SER G 151 6.44 -25.74 -37.96
C SER G 151 5.99 -26.54 -36.76
N LYS G 152 5.27 -27.64 -36.99
CA LYS G 152 4.80 -28.45 -35.86
C LYS G 152 5.95 -29.18 -35.18
N ILE G 153 6.96 -29.61 -35.93
CA ILE G 153 8.13 -30.23 -35.30
C ILE G 153 8.83 -29.22 -34.39
N VAL G 154 9.01 -27.98 -34.86
CA VAL G 154 9.62 -26.97 -34.01
C VAL G 154 8.75 -26.67 -32.80
N ARG G 155 7.43 -26.60 -32.99
CA ARG G 155 6.53 -26.28 -31.88
C ARG G 155 6.51 -27.41 -30.85
N ASP G 156 6.76 -28.65 -31.29
CA ASP G 156 6.79 -29.77 -30.37
C ASP G 156 8.13 -29.84 -29.64
N LEU G 157 9.23 -29.49 -30.32
CA LEU G 157 10.55 -29.65 -29.71
C LEU G 157 10.92 -28.46 -28.84
N SER G 158 10.40 -27.26 -29.14
CA SER G 158 10.74 -26.08 -28.35
C SER G 158 10.15 -26.11 -26.96
N GLN G 159 9.20 -27.01 -26.68
CA GLN G 159 8.59 -27.09 -25.37
C GLN G 159 9.47 -27.78 -24.34
N LEU G 160 10.58 -28.37 -24.76
CA LEU G 160 11.53 -29.02 -23.85
C LEU G 160 12.78 -28.19 -23.61
N SER G 161 13.38 -27.67 -24.68
CA SER G 161 14.59 -26.86 -24.58
C SER G 161 14.54 -25.75 -25.62
N ASP G 162 15.58 -24.92 -25.61
CA ASP G 162 15.76 -23.87 -26.61
C ASP G 162 16.81 -24.22 -27.65
N SER G 163 17.36 -25.43 -27.61
CA SER G 163 18.39 -25.87 -28.54
C SER G 163 17.85 -27.03 -29.37
N ILE G 164 17.99 -26.92 -30.69
CA ILE G 164 17.53 -27.95 -31.63
C ILE G 164 18.73 -28.44 -32.41
N ASN G 165 19.03 -29.73 -32.28
CA ASN G 165 20.14 -30.36 -32.99
C ASN G 165 19.62 -30.96 -34.28
N ILE G 166 20.17 -30.54 -35.41
CA ILE G 166 19.82 -31.06 -36.72
C ILE G 166 20.92 -32.01 -37.17
N MET G 167 20.54 -33.23 -37.53
CA MET G 167 21.45 -34.30 -37.90
C MET G 167 20.99 -34.85 -39.24
N ILE G 168 21.69 -34.53 -40.32
CA ILE G 168 21.40 -35.09 -41.63
C ILE G 168 22.45 -36.16 -41.89
N THR G 169 22.02 -37.42 -41.85
CA THR G 169 22.90 -38.58 -41.93
C THR G 169 22.17 -39.76 -42.56
N LYS G 170 22.84 -40.42 -43.51
CA LYS G 170 22.33 -41.61 -44.21
C LYS G 170 20.92 -41.40 -44.75
N GLU G 171 20.72 -40.24 -45.39
CA GLU G 171 19.44 -39.84 -45.98
C GLU G 171 18.32 -39.77 -44.95
N THR G 172 18.68 -39.56 -43.69
CA THR G 172 17.73 -39.43 -42.59
C THR G 172 17.90 -38.07 -41.92
N ILE G 173 16.78 -37.43 -41.58
CA ILE G 173 16.75 -36.16 -40.86
C ILE G 173 16.43 -36.46 -39.41
N LYS G 174 17.25 -35.94 -38.50
CA LYS G 174 17.09 -36.17 -37.08
C LYS G 174 17.01 -34.82 -36.37
N PHE G 175 15.84 -34.50 -35.82
CA PHE G 175 15.65 -33.29 -35.03
C PHE G 175 15.65 -33.71 -33.56
N VAL G 176 16.61 -33.20 -32.80
CA VAL G 176 16.81 -33.59 -31.41
C VAL G 176 16.60 -32.36 -30.53
N ALA G 177 15.96 -32.55 -29.39
CA ALA G 177 15.74 -31.50 -28.39
C ALA G 177 16.11 -32.07 -27.02
N ASP G 178 17.23 -31.62 -26.47
CA ASP G 178 17.71 -32.08 -25.18
C ASP G 178 17.49 -30.97 -24.16
N GLY G 179 16.50 -31.15 -23.29
CA GLY G 179 16.17 -30.18 -22.27
C GLY G 179 16.35 -30.71 -20.86
N ASP G 180 15.63 -30.09 -19.94
CA ASP G 180 15.67 -30.47 -18.54
C ASP G 180 14.77 -31.66 -18.23
N ILE G 181 13.58 -31.71 -18.83
CA ILE G 181 12.61 -32.78 -18.59
C ILE G 181 12.64 -33.68 -19.81
N GLY G 182 13.46 -34.72 -19.76
CA GLY G 182 13.57 -35.67 -20.85
C GLY G 182 14.16 -35.05 -22.12
N SER G 183 14.00 -35.81 -23.20
CA SER G 183 14.47 -35.40 -24.52
C SER G 183 13.42 -35.75 -25.57
N GLY G 184 13.57 -35.17 -26.75
CA GLY G 184 12.66 -35.43 -27.84
C GLY G 184 13.38 -35.65 -29.16
N SER G 185 12.97 -36.67 -29.92
CA SER G 185 13.60 -37.01 -31.19
C SER G 185 12.55 -37.17 -32.27
N VAL G 186 12.84 -36.63 -33.45
CA VAL G 186 11.99 -36.75 -34.62
C VAL G 186 12.85 -37.26 -35.77
N ILE G 187 12.41 -38.35 -36.39
CA ILE G 187 13.14 -38.98 -37.49
C ILE G 187 12.31 -38.82 -38.76
N ILE G 188 12.96 -38.42 -39.85
CA ILE G 188 12.30 -38.18 -41.13
C ILE G 188 13.05 -38.93 -42.23
N LYS G 189 12.30 -39.67 -43.04
CA LYS G 189 12.79 -40.36 -44.22
C LYS G 189 12.15 -39.73 -45.45
N PRO G 190 12.92 -39.38 -46.47
CA PRO G 190 12.33 -38.73 -47.66
C PRO G 190 11.43 -39.70 -48.42
N PHE G 191 10.17 -39.30 -48.58
CA PHE G 191 9.18 -40.10 -49.29
C PHE G 191 8.59 -39.24 -50.39
N VAL G 192 8.85 -39.61 -51.65
CA VAL G 192 8.40 -38.86 -52.81
C VAL G 192 7.24 -39.65 -53.41
N ASP G 193 6.02 -39.14 -53.22
CA ASP G 193 4.82 -39.79 -53.74
C ASP G 193 3.93 -38.79 -54.46
N HIS G 196 0.29 -37.24 -52.45
CA HIS G 196 0.33 -36.22 -53.49
C HIS G 196 1.76 -35.95 -53.94
N PRO G 197 1.96 -35.70 -55.23
CA PRO G 197 3.30 -35.40 -55.74
C PRO G 197 3.83 -34.05 -55.27
N GLU G 198 2.97 -33.24 -54.69
CA GLU G 198 3.34 -31.92 -54.21
C GLU G 198 3.81 -31.90 -52.76
N THR G 199 3.32 -32.83 -51.93
CA THR G 199 3.71 -32.87 -50.53
C THR G 199 4.87 -33.82 -50.32
N SER G 200 5.65 -34.05 -51.37
CA SER G 200 6.79 -34.96 -51.29
C SER G 200 7.94 -34.31 -50.53
N ILE G 201 9.04 -35.05 -50.40
CA ILE G 201 10.24 -34.58 -49.70
C ILE G 201 11.41 -34.78 -50.65
N LYS G 202 11.83 -33.71 -51.32
CA LYS G 202 12.98 -33.74 -52.21
C LYS G 202 14.23 -33.40 -51.42
N LEU G 203 15.21 -34.30 -51.44
CA LEU G 203 16.40 -34.17 -50.60
C LEU G 203 17.63 -34.59 -51.38
N GLU G 204 18.68 -33.78 -51.30
CA GLU G 204 20.00 -34.10 -51.83
C GLU G 204 21.01 -33.99 -50.69
N MET G 205 21.66 -35.10 -50.37
CA MET G 205 22.57 -35.20 -49.24
C MET G 205 23.94 -35.60 -49.75
N ASP G 206 24.91 -34.70 -49.62
CA ASP G 206 26.29 -34.97 -50.02
C ASP G 206 27.17 -35.31 -48.82
N GLN G 207 27.17 -34.45 -47.80
CA GLN G 207 27.96 -34.67 -46.59
C GLN G 207 27.06 -34.76 -45.37
N PRO G 208 27.33 -35.69 -44.45
CA PRO G 208 26.51 -35.77 -43.22
C PRO G 208 26.76 -34.59 -42.30
N VAL G 209 25.74 -33.76 -42.07
CA VAL G 209 25.93 -32.49 -41.40
C VAL G 209 25.29 -32.51 -40.01
N ASP G 210 25.99 -31.90 -39.05
CA ASP G 210 25.57 -31.86 -37.65
C ASP G 210 25.61 -30.41 -37.19
N LEU G 211 24.45 -29.78 -37.05
CA LEU G 211 24.39 -28.40 -36.58
C LEU G 211 23.44 -28.29 -35.39
N THR G 212 23.49 -27.14 -34.74
CA THR G 212 22.64 -26.83 -33.59
C THR G 212 22.14 -25.40 -33.72
N PHE G 213 20.83 -25.22 -33.66
CA PHE G 213 20.20 -23.91 -33.77
C PHE G 213 19.37 -23.61 -32.53
N GLY G 214 18.89 -22.37 -32.46
CA GLY G 214 18.04 -21.94 -31.36
C GLY G 214 16.58 -22.17 -31.69
N ALA G 215 15.86 -22.74 -30.73
CA ALA G 215 14.44 -23.04 -30.94
C ALA G 215 13.63 -21.76 -31.14
N LYS G 216 14.03 -20.67 -30.47
CA LYS G 216 13.33 -19.41 -30.65
C LYS G 216 13.49 -18.88 -32.06
N TYR G 217 14.71 -18.95 -32.62
CA TYR G 217 14.92 -18.54 -33.99
C TYR G 217 14.20 -19.46 -34.97
N LEU G 218 14.16 -20.76 -34.69
CA LEU G 218 13.41 -21.66 -35.54
C LEU G 218 11.93 -21.33 -35.53
N LEU G 219 11.39 -20.95 -34.36
CA LEU G 219 9.99 -20.55 -34.28
C LEU G 219 9.75 -19.25 -35.04
N ASP G 220 10.65 -18.27 -34.89
CA ASP G 220 10.54 -17.03 -35.64
C ASP G 220 10.64 -17.23 -37.14
N ILE G 221 11.36 -18.27 -37.58
CA ILE G 221 11.45 -18.55 -39.01
C ILE G 221 10.21 -19.29 -39.51
N ILE G 222 9.73 -20.29 -38.75
CA ILE G 222 8.56 -21.02 -39.18
C ILE G 222 7.28 -20.21 -39.02
N LYS G 223 7.34 -19.08 -38.32
CA LYS G 223 6.18 -18.19 -38.27
C LYS G 223 5.82 -17.66 -39.66
N GLY G 224 6.75 -17.70 -40.61
CA GLY G 224 6.47 -17.31 -41.97
C GLY G 224 5.98 -18.46 -42.83
N SER G 225 5.41 -19.49 -42.21
CA SER G 225 4.92 -20.64 -42.95
C SER G 225 3.53 -20.37 -43.52
N SER G 226 3.39 -19.25 -44.23
CA SER G 226 2.16 -18.94 -44.94
C SER G 226 2.42 -18.40 -46.33
N LEU G 227 3.69 -18.25 -46.73
CA LEU G 227 4.04 -17.73 -48.05
C LEU G 227 4.25 -18.84 -49.08
N SER G 228 4.36 -20.09 -48.64
CA SER G 228 4.59 -21.21 -49.54
C SER G 228 4.01 -22.46 -48.89
N ASP G 229 4.14 -23.59 -49.59
CA ASP G 229 3.71 -24.88 -49.07
C ASP G 229 4.85 -25.65 -48.43
N ARG G 230 6.04 -25.59 -49.02
CA ARG G 230 7.22 -26.26 -48.51
C ARG G 230 8.28 -25.23 -48.13
N VAL G 231 9.36 -25.71 -47.53
CA VAL G 231 10.48 -24.87 -47.12
C VAL G 231 11.74 -25.40 -47.76
N GLY G 232 12.58 -24.50 -48.30
CA GLY G 232 13.86 -24.91 -48.83
C GLY G 232 14.95 -24.77 -47.78
N ILE G 233 15.47 -25.89 -47.30
CA ILE G 233 16.45 -25.90 -46.22
C ILE G 233 17.81 -26.29 -46.78
N ARG G 234 18.79 -25.41 -46.62
CA ARG G 234 20.15 -25.65 -47.13
C ARG G 234 21.10 -25.57 -45.95
N LEU G 235 21.88 -26.64 -45.75
CA LEU G 235 22.74 -26.77 -44.59
C LEU G 235 24.21 -26.58 -44.99
N SER G 236 25.03 -26.19 -44.01
CA SER G 236 26.46 -26.05 -44.20
C SER G 236 27.14 -26.15 -42.85
N SER G 237 28.29 -26.84 -42.83
CA SER G 237 28.98 -27.08 -41.57
C SER G 237 29.69 -25.84 -41.06
N GLU G 238 30.14 -24.96 -41.97
CA GLU G 238 30.86 -23.76 -41.58
C GLU G 238 30.16 -22.48 -42.04
N ALA G 239 28.98 -22.58 -42.62
CA ALA G 239 28.24 -21.41 -43.07
C ALA G 239 26.85 -21.41 -42.46
N PRO G 240 26.22 -20.24 -42.30
CA PRO G 240 24.86 -20.20 -41.73
C PRO G 240 23.86 -20.90 -42.63
N ALA G 241 22.95 -21.66 -42.01
CA ALA G 241 21.95 -22.39 -42.77
C ALA G 241 20.94 -21.43 -43.40
N LEU G 242 20.46 -21.80 -44.58
CA LEU G 242 19.55 -20.99 -45.37
C LEU G 242 18.16 -21.61 -45.34
N PHE G 243 17.20 -20.89 -44.76
CA PHE G 243 15.80 -21.32 -44.74
C PHE G 243 15.02 -20.40 -45.67
N GLN G 244 14.49 -20.97 -46.75
CA GLN G 244 13.88 -20.17 -47.80
C GLN G 244 12.40 -20.49 -47.97
N PHE G 245 11.60 -19.43 -48.10
CA PHE G 245 10.21 -19.52 -48.53
C PHE G 245 10.10 -18.84 -49.88
N ASP G 246 9.78 -19.60 -50.92
CA ASP G 246 9.73 -19.06 -52.27
C ASP G 246 8.42 -18.33 -52.51
N LEU G 247 8.47 -17.34 -53.40
CA LEU G 247 7.30 -16.55 -53.76
C LEU G 247 7.04 -16.69 -55.26
N LYS G 248 5.99 -16.00 -55.71
CA LYS G 248 5.69 -15.99 -57.14
C LYS G 248 6.73 -15.20 -57.93
N SER G 249 7.36 -14.20 -57.31
CA SER G 249 8.37 -13.41 -57.99
C SER G 249 9.58 -13.09 -57.13
N GLY G 250 9.64 -13.59 -55.90
CA GLY G 250 10.74 -13.32 -55.02
C GLY G 250 10.95 -14.43 -54.03
N PHE G 251 11.51 -14.09 -52.88
CA PHE G 251 11.72 -15.07 -51.83
C PHE G 251 11.90 -14.37 -50.48
N LEU G 252 11.75 -15.16 -49.42
CA LEU G 252 12.01 -14.75 -48.05
C LEU G 252 13.01 -15.74 -47.46
N GLN G 253 14.25 -15.29 -47.23
CA GLN G 253 15.33 -16.14 -46.77
C GLN G 253 15.75 -15.75 -45.36
N PHE G 254 16.11 -16.75 -44.57
CA PHE G 254 16.67 -16.57 -43.24
C PHE G 254 18.03 -17.25 -43.20
N PHE G 255 19.07 -16.48 -42.89
CA PHE G 255 20.42 -17.00 -42.75
C PHE G 255 20.71 -17.15 -41.26
N LEU G 256 20.41 -18.35 -40.74
CA LEU G 256 20.51 -18.60 -39.31
C LEU G 256 21.85 -19.26 -39.01
N ALA G 257 22.62 -18.66 -38.10
CA ALA G 257 23.95 -19.16 -37.78
C ALA G 257 23.86 -20.31 -36.78
N PRO G 258 24.65 -21.36 -36.96
CA PRO G 258 24.65 -22.47 -36.00
C PRO G 258 25.44 -22.12 -34.74
N LYS G 259 25.29 -22.98 -33.74
CA LYS G 259 25.97 -22.78 -32.48
C LYS G 259 27.43 -23.24 -32.57
N PHE G 260 28.15 -23.08 -31.46
CA PHE G 260 29.55 -23.46 -31.40
C PHE G 260 29.68 -24.98 -31.42
N ASN G 261 30.31 -25.51 -32.47
CA ASN G 261 30.50 -26.95 -32.60
C ASN G 261 31.80 -27.40 -31.94
N ASP G 262 31.84 -27.21 -30.62
CA ASP G 262 33.03 -27.54 -29.83
C ASP G 262 33.20 -29.06 -29.73
N MET H 7 9.71 -52.96 -20.14
CA MET H 7 8.74 -53.80 -19.46
C MET H 7 7.33 -53.28 -19.67
N LEU H 8 7.03 -52.13 -19.07
CA LEU H 8 5.74 -51.48 -19.22
C LEU H 8 5.65 -50.90 -20.63
N GLU H 9 4.76 -51.47 -21.45
CA GLU H 9 4.50 -50.96 -22.80
C GLU H 9 2.98 -50.90 -22.97
N ALA H 10 2.47 -49.67 -23.05
CA ALA H 10 1.02 -49.43 -23.15
C ALA H 10 0.75 -48.61 -24.40
N LYS H 11 0.04 -49.22 -25.36
CA LYS H 11 -0.26 -48.58 -26.63
C LYS H 11 -1.66 -47.96 -26.55
N PHE H 12 -1.70 -46.64 -26.45
CA PHE H 12 -2.97 -45.93 -26.29
C PHE H 12 -3.79 -45.98 -27.58
N GLU H 13 -5.11 -45.84 -27.43
CA GLU H 13 -5.99 -45.79 -28.59
C GLU H 13 -5.82 -44.48 -29.34
N GLU H 14 -5.72 -43.37 -28.62
CA GLU H 14 -5.53 -42.05 -29.22
C GLU H 14 -4.90 -41.14 -28.19
N ALA H 15 -3.99 -40.26 -28.65
CA ALA H 15 -3.34 -39.34 -27.74
C ALA H 15 -4.34 -38.38 -27.11
N SER H 16 -5.45 -38.11 -27.80
CA SER H 16 -6.43 -37.15 -27.29
C SER H 16 -7.10 -37.66 -26.01
N LEU H 17 -7.26 -38.98 -25.89
CA LEU H 17 -7.88 -39.54 -24.69
C LEU H 17 -7.01 -39.28 -23.46
N PHE H 18 -5.72 -39.60 -23.55
CA PHE H 18 -4.82 -39.30 -22.44
C PHE H 18 -4.71 -37.80 -22.22
N LYS H 19 -4.75 -37.01 -23.29
CA LYS H 19 -4.75 -35.56 -23.16
C LYS H 19 -5.91 -35.09 -22.29
N ARG H 20 -7.12 -35.59 -22.57
CA ARG H 20 -8.28 -35.18 -21.80
C ARG H 20 -8.22 -35.68 -20.36
N ILE H 21 -7.78 -36.94 -20.18
CA ILE H 21 -7.75 -37.50 -18.83
C ILE H 21 -6.73 -36.75 -17.96
N ILE H 22 -5.69 -36.18 -18.59
CA ILE H 22 -4.79 -35.30 -17.86
C ILE H 22 -5.36 -33.89 -17.69
N ASP H 23 -6.05 -33.36 -18.71
CA ASP H 23 -6.67 -32.05 -18.58
C ASP H 23 -7.73 -32.00 -17.50
N GLY H 24 -8.27 -33.16 -17.11
CA GLY H 24 -9.27 -33.18 -16.06
C GLY H 24 -8.81 -32.53 -14.77
N PHE H 25 -7.52 -32.65 -14.43
CA PHE H 25 -7.01 -32.17 -13.14
C PHE H 25 -5.69 -31.41 -13.32
N LYS H 26 -5.65 -30.46 -14.26
CA LYS H 26 -4.44 -29.67 -14.47
C LYS H 26 -4.06 -28.87 -13.23
N ASP H 27 -4.91 -27.91 -12.86
CA ASP H 27 -4.59 -26.98 -11.78
C ASP H 27 -4.99 -27.50 -10.40
N CYS H 28 -5.14 -28.81 -10.25
CA CYS H 28 -5.46 -29.39 -8.95
C CYS H 28 -4.19 -29.76 -8.18
N VAL H 29 -3.34 -30.60 -8.78
CA VAL H 29 -2.10 -31.03 -8.17
C VAL H 29 -0.97 -30.81 -9.16
N GLN H 30 0.27 -30.88 -8.65
CA GLN H 30 1.45 -30.61 -9.46
C GLN H 30 2.31 -31.86 -9.66
N LEU H 31 2.77 -32.48 -8.57
CA LEU H 31 3.70 -33.61 -8.65
C LEU H 31 3.05 -34.81 -7.96
N VAL H 32 2.84 -35.89 -8.72
CA VAL H 32 2.13 -37.06 -8.22
C VAL H 32 2.81 -38.34 -8.72
N ASN H 33 2.41 -39.46 -8.11
CA ASN H 33 2.99 -40.77 -8.36
C ASN H 33 1.91 -41.69 -8.92
N PHE H 34 1.95 -41.97 -10.22
CA PHE H 34 1.09 -42.97 -10.83
C PHE H 34 1.55 -44.36 -10.42
N GLN H 35 0.71 -45.07 -9.69
CA GLN H 35 0.99 -46.47 -9.33
C GLN H 35 0.37 -47.38 -10.39
N CYS H 36 1.21 -48.10 -11.13
CA CYS H 36 0.77 -48.93 -12.24
C CYS H 36 0.91 -50.39 -11.86
N LYS H 37 -0.18 -51.15 -12.02
CA LYS H 37 -0.20 -52.58 -11.79
C LYS H 37 -0.72 -53.30 -13.04
N GLU H 38 -0.94 -54.60 -12.92
CA GLU H 38 -1.46 -55.38 -14.04
C GLU H 38 -2.95 -55.18 -14.24
N ASP H 39 -3.70 -54.96 -13.16
CA ASP H 39 -5.15 -54.78 -13.28
C ASP H 39 -5.54 -53.38 -13.74
N GLY H 40 -4.62 -52.44 -13.73
CA GLY H 40 -4.91 -51.09 -14.16
C GLY H 40 -3.93 -50.11 -13.54
N ILE H 41 -4.21 -48.83 -13.75
CA ILE H 41 -3.39 -47.74 -13.24
C ILE H 41 -4.24 -46.87 -12.33
N ILE H 42 -3.73 -46.63 -11.12
CA ILE H 42 -4.39 -45.82 -10.10
C ILE H 42 -3.53 -44.60 -9.83
N ALA H 43 -4.18 -43.46 -9.58
CA ALA H 43 -3.49 -42.22 -9.27
C ALA H 43 -4.22 -41.53 -8.14
N GLN H 44 -3.52 -41.29 -7.02
CA GLN H 44 -4.08 -40.67 -5.84
C GLN H 44 -3.34 -39.37 -5.58
N ALA H 45 -4.09 -38.28 -5.42
CA ALA H 45 -3.51 -36.98 -5.21
C ALA H 45 -4.30 -36.22 -4.16
N VAL H 46 -3.57 -35.47 -3.33
CA VAL H 46 -4.15 -34.71 -2.22
C VAL H 46 -3.60 -33.29 -2.29
N ASP H 47 -4.49 -32.31 -2.29
CA ASP H 47 -4.06 -30.91 -2.33
C ASP H 47 -3.55 -30.47 -0.96
N ASP H 48 -2.99 -29.26 -0.92
CA ASP H 48 -2.44 -28.72 0.33
C ASP H 48 -3.53 -28.31 1.29
N SER H 49 -4.69 -27.87 0.78
CA SER H 49 -5.77 -27.39 1.62
C SER H 49 -6.55 -28.51 2.30
N ARG H 50 -6.30 -29.77 1.93
CA ARG H 50 -6.91 -30.93 2.60
C ARG H 50 -8.43 -30.86 2.53
N VAL H 51 -8.97 -30.65 1.33
CA VAL H 51 -10.41 -30.75 1.12
C VAL H 51 -10.78 -31.65 -0.05
N LEU H 52 -9.93 -31.86 -1.05
CA LEU H 52 -10.25 -32.73 -2.18
C LEU H 52 -9.28 -33.89 -2.26
N LEU H 53 -9.79 -35.02 -2.75
CA LEU H 53 -9.00 -36.25 -2.88
C LEU H 53 -9.18 -36.76 -4.30
N VAL H 54 -8.21 -36.46 -5.17
CA VAL H 54 -8.27 -36.84 -6.57
C VAL H 54 -7.91 -38.32 -6.70
N SER H 55 -8.85 -39.13 -7.20
CA SER H 55 -8.63 -40.56 -7.39
C SER H 55 -8.99 -40.92 -8.82
N LEU H 56 -7.98 -41.28 -9.62
CA LEU H 56 -8.15 -41.61 -11.03
C LEU H 56 -7.84 -43.09 -11.22
N GLU H 57 -8.79 -43.84 -11.77
CA GLU H 57 -8.61 -45.27 -12.02
C GLU H 57 -8.87 -45.55 -13.49
N ILE H 58 -7.89 -46.14 -14.17
CA ILE H 58 -8.03 -46.55 -15.57
C ILE H 58 -7.69 -48.03 -15.70
N GLY H 59 -8.63 -48.81 -16.23
CA GLY H 59 -8.44 -50.24 -16.34
C GLY H 59 -7.75 -50.65 -17.63
N VAL H 60 -7.49 -51.95 -17.73
CA VAL H 60 -6.83 -52.49 -18.92
C VAL H 60 -7.75 -52.41 -20.13
N GLU H 61 -9.06 -52.51 -19.92
CA GLU H 61 -10.01 -52.46 -21.03
C GLU H 61 -10.13 -51.07 -21.65
N ALA H 62 -9.54 -50.05 -21.03
CA ALA H 62 -9.53 -48.71 -21.61
C ALA H 62 -8.42 -48.53 -22.64
N PHE H 63 -7.47 -49.45 -22.69
CA PHE H 63 -6.36 -49.41 -23.65
C PHE H 63 -6.63 -50.34 -24.81
N GLN H 64 -6.11 -50.00 -25.99
CA GLN H 64 -6.11 -50.94 -27.08
C GLN H 64 -5.11 -52.07 -26.84
N GLU H 65 -4.09 -51.79 -26.01
CA GLU H 65 -3.14 -52.81 -25.61
C GLU H 65 -2.42 -52.30 -24.36
N TYR H 66 -2.51 -53.05 -23.26
CA TYR H 66 -1.80 -52.73 -22.02
C TYR H 66 -1.21 -54.00 -21.45
N ARG H 67 0.08 -53.96 -21.12
CA ARG H 67 0.80 -55.13 -20.63
C ARG H 67 1.76 -54.72 -19.53
N CYS H 68 1.79 -55.53 -18.46
CA CYS H 68 2.67 -55.28 -17.32
C CYS H 68 2.77 -56.55 -16.50
N ASP H 69 3.90 -56.72 -15.82
CA ASP H 69 4.15 -57.92 -15.03
C ASP H 69 4.76 -57.59 -13.67
N HIS H 70 4.70 -56.32 -13.26
CA HIS H 70 5.28 -55.92 -11.97
C HIS H 70 4.65 -54.61 -11.50
N PRO H 71 4.08 -54.58 -10.29
CA PRO H 71 3.57 -53.31 -9.75
C PRO H 71 4.70 -52.31 -9.53
N VAL H 72 4.63 -51.19 -10.25
CA VAL H 72 5.68 -50.19 -10.23
C VAL H 72 5.06 -48.81 -9.99
N THR H 73 5.94 -47.83 -9.76
CA THR H 73 5.55 -46.46 -9.46
C THR H 73 6.28 -45.50 -10.40
N LEU H 74 5.54 -44.52 -10.91
CA LEU H 74 6.04 -43.55 -11.89
C LEU H 74 5.71 -42.16 -11.35
N GLY H 75 6.71 -41.45 -10.85
CA GLY H 75 6.52 -40.10 -10.34
C GLY H 75 6.76 -39.06 -11.43
N MET H 76 5.92 -38.02 -11.43
CA MET H 76 6.06 -37.00 -12.46
C MET H 76 5.25 -35.77 -12.08
N ASP H 77 5.60 -34.66 -12.74
CA ASP H 77 4.90 -33.39 -12.62
C ASP H 77 3.82 -33.31 -13.70
N LEU H 78 2.73 -32.61 -13.40
CA LEU H 78 1.63 -32.49 -14.34
C LEU H 78 1.88 -31.46 -15.42
N THR H 79 2.60 -30.38 -15.10
CA THR H 79 2.88 -29.37 -16.11
C THR H 79 3.78 -29.92 -17.22
N SER H 80 4.84 -30.63 -16.84
CA SER H 80 5.70 -31.26 -17.86
C SER H 80 4.97 -32.38 -18.59
N LEU H 81 4.06 -33.06 -17.90
CA LEU H 81 3.26 -34.09 -18.56
C LEU H 81 2.41 -33.47 -19.66
N SER H 82 1.74 -32.36 -19.38
CA SER H 82 0.97 -31.68 -20.42
C SER H 82 1.89 -31.09 -21.48
N LYS H 83 3.10 -30.69 -21.10
CA LYS H 83 4.06 -30.17 -22.07
C LYS H 83 4.43 -31.25 -23.09
N ILE H 84 4.61 -32.48 -22.63
CA ILE H 84 4.91 -33.58 -23.55
C ILE H 84 3.66 -33.93 -24.37
N LEU H 85 2.49 -33.90 -23.73
CA LEU H 85 1.26 -34.24 -24.45
C LEU H 85 0.90 -33.20 -25.51
N ARG H 86 1.39 -31.96 -25.35
CA ARG H 86 1.14 -30.94 -26.36
C ARG H 86 1.70 -31.30 -27.72
N CYS H 87 2.67 -32.22 -27.76
CA CYS H 87 3.19 -32.71 -29.03
C CYS H 87 2.21 -33.62 -29.76
N GLY H 88 1.18 -34.10 -29.07
CA GLY H 88 0.23 -35.02 -29.67
C GLY H 88 -0.63 -34.35 -30.73
N ASN H 89 -1.13 -35.20 -31.64
CA ASN H 89 -2.03 -34.75 -32.69
C ASN H 89 -3.36 -35.51 -32.59
N ASN H 90 -4.23 -35.35 -33.58
CA ASN H 90 -5.50 -36.04 -33.60
C ASN H 90 -5.44 -37.37 -34.36
N THR H 91 -4.34 -37.65 -35.07
CA THR H 91 -4.23 -38.84 -35.89
C THR H 91 -3.04 -39.72 -35.50
N ASP H 92 -2.49 -39.53 -34.30
CA ASP H 92 -1.36 -40.33 -33.82
C ASP H 92 -1.73 -41.00 -32.51
N THR H 93 -1.17 -42.18 -32.28
CA THR H 93 -1.39 -42.92 -31.05
C THR H 93 -0.16 -42.83 -30.16
N LEU H 94 -0.38 -42.88 -28.84
CA LEU H 94 0.68 -42.79 -27.86
C LEU H 94 1.05 -44.18 -27.35
N THR H 95 2.36 -44.41 -27.19
CA THR H 95 2.87 -45.66 -26.65
C THR H 95 3.82 -45.34 -25.51
N LEU H 96 3.44 -45.75 -24.30
CA LEU H 96 4.22 -45.50 -23.09
C LEU H 96 5.15 -46.67 -22.83
N ILE H 97 6.44 -46.36 -22.63
CA ILE H 97 7.48 -47.36 -22.37
C ILE H 97 8.19 -47.00 -21.08
N ALA H 98 8.28 -47.98 -20.17
CA ALA H 98 9.01 -47.85 -18.92
C ALA H 98 9.75 -49.16 -18.65
N ASP H 99 10.93 -49.04 -18.06
CA ASP H 99 11.84 -50.15 -17.80
C ASP H 99 11.84 -50.49 -16.32
N ASN H 100 12.71 -51.44 -15.95
CA ASN H 100 12.82 -51.87 -14.57
C ASN H 100 13.46 -50.80 -13.67
N THR H 101 14.25 -49.90 -14.24
CA THR H 101 14.90 -48.82 -13.50
C THR H 101 14.19 -47.53 -13.87
N PRO H 102 13.26 -47.05 -13.04
CA PRO H 102 12.49 -45.86 -13.40
C PRO H 102 13.31 -44.58 -13.31
N ASP H 103 13.71 -44.07 -14.47
CA ASP H 103 14.43 -42.80 -14.55
C ASP H 103 13.80 -41.90 -15.61
N SER H 104 13.25 -42.50 -16.66
CA SER H 104 12.63 -41.75 -17.74
C SER H 104 11.60 -42.59 -18.47
N ILE H 105 10.42 -42.02 -18.70
CA ILE H 105 9.37 -42.64 -19.49
C ILE H 105 9.56 -42.24 -20.94
N ILE H 106 9.44 -43.22 -21.84
CA ILE H 106 9.63 -42.99 -23.27
C ILE H 106 8.28 -43.02 -23.95
N LEU H 107 7.92 -41.94 -24.62
CA LEU H 107 6.62 -41.79 -25.26
C LEU H 107 6.82 -41.82 -26.77
N LEU H 108 6.26 -42.83 -27.43
CA LEU H 108 6.34 -42.98 -28.87
C LEU H 108 5.02 -42.54 -29.49
N PHE H 109 5.06 -41.50 -30.31
CA PHE H 109 3.91 -41.01 -31.05
C PHE H 109 3.97 -41.64 -32.44
N GLU H 110 3.03 -42.55 -32.73
CA GLU H 110 3.05 -43.32 -33.96
C GLU H 110 1.89 -42.89 -34.84
N ASP H 111 2.17 -42.67 -36.11
CA ASP H 111 1.19 -42.24 -37.10
C ASP H 111 0.92 -43.38 -38.07
N THR H 112 -0.27 -43.34 -38.67
CA THR H 112 -0.65 -44.40 -39.62
C THR H 112 0.32 -44.47 -40.78
N LYS H 113 0.81 -43.32 -41.25
CA LYS H 113 1.89 -43.28 -42.23
C LYS H 113 3.19 -43.60 -41.50
N LYS H 114 3.87 -44.67 -41.93
CA LYS H 114 5.04 -45.19 -41.24
C LYS H 114 6.33 -44.43 -41.55
N ASP H 115 6.23 -43.24 -42.15
CA ASP H 115 7.42 -42.46 -42.47
C ASP H 115 7.73 -41.38 -41.45
N ARG H 116 6.81 -41.10 -40.52
CA ARG H 116 6.99 -40.03 -39.54
C ARG H 116 6.64 -40.57 -38.16
N ILE H 117 7.66 -40.86 -37.35
CA ILE H 117 7.49 -41.36 -36.00
C ILE H 117 8.12 -40.37 -35.04
N ALA H 118 7.45 -40.10 -33.92
CA ALA H 118 7.93 -39.13 -32.94
C ALA H 118 8.31 -39.84 -31.65
N GLU H 119 9.34 -39.33 -30.98
CA GLU H 119 9.80 -39.86 -29.70
C GLU H 119 9.99 -38.72 -28.72
N TYR H 120 9.61 -38.95 -27.47
CA TYR H 120 9.80 -37.97 -26.40
C TYR H 120 10.13 -38.70 -25.12
N SER H 121 10.63 -37.95 -24.14
CA SER H 121 11.05 -38.53 -22.86
C SER H 121 10.59 -37.64 -21.71
N LEU H 122 10.26 -38.26 -20.59
CA LEU H 122 9.78 -37.57 -19.40
C LEU H 122 10.57 -38.09 -18.20
N LYS H 123 11.33 -37.20 -17.56
CA LYS H 123 12.13 -37.58 -16.41
C LYS H 123 11.25 -37.67 -15.17
N LEU H 124 11.47 -38.70 -14.35
CA LEU H 124 10.65 -38.88 -13.17
C LEU H 124 11.16 -38.08 -11.99
N MET H 125 10.23 -37.64 -11.14
CA MET H 125 10.52 -37.02 -9.86
C MET H 125 10.05 -37.96 -8.76
N ASP H 126 10.67 -37.84 -7.58
CA ASP H 126 10.31 -38.68 -6.43
C ASP H 126 9.41 -37.88 -5.48
N ILE H 127 8.21 -38.40 -5.22
CA ILE H 127 7.23 -37.75 -4.37
C ILE H 127 6.75 -38.74 -3.33
N ASP H 128 6.48 -38.24 -2.13
CA ASP H 128 5.96 -39.06 -1.04
C ASP H 128 4.48 -39.35 -1.33
N ALA H 129 4.20 -40.58 -1.77
CA ALA H 129 2.84 -40.95 -2.14
C ALA H 129 1.95 -41.07 -0.91
N ASP H 130 0.65 -40.98 -1.14
CA ASP H 130 -0.36 -41.08 -0.11
C ASP H 130 -1.10 -42.41 -0.23
N PHE H 131 -1.67 -42.85 0.89
CA PHE H 131 -2.39 -44.11 0.91
C PHE H 131 -3.78 -43.95 0.30
N LEU H 132 -4.28 -45.05 -0.27
CA LEU H 132 -5.51 -45.03 -1.06
C LEU H 132 -6.73 -44.85 -0.17
N LYS H 133 -7.63 -43.95 -0.59
CA LYS H 133 -8.89 -43.72 0.11
C LYS H 133 -10.03 -44.26 -0.76
N ILE H 134 -10.43 -45.50 -0.49
CA ILE H 134 -11.48 -46.14 -1.27
C ILE H 134 -12.67 -46.48 -0.37
N GLU H 135 -12.91 -45.67 0.64
CA GLU H 135 -14.00 -45.93 1.57
C GLU H 135 -15.35 -45.86 0.87
N GLU H 136 -16.29 -46.72 1.28
CA GLU H 136 -17.64 -46.76 0.74
C GLU H 136 -18.67 -46.39 1.80
N LEU H 137 -18.39 -45.37 2.60
CA LEU H 137 -19.33 -44.96 3.64
C LEU H 137 -20.64 -44.51 3.00
N GLN H 138 -21.75 -44.89 3.62
CA GLN H 138 -23.07 -44.67 3.05
C GLN H 138 -23.34 -43.18 2.84
N TYR H 139 -23.84 -42.84 1.66
CA TYR H 139 -24.17 -41.48 1.29
C TYR H 139 -25.68 -41.26 1.41
N ASP H 140 -26.06 -40.08 1.89
CA ASP H 140 -27.46 -39.76 2.11
C ASP H 140 -28.24 -39.73 0.80
N SER H 141 -27.81 -38.93 -0.16
CA SER H 141 -28.50 -38.80 -1.44
C SER H 141 -27.53 -39.04 -2.60
N THR H 142 -28.09 -39.43 -3.75
CA THR H 142 -27.29 -39.70 -4.94
C THR H 142 -27.98 -39.11 -6.17
N LEU H 143 -27.28 -38.25 -6.89
CA LEU H 143 -27.84 -37.60 -8.06
C LEU H 143 -26.91 -37.81 -9.26
N SER H 144 -27.47 -37.63 -10.45
CA SER H 144 -26.75 -37.77 -11.70
C SER H 144 -27.22 -36.67 -12.65
N LEU H 145 -26.31 -35.81 -13.07
CA LEU H 145 -26.64 -34.63 -13.86
C LEU H 145 -25.67 -34.53 -15.03
N PRO H 146 -26.11 -34.00 -16.17
CA PRO H 146 -25.16 -33.80 -17.29
C PRO H 146 -24.00 -32.92 -16.87
N SER H 147 -22.80 -33.29 -17.30
CA SER H 147 -21.59 -32.63 -16.84
C SER H 147 -21.50 -31.18 -17.34
N SER H 148 -21.94 -30.93 -18.58
CA SER H 148 -21.89 -29.58 -19.11
C SER H 148 -22.81 -28.65 -18.33
N GLU H 149 -24.04 -29.10 -18.05
CA GLU H 149 -24.98 -28.30 -17.28
C GLU H 149 -24.46 -28.05 -15.86
N PHE H 150 -23.83 -29.05 -15.26
CA PHE H 150 -23.30 -28.86 -13.91
C PHE H 150 -22.13 -27.87 -13.90
N SER H 151 -21.23 -27.96 -14.88
CA SER H 151 -20.16 -26.97 -14.97
C SER H 151 -20.73 -25.57 -15.18
N LYS H 152 -21.78 -25.46 -16.00
CA LYS H 152 -22.40 -24.17 -16.26
C LYS H 152 -23.00 -23.59 -14.98
N ILE H 153 -23.79 -24.39 -14.26
CA ILE H 153 -24.43 -23.88 -13.05
C ILE H 153 -23.39 -23.53 -11.99
N VAL H 154 -22.31 -24.31 -11.92
CA VAL H 154 -21.28 -24.02 -10.92
C VAL H 154 -20.57 -22.71 -11.25
N ARG H 155 -20.15 -22.55 -12.52
CA ARG H 155 -19.44 -21.33 -12.88
C ARG H 155 -20.37 -20.12 -12.82
N ASP H 156 -21.68 -20.35 -12.93
CA ASP H 156 -22.64 -19.25 -12.81
C ASP H 156 -22.83 -18.85 -11.35
N LEU H 157 -22.95 -19.83 -10.45
CA LEU H 157 -23.18 -19.53 -9.05
C LEU H 157 -21.90 -19.04 -8.37
N SER H 158 -20.75 -19.32 -8.97
CA SER H 158 -19.48 -18.87 -8.40
C SER H 158 -19.33 -17.36 -8.52
N GLN H 159 -20.13 -16.74 -9.39
CA GLN H 159 -20.05 -15.29 -9.58
C GLN H 159 -20.67 -14.52 -8.41
N LEU H 160 -21.77 -15.05 -7.85
CA LEU H 160 -22.46 -14.34 -6.79
C LEU H 160 -21.75 -14.46 -5.46
N SER H 161 -21.53 -15.68 -4.99
CA SER H 161 -20.90 -15.93 -3.71
C SER H 161 -19.90 -17.07 -3.83
N ASP H 162 -18.95 -17.11 -2.90
CA ASP H 162 -17.93 -18.15 -2.86
C ASP H 162 -18.35 -19.36 -2.05
N SER H 163 -19.62 -19.47 -1.68
CA SER H 163 -20.14 -20.59 -0.89
C SER H 163 -21.43 -21.06 -1.54
N ILE H 164 -21.40 -22.27 -2.11
CA ILE H 164 -22.57 -22.83 -2.80
C ILE H 164 -23.27 -23.78 -1.84
N ASN H 165 -24.57 -23.56 -1.63
CA ASN H 165 -25.38 -24.39 -0.77
C ASN H 165 -26.19 -25.37 -1.62
N ILE H 166 -26.05 -26.65 -1.32
CA ILE H 166 -26.78 -27.71 -1.98
C ILE H 166 -27.83 -28.26 -1.02
N MET H 167 -29.09 -28.28 -1.47
CA MET H 167 -30.20 -28.80 -0.68
C MET H 167 -30.96 -29.84 -1.47
N ILE H 168 -31.23 -30.99 -0.84
CA ILE H 168 -32.00 -32.08 -1.42
C ILE H 168 -33.22 -32.25 -0.52
N THR H 169 -34.36 -31.72 -0.96
CA THR H 169 -35.57 -31.73 -0.14
C THR H 169 -36.79 -31.79 -1.05
N LYS H 170 -37.77 -32.58 -0.64
CA LYS H 170 -39.05 -32.71 -1.35
C LYS H 170 -38.83 -33.07 -2.82
N GLU H 171 -37.90 -33.98 -3.06
CA GLU H 171 -37.48 -34.40 -4.41
C GLU H 171 -37.27 -33.19 -5.32
N THR H 172 -36.56 -32.19 -4.78
CA THR H 172 -36.21 -31.00 -5.53
C THR H 172 -34.80 -30.56 -5.17
N ILE H 173 -33.90 -30.45 -6.14
CA ILE H 173 -32.52 -30.09 -5.90
C ILE H 173 -32.40 -28.57 -6.00
N LYS H 174 -31.75 -27.98 -5.00
CA LYS H 174 -31.66 -26.53 -4.86
C LYS H 174 -30.20 -26.13 -4.74
N PHE H 175 -29.74 -25.27 -5.65
CA PHE H 175 -28.39 -24.72 -5.60
C PHE H 175 -28.48 -23.23 -5.30
N VAL H 176 -28.04 -22.83 -4.12
CA VAL H 176 -28.17 -21.47 -3.63
C VAL H 176 -26.80 -20.82 -3.53
N ALA H 177 -26.76 -19.51 -3.81
CA ALA H 177 -25.53 -18.73 -3.67
C ALA H 177 -25.92 -17.32 -3.26
N ASP H 178 -25.84 -17.04 -1.96
CA ASP H 178 -26.24 -15.76 -1.40
C ASP H 178 -25.01 -14.88 -1.32
N GLY H 179 -24.86 -13.98 -2.30
CA GLY H 179 -23.74 -13.05 -2.33
C GLY H 179 -24.08 -11.71 -1.71
N ASP H 180 -23.17 -10.77 -1.88
CA ASP H 180 -23.36 -9.42 -1.35
C ASP H 180 -24.19 -8.55 -2.28
N ILE H 181 -24.08 -8.74 -3.59
CA ILE H 181 -24.83 -7.93 -4.54
C ILE H 181 -26.26 -8.42 -4.69
N GLY H 182 -26.53 -9.68 -4.37
CA GLY H 182 -27.88 -10.21 -4.46
C GLY H 182 -27.97 -11.64 -3.96
N SER H 183 -28.72 -12.49 -4.67
CA SER H 183 -28.87 -13.88 -4.29
C SER H 183 -28.96 -14.72 -5.54
N GLY H 184 -28.69 -16.02 -5.38
CA GLY H 184 -28.82 -16.96 -6.47
C GLY H 184 -29.49 -18.25 -6.02
N SER H 185 -30.45 -18.74 -6.81
CA SER H 185 -31.18 -19.96 -6.45
C SER H 185 -31.63 -20.63 -7.73
N VAL H 186 -30.94 -21.72 -8.10
CA VAL H 186 -31.33 -22.53 -9.25
C VAL H 186 -32.03 -23.78 -8.73
N ILE H 187 -33.26 -23.99 -9.17
CA ILE H 187 -34.10 -25.09 -8.72
C ILE H 187 -34.25 -26.08 -9.86
N ILE H 188 -34.05 -27.37 -9.57
CA ILE H 188 -34.18 -28.41 -10.60
C ILE H 188 -34.95 -29.58 -10.01
N LYS H 189 -35.65 -30.30 -10.88
CA LYS H 189 -36.48 -31.44 -10.52
C LYS H 189 -35.98 -32.70 -11.21
N PRO H 190 -36.24 -33.88 -10.63
CA PRO H 190 -35.81 -35.13 -11.27
C PRO H 190 -36.53 -35.36 -12.59
N PHE H 191 -35.76 -35.57 -13.65
CA PHE H 191 -36.31 -35.82 -14.98
C PHE H 191 -35.68 -37.07 -15.56
N VAL H 192 -36.50 -37.89 -16.22
CA VAL H 192 -36.05 -39.09 -16.91
C VAL H 192 -36.39 -38.93 -18.39
N ASP H 193 -35.38 -39.10 -19.25
CA ASP H 193 -35.53 -38.85 -20.67
C ASP H 193 -35.36 -40.16 -21.44
N MET H 194 -36.24 -40.40 -22.41
CA MET H 194 -36.24 -41.64 -23.17
C MET H 194 -35.72 -41.47 -24.60
N GLU H 195 -35.60 -40.26 -25.10
CA GLU H 195 -35.14 -40.03 -26.47
C GLU H 195 -33.64 -39.73 -26.54
N HIS H 196 -33.06 -39.17 -25.49
CA HIS H 196 -31.63 -38.86 -25.45
C HIS H 196 -31.08 -39.32 -24.10
N PRO H 197 -30.53 -40.54 -24.02
CA PRO H 197 -30.10 -41.11 -22.73
C PRO H 197 -28.72 -40.67 -22.27
N GLU H 198 -28.44 -39.37 -22.37
CA GLU H 198 -27.21 -38.83 -21.80
C GLU H 198 -27.52 -37.56 -21.01
N THR H 199 -28.68 -36.97 -21.26
CA THR H 199 -29.13 -35.76 -20.57
C THR H 199 -30.35 -36.10 -19.74
N SER H 200 -30.18 -36.14 -18.42
CA SER H 200 -31.27 -36.49 -17.51
C SER H 200 -30.89 -36.09 -16.11
N ILE H 201 -31.90 -35.81 -15.30
CA ILE H 201 -31.72 -35.48 -13.89
C ILE H 201 -32.14 -36.68 -13.05
N LYS H 202 -31.19 -37.54 -12.69
CA LYS H 202 -31.49 -38.69 -11.85
C LYS H 202 -31.30 -38.31 -10.40
N LEU H 203 -32.25 -38.67 -9.54
CA LEU H 203 -32.19 -38.33 -8.12
C LEU H 203 -32.74 -39.49 -7.30
N GLU H 204 -31.96 -39.93 -6.32
CA GLU H 204 -32.37 -40.95 -5.35
C GLU H 204 -32.09 -40.40 -3.96
N MET H 205 -33.14 -40.14 -3.20
CA MET H 205 -33.05 -39.49 -1.90
C MET H 205 -33.55 -40.45 -0.82
N ASP H 206 -32.87 -40.47 0.31
CA ASP H 206 -33.34 -41.23 1.47
C ASP H 206 -33.70 -40.32 2.63
N GLN H 207 -32.93 -39.26 2.85
CA GLN H 207 -33.24 -38.25 3.86
C GLN H 207 -32.83 -36.88 3.32
N PRO H 208 -33.48 -35.81 3.74
CA PRO H 208 -33.14 -34.48 3.21
C PRO H 208 -31.69 -34.12 3.49
N VAL H 209 -31.07 -33.45 2.51
CA VAL H 209 -29.66 -33.05 2.59
C VAL H 209 -29.58 -31.53 2.55
N ASP H 210 -28.64 -30.96 3.31
CA ASP H 210 -28.42 -29.52 3.27
C ASP H 210 -26.98 -29.22 3.68
N LEU H 211 -26.12 -28.96 2.70
CA LEU H 211 -24.72 -28.69 3.00
C LEU H 211 -24.23 -27.47 2.24
N THR H 212 -23.05 -26.99 2.62
CA THR H 212 -22.36 -25.88 1.98
C THR H 212 -21.02 -26.36 1.46
N PHE H 213 -20.56 -25.78 0.36
CA PHE H 213 -19.28 -26.15 -0.24
C PHE H 213 -18.60 -24.91 -0.79
N GLY H 214 -17.28 -25.01 -0.96
CA GLY H 214 -16.52 -23.90 -1.52
C GLY H 214 -16.71 -23.82 -3.03
N ALA H 215 -16.77 -22.58 -3.53
CA ALA H 215 -17.02 -22.37 -4.94
C ALA H 215 -15.83 -22.77 -5.79
N LYS H 216 -14.61 -22.41 -5.38
CA LYS H 216 -13.44 -22.75 -6.18
C LYS H 216 -13.18 -24.25 -6.18
N TYR H 217 -13.61 -24.94 -5.13
CA TYR H 217 -13.49 -26.40 -5.13
C TYR H 217 -14.36 -27.01 -6.23
N LEU H 218 -15.63 -26.59 -6.31
CA LEU H 218 -16.48 -27.10 -7.38
C LEU H 218 -15.98 -26.66 -8.75
N LEU H 219 -15.40 -25.46 -8.83
CA LEU H 219 -14.80 -25.00 -10.08
C LEU H 219 -13.65 -25.90 -10.50
N ASP H 220 -12.87 -26.37 -9.53
CA ASP H 220 -11.77 -27.28 -9.84
C ASP H 220 -12.29 -28.67 -10.17
N ILE H 221 -13.44 -29.06 -9.59
CA ILE H 221 -14.01 -30.37 -9.90
C ILE H 221 -14.59 -30.41 -11.31
N ILE H 222 -15.27 -29.34 -11.71
CA ILE H 222 -16.02 -29.36 -12.97
C ILE H 222 -15.07 -29.37 -14.17
N LYS H 223 -13.76 -29.22 -13.91
CA LYS H 223 -12.80 -29.24 -15.01
C LYS H 223 -12.77 -30.60 -15.71
N GLY H 224 -13.17 -31.66 -15.01
CA GLY H 224 -13.25 -32.99 -15.60
C GLY H 224 -14.47 -33.26 -16.46
N SER H 225 -15.22 -32.21 -16.82
CA SER H 225 -16.41 -32.39 -17.65
C SER H 225 -16.08 -32.82 -19.07
N SER H 226 -14.81 -32.69 -19.50
CA SER H 226 -14.43 -33.11 -20.84
C SER H 226 -14.30 -34.62 -20.94
N LEU H 227 -14.25 -35.31 -19.80
CA LEU H 227 -14.14 -36.78 -19.83
C LEU H 227 -15.47 -37.42 -20.13
N SER H 228 -16.52 -37.08 -19.40
CA SER H 228 -17.79 -37.75 -19.47
C SER H 228 -18.88 -36.78 -19.93
N ASP H 229 -19.98 -37.35 -20.41
CA ASP H 229 -21.16 -36.57 -20.78
C ASP H 229 -22.03 -36.24 -19.56
N ARG H 230 -22.00 -37.09 -18.53
CA ARG H 230 -22.73 -36.85 -17.30
C ARG H 230 -21.82 -37.13 -16.12
N VAL H 231 -22.23 -36.61 -14.96
CA VAL H 231 -21.47 -36.72 -13.71
C VAL H 231 -22.40 -37.20 -12.62
N GLY H 232 -21.85 -38.01 -11.71
CA GLY H 232 -22.61 -38.49 -10.57
C GLY H 232 -22.14 -37.86 -9.27
N ILE H 233 -23.05 -37.19 -8.55
CA ILE H 233 -22.72 -36.49 -7.33
C ILE H 233 -23.45 -37.17 -6.19
N ARG H 234 -22.68 -37.69 -5.23
CA ARG H 234 -23.24 -38.35 -4.05
C ARG H 234 -23.02 -37.44 -2.85
N LEU H 235 -24.13 -37.02 -2.24
CA LEU H 235 -24.10 -36.10 -1.11
C LEU H 235 -24.32 -36.88 0.18
N SER H 236 -23.60 -36.47 1.22
CA SER H 236 -23.71 -37.09 2.54
C SER H 236 -23.43 -36.03 3.60
N SER H 237 -24.16 -36.13 4.71
CA SER H 237 -24.06 -35.12 5.77
C SER H 237 -22.94 -35.38 6.76
N GLU H 238 -22.35 -36.59 6.76
CA GLU H 238 -21.30 -36.92 7.69
C GLU H 238 -20.03 -37.42 7.02
N ALA H 239 -19.97 -37.47 5.69
CA ALA H 239 -18.81 -37.95 4.96
C ALA H 239 -18.56 -37.03 3.77
N PRO H 240 -17.33 -36.98 3.26
CA PRO H 240 -17.04 -36.11 2.10
C PRO H 240 -17.90 -36.48 0.90
N ALA H 241 -18.45 -35.47 0.25
CA ALA H 241 -19.25 -35.67 -0.95
C ALA H 241 -18.39 -36.19 -2.10
N LEU H 242 -19.00 -37.01 -2.95
CA LEU H 242 -18.32 -37.67 -4.06
C LEU H 242 -18.75 -37.06 -5.38
N PHE H 243 -17.78 -36.77 -6.25
CA PHE H 243 -18.03 -36.28 -7.59
C PHE H 243 -17.34 -37.26 -8.55
N GLN H 244 -18.12 -37.91 -9.41
CA GLN H 244 -17.68 -39.07 -10.17
C GLN H 244 -17.89 -38.83 -11.66
N PHE H 245 -16.80 -38.87 -12.43
CA PHE H 245 -16.84 -38.83 -13.88
C PHE H 245 -16.38 -40.18 -14.44
N ASP H 246 -17.01 -40.60 -15.53
CA ASP H 246 -16.70 -41.86 -16.18
C ASP H 246 -17.03 -41.77 -17.66
N LEU H 247 -16.05 -42.09 -18.52
CA LEU H 247 -16.25 -41.94 -19.97
C LEU H 247 -16.78 -43.22 -20.60
N LYS H 248 -15.98 -44.29 -20.59
CA LYS H 248 -16.52 -45.60 -20.92
C LYS H 248 -16.10 -46.66 -19.92
N SER H 249 -14.84 -46.63 -19.50
CA SER H 249 -14.34 -47.54 -18.46
C SER H 249 -13.40 -46.89 -17.46
N GLY H 250 -12.72 -45.79 -17.82
CA GLY H 250 -11.84 -45.11 -16.88
C GLY H 250 -12.56 -43.96 -16.20
N PHE H 251 -12.32 -43.82 -14.91
CA PHE H 251 -13.12 -42.90 -14.11
C PHE H 251 -12.24 -42.07 -13.19
N LEU H 252 -12.82 -40.96 -12.74
CA LEU H 252 -12.15 -40.00 -11.87
C LEU H 252 -13.12 -39.57 -10.77
N GLN H 253 -12.61 -39.42 -9.56
CA GLN H 253 -13.45 -39.11 -8.40
C GLN H 253 -12.80 -38.03 -7.56
N PHE H 254 -13.61 -37.08 -7.12
CA PHE H 254 -13.23 -36.06 -6.15
C PHE H 254 -14.00 -36.28 -4.86
N PHE H 255 -13.27 -36.31 -3.74
CA PHE H 255 -13.86 -36.46 -2.41
C PHE H 255 -13.70 -35.12 -1.71
N LEU H 256 -14.78 -34.34 -1.65
CA LEU H 256 -14.74 -33.00 -1.05
C LEU H 256 -15.26 -33.08 0.38
N ALA H 257 -14.40 -32.70 1.33
CA ALA H 257 -14.78 -32.70 2.74
C ALA H 257 -15.54 -31.42 3.07
N PRO H 258 -16.84 -31.51 3.39
CA PRO H 258 -17.62 -30.31 3.64
C PRO H 258 -17.30 -29.71 5.01
N LYS H 259 -17.47 -28.40 5.12
CA LYS H 259 -17.23 -27.70 6.38
C LYS H 259 -18.38 -27.93 7.35
PG AGS K . 27.70 6.77 -18.73
S1G AGS K . 27.44 5.01 -17.95
O2G AGS K . 26.73 7.79 -18.06
O3G AGS K . 27.40 6.72 -20.25
PB AGS K . 30.28 6.89 -19.59
O1B AGS K . 30.04 5.56 -20.17
O2B AGS K . 31.63 6.99 -18.87
O3B AGS K . 29.18 7.22 -18.50
PA AGS K . 30.58 7.60 -22.22
O1A AGS K . 29.33 7.22 -22.91
O2A AGS K . 31.63 6.48 -22.18
O3A AGS K . 30.31 8.01 -20.71
O5' AGS K . 31.15 8.90 -22.92
C5' AGS K . 30.27 9.91 -23.45
C4' AGS K . 31.11 11.00 -24.09
O4' AGS K . 31.89 11.66 -23.06
C3' AGS K . 32.12 10.51 -25.11
O3' AGS K . 31.52 10.40 -26.39
C2' AGS K . 33.18 11.62 -25.07
O2' AGS K . 32.82 12.72 -25.90
C1' AGS K . 33.16 12.03 -23.59
N9 AGS K . 34.19 11.39 -22.78
C8 AGS K . 34.00 10.55 -21.72
N7 AGS K . 35.12 10.10 -21.17
C5 AGS K . 36.10 10.70 -21.94
C6 AGS K . 37.51 10.64 -21.88
N6 AGS K . 38.19 9.92 -20.98
N1 AGS K . 38.21 11.36 -22.79
C2 AGS K . 37.54 12.08 -23.70
N3 AGS K . 36.22 12.20 -23.85
C4 AGS K . 35.56 11.49 -22.93
MG MG L . 27.82 4.64 -20.58
PG AGS M . 5.85 25.86 -12.74
S1G AGS M . 7.06 24.40 -12.33
O2G AGS M . 4.74 25.93 -11.65
O3G AGS M . 5.18 25.58 -14.12
PB AGS M . 6.86 27.94 -14.18
O1B AGS M . 7.05 26.95 -15.26
O2B AGS M . 8.07 28.85 -13.99
O3B AGS M . 6.63 27.19 -12.80
PA AGS M . 5.17 29.08 -16.02
O1A AGS M . 4.20 28.04 -16.41
O2A AGS M . 6.45 29.06 -16.86
O3A AGS M . 5.64 28.89 -14.52
O5' AGS M . 4.45 30.48 -16.07
C5' AGS M . 3.01 30.59 -16.02
C4' AGS M . 2.60 31.99 -16.38
O4' AGS M . 3.33 32.93 -15.56
C3' AGS M . 2.93 32.41 -17.81
O3' AGS M . 1.89 32.02 -18.71
C2' AGS M . 3.04 33.93 -17.70
O2' AGS M . 1.77 34.56 -17.79
C1' AGS M . 3.63 34.11 -16.29
N9 AGS M . 5.08 34.31 -16.26
C8 AGS M . 6.00 33.54 -15.60
N7 AGS M . 7.23 33.95 -15.74
C5 AGS M . 7.11 35.07 -16.55
C6 AGS M . 8.06 35.97 -17.07
N6 AGS M . 9.38 35.88 -16.86
N1 AGS M . 7.61 36.97 -17.85
C2 AGS M . 6.30 37.08 -18.08
N3 AGS M . 5.31 36.29 -17.64
C4 AGS M . 5.79 35.30 -16.88
MG MG N . 5.06 24.50 -15.95
PG AGS O . -16.22 21.04 5.53
S1G AGS O . -14.45 21.00 4.72
O2G AGS O . -16.18 20.27 6.89
O3G AGS O . -17.24 20.34 4.58
PB AGS O . -17.77 23.16 4.86
O1B AGS O . -17.72 22.60 3.49
O2B AGS O . -17.50 24.67 4.87
O3B AGS O . -16.65 22.51 5.77
PA AGS O . -20.47 22.80 4.55
O1A AGS O . -20.65 21.38 4.15
O2A AGS O . -20.27 23.76 3.37
O3A AGS O . -19.21 22.98 5.49
O5' AGS O . -21.71 23.22 5.44
C5' AGS O . -22.39 22.27 6.29
C4' AGS O . -23.70 22.87 6.73
O4' AGS O . -23.46 23.94 7.66
C3' AGS O . -24.54 23.48 5.61
O3' AGS O . -25.35 22.50 4.99
C2' AGS O . -25.36 24.53 6.36
O2' AGS O . -26.52 23.96 6.96
C1' AGS O . -24.37 24.99 7.43
N9 AGS O . -23.62 26.19 7.08
C8 AGS O . -22.26 26.30 6.98
N7 AGS O . -21.84 27.49 6.64
C5 AGS O . -23.02 28.22 6.50
C6 AGS O . -23.27 29.56 6.13
N6 AGS O . -22.31 30.45 5.85
N1 AGS O . -24.56 29.97 6.09
C2 AGS O . -25.52 29.08 6.37
N3 AGS O . -25.41 27.80 6.72
C4 AGS O . -24.12 27.43 6.76
MG MG P . -17.25 20.04 2.49
PG AGS Q . -16.51 0.59 25.98
S1G AGS Q . -16.17 2.32 25.15
O2G AGS Q . -15.19 0.02 26.56
O3G AGS Q . -17.08 -0.39 24.91
PB AGS Q . -19.09 1.00 26.79
O1B AGS Q . -19.45 2.42 26.98
O2B AGS Q . -19.29 0.51 25.35
O3B AGS Q . -17.56 0.75 27.13
PA AGS Q . -21.08 -0.87 27.05
O1A AGS Q . -22.08 -0.08 26.28
O2A AGS Q . -20.32 -1.89 26.19
O3A AGS Q . -19.99 0.06 27.70
O5' AGS Q . -21.82 -1.58 28.25
C5' AGS Q . -21.19 -2.65 28.99
C4' AGS Q . -22.15 -3.14 30.04
O4' AGS Q . -22.11 -2.25 31.18
C3' AGS Q . -23.62 -3.17 29.61
O3' AGS Q . -23.92 -4.41 28.98
C2' AGS Q . -24.35 -3.02 30.94
O2' AGS Q . -24.48 -4.26 31.62
C1' AGS Q . -23.42 -2.08 31.71
N9 AGS Q . -23.78 -0.66 31.59
C8 AGS Q . -22.98 0.35 31.12
N7 AGS Q . -23.56 1.53 31.14
C5 AGS Q . -24.82 1.27 31.64
C6 AGS Q . -25.92 2.11 31.90
N6 AGS Q . -25.94 3.43 31.67
N1 AGS Q . -27.04 1.53 32.40
C2 AGS Q . -27.04 0.22 32.64
N3 AGS Q . -26.06 -0.67 32.43
C4 AGS Q . -24.97 -0.07 31.93
MG MG R . -18.37 -0.03 23.21
PB ADP S . 4.27 -17.71 35.88
O1B ADP S . 3.62 -18.12 34.58
O2B ADP S . 3.30 -17.59 37.04
O3B ADP S . 5.25 -16.57 35.75
PA ADP S . 4.64 -20.48 35.99
O1A ADP S . 4.94 -20.81 34.55
O2A ADP S . 3.21 -20.56 36.49
O3A ADP S . 5.18 -18.98 36.28
O5' ADP S . 5.55 -21.40 36.95
C5' ADP S . 5.47 -22.82 36.83
C4' ADP S . 6.12 -23.50 38.02
O4' ADP S . 5.65 -22.95 39.25
C3' ADP S . 5.78 -24.99 38.04
O3' ADP S . 6.92 -25.76 37.68
C2' ADP S . 5.38 -25.29 39.47
O2' ADP S . 6.25 -26.28 40.04
C1' ADP S . 5.51 -23.98 40.23
N9 ADP S . 4.30 -23.75 41.06
C8 ADP S . 3.31 -22.87 40.80
N7 ADP S . 2.35 -22.92 41.75
C5 ADP S . 2.72 -23.84 42.66
C6 ADP S . 2.16 -24.38 43.91
N6 ADP S . 0.98 -23.94 44.41
N1 ADP S . 2.86 -25.34 44.56
C2 ADP S . 4.03 -25.80 44.07
N3 ADP S . 4.60 -25.36 42.94
C4 ADP S . 4.01 -24.38 42.20
#